data_8CXQ
#
_entry.id   8CXQ
#
_cell.length_a   1.00
_cell.length_b   1.00
_cell.length_c   1.00
_cell.angle_alpha   90.00
_cell.angle_beta   90.00
_cell.angle_gamma   90.00
#
_symmetry.space_group_name_H-M   'P 1'
#
loop_
_entity.id
_entity.type
_entity.pdbx_description
1 polymer 'Spike glycoprotein'
2 polymer 'pan-sarbecovirus nanobody 1-22'
#
loop_
_entity_poly.entity_id
_entity_poly.type
_entity_poly.pdbx_seq_one_letter_code
_entity_poly.pdbx_strand_id
1 'polypeptide(L)'
;MFVFLVLLPLVSSQCVNLTTRTQLPPAYTNSFTRGVYYPDKVFRSSVLHSTQDLFLPFFSNVTWFHAIHVSGTNGTKRFD
NPVLPFNDGVYFASTEKSNIIRGWIFGTTLDSKTQSLLIVNNATNVVIKVCEFQFCNDPFLGVYYHKNNKSWMESEFRVY
SSANNCTFEYVSQPFLMDLEGKQGNFKNLREFVFKNIDGYFKIYSKHTPINLVRDLPQGFSALEPLVDLPIGINITRFQT
LLALHRSYLTPGDSSSGWTAGAAAYYVGYLQPRTFLLKYNENGTITDAVDCALDPLSETKCTLKSFTVEKGIYQTSNFRV
QPTESIVRFPNITNLCPFGEVFNATRFASVYAWNRKRISNCVADYSVLYNSASFSTFKCYGVSPTKLNDLCFTNVYADSF
VIRGDEVRQIAPGQTGKIADYNYKLPDDFTGCVIAWNSNNLDSKVGGNYNYLYRLFRKSNLKPFERDISTEIYQAGSTPC
NGVEGFNCYFPLQSYGFQPTNGVGYQPYRVVVLSFELLHAPATVCGPKKSTNLVKNKCVNFNFNGLTGTGVLTESNKKFL
PFQQFGRDIADTTDAVRDPQTLEILDITPCSFGGVSVITPGTNTSNQVAVLYQDVNCTEVPVAIHADQLTPTWRVYSTGS
NVFQTRAGCLIGAEHVNNSYECDIPIGAGICASYQTQTNSPRRARSVASQSIIAYTMSLGAENSVAYSNNSIAIPTNFTI
SVTTEILPVSMTKTSVDCTMYICGDSTECSNLLLQYGSFCTQLNRALTGIAVEQDKNTQEVFAQVKQIYKTPPIKDFGGF
NFSQILPDPSKPSKRSFIEDLLFNKVTLADAGFIKQYGDCLGDIAARDLICAQKFNGLTVLPPLLTDEMIAQYTSALLAG
TITSGWTFGAGAALQIPFAMQMAYRFNGIGVTQNVLYENQKLIANQFNSAIGKIQDSLSSTASALGKLQDVVNQNAQALN
TLVKQLSSNFGAISSVLNDILSRLDPPEAEVQIDRLITGRLQSLQTYVTQQLIRAAEIRASANLAATKMSECVLGQSKRV
DFCGKGYHLMSFPQSAPHGVVFLHVTYVPAQEKNFTTAPAICHDGKAHFPREGVFVSNGTHWFVTQRNFYEPQIITTDNT
FVSGNCDVVIGIVNNTVYDPLQPELDSFKEELDKYFKNHTSPDVDLGDISGINASVVNIQKEIDRLNEVAKNLNESLIDL
QELGKYEQYIKWPWYIWLGFIAGLIAIVMVTIMLCCMTSCCSCLKGCCSCGSCCKFDEDDSEPVLKGVKLHYT
;
A,B,C
2 'polypeptide(L)'
;HVQLVESGGGLVQPGGSLRLSCAASGRSFNSYLMGWFRQAPGKEREFVAWISGSPHDIIRYRDSVKDRFTISRDNAKNTV
YLQMNSLKPVDTAVYYCAVGSLRVGSFSPDYWGQGTQVTVSS
;
D,E,F
#
# COMPACT_ATOMS: atom_id res chain seq x y z
N CYS A 15 18.92 16.71 66.61
CA CYS A 15 19.21 16.70 65.17
C CYS A 15 20.69 16.45 64.92
N VAL A 16 21.18 15.31 65.39
CA VAL A 16 22.58 14.91 65.23
C VAL A 16 22.70 13.44 64.83
N ASN A 17 23.92 13.04 64.47
CA ASN A 17 24.16 11.69 64.00
C ASN A 17 23.96 10.67 65.11
N LEU A 18 23.61 9.45 64.70
CA LEU A 18 23.45 8.36 65.66
C LEU A 18 24.79 8.02 66.31
N THR A 19 24.72 7.57 67.56
CA THR A 19 25.89 7.21 68.33
C THR A 19 26.10 5.70 68.27
N THR A 20 27.33 5.28 68.01
CA THR A 20 27.72 3.86 68.04
C THR A 20 26.94 3.07 66.99
N ARG A 21 27.14 3.43 65.73
CA ARG A 21 26.60 2.67 64.60
C ARG A 21 27.61 1.62 64.17
N THR A 22 27.15 0.38 64.06
CA THR A 22 27.97 -0.71 63.55
C THR A 22 27.62 -0.95 62.10
N GLN A 23 28.64 -1.02 61.24
CA GLN A 23 28.46 -1.16 59.81
C GLN A 23 28.76 -2.58 59.37
N LEU A 24 27.83 -3.18 58.63
CA LEU A 24 27.97 -4.52 58.09
C LEU A 24 27.56 -4.51 56.63
N PRO A 25 28.19 -5.31 55.79
CA PRO A 25 27.80 -5.36 54.36
C PRO A 25 26.35 -5.76 54.22
N PRO A 26 25.62 -5.17 53.28
CA PRO A 26 24.19 -5.51 53.12
C PRO A 26 24.02 -6.83 52.38
N ALA A 27 23.18 -7.70 52.93
CA ALA A 27 22.90 -8.98 52.30
C ALA A 27 21.88 -8.80 51.18
N TYR A 28 21.76 -9.84 50.34
CA TYR A 28 20.82 -9.85 49.24
C TYR A 28 19.99 -11.12 49.30
N THR A 29 18.72 -11.03 48.91
CA THR A 29 17.81 -12.15 48.95
C THR A 29 17.03 -12.25 47.64
N ASN A 30 16.60 -13.47 47.31
CA ASN A 30 15.80 -13.68 46.12
C ASN A 30 14.39 -13.12 46.32
N SER A 31 13.90 -12.40 45.32
CA SER A 31 12.58 -11.78 45.39
C SER A 31 11.45 -12.70 44.96
N PHE A 32 11.77 -13.83 44.34
CA PHE A 32 10.74 -14.78 43.86
C PHE A 32 9.82 -14.01 42.92
N THR A 33 8.50 -14.20 43.01
CA THR A 33 7.55 -13.53 42.13
C THR A 33 6.99 -12.25 42.73
N ARG A 34 7.48 -11.83 43.90
CA ARG A 34 6.97 -10.62 44.53
C ARG A 34 7.29 -9.39 43.68
N GLY A 35 6.37 -8.43 43.68
CA GLY A 35 6.59 -7.18 43.00
C GLY A 35 5.62 -6.89 41.87
N VAL A 36 4.47 -7.55 41.88
CA VAL A 36 3.44 -7.36 40.86
C VAL A 36 2.36 -6.44 41.41
N TYR A 37 1.90 -5.51 40.56
CA TYR A 37 0.87 -4.57 40.94
C TYR A 37 -0.06 -4.33 39.75
N TYR A 38 -1.25 -3.87 40.05
CA TYR A 38 -2.24 -3.57 39.02
C TYR A 38 -1.78 -2.35 38.21
N PRO A 39 -1.35 -2.51 36.96
CA PRO A 39 -0.83 -1.34 36.22
C PRO A 39 -1.83 -0.22 36.06
N ASP A 40 -3.12 -0.54 35.93
CA ASP A 40 -4.13 0.47 35.67
C ASP A 40 -5.42 0.09 36.39
N LYS A 41 -6.28 1.09 36.59
CA LYS A 41 -7.56 0.90 37.26
C LYS A 41 -8.62 0.41 36.26
N VAL A 42 -8.35 -0.74 35.67
CA VAL A 42 -9.22 -1.35 34.67
C VAL A 42 -9.56 -2.76 35.12
N PHE A 43 -10.82 -3.15 34.94
CA PHE A 43 -11.31 -4.46 35.34
C PHE A 43 -11.28 -5.39 34.14
N ARG A 44 -10.59 -6.51 34.28
CA ARG A 44 -10.52 -7.54 33.26
C ARG A 44 -10.86 -8.89 33.90
N SER A 45 -11.67 -9.69 33.21
CA SER A 45 -12.18 -10.94 33.75
C SER A 45 -11.69 -12.10 32.92
N SER A 46 -11.05 -13.07 33.57
CA SER A 46 -10.63 -14.32 32.94
C SER A 46 -9.95 -14.08 31.60
N VAL A 47 -8.81 -13.39 31.67
CA VAL A 47 -8.05 -13.04 30.47
C VAL A 47 -6.59 -12.88 30.85
N LEU A 48 -5.71 -13.18 29.89
CA LEU A 48 -4.27 -13.00 30.05
C LEU A 48 -3.88 -11.74 29.28
N HIS A 49 -3.52 -10.68 30.01
CA HIS A 49 -3.21 -9.39 29.43
C HIS A 49 -1.71 -9.15 29.49
N SER A 50 -1.14 -8.76 28.36
CA SER A 50 0.28 -8.43 28.27
C SER A 50 0.45 -6.92 28.38
N THR A 51 1.21 -6.49 29.38
CA THR A 51 1.41 -5.07 29.66
C THR A 51 2.90 -4.76 29.69
N GLN A 52 3.29 -3.65 29.07
CA GLN A 52 4.67 -3.18 29.08
C GLN A 52 4.75 -1.98 30.02
N ASP A 53 5.35 -2.19 31.19
CA ASP A 53 5.43 -1.14 32.21
C ASP A 53 6.57 -1.51 33.16
N LEU A 54 6.92 -0.58 34.03
CA LEU A 54 7.99 -0.79 35.01
C LEU A 54 7.55 -1.84 36.02
N PHE A 55 8.29 -2.94 36.09
CA PHE A 55 8.03 -4.02 37.03
C PHE A 55 9.33 -4.47 37.67
N LEU A 56 9.19 -5.21 38.76
CA LEU A 56 10.33 -5.85 39.40
C LEU A 56 10.54 -7.23 38.79
N PRO A 57 11.66 -7.50 38.14
CA PRO A 57 11.82 -8.80 37.45
C PRO A 57 11.66 -9.96 38.40
N PHE A 58 11.07 -11.04 37.90
CA PHE A 58 10.83 -12.22 38.72
C PHE A 58 12.15 -12.88 39.10
N PHE A 59 12.18 -13.46 40.30
CA PHE A 59 13.36 -14.16 40.80
C PHE A 59 14.59 -13.26 40.78
N SER A 60 14.38 -11.96 40.97
CA SER A 60 15.50 -11.03 41.08
C SER A 60 16.20 -11.23 42.42
N ASN A 61 17.28 -10.47 42.62
CA ASN A 61 18.08 -10.55 43.84
C ASN A 61 18.23 -9.13 44.36
N VAL A 62 17.52 -8.82 45.44
CA VAL A 62 17.37 -7.44 45.91
C VAL A 62 18.13 -7.27 47.23
N THR A 63 18.35 -6.01 47.58
CA THR A 63 19.12 -5.68 48.78
C THR A 63 18.33 -6.00 50.04
N TRP A 64 19.05 -6.20 51.13
CA TRP A 64 18.46 -6.54 52.42
C TRP A 64 19.05 -5.63 53.49
N PHE A 65 18.17 -5.06 54.32
CA PHE A 65 18.57 -4.17 55.41
C PHE A 65 17.98 -4.67 56.72
N HIS A 66 18.72 -4.44 57.81
CA HIS A 66 18.31 -4.85 59.14
C HIS A 66 18.45 -3.70 60.13
N ALA A 67 17.58 -3.71 61.14
CA ALA A 67 17.69 -2.79 62.27
C ALA A 67 17.45 -3.60 63.54
N ILE A 68 18.52 -3.95 64.24
CA ILE A 68 18.42 -4.84 65.38
C ILE A 68 19.66 -4.69 66.27
N HIS A 69 19.47 -4.87 67.57
CA HIS A 69 20.57 -4.89 68.55
C HIS A 69 20.62 -6.30 69.14
N VAL A 70 21.61 -7.08 68.70
CA VAL A 70 21.73 -8.45 69.19
C VAL A 70 22.03 -8.44 70.68
N SER A 71 21.38 -9.34 71.41
CA SER A 71 21.55 -9.39 72.85
C SER A 71 23.01 -9.66 73.21
N GLY A 72 23.48 -8.99 74.27
CA GLY A 72 24.83 -9.14 74.72
C GLY A 72 25.80 -8.17 74.05
N THR A 73 26.99 -8.07 74.63
CA THR A 73 28.02 -7.18 74.11
C THR A 73 28.77 -7.79 72.93
N ASN A 74 28.65 -9.09 72.70
CA ASN A 74 29.31 -9.75 71.58
C ASN A 74 28.50 -9.66 70.30
N GLY A 75 27.27 -9.16 70.35
CA GLY A 75 26.42 -9.07 69.18
C GLY A 75 26.68 -7.82 68.36
N THR A 76 25.87 -7.67 67.32
CA THR A 76 25.96 -6.54 66.40
C THR A 76 24.86 -5.53 66.69
N LYS A 77 25.17 -4.26 66.48
CA LYS A 77 24.25 -3.14 66.72
C LYS A 77 24.02 -2.46 65.38
N ARG A 78 22.99 -2.88 64.66
CA ARG A 78 22.76 -2.53 63.27
C ARG A 78 21.59 -1.56 63.16
N PHE A 79 21.79 -0.47 62.43
CA PHE A 79 20.79 0.59 62.23
C PHE A 79 20.69 0.95 60.76
N ASP A 80 20.54 -0.06 59.90
CA ASP A 80 20.50 0.18 58.46
C ASP A 80 19.41 1.16 58.09
N ASN A 81 19.80 2.36 57.65
CA ASN A 81 18.88 3.33 57.10
C ASN A 81 19.63 4.33 56.21
N PRO A 82 20.32 3.85 55.17
CA PRO A 82 21.07 4.76 54.31
C PRO A 82 20.21 5.38 53.23
N VAL A 83 20.71 6.47 52.66
CA VAL A 83 20.05 7.13 51.54
C VAL A 83 20.32 6.32 50.29
N LEU A 84 19.24 5.84 49.64
CA LEU A 84 19.36 4.96 48.49
C LEU A 84 18.87 5.67 47.23
N PRO A 85 19.44 5.35 46.06
CA PRO A 85 18.92 5.94 44.82
C PRO A 85 17.51 5.47 44.54
N PHE A 86 16.75 6.33 43.86
CA PHE A 86 15.37 6.00 43.48
C PHE A 86 15.29 5.28 42.15
N ASN A 87 16.22 5.54 41.24
CA ASN A 87 16.22 4.92 39.89
C ASN A 87 14.89 5.29 39.23
N ASP A 88 14.25 4.36 38.52
CA ASP A 88 12.97 4.61 37.87
C ASP A 88 11.80 4.04 38.67
N GLY A 89 12.04 3.54 39.87
CA GLY A 89 11.01 2.94 40.68
C GLY A 89 11.58 2.08 41.79
N VAL A 90 10.88 1.98 42.91
CA VAL A 90 11.37 1.25 44.08
C VAL A 90 10.29 0.29 44.56
N TYR A 91 10.69 -0.94 44.82
CA TYR A 91 9.85 -1.93 45.48
C TYR A 91 10.33 -2.09 46.92
N PHE A 92 9.44 -1.87 47.88
CA PHE A 92 9.78 -1.92 49.29
C PHE A 92 8.95 -2.98 49.98
N ALA A 93 9.61 -3.83 50.77
CA ALA A 93 8.95 -4.87 51.54
C ALA A 93 9.48 -4.84 52.96
N SER A 94 8.62 -5.23 53.90
CA SER A 94 8.98 -5.20 55.32
C SER A 94 8.29 -6.34 56.05
N THR A 95 9.07 -7.18 56.72
CA THR A 95 8.56 -8.22 57.60
C THR A 95 8.84 -7.79 59.03
N GLU A 96 7.77 -7.60 59.82
CA GLU A 96 7.91 -6.98 61.13
C GLU A 96 6.92 -7.60 62.11
N LYS A 97 7.20 -7.37 63.39
CA LYS A 97 6.27 -7.72 64.46
C LYS A 97 6.08 -6.60 65.47
N SER A 98 7.04 -5.68 65.61
CA SER A 98 6.92 -4.55 66.51
C SER A 98 6.68 -3.23 65.77
N ASN A 99 6.62 -3.26 64.44
CA ASN A 99 6.29 -2.08 63.64
C ASN A 99 7.33 -0.98 63.81
N ILE A 100 8.58 -1.31 63.54
CA ILE A 100 9.66 -0.33 63.63
C ILE A 100 9.56 0.69 62.50
N ILE A 101 9.22 0.22 61.29
CA ILE A 101 9.13 1.13 60.15
C ILE A 101 7.99 2.12 60.36
N ARG A 102 8.20 3.37 59.95
CA ARG A 102 7.20 4.41 60.13
C ARG A 102 6.98 5.31 58.92
N GLY A 103 7.84 5.31 57.92
CA GLY A 103 7.62 6.19 56.78
C GLY A 103 8.82 6.19 55.85
N TRP A 104 8.85 7.18 54.96
CA TRP A 104 9.88 7.28 53.94
C TRP A 104 10.14 8.75 53.62
N ILE A 105 11.31 9.00 53.02
CA ILE A 105 11.68 10.31 52.53
C ILE A 105 12.11 10.18 51.08
N PHE A 106 11.69 11.13 50.24
CA PHE A 106 12.03 11.14 48.83
C PHE A 106 12.48 12.53 48.43
N GLY A 107 13.42 12.59 47.49
CA GLY A 107 13.92 13.85 47.01
C GLY A 107 15.23 13.66 46.25
N THR A 108 15.78 14.79 45.82
CA THR A 108 17.04 14.81 45.08
C THR A 108 18.24 15.03 45.99
N THR A 109 18.19 16.06 46.84
CA THR A 109 19.27 16.35 47.77
C THR A 109 18.88 16.19 49.23
N LEU A 110 17.58 16.09 49.53
CA LEU A 110 17.09 15.93 50.90
C LEU A 110 17.62 17.06 51.80
N ASP A 111 17.49 18.28 51.31
CA ASP A 111 17.89 19.46 52.06
C ASP A 111 17.02 20.64 51.62
N SER A 112 17.25 21.79 52.23
CA SER A 112 16.49 22.99 51.90
C SER A 112 16.74 23.46 50.47
N LYS A 113 17.80 22.96 49.82
CA LYS A 113 18.11 23.40 48.46
C LYS A 113 16.99 23.02 47.49
N THR A 114 16.46 21.81 47.61
CA THR A 114 15.49 21.27 46.67
C THR A 114 14.27 20.73 47.40
N GLN A 115 13.16 20.64 46.67
CA GLN A 115 11.93 20.10 47.23
C GLN A 115 12.10 18.63 47.57
N SER A 116 11.33 18.17 48.56
CA SER A 116 11.38 16.79 49.00
C SER A 116 10.00 16.39 49.50
N LEU A 117 9.79 15.07 49.57
CA LEU A 117 8.52 14.49 50.00
C LEU A 117 8.73 13.67 51.26
N LEU A 118 7.81 13.82 52.21
CA LEU A 118 7.91 13.17 53.51
C LEU A 118 6.62 12.43 53.82
N ILE A 119 6.73 11.17 54.22
CA ILE A 119 5.59 10.36 54.65
C ILE A 119 5.94 9.77 56.02
N VAL A 120 5.04 9.94 56.98
CA VAL A 120 5.24 9.43 58.34
C VAL A 120 3.90 9.03 58.94
N ASN A 121 3.94 8.01 59.78
CA ASN A 121 2.77 7.56 60.54
C ASN A 121 3.20 7.37 61.98
N ASN A 122 2.45 7.95 62.91
CA ASN A 122 2.85 8.02 64.32
C ASN A 122 1.74 7.43 65.21
N ALA A 123 1.24 6.26 64.80
CA ALA A 123 0.37 5.37 65.55
C ALA A 123 -1.10 5.79 65.58
N THR A 124 -1.46 6.97 65.05
CA THR A 124 -2.88 7.25 64.87
C THR A 124 -3.19 8.04 63.62
N ASN A 125 -2.21 8.32 62.76
CA ASN A 125 -2.44 9.13 61.57
C ASN A 125 -1.42 8.77 60.50
N VAL A 126 -1.68 9.22 59.28
CA VAL A 126 -0.73 9.12 58.18
C VAL A 126 -0.59 10.51 57.57
N VAL A 127 0.62 11.06 57.62
CA VAL A 127 0.89 12.43 57.19
C VAL A 127 1.84 12.39 56.00
N ILE A 128 1.46 13.05 54.92
CA ILE A 128 2.29 13.20 53.73
C ILE A 128 2.51 14.70 53.51
N LYS A 129 3.78 15.10 53.39
CA LYS A 129 4.13 16.50 53.21
C LYS A 129 5.15 16.63 52.09
N VAL A 130 5.14 17.79 51.44
CA VAL A 130 6.15 18.16 50.45
C VAL A 130 6.67 19.53 50.82
N CYS A 131 7.94 19.60 51.20
CA CYS A 131 8.57 20.86 51.57
C CYS A 131 10.06 20.75 51.29
N GLU A 132 10.74 21.90 51.32
CA GLU A 132 12.21 21.93 51.26
C GLU A 132 12.78 21.63 52.65
N PHE A 133 12.48 20.42 53.13
CA PHE A 133 12.87 20.03 54.47
C PHE A 133 14.40 20.04 54.60
N GLN A 134 14.86 20.39 55.80
CA GLN A 134 16.27 20.25 56.15
C GLN A 134 16.42 18.95 56.93
N PHE A 135 16.40 17.84 56.20
CA PHE A 135 16.44 16.53 56.85
C PHE A 135 17.73 16.37 57.64
N CYS A 136 17.61 15.68 58.77
CA CYS A 136 18.79 15.25 59.51
C CYS A 136 19.49 14.12 58.75
N ASN A 137 20.78 13.95 59.04
CA ASN A 137 21.54 12.89 58.41
C ASN A 137 21.14 11.51 58.93
N ASP A 138 20.55 11.44 60.12
CA ASP A 138 20.08 10.18 60.71
C ASP A 138 18.67 10.39 61.24
N PRO A 139 17.70 10.60 60.34
CA PRO A 139 16.32 10.81 60.80
C PRO A 139 15.70 9.53 61.33
N PHE A 140 14.75 9.70 62.24
CA PHE A 140 14.05 8.57 62.86
C PHE A 140 12.95 9.13 63.75
N LEU A 141 12.20 8.21 64.36
CA LEU A 141 11.19 8.53 65.36
C LEU A 141 11.61 7.94 66.69
N GLY A 142 11.58 8.75 67.74
CA GLY A 142 12.07 8.33 69.04
C GLY A 142 11.00 7.75 69.94
N VAL A 143 10.96 6.42 70.03
CA VAL A 143 10.06 5.75 70.97
C VAL A 143 10.63 5.86 72.37
N TYR A 144 9.74 5.85 73.37
CA TYR A 144 10.15 6.04 74.75
C TYR A 144 9.28 5.19 75.65
N TYR A 145 9.92 4.26 76.38
CA TYR A 145 9.22 3.53 77.43
C TYR A 145 8.94 4.40 78.64
N HIS A 146 9.50 5.60 78.70
CA HIS A 146 9.32 6.47 79.85
C HIS A 146 7.84 6.72 80.10
N LYS A 147 7.48 6.86 81.38
CA LYS A 147 6.09 6.98 81.78
C LYS A 147 5.64 8.44 81.82
N ASN A 148 6.25 9.28 80.98
CA ASN A 148 5.96 10.71 80.99
C ASN A 148 4.46 10.97 81.14
N ASN A 149 3.67 10.52 80.16
CA ASN A 149 2.22 10.49 80.32
C ASN A 149 1.76 9.10 80.75
N LYS A 150 1.95 8.10 79.89
CA LYS A 150 1.77 6.70 80.26
C LYS A 150 2.14 5.80 79.07
N SER A 151 2.56 4.57 79.36
CA SER A 151 2.80 3.59 78.31
C SER A 151 3.87 4.06 77.34
N TRP A 152 4.10 3.28 76.28
CA TRP A 152 5.04 3.69 75.24
C TRP A 152 4.47 4.86 74.45
N MET A 153 5.33 5.83 74.14
CA MET A 153 4.94 6.94 73.27
C MET A 153 6.15 7.42 72.49
N GLU A 154 5.88 8.14 71.41
CA GLU A 154 6.92 8.77 70.60
C GLU A 154 7.06 10.22 71.02
N SER A 155 8.28 10.62 71.36
CA SER A 155 8.53 11.97 71.89
C SER A 155 9.69 12.70 71.21
N GLU A 156 10.57 12.01 70.50
CA GLU A 156 11.73 12.63 69.85
C GLU A 156 11.53 12.54 68.34
N PHE A 157 10.92 13.57 67.77
CA PHE A 157 10.72 13.68 66.33
C PHE A 157 11.95 14.38 65.76
N ARG A 158 12.92 13.57 65.30
CA ARG A 158 14.21 14.07 64.83
C ARG A 158 14.38 13.81 63.33
N VAL A 159 13.31 14.00 62.56
CA VAL A 159 13.37 13.72 61.13
C VAL A 159 14.02 14.87 60.39
N TYR A 160 13.42 16.06 60.49
CA TYR A 160 13.91 17.25 59.78
C TYR A 160 14.05 18.40 60.77
N SER A 161 15.05 19.24 60.51
CA SER A 161 15.28 20.41 61.37
C SER A 161 14.27 21.52 61.09
N SER A 162 13.88 21.70 59.83
CA SER A 162 12.97 22.77 59.47
C SER A 162 12.22 22.39 58.20
N ALA A 163 10.97 22.86 58.11
CA ALA A 163 10.13 22.68 56.93
C ALA A 163 9.85 24.06 56.35
N ASN A 164 10.15 24.23 55.05
CA ASN A 164 10.00 25.52 54.40
C ASN A 164 9.43 25.32 53.00
N ASN A 165 8.79 26.38 52.50
CA ASN A 165 8.21 26.39 51.15
C ASN A 165 7.26 25.22 50.95
N CYS A 166 6.34 25.05 51.90
CA CYS A 166 5.39 23.94 51.84
C CYS A 166 4.47 24.09 50.64
N THR A 167 4.19 22.97 49.98
CA THR A 167 3.28 22.92 48.84
C THR A 167 1.93 22.32 49.19
N PHE A 168 1.90 21.25 49.97
CA PHE A 168 0.65 20.67 50.44
C PHE A 168 0.98 19.70 51.57
N GLU A 169 -0.05 19.29 52.29
CA GLU A 169 0.10 18.34 53.37
C GLU A 169 -1.18 17.52 53.51
N TYR A 170 -1.00 16.23 53.80
CA TYR A 170 -2.11 15.31 54.04
C TYR A 170 -2.08 14.83 55.48
N VAL A 171 -3.26 14.42 55.95
CA VAL A 171 -3.41 13.81 57.27
C VAL A 171 -4.12 12.47 57.05
N SER A 172 -3.84 11.84 55.91
CA SER A 172 -4.56 10.65 55.46
C SER A 172 -4.61 9.57 56.54
N GLN A 173 -5.49 8.59 56.36
CA GLN A 173 -5.84 7.61 57.38
C GLN A 173 -4.88 6.42 57.35
N PRO A 174 -5.08 5.41 58.19
CA PRO A 174 -3.93 4.68 58.74
C PRO A 174 -3.21 3.76 57.76
N PHE A 175 -1.91 3.59 58.02
CA PHE A 175 -1.22 2.33 57.79
C PHE A 175 -1.12 1.52 59.07
N LEU A 176 -1.71 2.01 60.16
CA LEU A 176 -1.69 1.38 61.48
C LEU A 176 -1.80 -0.14 61.37
N MET A 177 -0.88 -0.86 62.02
CA MET A 177 0.33 -0.51 62.78
C MET A 177 0.07 0.26 64.08
N ASP A 178 0.97 0.10 65.04
CA ASP A 178 0.89 0.78 66.33
C ASP A 178 2.30 0.81 66.92
N LEU A 179 2.40 1.19 68.19
CA LEU A 179 3.68 1.28 68.90
C LEU A 179 3.94 0.06 69.79
N GLU A 180 3.48 -1.12 69.36
CA GLU A 180 3.62 -2.33 70.15
C GLU A 180 4.99 -2.96 69.91
N GLY A 181 5.51 -3.63 70.93
CA GLY A 181 6.84 -4.19 70.88
C GLY A 181 6.89 -5.69 71.12
N LYS A 182 5.92 -6.42 70.58
CA LYS A 182 5.88 -7.86 70.78
C LYS A 182 7.06 -8.52 70.09
N GLN A 183 7.25 -9.81 70.39
CA GLN A 183 8.34 -10.59 69.82
C GLN A 183 7.82 -11.86 69.14
N GLY A 184 8.73 -12.73 68.73
CA GLY A 184 8.36 -13.94 68.01
C GLY A 184 8.60 -13.79 66.52
N ASN A 185 7.81 -14.50 65.71
CA ASN A 185 7.94 -14.40 64.26
C ASN A 185 7.37 -13.07 63.78
N PHE A 186 7.88 -12.61 62.64
CA PHE A 186 7.36 -11.40 62.01
C PHE A 186 5.96 -11.70 61.48
N LYS A 187 4.94 -11.17 62.14
CA LYS A 187 3.57 -11.58 61.89
C LYS A 187 2.87 -10.79 60.78
N ASN A 188 3.50 -9.74 60.26
CA ASN A 188 2.92 -8.97 59.17
C ASN A 188 3.95 -8.75 58.07
N LEU A 189 3.47 -8.73 56.83
CA LEU A 189 4.29 -8.45 55.66
C LEU A 189 3.64 -7.33 54.87
N ARG A 190 4.38 -6.24 54.66
CA ARG A 190 3.89 -5.09 53.92
C ARG A 190 4.78 -4.84 52.72
N GLU A 191 4.17 -4.71 51.55
CA GLU A 191 4.87 -4.47 50.30
C GLU A 191 4.39 -3.16 49.70
N PHE A 192 5.34 -2.35 49.23
CA PHE A 192 5.02 -1.06 48.63
C PHE A 192 5.77 -0.90 47.33
N VAL A 193 5.14 -0.23 46.37
CA VAL A 193 5.76 0.12 45.09
C VAL A 193 5.60 1.62 44.90
N PHE A 194 6.71 2.33 44.75
CA PHE A 194 6.72 3.77 44.58
C PHE A 194 7.18 4.08 43.15
N LYS A 195 6.37 4.85 42.43
CA LYS A 195 6.68 5.23 41.06
C LYS A 195 6.51 6.74 40.91
N ASN A 196 7.38 7.34 40.09
CA ASN A 196 7.33 8.77 39.81
C ASN A 196 7.45 8.95 38.31
N ILE A 197 6.34 9.27 37.66
CA ILE A 197 6.29 9.42 36.20
C ILE A 197 5.53 10.68 35.87
N ASP A 198 5.97 11.37 34.82
CA ASP A 198 5.33 12.55 34.24
C ASP A 198 4.62 13.39 35.31
N GLY A 199 5.42 13.79 36.32
CA GLY A 199 4.92 14.68 37.35
C GLY A 199 3.83 14.09 38.21
N TYR A 200 3.73 12.78 38.32
CA TYR A 200 2.77 12.11 39.18
C TYR A 200 3.48 11.03 39.99
N PHE A 201 3.19 10.98 41.29
CA PHE A 201 3.79 10.00 42.19
C PHE A 201 2.71 8.99 42.58
N LYS A 202 2.95 7.73 42.24
CA LYS A 202 1.98 6.66 42.47
C LYS A 202 2.52 5.70 43.53
N ILE A 203 1.66 5.32 44.46
CA ILE A 203 2.02 4.40 45.54
C ILE A 203 1.06 3.22 45.51
N TYR A 204 1.60 2.02 45.37
CA TYR A 204 0.85 0.78 45.48
C TYR A 204 1.29 0.05 46.74
N SER A 205 0.38 -0.71 47.34
CA SER A 205 0.67 -1.36 48.61
C SER A 205 -0.12 -2.65 48.73
N LYS A 206 0.35 -3.52 49.63
CA LYS A 206 -0.33 -4.76 49.95
C LYS A 206 0.08 -5.20 51.35
N HIS A 207 -0.87 -5.75 52.08
CA HIS A 207 -0.64 -6.21 53.45
C HIS A 207 -1.16 -7.64 53.57
N THR A 208 -0.32 -8.53 54.09
CA THR A 208 -0.68 -9.92 54.28
C THR A 208 -0.06 -10.42 55.58
N PRO A 209 -0.71 -11.36 56.26
CA PRO A 209 -0.06 -12.02 57.40
C PRO A 209 0.87 -13.13 56.95
N ILE A 210 1.99 -13.26 57.66
CA ILE A 210 3.00 -14.27 57.36
C ILE A 210 3.41 -14.96 58.65
N ASN A 211 3.96 -16.16 58.48
CA ASN A 211 4.47 -16.96 59.60
C ASN A 211 5.96 -17.27 59.41
N LEU A 212 6.65 -16.41 58.68
CA LEU A 212 8.07 -16.59 58.39
C LEU A 212 8.92 -15.78 59.37
N VAL A 213 10.18 -16.20 59.50
CA VAL A 213 11.14 -15.51 60.36
C VAL A 213 12.28 -14.88 59.59
N ARG A 214 12.39 -15.12 58.28
CA ARG A 214 13.51 -14.63 57.51
C ARG A 214 13.15 -14.63 56.03
N ASP A 215 13.81 -13.77 55.27
CA ASP A 215 13.60 -13.68 53.84
C ASP A 215 12.16 -13.31 53.52
N LEU A 216 11.70 -13.59 52.30
CA LEU A 216 10.36 -13.26 51.86
C LEU A 216 9.58 -14.53 51.52
N PRO A 217 8.26 -14.51 51.65
CA PRO A 217 7.46 -15.69 51.29
C PRO A 217 7.49 -15.94 49.79
N GLN A 218 7.25 -17.20 49.42
CA GLN A 218 7.19 -17.61 48.03
C GLN A 218 5.83 -17.39 47.40
N GLY A 219 4.85 -16.90 48.15
CA GLY A 219 3.53 -16.69 47.62
C GLY A 219 3.47 -15.55 46.63
N PHE A 220 2.35 -15.49 45.90
CA PHE A 220 2.11 -14.49 44.87
C PHE A 220 0.93 -13.63 45.28
N SER A 221 1.11 -12.31 45.21
CA SER A 221 0.05 -11.37 45.53
C SER A 221 0.28 -10.08 44.75
N ALA A 222 -0.81 -9.44 44.34
CA ALA A 222 -0.77 -8.20 43.57
C ALA A 222 -0.96 -7.02 44.51
N LEU A 223 -0.21 -5.94 44.25
CA LEU A 223 -0.27 -4.74 45.07
C LEU A 223 -1.29 -3.77 44.47
N GLU A 224 -2.42 -3.61 45.16
CA GLU A 224 -3.46 -2.70 44.67
C GLU A 224 -3.01 -1.25 44.83
N PRO A 225 -3.48 -0.36 43.96
CA PRO A 225 -3.13 1.06 44.11
C PRO A 225 -3.62 1.61 45.43
N LEU A 226 -2.83 2.53 46.00
CA LEU A 226 -3.16 3.17 47.27
C LEU A 226 -3.42 4.67 47.09
N VAL A 227 -2.46 5.41 46.55
CA VAL A 227 -2.57 6.86 46.46
C VAL A 227 -1.78 7.33 45.24
N ASP A 228 -2.27 8.40 44.61
CA ASP A 228 -1.57 9.08 43.53
C ASP A 228 -1.55 10.56 43.83
N LEU A 229 -0.38 11.19 43.66
CA LEU A 229 -0.18 12.57 44.02
C LEU A 229 0.27 13.38 42.82
N PRO A 230 -0.39 14.52 42.52
CA PRO A 230 0.06 15.38 41.40
C PRO A 230 1.20 16.31 41.81
N ILE A 231 2.42 15.76 41.81
CA ILE A 231 3.61 16.48 42.26
C ILE A 231 4.66 16.43 41.16
N GLY A 232 5.25 17.58 40.85
CA GLY A 232 6.25 17.66 39.80
C GLY A 232 7.67 17.54 40.32
N ILE A 233 7.82 17.00 41.53
CA ILE A 233 9.14 16.86 42.13
C ILE A 233 9.96 15.86 41.33
N ASN A 234 11.27 15.85 41.55
CA ASN A 234 12.21 15.08 40.73
C ASN A 234 12.92 14.01 41.55
N ILE A 235 12.16 13.18 42.26
CA ILE A 235 12.72 12.18 43.16
C ILE A 235 13.86 11.44 42.49
N THR A 236 15.01 11.38 43.18
CA THR A 236 16.15 10.61 42.73
C THR A 236 16.80 9.80 43.84
N ARG A 237 16.63 10.19 45.10
CA ARG A 237 17.16 9.44 46.23
C ARG A 237 16.08 9.37 47.31
N PHE A 238 16.06 8.27 48.05
CA PHE A 238 15.07 8.06 49.09
C PHE A 238 15.73 7.39 50.29
N GLN A 239 15.10 7.55 51.45
CA GLN A 239 15.63 7.03 52.70
C GLN A 239 14.50 6.51 53.55
N THR A 240 14.83 5.59 54.46
CA THR A 240 13.85 4.90 55.29
C THR A 240 13.83 5.51 56.69
N LEU A 241 12.64 5.48 57.30
CA LEU A 241 12.42 5.99 58.64
C LEU A 241 12.07 4.85 59.57
N LEU A 242 12.70 4.82 60.74
CA LEU A 242 12.49 3.77 61.73
C LEU A 242 12.20 4.40 63.09
N ALA A 243 11.50 3.64 63.93
CA ALA A 243 11.11 4.10 65.26
C ALA A 243 12.14 3.56 66.26
N LEU A 244 13.12 4.39 66.59
CA LEU A 244 14.16 3.99 67.51
C LEU A 244 13.66 4.08 68.96
N HIS A 245 14.37 3.39 69.85
CA HIS A 245 14.05 3.38 71.27
C HIS A 245 15.21 3.98 72.04
N ARG A 246 14.88 4.81 73.03
CA ARG A 246 15.91 5.45 73.85
C ARG A 246 16.50 4.44 74.82
N SER A 247 17.79 4.15 74.67
CA SER A 247 18.46 3.24 75.60
C SER A 247 18.45 3.81 77.01
N TYR A 248 18.49 5.14 77.13
CA TYR A 248 18.41 5.77 78.45
C TYR A 248 17.10 5.46 79.15
N LEU A 249 16.03 5.24 78.38
CA LEU A 249 14.70 5.00 78.94
C LEU A 249 14.05 3.81 78.24
N THR A 250 14.80 2.72 78.10
CA THR A 250 14.32 1.46 77.55
C THR A 250 14.26 0.40 78.66
N PRO A 251 13.27 -0.51 78.61
CA PRO A 251 13.19 -1.52 79.68
C PRO A 251 14.48 -2.30 79.87
N GLY A 252 15.07 -2.19 81.06
CA GLY A 252 16.31 -2.85 81.38
C GLY A 252 17.56 -2.06 81.03
N ASP A 253 17.53 -1.38 79.89
CA ASP A 253 18.67 -0.59 79.43
C ASP A 253 18.55 0.85 79.91
N SER A 254 19.68 1.41 80.34
CA SER A 254 19.72 2.80 80.81
C SER A 254 20.87 3.61 80.23
N SER A 255 21.77 3.00 79.46
CA SER A 255 22.85 3.74 78.83
C SER A 255 22.30 4.71 77.79
N SER A 256 22.98 5.85 77.65
CA SER A 256 22.56 6.85 76.69
C SER A 256 22.71 6.33 75.27
N GLY A 257 21.68 6.55 74.45
CA GLY A 257 21.74 6.18 73.05
C GLY A 257 20.43 5.67 72.48
N TRP A 258 20.43 5.38 71.19
CA TRP A 258 19.28 4.83 70.48
C TRP A 258 19.49 3.34 70.26
N THR A 259 18.46 2.55 70.56
CA THR A 259 18.46 1.12 70.28
C THR A 259 17.24 0.78 69.44
N ALA A 260 17.43 -0.06 68.42
CA ALA A 260 16.39 -0.39 67.45
C ALA A 260 15.90 -1.81 67.69
N GLY A 261 14.58 -1.99 67.74
CA GLY A 261 14.02 -3.31 67.85
C GLY A 261 14.14 -4.10 66.56
N ALA A 262 13.93 -5.41 66.67
CA ALA A 262 14.08 -6.31 65.53
C ALA A 262 13.22 -5.86 64.36
N ALA A 263 13.88 -5.48 63.26
CA ALA A 263 13.19 -5.03 62.06
C ALA A 263 13.96 -5.49 60.83
N ALA A 264 13.23 -5.81 59.77
CA ALA A 264 13.84 -6.26 58.52
C ALA A 264 13.00 -5.76 57.36
N TYR A 265 13.63 -5.09 56.41
CA TYR A 265 12.96 -4.61 55.21
C TYR A 265 13.88 -4.81 54.00
N TYR A 266 13.26 -4.94 52.83
CA TYR A 266 13.97 -5.24 51.60
C TYR A 266 13.65 -4.17 50.57
N VAL A 267 14.64 -3.84 49.75
CA VAL A 267 14.52 -2.78 48.75
C VAL A 267 14.91 -3.33 47.39
N GLY A 268 14.02 -3.14 46.40
CA GLY A 268 14.31 -3.51 45.04
C GLY A 268 13.99 -2.36 44.09
N TYR A 269 14.53 -2.47 42.88
CA TYR A 269 14.39 -1.41 41.88
C TYR A 269 13.68 -1.95 40.64
N LEU A 270 12.70 -1.20 40.16
CA LEU A 270 11.92 -1.61 39.01
C LEU A 270 12.68 -1.33 37.72
N GLN A 271 12.40 -2.14 36.70
CA GLN A 271 12.95 -1.99 35.37
C GLN A 271 11.83 -2.11 34.35
N PRO A 272 11.99 -1.52 33.16
CA PRO A 272 10.95 -1.66 32.13
C PRO A 272 10.85 -3.07 31.60
N ARG A 273 9.77 -3.77 31.94
CA ARG A 273 9.60 -5.17 31.59
C ARG A 273 8.20 -5.39 31.03
N THR A 274 8.08 -6.42 30.19
CA THR A 274 6.80 -6.84 29.64
C THR A 274 6.31 -8.04 30.43
N PHE A 275 5.14 -7.90 31.06
CA PHE A 275 4.57 -8.94 31.90
C PHE A 275 3.25 -9.41 31.31
N LEU A 276 2.96 -10.70 31.55
CA LEU A 276 1.70 -11.31 31.15
C LEU A 276 0.91 -11.60 32.41
N LEU A 277 -0.06 -10.74 32.72
CA LEU A 277 -0.84 -10.83 33.95
C LEU A 277 -2.11 -11.63 33.71
N LYS A 278 -2.48 -12.45 34.69
CA LYS A 278 -3.66 -13.30 34.61
C LYS A 278 -4.73 -12.72 35.54
N TYR A 279 -5.83 -12.25 34.95
CA TYR A 279 -6.97 -11.75 35.71
C TYR A 279 -8.02 -12.85 35.83
N ASN A 280 -8.50 -13.07 37.05
CA ASN A 280 -9.49 -14.12 37.31
C ASN A 280 -10.89 -13.55 37.11
N GLU A 281 -11.90 -14.30 37.57
CA GLU A 281 -13.28 -13.88 37.37
C GLU A 281 -13.55 -12.53 38.04
N ASN A 282 -13.02 -12.33 39.24
CA ASN A 282 -13.28 -11.12 40.01
C ASN A 282 -12.33 -9.98 39.66
N GLY A 283 -11.45 -10.16 38.67
CA GLY A 283 -10.54 -9.12 38.26
C GLY A 283 -9.26 -9.02 39.07
N THR A 284 -8.99 -9.98 39.94
CA THR A 284 -7.77 -9.97 40.74
C THR A 284 -6.66 -10.69 39.98
N ILE A 285 -5.46 -10.09 39.98
CA ILE A 285 -4.32 -10.69 39.32
C ILE A 285 -3.81 -11.85 40.15
N THR A 286 -4.20 -13.07 39.77
CA THR A 286 -3.85 -14.26 40.53
C THR A 286 -2.50 -14.84 40.14
N ASP A 287 -1.93 -14.42 39.02
CA ASP A 287 -0.65 -14.93 38.57
C ASP A 287 -0.10 -13.99 37.51
N ALA A 288 1.21 -14.08 37.27
CA ALA A 288 1.87 -13.26 36.28
C ALA A 288 3.10 -13.99 35.76
N VAL A 289 3.53 -13.60 34.56
CA VAL A 289 4.74 -14.15 33.94
C VAL A 289 5.53 -12.99 33.35
N ASP A 290 6.81 -12.90 33.73
CA ASP A 290 7.72 -11.91 33.18
C ASP A 290 8.26 -12.44 31.85
N CYS A 291 8.10 -11.65 30.79
CA CYS A 291 8.58 -12.08 29.48
C CYS A 291 10.07 -11.80 29.28
N ALA A 292 10.90 -12.11 30.28
CA ALA A 292 12.34 -12.08 30.12
C ALA A 292 13.07 -13.13 30.93
N LEU A 293 12.36 -14.00 31.67
CA LEU A 293 13.04 -14.82 32.67
C LEU A 293 13.78 -15.98 32.04
N ASP A 294 13.11 -16.73 31.17
CA ASP A 294 13.69 -17.93 30.58
C ASP A 294 13.01 -18.17 29.24
N PRO A 295 13.56 -19.05 28.40
CA PRO A 295 12.90 -19.33 27.12
C PRO A 295 11.46 -19.80 27.28
N LEU A 296 11.18 -20.55 28.35
CA LEU A 296 9.81 -20.98 28.60
C LEU A 296 8.89 -19.79 28.85
N SER A 297 9.38 -18.80 29.62
CA SER A 297 8.58 -17.61 29.87
C SER A 297 8.32 -16.84 28.58
N GLU A 298 9.33 -16.72 27.72
CA GLU A 298 9.13 -16.03 26.45
C GLU A 298 8.14 -16.78 25.57
N THR A 299 8.21 -18.11 25.57
CA THR A 299 7.25 -18.90 24.80
C THR A 299 5.83 -18.68 25.32
N LYS A 300 5.65 -18.72 26.64
CA LYS A 300 4.34 -18.46 27.23
C LYS A 300 3.84 -17.07 26.84
N CYS A 301 4.74 -16.08 26.89
CA CYS A 301 4.36 -14.70 26.59
C CYS A 301 3.95 -14.56 25.12
N THR A 302 4.71 -15.19 24.21
CA THR A 302 4.36 -15.13 22.79
C THR A 302 3.03 -15.82 22.52
N LEU A 303 2.81 -16.98 23.13
CA LEU A 303 1.54 -17.68 22.96
C LEU A 303 0.42 -17.06 23.78
N LYS A 304 0.72 -16.09 24.64
CA LYS A 304 -0.30 -15.44 25.47
C LYS A 304 -1.05 -16.48 26.31
N SER A 305 -0.32 -17.50 26.76
CA SER A 305 -0.91 -18.57 27.56
C SER A 305 0.11 -19.04 28.59
N PHE A 306 -0.39 -19.38 29.78
CA PHE A 306 0.46 -19.93 30.83
C PHE A 306 0.67 -21.44 30.66
N THR A 307 -0.03 -22.07 29.73
CA THR A 307 0.16 -23.48 29.42
C THR A 307 0.57 -23.61 27.96
N VAL A 308 1.67 -24.32 27.72
CA VAL A 308 2.23 -24.49 26.38
C VAL A 308 2.21 -25.97 26.05
N GLU A 309 1.70 -26.30 24.86
CA GLU A 309 1.67 -27.69 24.42
C GLU A 309 3.01 -28.09 23.82
N LYS A 310 3.19 -29.40 23.68
CA LYS A 310 4.42 -29.93 23.09
C LYS A 310 4.60 -29.38 21.68
N GLY A 311 5.82 -28.97 21.37
CA GLY A 311 6.12 -28.47 20.04
C GLY A 311 7.30 -27.50 20.08
N ILE A 312 7.54 -26.88 18.93
CA ILE A 312 8.60 -25.90 18.76
C ILE A 312 7.97 -24.60 18.31
N TYR A 313 8.27 -23.52 19.02
CA TYR A 313 7.67 -22.21 18.76
C TYR A 313 8.77 -21.18 18.55
N GLN A 314 8.62 -20.37 17.51
CA GLN A 314 9.55 -19.27 17.24
C GLN A 314 9.13 -18.07 18.10
N THR A 315 9.98 -17.70 19.06
CA THR A 315 9.65 -16.68 20.03
C THR A 315 10.22 -15.31 19.69
N SER A 316 11.44 -15.24 19.17
CA SER A 316 12.10 -13.97 18.91
C SER A 316 13.14 -14.17 17.82
N ASN A 317 13.65 -13.04 17.31
CA ASN A 317 14.71 -13.03 16.31
C ASN A 317 15.96 -12.40 16.90
N PHE A 318 17.11 -13.00 16.62
CA PHE A 318 18.38 -12.55 17.14
C PHE A 318 19.26 -12.02 16.01
N ARG A 319 19.96 -10.92 16.28
CA ARG A 319 20.83 -10.26 15.31
C ARG A 319 22.17 -9.98 15.96
N VAL A 320 23.25 -10.25 15.23
CA VAL A 320 24.60 -9.99 15.70
C VAL A 320 25.06 -8.65 15.13
N GLN A 321 25.32 -7.69 16.01
CA GLN A 321 25.69 -6.35 15.58
C GLN A 321 27.19 -6.26 15.27
N PRO A 322 27.58 -5.32 14.42
CA PRO A 322 29.01 -5.12 14.16
C PRO A 322 29.75 -4.74 15.44
N THR A 323 30.98 -5.23 15.58
CA THR A 323 31.68 -5.08 16.84
C THR A 323 31.95 -3.63 17.20
N GLU A 324 32.87 -2.96 16.49
CA GLU A 324 33.04 -1.52 16.66
C GLU A 324 32.92 -0.72 15.37
N SER A 325 33.79 -0.98 14.37
CA SER A 325 33.80 -0.19 13.14
C SER A 325 34.95 -0.60 12.22
N ILE A 326 34.88 -0.19 10.95
CA ILE A 326 36.03 -0.17 10.05
C ILE A 326 35.85 0.97 9.07
N VAL A 327 36.96 1.65 8.75
CA VAL A 327 36.97 2.74 7.78
C VAL A 327 38.23 2.59 6.93
N ARG A 328 38.09 2.78 5.62
CA ARG A 328 39.20 2.51 4.69
C ARG A 328 39.14 3.47 3.52
N PHE A 329 40.29 4.04 3.19
CA PHE A 329 40.50 4.83 1.99
C PHE A 329 41.89 4.47 1.47
N PRO A 330 42.17 4.77 0.20
CA PRO A 330 43.52 4.47 -0.33
C PRO A 330 44.58 5.24 0.43
N ASN A 331 45.52 4.51 1.01
CA ASN A 331 46.43 5.06 2.00
C ASN A 331 47.25 6.23 1.46
N ILE A 332 48.17 5.98 0.53
CA ILE A 332 49.16 6.98 0.15
C ILE A 332 49.78 6.65 -1.19
N THR A 333 50.29 7.67 -1.88
CA THR A 333 51.11 7.47 -3.07
C THR A 333 52.56 7.26 -2.64
N ASN A 334 53.48 7.32 -3.60
CA ASN A 334 54.89 7.11 -3.29
C ASN A 334 55.40 8.15 -2.30
N LEU A 335 56.35 7.74 -1.48
CA LEU A 335 56.89 8.59 -0.43
C LEU A 335 57.63 9.78 -1.03
N CYS A 336 57.59 10.90 -0.32
CA CYS A 336 58.28 12.11 -0.74
C CYS A 336 59.77 12.03 -0.40
N PRO A 337 60.62 12.77 -1.12
CA PRO A 337 62.07 12.74 -0.85
C PRO A 337 62.50 13.73 0.22
N PHE A 338 62.01 13.52 1.44
CA PHE A 338 62.41 14.37 2.55
C PHE A 338 63.84 14.08 2.99
N GLY A 339 64.31 12.85 2.80
CA GLY A 339 65.67 12.51 3.21
C GLY A 339 66.72 13.32 2.47
N GLU A 340 66.47 13.63 1.19
CA GLU A 340 67.45 14.38 0.41
C GLU A 340 67.74 15.74 1.06
N VAL A 341 66.69 16.48 1.41
CA VAL A 341 66.89 17.78 2.04
C VAL A 341 67.41 17.60 3.47
N PHE A 342 66.82 16.67 4.22
CA PHE A 342 67.24 16.46 5.61
C PHE A 342 68.67 15.96 5.67
N ASN A 343 68.97 14.88 4.93
CA ASN A 343 70.32 14.35 4.85
C ASN A 343 70.98 14.82 3.55
N ALA A 344 71.15 16.14 3.46
CA ALA A 344 71.74 16.76 2.29
C ALA A 344 73.25 16.85 2.45
N THR A 345 73.99 16.44 1.41
CA THR A 345 75.45 16.48 1.49
C THR A 345 75.96 17.91 1.62
N ARG A 346 75.29 18.88 1.00
CA ARG A 346 75.70 20.28 1.04
C ARG A 346 74.52 21.14 1.43
N PHE A 347 74.77 22.11 2.31
CA PHE A 347 73.76 23.07 2.75
C PHE A 347 74.21 24.47 2.39
N ALA A 348 73.30 25.25 1.82
CA ALA A 348 73.60 26.62 1.44
C ALA A 348 73.52 27.54 2.66
N SER A 349 73.98 28.77 2.47
CA SER A 349 73.97 29.75 3.55
C SER A 349 72.53 30.16 3.90
N VAL A 350 72.39 30.83 5.04
CA VAL A 350 71.07 31.24 5.50
C VAL A 350 70.44 32.22 4.51
N TYR A 351 71.23 33.17 4.01
CA TYR A 351 70.71 34.13 3.03
C TYR A 351 70.35 33.47 1.72
N ALA A 352 70.87 32.27 1.45
CA ALA A 352 70.62 31.53 0.21
C ALA A 352 70.12 30.14 0.53
N TRP A 353 69.14 30.06 1.42
CA TRP A 353 68.59 28.77 1.84
C TRP A 353 68.16 27.95 0.63
N ASN A 354 68.54 26.67 0.64
CA ASN A 354 68.22 25.77 -0.47
C ASN A 354 66.80 25.27 -0.32
N ARG A 355 66.00 25.40 -1.37
CA ARG A 355 64.60 25.02 -1.36
C ARG A 355 64.38 23.84 -2.31
N LYS A 356 63.62 22.86 -1.84
CA LYS A 356 63.20 21.72 -2.65
C LYS A 356 61.68 21.66 -2.66
N ARG A 357 61.08 21.63 -3.84
CA ARG A 357 59.64 21.53 -3.97
C ARG A 357 59.22 20.07 -3.94
N ILE A 358 58.16 19.78 -3.20
CA ILE A 358 57.67 18.42 -2.98
C ILE A 358 56.30 18.31 -3.63
N SER A 359 56.15 17.35 -4.54
CA SER A 359 54.88 17.16 -5.24
C SER A 359 54.79 15.72 -5.71
N ASN A 360 53.56 15.30 -6.01
CA ASN A 360 53.28 13.96 -6.53
C ASN A 360 53.89 12.89 -5.65
N CYS A 361 53.64 12.98 -4.35
CA CYS A 361 54.13 12.02 -3.37
C CYS A 361 53.36 12.27 -2.06
N VAL A 362 53.79 11.62 -0.99
CA VAL A 362 53.16 11.74 0.31
C VAL A 362 54.22 12.10 1.35
N ALA A 363 53.94 13.10 2.17
CA ALA A 363 54.86 13.46 3.24
C ALA A 363 54.87 12.39 4.32
N ASP A 364 56.06 12.09 4.84
CA ASP A 364 56.20 11.09 5.89
C ASP A 364 57.44 11.42 6.70
N TYR A 365 57.26 11.72 7.99
CA TYR A 365 58.37 12.04 8.86
C TYR A 365 58.24 11.42 10.25
N SER A 366 57.33 10.45 10.42
CA SER A 366 57.18 9.82 11.74
C SER A 366 58.43 9.03 12.13
N VAL A 367 59.19 8.55 11.14
CA VAL A 367 60.39 7.78 11.45
C VAL A 367 61.42 8.65 12.15
N LEU A 368 61.58 9.89 11.69
CA LEU A 368 62.54 10.82 12.30
C LEU A 368 61.97 11.59 13.47
N TYR A 369 60.65 11.81 13.50
CA TYR A 369 60.05 12.57 14.59
C TYR A 369 60.20 11.84 15.92
N ASN A 370 59.95 10.53 15.93
CA ASN A 370 60.03 9.76 17.16
C ASN A 370 61.47 9.48 17.59
N SER A 371 62.44 9.65 16.68
CA SER A 371 63.83 9.40 17.05
C SER A 371 64.32 10.39 18.10
N ALA A 372 63.71 11.58 18.15
CA ALA A 372 64.10 12.61 19.12
C ALA A 372 65.57 12.99 18.98
N SER A 373 66.09 12.95 17.75
CA SER A 373 67.48 13.29 17.48
C SER A 373 67.67 14.75 17.09
N PHE A 374 66.60 15.54 17.09
CA PHE A 374 66.67 16.94 16.70
C PHE A 374 66.62 17.84 17.93
N SER A 375 67.48 18.85 17.95
CA SER A 375 67.52 19.78 19.07
C SER A 375 66.28 20.67 19.11
N THR A 376 65.52 20.75 18.03
CA THR A 376 64.33 21.60 17.98
C THR A 376 63.37 21.04 16.95
N PHE A 377 62.09 20.95 17.31
CA PHE A 377 61.03 20.48 16.42
C PHE A 377 59.81 21.39 16.53
N LYS A 378 60.05 22.70 16.47
CA LYS A 378 59.00 23.69 16.70
C LYS A 378 58.01 23.66 15.55
N CYS A 379 56.76 23.35 15.85
CA CYS A 379 55.65 23.45 14.90
C CYS A 379 54.69 24.50 15.44
N TYR A 380 54.67 25.67 14.81
CA TYR A 380 53.93 26.81 15.34
C TYR A 380 52.47 26.73 14.93
N GLY A 381 51.59 26.62 15.92
CA GLY A 381 50.16 26.64 15.67
C GLY A 381 49.58 25.39 15.07
N VAL A 382 50.34 24.29 15.04
CA VAL A 382 49.87 23.04 14.44
C VAL A 382 50.49 21.88 15.20
N SER A 383 49.73 20.78 15.29
CA SER A 383 50.24 19.60 15.95
C SER A 383 51.44 19.05 15.18
N PRO A 384 52.48 18.56 15.88
CA PRO A 384 53.68 18.12 15.16
C PRO A 384 53.45 16.92 14.24
N THR A 385 52.40 16.14 14.44
CA THR A 385 52.16 14.93 13.66
C THR A 385 50.85 14.96 12.89
N LYS A 386 49.79 15.54 13.46
CA LYS A 386 48.48 15.52 12.81
C LYS A 386 48.44 16.39 11.55
N LEU A 387 49.43 17.26 11.34
CA LEU A 387 49.41 18.12 10.16
C LEU A 387 49.51 17.30 8.88
N ASN A 388 50.18 16.15 8.92
CA ASN A 388 50.38 15.36 7.72
C ASN A 388 49.08 14.83 7.14
N ASP A 389 48.03 14.72 7.95
CA ASP A 389 46.74 14.18 7.48
C ASP A 389 45.88 15.30 6.88
N LEU A 390 46.34 15.80 5.74
CA LEU A 390 45.62 16.86 5.03
C LEU A 390 46.27 17.06 3.67
N CYS A 391 45.45 17.46 2.70
CA CYS A 391 45.94 17.78 1.37
C CYS A 391 46.68 19.12 1.38
N PHE A 392 47.83 19.16 0.73
CA PHE A 392 48.63 20.37 0.60
C PHE A 392 49.02 20.54 -0.86
N THR A 393 48.61 21.66 -1.46
CA THR A 393 48.91 21.90 -2.87
C THR A 393 50.38 22.20 -3.09
N ASN A 394 50.97 23.02 -2.22
CA ASN A 394 52.37 23.40 -2.32
C ASN A 394 53.10 23.00 -1.04
N VAL A 395 54.20 22.27 -1.19
CA VAL A 395 55.03 21.84 -0.07
C VAL A 395 56.48 22.16 -0.41
N TYR A 396 57.17 22.82 0.53
CA TYR A 396 58.54 23.23 0.32
C TYR A 396 59.39 22.81 1.51
N ALA A 397 60.67 22.52 1.24
CA ALA A 397 61.63 22.15 2.27
C ALA A 397 62.84 23.06 2.12
N ASP A 398 63.00 24.00 3.05
CA ASP A 398 64.09 24.97 3.03
C ASP A 398 65.12 24.56 4.06
N SER A 399 66.38 24.40 3.63
CA SER A 399 67.47 23.96 4.49
C SER A 399 68.55 25.03 4.52
N PHE A 400 69.08 25.30 5.71
CA PHE A 400 70.14 26.28 5.88
C PHE A 400 70.87 25.98 7.18
N VAL A 401 72.08 26.54 7.30
CA VAL A 401 72.92 26.38 8.47
C VAL A 401 73.05 27.74 9.15
N ILE A 402 72.74 27.79 10.44
CA ILE A 402 72.76 29.02 11.21
C ILE A 402 73.32 28.73 12.60
N ARG A 403 73.62 29.80 13.33
CA ARG A 403 74.12 29.67 14.69
C ARG A 403 73.02 29.13 15.61
N GLY A 404 73.44 28.43 16.66
CA GLY A 404 72.48 27.86 17.58
C GLY A 404 71.55 28.89 18.19
N ASP A 405 72.11 30.05 18.56
CA ASP A 405 71.29 31.12 19.12
C ASP A 405 70.32 31.71 18.10
N GLU A 406 70.60 31.54 16.81
CA GLU A 406 69.74 32.09 15.76
C GLU A 406 68.60 31.17 15.37
N VAL A 407 68.53 29.96 15.95
CA VAL A 407 67.42 29.06 15.63
C VAL A 407 66.10 29.65 16.11
N ARG A 408 66.12 30.35 17.24
CA ARG A 408 64.89 30.96 17.75
C ARG A 408 64.34 32.02 16.79
N GLN A 409 65.19 32.59 15.93
CA GLN A 409 64.73 33.61 15.00
C GLN A 409 63.92 33.02 13.84
N ILE A 410 63.98 31.70 13.65
CA ILE A 410 63.25 31.05 12.55
C ILE A 410 61.87 30.70 13.12
N ALA A 411 60.99 31.69 13.09
CA ALA A 411 59.62 31.53 13.55
C ALA A 411 58.71 32.39 12.68
N PRO A 412 57.43 32.04 12.57
CA PRO A 412 56.51 32.85 11.76
C PRO A 412 56.26 34.20 12.41
N GLY A 413 56.46 35.27 11.63
CA GLY A 413 56.28 36.62 12.13
C GLY A 413 57.44 37.18 12.90
N GLN A 414 58.52 36.42 13.09
CA GLN A 414 59.67 36.91 13.82
C GLN A 414 60.38 37.99 13.02
N THR A 415 60.87 39.01 13.73
CA THR A 415 61.57 40.14 13.12
C THR A 415 62.96 40.25 13.72
N GLY A 416 63.95 40.48 12.85
CA GLY A 416 65.32 40.61 13.32
C GLY A 416 66.26 40.71 12.14
N LYS A 417 67.56 40.73 12.46
CA LYS A 417 68.59 40.81 11.43
C LYS A 417 68.65 39.56 10.56
N ILE A 418 68.09 38.45 11.04
CA ILE A 418 68.11 37.19 10.30
C ILE A 418 66.77 36.91 9.65
N ALA A 419 65.68 37.02 10.41
CA ALA A 419 64.36 36.69 9.86
C ALA A 419 63.97 37.64 8.74
N ASP A 420 64.22 38.94 8.92
CA ASP A 420 63.81 39.95 7.96
C ASP A 420 64.80 40.17 6.84
N TYR A 421 65.95 39.48 6.85
CA TYR A 421 66.97 39.66 5.83
C TYR A 421 67.49 38.37 5.22
N ASN A 422 67.35 37.23 5.90
CA ASN A 422 67.87 35.96 5.38
C ASN A 422 66.77 34.94 5.12
N TYR A 423 65.91 34.68 6.10
CA TYR A 423 64.85 33.68 5.96
C TYR A 423 63.62 34.19 6.69
N LYS A 424 62.63 34.64 5.92
CA LYS A 424 61.38 35.17 6.47
C LYS A 424 60.28 34.14 6.28
N LEU A 425 59.57 33.83 7.36
CA LEU A 425 58.45 32.91 7.31
C LEU A 425 57.13 33.69 7.35
N PRO A 426 56.09 33.20 6.67
CA PRO A 426 54.80 33.86 6.75
C PRO A 426 54.12 33.61 8.09
N ASP A 427 53.14 34.47 8.39
CA ASP A 427 52.33 34.25 9.58
C ASP A 427 51.60 32.92 9.51
N ASP A 428 51.06 32.59 8.34
CA ASP A 428 50.28 31.37 8.14
C ASP A 428 51.23 30.21 7.88
N PHE A 429 51.99 29.87 8.91
CA PHE A 429 53.02 28.83 8.84
C PHE A 429 52.50 27.59 9.55
N THR A 430 51.92 26.67 8.77
CA THR A 430 51.50 25.37 9.27
C THR A 430 52.61 24.33 9.19
N GLY A 431 53.82 24.73 8.80
CA GLY A 431 54.94 23.83 8.71
C GLY A 431 55.63 23.66 10.05
N CYS A 432 56.79 23.01 10.00
CA CYS A 432 57.60 22.74 11.18
C CYS A 432 59.04 23.12 10.91
N VAL A 433 59.67 23.79 11.86
CA VAL A 433 61.08 24.14 11.80
C VAL A 433 61.85 23.15 12.66
N ILE A 434 62.75 22.39 12.04
CA ILE A 434 63.50 21.34 12.70
C ILE A 434 64.98 21.70 12.63
N ALA A 435 65.63 21.79 13.78
CA ALA A 435 67.03 22.17 13.88
C ALA A 435 67.79 21.13 14.70
N TRP A 436 69.00 20.81 14.26
CA TRP A 436 69.86 19.88 14.96
C TRP A 436 71.31 20.32 14.82
N ASN A 437 72.13 19.95 15.80
CA ASN A 437 73.52 20.35 15.80
C ASN A 437 74.27 19.71 14.64
N SER A 438 75.23 20.46 14.09
CA SER A 438 76.04 20.00 12.96
C SER A 438 77.53 20.22 13.19
N ASN A 439 77.96 20.33 14.46
CA ASN A 439 79.36 20.57 14.75
C ASN A 439 80.24 19.42 14.27
N ASN A 440 79.68 18.21 14.18
CA ASN A 440 80.46 17.05 13.77
C ASN A 440 80.80 17.06 12.28
N LEU A 441 80.20 17.95 11.50
CA LEU A 441 80.44 17.99 10.06
C LEU A 441 80.90 19.38 9.61
N ASP A 442 80.41 20.42 10.28
CA ASP A 442 80.69 21.80 9.90
C ASP A 442 81.77 22.43 10.78
N SER A 443 82.76 21.64 11.21
CA SER A 443 83.84 22.15 12.03
C SER A 443 85.10 21.34 11.77
N LYS A 444 86.24 22.02 11.73
CA LYS A 444 87.53 21.38 11.51
C LYS A 444 88.62 22.31 12.03
N VAL A 445 89.86 21.82 12.01
CA VAL A 445 90.99 22.62 12.46
C VAL A 445 91.16 23.82 11.53
N GLY A 446 91.31 25.01 12.13
CA GLY A 446 91.46 26.24 11.39
C GLY A 446 90.18 27.00 11.17
N GLY A 447 89.02 26.37 11.33
CA GLY A 447 87.76 27.04 11.17
C GLY A 447 87.28 27.02 9.72
N ASN A 448 85.98 27.31 9.56
CA ASN A 448 85.33 27.37 8.26
C ASN A 448 84.92 28.82 7.98
N TYR A 449 85.22 29.29 6.77
CA TYR A 449 84.91 30.65 6.34
C TYR A 449 84.19 30.63 5.01
N ASN A 450 83.19 29.76 4.89
CA ASN A 450 82.45 29.54 3.64
C ASN A 450 80.95 29.79 3.82
N TYR A 451 80.61 30.84 4.57
CA TYR A 451 79.22 31.23 4.76
C TYR A 451 79.10 32.74 4.71
N LEU A 452 77.94 33.22 4.25
CA LEU A 452 77.65 34.64 4.17
C LEU A 452 76.23 34.88 4.67
N TYR A 453 75.98 36.09 5.18
CA TYR A 453 74.66 36.49 5.62
C TYR A 453 74.42 37.93 5.21
N ARG A 454 73.20 38.22 4.78
CA ARG A 454 72.83 39.56 4.34
C ARG A 454 72.27 40.36 5.51
N LEU A 455 72.82 41.55 5.71
CA LEU A 455 72.41 42.44 6.80
C LEU A 455 71.79 43.74 6.34
N PHE A 456 72.22 44.29 5.20
CA PHE A 456 71.71 45.54 4.67
C PHE A 456 70.83 45.28 3.47
N ARG A 457 69.64 45.86 3.46
CA ARG A 457 68.72 45.73 2.34
C ARG A 457 67.79 46.93 2.33
N LYS A 458 67.16 47.16 1.18
CA LYS A 458 66.26 48.30 1.04
C LYS A 458 65.03 48.17 1.93
N SER A 459 64.52 46.95 2.09
CA SER A 459 63.32 46.73 2.89
C SER A 459 63.34 45.30 3.42
N ASN A 460 62.49 45.05 4.42
CA ASN A 460 62.40 43.72 5.00
C ASN A 460 61.87 42.74 3.97
N LEU A 461 62.37 41.51 4.03
CA LEU A 461 61.97 40.49 3.07
C LEU A 461 60.55 40.02 3.34
N LYS A 462 59.79 39.82 2.27
CA LYS A 462 58.46 39.23 2.37
C LYS A 462 58.59 37.72 2.63
N PRO A 463 57.52 37.08 3.09
CA PRO A 463 57.59 35.64 3.36
C PRO A 463 58.09 34.86 2.15
N PHE A 464 59.05 33.96 2.38
CA PHE A 464 59.65 33.16 1.33
C PHE A 464 60.17 34.05 0.19
N GLU A 465 60.80 35.16 0.55
CA GLU A 465 61.44 36.04 -0.42
C GLU A 465 62.95 35.88 -0.34
N ARG A 466 63.56 35.62 -1.48
CA ARG A 466 65.01 35.45 -1.58
C ARG A 466 65.53 36.31 -2.72
N ASP A 467 66.57 37.09 -2.44
CA ASP A 467 67.17 37.95 -3.45
C ASP A 467 68.67 38.04 -3.20
N ILE A 468 69.46 37.77 -4.23
CA ILE A 468 70.92 37.82 -4.16
C ILE A 468 71.40 38.84 -5.19
N SER A 469 72.18 39.81 -4.73
CA SER A 469 72.71 40.84 -5.61
C SER A 469 73.94 41.46 -4.96
N THR A 470 74.75 42.11 -5.79
CA THR A 470 75.96 42.79 -5.34
C THR A 470 75.75 44.29 -5.17
N GLU A 471 74.52 44.78 -5.31
CA GLU A 471 74.25 46.20 -5.17
C GLU A 471 74.66 46.67 -3.77
N ILE A 472 75.35 47.80 -3.71
CA ILE A 472 75.84 48.35 -2.46
C ILE A 472 74.73 49.18 -1.82
N TYR A 473 74.39 48.85 -0.57
CA TYR A 473 73.40 49.62 0.16
C TYR A 473 73.97 50.98 0.52
N GLN A 474 73.18 52.03 0.27
CA GLN A 474 73.61 53.40 0.51
C GLN A 474 72.58 54.11 1.38
N ALA A 475 73.07 54.87 2.37
CA ALA A 475 72.20 55.65 3.22
C ALA A 475 71.49 56.74 2.42
N GLY A 476 70.26 57.04 2.81
CA GLY A 476 69.50 58.05 2.09
C GLY A 476 70.15 59.42 2.14
N SER A 477 70.65 59.81 3.31
CA SER A 477 71.26 61.12 3.48
C SER A 477 72.73 61.15 3.07
N THR A 478 73.36 60.00 2.87
CA THR A 478 74.77 59.92 2.50
C THR A 478 74.92 58.91 1.36
N PRO A 479 74.40 59.24 0.18
CA PRO A 479 74.56 58.34 -0.97
C PRO A 479 76.00 58.26 -1.44
N CYS A 480 76.35 57.11 -2.01
CA CYS A 480 77.68 56.89 -2.58
C CYS A 480 77.67 56.79 -4.10
N ASN A 481 76.54 56.48 -4.71
CA ASN A 481 76.40 56.44 -6.16
C ASN A 481 77.27 55.35 -6.80
N GLY A 482 77.41 54.22 -6.12
CA GLY A 482 78.06 53.05 -6.67
C GLY A 482 79.33 52.62 -5.97
N VAL A 483 79.83 53.36 -4.99
CA VAL A 483 81.05 53.01 -4.28
C VAL A 483 80.71 52.71 -2.83
N GLU A 484 81.63 52.00 -2.16
CA GLU A 484 81.47 51.66 -0.75
C GLU A 484 82.11 52.76 0.09
N GLY A 485 81.41 53.88 0.19
CA GLY A 485 81.86 55.04 0.94
C GLY A 485 81.28 55.08 2.33
N PHE A 486 81.29 56.27 2.92
CA PHE A 486 80.76 56.45 4.26
C PHE A 486 79.25 56.20 4.27
N ASN A 487 78.78 55.49 5.29
CA ASN A 487 77.38 55.10 5.43
C ASN A 487 76.92 54.20 4.29
N CYS A 488 77.85 53.56 3.60
CA CYS A 488 77.52 52.61 2.53
C CYS A 488 78.21 51.28 2.84
N TYR A 489 77.42 50.21 2.87
CA TYR A 489 77.90 48.90 3.26
C TYR A 489 77.43 47.86 2.25
N PHE A 490 78.26 46.83 2.05
CA PHE A 490 77.90 45.75 1.16
C PHE A 490 76.86 44.84 1.83
N PRO A 491 75.84 44.39 1.09
CA PRO A 491 74.79 43.59 1.75
C PRO A 491 75.32 42.35 2.46
N LEU A 492 76.29 41.67 1.88
CA LEU A 492 76.78 40.41 2.43
C LEU A 492 77.94 40.63 3.38
N GLN A 493 77.99 39.82 4.44
CA GLN A 493 79.06 39.86 5.41
C GLN A 493 79.57 38.44 5.65
N SER A 494 80.84 38.33 6.04
CA SER A 494 81.45 37.03 6.25
C SER A 494 80.80 36.32 7.43
N TYR A 495 80.83 34.99 7.38
CA TYR A 495 80.21 34.15 8.40
C TYR A 495 80.88 32.78 8.39
N GLY A 496 80.97 32.17 9.58
CA GLY A 496 81.61 30.88 9.67
C GLY A 496 81.60 30.36 11.09
N PHE A 497 82.24 29.21 11.27
CA PHE A 497 82.32 28.56 12.58
C PHE A 497 83.71 28.01 12.79
N GLN A 498 84.08 27.86 14.06
CA GLN A 498 85.35 27.30 14.47
C GLN A 498 85.13 26.31 15.61
N PRO A 499 86.04 25.36 15.81
CA PRO A 499 85.86 24.38 16.89
C PRO A 499 85.76 25.02 18.28
N THR A 500 86.48 26.13 18.51
CA THR A 500 86.52 26.74 19.83
C THR A 500 85.21 27.42 20.22
N ASN A 501 84.27 27.57 19.28
CA ASN A 501 83.03 28.25 19.60
C ASN A 501 82.23 27.47 20.64
N GLY A 502 81.49 28.20 21.46
CA GLY A 502 80.69 27.59 22.50
C GLY A 502 79.45 26.91 21.94
N VAL A 503 78.73 26.23 22.84
CA VAL A 503 77.58 25.44 22.42
C VAL A 503 76.58 26.31 21.66
N GLY A 504 76.30 27.50 22.17
CA GLY A 504 75.37 28.39 21.50
C GLY A 504 75.91 28.95 20.20
N TYR A 505 77.21 28.88 19.97
CA TYR A 505 77.84 29.41 18.78
C TYR A 505 78.21 28.33 17.77
N GLN A 506 77.86 27.07 18.01
CA GLN A 506 78.15 26.01 17.08
C GLN A 506 77.17 26.01 15.92
N PRO A 507 77.56 25.49 14.76
CA PRO A 507 76.64 25.43 13.63
C PRO A 507 75.47 24.49 13.90
N TYR A 508 74.33 24.83 13.29
CA TYR A 508 73.13 24.02 13.41
C TYR A 508 72.44 23.95 12.05
N ARG A 509 72.10 22.75 11.62
CA ARG A 509 71.35 22.55 10.39
C ARG A 509 69.86 22.64 10.67
N VAL A 510 69.18 23.54 9.97
CA VAL A 510 67.76 23.79 10.17
C VAL A 510 67.03 23.54 8.85
N VAL A 511 66.01 22.70 8.88
CA VAL A 511 65.18 22.40 7.73
C VAL A 511 63.74 22.75 8.08
N VAL A 512 63.10 23.54 7.22
CA VAL A 512 61.74 24.01 7.43
C VAL A 512 60.85 23.37 6.37
N LEU A 513 59.85 22.61 6.80
CA LEU A 513 58.89 21.97 5.91
C LEU A 513 57.62 22.81 5.92
N SER A 514 57.49 23.69 4.93
CA SER A 514 56.37 24.61 4.84
C SER A 514 55.29 24.04 3.92
N PHE A 515 54.04 24.25 4.28
CA PHE A 515 52.89 23.81 3.51
C PHE A 515 51.91 24.95 3.32
N GLU A 516 51.32 25.02 2.13
CA GLU A 516 50.32 26.03 1.82
C GLU A 516 49.27 25.43 0.91
N LEU A 517 48.04 25.93 1.01
CA LEU A 517 46.91 25.41 0.26
C LEU A 517 46.58 26.32 -0.92
N LEU A 518 46.16 25.71 -2.03
CA LEU A 518 45.82 26.44 -3.24
C LEU A 518 44.54 25.86 -3.83
N HIS A 519 43.94 26.63 -4.73
CA HIS A 519 42.73 26.17 -5.42
C HIS A 519 43.03 24.98 -6.32
N ALA A 520 44.24 24.90 -6.87
CA ALA A 520 44.58 23.80 -7.75
C ALA A 520 44.57 22.48 -6.96
N PRO A 521 44.32 21.36 -7.63
CA PRO A 521 44.27 20.08 -6.92
C PRO A 521 45.59 19.80 -6.20
N ALA A 522 45.48 19.24 -5.00
CA ALA A 522 46.66 18.97 -4.19
C ALA A 522 47.26 17.63 -4.55
N THR A 523 48.60 17.58 -4.61
CA THR A 523 49.33 16.36 -4.92
C THR A 523 49.92 15.70 -3.68
N VAL A 524 50.39 16.49 -2.72
CA VAL A 524 50.92 15.95 -1.46
C VAL A 524 49.75 15.93 -0.49
N CYS A 525 49.13 14.76 -0.35
CA CYS A 525 47.94 14.59 0.46
C CYS A 525 48.12 13.48 1.48
N GLY A 526 47.62 13.73 2.69
CA GLY A 526 47.58 12.71 3.72
C GLY A 526 46.18 12.13 3.84
N PRO A 527 46.11 10.80 3.98
CA PRO A 527 44.80 10.15 4.00
C PRO A 527 44.01 10.48 5.26
N LYS A 528 42.69 10.37 5.13
CA LYS A 528 41.78 10.58 6.25
C LYS A 528 41.82 9.36 7.18
N LYS A 529 40.93 9.36 8.17
CA LYS A 529 40.96 8.33 9.20
C LYS A 529 40.80 6.94 8.59
N SER A 530 41.87 6.16 8.65
CA SER A 530 41.90 4.80 8.11
C SER A 530 42.35 3.86 9.22
N THR A 531 41.45 2.99 9.66
CA THR A 531 41.75 2.05 10.73
C THR A 531 42.37 0.77 10.17
N ASN A 532 42.85 -0.08 11.08
CA ASN A 532 43.44 -1.35 10.70
C ASN A 532 42.35 -2.34 10.29
N LEU A 533 42.73 -3.29 9.45
CA LEU A 533 41.79 -4.26 8.90
C LEU A 533 41.56 -5.40 9.87
N VAL A 534 40.30 -5.83 9.98
CA VAL A 534 39.91 -6.94 10.84
C VAL A 534 39.15 -7.94 9.99
N LYS A 535 39.49 -9.23 10.12
CA LYS A 535 38.91 -10.28 9.31
C LYS A 535 38.24 -11.32 10.21
N ASN A 536 37.30 -12.05 9.62
CA ASN A 536 36.57 -13.11 10.32
C ASN A 536 35.91 -12.57 11.59
N LYS A 537 35.35 -11.37 11.49
CA LYS A 537 34.74 -10.72 12.64
C LYS A 537 33.74 -9.69 12.15
N CYS A 538 32.47 -9.87 12.52
CA CYS A 538 31.43 -8.95 12.10
C CYS A 538 31.77 -7.54 12.54
N VAL A 539 31.64 -6.58 11.62
CA VAL A 539 31.97 -5.19 11.91
C VAL A 539 31.35 -4.31 10.83
N ASN A 540 31.13 -3.04 11.16
CA ASN A 540 30.55 -2.07 10.23
C ASN A 540 31.71 -1.38 9.50
N PHE A 541 31.83 -1.66 8.20
CA PHE A 541 32.93 -1.15 7.40
C PHE A 541 32.46 -0.02 6.49
N ASN A 542 33.40 0.85 6.13
CA ASN A 542 33.15 1.97 5.21
C ASN A 542 34.32 2.01 4.22
N PHE A 543 34.09 1.46 3.03
CA PHE A 543 35.12 1.38 1.99
C PHE A 543 34.84 2.46 0.95
N ASN A 544 35.61 3.55 1.01
CA ASN A 544 35.52 4.63 0.02
C ASN A 544 34.08 5.10 -0.16
N GLY A 545 33.41 5.34 0.96
CA GLY A 545 32.04 5.81 0.96
C GLY A 545 30.98 4.74 0.91
N LEU A 546 31.36 3.47 0.76
CA LEU A 546 30.41 2.37 0.75
C LEU A 546 30.24 1.87 2.18
N THR A 547 29.09 2.19 2.80
CA THR A 547 28.80 1.78 4.16
C THR A 547 28.11 0.42 4.14
N GLY A 548 28.67 -0.53 4.89
CA GLY A 548 28.10 -1.86 4.95
C GLY A 548 28.47 -2.55 6.25
N THR A 549 27.68 -3.57 6.58
CA THR A 549 27.89 -4.36 7.79
C THR A 549 28.01 -5.83 7.39
N GLY A 550 29.13 -6.44 7.70
CA GLY A 550 29.34 -7.83 7.33
C GLY A 550 30.63 -8.36 7.92
N VAL A 551 31.04 -9.51 7.42
CA VAL A 551 32.25 -10.20 7.87
C VAL A 551 33.23 -10.23 6.71
N LEU A 552 34.42 -9.68 6.92
CA LEU A 552 35.46 -9.68 5.91
C LEU A 552 36.32 -10.93 6.07
N THR A 553 36.48 -11.68 4.97
CA THR A 553 37.22 -12.93 4.99
C THR A 553 38.06 -13.05 3.73
N GLU A 554 39.04 -13.95 3.77
CA GLU A 554 39.87 -14.20 2.60
C GLU A 554 39.00 -14.77 1.48
N SER A 555 39.33 -14.37 0.24
CA SER A 555 38.55 -14.75 -0.92
C SER A 555 39.48 -15.26 -2.02
N ASN A 556 38.96 -16.18 -2.83
CA ASN A 556 39.67 -16.71 -3.99
C ASN A 556 39.21 -16.07 -5.30
N LYS A 557 38.25 -15.15 -5.25
CA LYS A 557 37.81 -14.49 -6.47
C LYS A 557 38.94 -13.62 -7.03
N LYS A 558 39.02 -13.56 -8.35
CA LYS A 558 40.07 -12.82 -9.05
C LYS A 558 39.43 -11.63 -9.75
N PHE A 559 39.58 -10.45 -9.17
CA PHE A 559 39.10 -9.23 -9.80
C PHE A 559 40.04 -8.82 -10.93
N LEU A 560 39.74 -7.69 -11.55
CA LEU A 560 40.58 -7.08 -12.55
C LEU A 560 41.25 -5.82 -11.99
N PRO A 561 42.34 -5.37 -12.60
CA PRO A 561 43.07 -4.22 -12.03
C PRO A 561 42.19 -2.99 -11.87
N PHE A 562 41.22 -2.79 -12.75
CA PHE A 562 40.34 -1.63 -12.69
C PHE A 562 39.07 -1.87 -11.87
N GLN A 563 38.89 -3.09 -11.34
CA GLN A 563 37.68 -3.45 -10.61
C GLN A 563 37.93 -3.36 -9.11
N GLN A 564 37.02 -2.69 -8.40
CA GLN A 564 37.09 -2.55 -6.96
C GLN A 564 35.94 -3.25 -6.24
N PHE A 565 34.70 -3.01 -6.67
CA PHE A 565 33.54 -3.56 -6.00
C PHE A 565 33.24 -4.97 -6.51
N GLY A 566 32.28 -5.62 -5.85
CA GLY A 566 31.82 -6.93 -6.26
C GLY A 566 30.34 -7.09 -6.02
N ARG A 567 29.62 -7.65 -6.99
CA ARG A 567 28.16 -7.75 -6.92
C ARG A 567 27.72 -9.13 -7.36
N ASP A 568 26.47 -9.46 -7.02
CA ASP A 568 25.85 -10.73 -7.34
C ASP A 568 24.64 -10.49 -8.22
N ILE A 569 23.85 -11.54 -8.44
CA ILE A 569 22.69 -11.44 -9.33
C ILE A 569 21.71 -10.40 -8.79
N ALA A 570 21.56 -10.34 -7.47
CA ALA A 570 20.64 -9.38 -6.85
C ALA A 570 21.24 -7.97 -6.74
N ASP A 571 22.44 -7.75 -7.28
CA ASP A 571 23.10 -6.45 -7.23
C ASP A 571 23.31 -6.00 -5.79
N THR A 572 23.95 -6.87 -5.02
CA THR A 572 24.32 -6.59 -3.64
C THR A 572 25.82 -6.79 -3.47
N THR A 573 26.44 -5.92 -2.68
CA THR A 573 27.89 -5.98 -2.50
C THR A 573 28.30 -7.36 -2.00
N ASP A 574 29.10 -8.05 -2.80
CA ASP A 574 29.56 -9.40 -2.49
C ASP A 574 31.03 -9.47 -2.11
N ALA A 575 31.89 -8.70 -2.79
CA ALA A 575 33.31 -8.68 -2.48
C ALA A 575 33.84 -7.28 -2.69
N VAL A 576 34.93 -6.95 -1.99
CA VAL A 576 35.53 -5.64 -2.04
C VAL A 576 37.05 -5.78 -2.03
N ARG A 577 37.72 -4.87 -2.73
CA ARG A 577 39.17 -4.78 -2.74
C ARG A 577 39.62 -3.66 -1.82
N ASP A 578 40.54 -3.96 -0.92
CA ASP A 578 41.04 -2.95 0.00
C ASP A 578 41.87 -1.93 -0.76
N PRO A 579 41.49 -0.64 -0.77
CA PRO A 579 42.26 0.33 -1.55
C PRO A 579 43.70 0.49 -1.09
N GLN A 580 43.97 0.39 0.22
CA GLN A 580 45.32 0.58 0.72
C GLN A 580 46.26 -0.51 0.20
N THR A 581 45.87 -1.77 0.35
CA THR A 581 46.63 -2.90 -0.15
C THR A 581 45.71 -3.77 -0.98
N LEU A 582 46.17 -4.18 -2.16
CA LEU A 582 45.31 -4.83 -3.15
C LEU A 582 45.13 -6.30 -2.78
N GLU A 583 43.97 -6.62 -2.23
CA GLU A 583 43.53 -8.00 -2.05
C GLU A 583 42.02 -7.99 -1.95
N ILE A 584 41.41 -9.14 -2.21
CA ILE A 584 39.95 -9.26 -2.35
C ILE A 584 39.40 -9.92 -1.10
N LEU A 585 38.39 -9.30 -0.49
CA LEU A 585 37.74 -9.81 0.71
C LEU A 585 36.25 -9.95 0.44
N ASP A 586 35.68 -11.08 0.87
CA ASP A 586 34.26 -11.33 0.68
C ASP A 586 33.44 -10.59 1.73
N ILE A 587 32.15 -10.43 1.44
CA ILE A 587 31.20 -9.77 2.33
C ILE A 587 30.06 -10.76 2.59
N THR A 588 29.71 -10.92 3.87
CA THR A 588 28.70 -11.88 4.28
C THR A 588 27.75 -11.21 5.27
N PRO A 589 26.48 -11.60 5.28
CA PRO A 589 25.56 -11.11 6.31
C PRO A 589 26.09 -11.43 7.70
N CYS A 590 25.45 -10.83 8.71
CA CYS A 590 26.02 -10.91 10.05
C CYS A 590 25.68 -12.23 10.74
N SER A 591 24.42 -12.39 11.15
CA SER A 591 23.94 -13.71 11.57
C SER A 591 22.54 -14.00 11.04
N PHE A 592 21.67 -12.99 11.07
CA PHE A 592 20.24 -13.17 10.84
C PHE A 592 19.78 -14.37 11.65
N GLY A 593 18.74 -15.07 11.19
CA GLY A 593 18.24 -16.24 11.90
C GLY A 593 17.30 -15.87 13.02
N GLY A 594 16.47 -16.85 13.41
CA GLY A 594 15.54 -16.69 14.50
C GLY A 594 15.90 -17.57 15.69
N VAL A 595 15.02 -17.50 16.69
CA VAL A 595 15.17 -18.28 17.92
C VAL A 595 13.87 -19.05 18.13
N SER A 596 13.99 -20.37 18.27
CA SER A 596 12.85 -21.24 18.54
C SER A 596 13.07 -21.98 19.85
N VAL A 597 12.02 -22.06 20.65
CA VAL A 597 12.07 -22.68 21.97
C VAL A 597 11.44 -24.06 21.84
N ILE A 598 12.28 -25.09 21.70
CA ILE A 598 11.79 -26.46 21.70
C ILE A 598 11.47 -26.87 23.14
N THR A 599 10.25 -27.37 23.34
CA THR A 599 9.81 -27.71 24.69
C THR A 599 8.70 -28.73 24.64
N PRO A 600 8.67 -29.71 25.54
CA PRO A 600 7.45 -30.49 25.73
C PRO A 600 6.39 -29.63 26.42
N GLY A 601 5.22 -30.20 26.69
CA GLY A 601 4.20 -29.44 27.39
C GLY A 601 4.67 -29.03 28.77
N THR A 602 4.24 -27.85 29.21
CA THR A 602 4.53 -27.42 30.57
C THR A 602 4.07 -28.47 31.57
N ASN A 603 2.89 -29.04 31.34
CA ASN A 603 2.54 -30.29 31.99
C ASN A 603 3.51 -31.37 31.53
N THR A 604 4.05 -32.12 32.49
CA THR A 604 5.16 -33.06 32.31
C THR A 604 6.44 -32.46 32.89
N SER A 605 6.97 -31.42 32.24
CA SER A 605 8.18 -30.76 32.72
C SER A 605 8.24 -29.36 32.14
N ASN A 606 9.01 -28.51 32.82
CA ASN A 606 9.26 -27.15 32.36
C ASN A 606 10.60 -27.00 31.65
N GLN A 607 11.36 -28.08 31.50
CA GLN A 607 12.64 -28.01 30.81
C GLN A 607 12.42 -27.74 29.33
N VAL A 608 13.28 -26.91 28.74
CA VAL A 608 13.14 -26.47 27.37
C VAL A 608 14.52 -26.49 26.70
N ALA A 609 14.49 -26.39 25.37
CA ALA A 609 15.70 -26.27 24.56
C ALA A 609 15.51 -25.15 23.56
N VAL A 610 16.63 -24.53 23.16
CA VAL A 610 16.63 -23.37 22.29
C VAL A 610 17.33 -23.72 20.99
N LEU A 611 16.76 -23.28 19.87
CA LEU A 611 17.31 -23.50 18.54
C LEU A 611 17.56 -22.16 17.88
N TYR A 612 18.78 -21.96 17.41
CA TYR A 612 19.16 -20.75 16.66
C TYR A 612 19.41 -21.15 15.21
N GLN A 613 18.53 -20.71 14.31
CA GLN A 613 18.58 -21.15 12.93
C GLN A 613 19.77 -20.53 12.19
N ASP A 614 20.50 -21.37 11.47
CA ASP A 614 21.52 -20.93 10.51
C ASP A 614 22.61 -20.09 11.19
N VAL A 615 23.23 -20.68 12.20
CA VAL A 615 24.39 -20.06 12.87
C VAL A 615 25.25 -21.16 13.44
N ASN A 616 26.57 -20.95 13.41
CA ASN A 616 27.47 -21.83 14.12
C ASN A 616 27.25 -21.69 15.62
N CYS A 617 27.52 -22.77 16.35
CA CYS A 617 27.23 -22.78 17.78
C CYS A 617 28.17 -21.89 18.58
N THR A 618 29.10 -21.17 17.96
CA THR A 618 30.00 -20.27 18.67
C THR A 618 29.46 -18.85 18.79
N GLU A 619 28.54 -18.44 17.91
CA GLU A 619 28.01 -17.09 17.91
C GLU A 619 26.79 -16.92 18.80
N VAL A 620 26.31 -17.99 19.43
CA VAL A 620 25.11 -17.88 20.26
C VAL A 620 25.28 -16.86 21.38
N PRO A 621 26.38 -16.86 22.15
CA PRO A 621 26.50 -15.87 23.23
C PRO A 621 26.74 -14.44 22.75
N VAL A 622 27.08 -14.26 21.47
CA VAL A 622 27.33 -12.92 20.95
C VAL A 622 26.05 -12.23 20.47
N ALA A 623 24.97 -12.98 20.27
CA ALA A 623 23.73 -12.41 19.76
C ALA A 623 22.99 -11.64 20.86
N ILE A 624 23.60 -10.56 21.34
CA ILE A 624 22.99 -9.70 22.35
C ILE A 624 22.57 -10.54 23.54
N HIS A 625 23.39 -11.54 23.88
CA HIS A 625 23.18 -12.35 25.06
C HIS A 625 24.04 -11.81 26.21
N ALA A 626 24.06 -12.54 27.32
CA ALA A 626 24.78 -12.16 28.54
C ALA A 626 24.17 -10.94 29.22
N ASP A 627 23.01 -10.48 28.77
CA ASP A 627 22.32 -9.36 29.39
C ASP A 627 20.94 -9.71 29.92
N GLN A 628 20.47 -10.94 29.71
CA GLN A 628 19.16 -11.36 30.20
C GLN A 628 19.28 -11.69 31.69
N LEU A 629 18.24 -12.32 32.24
CA LEU A 629 18.26 -12.71 33.64
C LEU A 629 19.45 -13.63 33.91
N THR A 630 20.16 -13.37 35.01
CA THR A 630 21.41 -14.07 35.25
C THR A 630 21.27 -15.58 35.36
N PRO A 631 20.29 -16.13 36.08
CA PRO A 631 20.30 -17.57 36.38
C PRO A 631 19.49 -18.45 35.43
N THR A 632 18.84 -17.89 34.41
CA THR A 632 17.86 -18.65 33.64
C THR A 632 18.13 -18.63 32.13
N TRP A 633 18.77 -17.58 31.63
CA TRP A 633 19.02 -17.42 30.21
C TRP A 633 20.42 -17.84 29.77
N ARG A 634 21.47 -17.39 30.46
CA ARG A 634 22.81 -17.80 30.07
C ARG A 634 23.01 -19.31 30.17
N VAL A 635 22.18 -19.99 30.96
CA VAL A 635 22.24 -21.46 31.01
C VAL A 635 21.91 -22.04 29.64
N TYR A 636 20.89 -21.48 28.99
CA TYR A 636 20.54 -21.89 27.63
C TYR A 636 21.38 -21.21 26.56
N SER A 637 22.09 -20.14 26.90
CA SER A 637 22.95 -19.49 25.92
C SER A 637 24.07 -20.42 25.48
N THR A 638 24.69 -21.12 26.43
CA THR A 638 25.76 -22.06 26.14
C THR A 638 25.77 -23.10 27.26
N GLY A 639 26.79 -23.96 27.26
CA GLY A 639 26.92 -24.99 28.26
C GLY A 639 27.20 -26.35 27.64
N SER A 640 26.80 -27.41 28.33
CA SER A 640 26.98 -28.76 27.83
C SER A 640 25.89 -29.08 26.79
N ASN A 641 26.01 -30.27 26.20
CA ASN A 641 25.05 -30.77 25.22
C ASN A 641 24.66 -29.69 24.21
N VAL A 642 25.68 -29.18 23.53
CA VAL A 642 25.51 -28.23 22.44
C VAL A 642 25.65 -28.99 21.13
N PHE A 643 24.62 -28.94 20.29
CA PHE A 643 24.55 -29.72 19.06
C PHE A 643 24.44 -28.78 17.87
N GLN A 644 25.11 -29.14 16.78
CA GLN A 644 25.14 -28.34 15.55
C GLN A 644 24.31 -29.06 14.49
N THR A 645 23.01 -28.76 14.46
CA THR A 645 22.12 -29.32 13.47
C THR A 645 22.24 -28.54 12.16
N ARG A 646 21.87 -29.20 11.06
CA ARG A 646 21.86 -28.52 9.76
C ARG A 646 20.89 -27.34 9.76
N ALA A 647 19.86 -27.38 10.59
CA ALA A 647 18.88 -26.30 10.69
C ALA A 647 19.34 -25.17 11.60
N GLY A 648 20.46 -25.32 12.29
CA GLY A 648 20.96 -24.29 13.18
C GLY A 648 21.69 -24.93 14.35
N CYS A 649 21.79 -24.16 15.44
CA CYS A 649 22.45 -24.60 16.66
C CYS A 649 21.39 -24.92 17.71
N LEU A 650 21.49 -26.10 18.30
CA LEU A 650 20.56 -26.57 19.31
C LEU A 650 21.27 -26.65 20.65
N ILE A 651 20.66 -26.05 21.67
CA ILE A 651 21.22 -25.99 23.01
C ILE A 651 20.17 -26.49 23.99
N GLY A 652 20.63 -27.17 25.05
CA GLY A 652 19.73 -27.76 26.01
C GLY A 652 19.23 -29.14 25.65
N ALA A 653 19.63 -29.68 24.51
CA ALA A 653 19.23 -31.00 24.06
C ALA A 653 20.46 -31.86 23.85
N GLU A 654 20.37 -33.12 24.25
CA GLU A 654 21.48 -34.06 24.18
C GLU A 654 21.35 -34.91 22.93
N HIS A 655 22.39 -34.92 22.11
CA HIS A 655 22.40 -35.74 20.91
C HIS A 655 22.46 -37.22 21.29
N VAL A 656 21.70 -38.04 20.56
CA VAL A 656 21.59 -39.46 20.84
C VAL A 656 21.81 -40.23 19.54
N ASN A 657 22.63 -41.29 19.62
CA ASN A 657 22.87 -42.12 18.44
C ASN A 657 21.60 -42.79 17.95
N ASN A 658 20.77 -43.27 18.89
CA ASN A 658 19.56 -43.97 18.52
C ASN A 658 18.65 -43.09 17.68
N SER A 659 17.72 -43.73 16.97
CA SER A 659 16.74 -43.06 16.13
C SER A 659 15.35 -43.52 16.56
N TYR A 660 14.45 -42.57 16.76
CA TYR A 660 13.09 -42.85 17.19
C TYR A 660 12.10 -42.18 16.25
N GLU A 661 10.82 -42.46 16.46
CA GLU A 661 9.78 -41.77 15.72
C GLU A 661 9.81 -40.28 16.05
N CYS A 662 9.69 -39.45 15.01
CA CYS A 662 9.80 -38.01 15.19
C CYS A 662 8.72 -37.51 16.15
N ASP A 663 9.15 -36.83 17.22
CA ASP A 663 8.23 -36.27 18.21
C ASP A 663 8.03 -34.77 17.98
N ILE A 664 9.13 -34.01 17.99
CA ILE A 664 9.11 -32.58 17.74
C ILE A 664 9.99 -32.31 16.52
N PRO A 665 9.44 -31.80 15.42
CA PRO A 665 10.25 -31.63 14.20
C PRO A 665 11.17 -30.42 14.31
N ILE A 666 12.48 -30.67 14.27
CA ILE A 666 13.46 -29.58 14.24
C ILE A 666 13.85 -29.23 12.81
N GLY A 667 14.02 -30.24 11.96
CA GLY A 667 14.36 -30.02 10.57
C GLY A 667 15.55 -30.83 10.10
N ALA A 668 15.68 -31.01 8.79
CA ALA A 668 16.78 -31.77 8.21
C ALA A 668 16.86 -33.18 8.77
N GLY A 669 15.69 -33.78 9.00
CA GLY A 669 15.63 -35.13 9.52
C GLY A 669 15.93 -35.25 11.00
N ILE A 670 16.03 -34.14 11.73
CA ILE A 670 16.34 -34.14 13.15
C ILE A 670 15.08 -33.78 13.91
N CYS A 671 14.77 -34.58 14.94
CA CYS A 671 13.61 -34.33 15.79
C CYS A 671 14.03 -34.49 17.25
N ALA A 672 13.30 -33.81 18.13
CA ALA A 672 13.60 -33.78 19.55
C ALA A 672 12.45 -34.40 20.34
N SER A 673 12.80 -35.12 21.40
CA SER A 673 11.82 -35.73 22.30
C SER A 673 12.30 -35.55 23.73
N TYR A 674 11.34 -35.54 24.66
CA TYR A 674 11.65 -35.31 26.06
C TYR A 674 12.02 -36.58 26.81
N GLN A 675 11.49 -37.73 26.40
CA GLN A 675 11.77 -38.97 27.10
C GLN A 675 13.24 -39.36 26.94
N THR A 676 13.76 -40.05 27.95
CA THR A 676 15.15 -40.50 27.93
C THR A 676 15.44 -41.33 26.68
N SER A 689 16.37 -37.47 35.63
CA SER A 689 16.76 -38.43 34.59
C SER A 689 16.23 -37.99 33.23
N GLN A 690 14.98 -37.55 33.21
CA GLN A 690 14.37 -37.09 31.96
C GLN A 690 15.07 -35.85 31.45
N SER A 691 15.32 -35.81 30.14
CA SER A 691 15.96 -34.66 29.52
C SER A 691 15.59 -34.64 28.04
N ILE A 692 15.73 -33.46 27.44
CA ILE A 692 15.43 -33.29 26.02
C ILE A 692 16.58 -33.88 25.21
N ILE A 693 16.24 -34.71 24.22
CA ILE A 693 17.22 -35.40 23.40
C ILE A 693 16.91 -35.11 21.93
N ALA A 694 17.96 -34.84 21.16
CA ALA A 694 17.86 -34.63 19.73
C ALA A 694 18.43 -35.84 18.99
N TYR A 695 17.70 -36.29 17.98
CA TYR A 695 18.06 -37.51 17.27
C TYR A 695 17.64 -37.39 15.82
N THR A 696 18.08 -38.35 15.01
CA THR A 696 17.65 -38.48 13.63
C THR A 696 16.42 -39.37 13.59
N MET A 697 15.29 -38.81 13.17
CA MET A 697 14.03 -39.54 13.20
C MET A 697 14.11 -40.79 12.33
N SER A 698 13.47 -41.86 12.80
CA SER A 698 13.43 -43.12 12.09
C SER A 698 12.15 -43.20 11.26
N LEU A 699 12.29 -43.52 9.98
CA LEU A 699 11.16 -43.57 9.07
C LEU A 699 10.44 -44.90 9.15
N GLY A 700 9.97 -45.27 10.35
CA GLY A 700 9.22 -46.49 10.54
C GLY A 700 10.11 -47.68 10.87
N ALA A 701 9.45 -48.78 11.22
CA ALA A 701 10.14 -50.00 11.59
C ALA A 701 10.60 -50.77 10.35
N GLU A 702 11.81 -51.31 10.42
CA GLU A 702 12.35 -52.07 9.31
C GLU A 702 11.59 -53.39 9.15
N ASN A 703 11.43 -53.82 7.90
CA ASN A 703 10.75 -55.06 7.60
C ASN A 703 11.29 -55.61 6.28
N SER A 704 11.13 -56.92 6.11
CA SER A 704 11.58 -57.59 4.88
C SER A 704 10.67 -58.79 4.65
N VAL A 705 9.76 -58.66 3.67
CA VAL A 705 8.82 -59.75 3.40
C VAL A 705 9.57 -60.96 2.88
N ALA A 706 9.18 -62.14 3.36
CA ALA A 706 9.79 -63.40 2.94
C ALA A 706 9.24 -63.74 1.56
N TYR A 707 9.93 -63.26 0.53
CA TYR A 707 9.50 -63.43 -0.85
C TYR A 707 10.24 -64.60 -1.48
N SER A 708 9.49 -65.49 -2.12
CA SER A 708 10.04 -66.56 -2.95
C SER A 708 9.11 -66.78 -4.12
N ASN A 709 9.59 -67.53 -5.11
CA ASN A 709 8.84 -67.72 -6.35
C ASN A 709 7.68 -68.70 -6.19
N ASN A 710 7.54 -69.37 -5.05
CA ASN A 710 6.46 -70.32 -4.86
C ASN A 710 5.85 -70.25 -3.46
N SER A 711 5.98 -69.13 -2.76
CA SER A 711 5.43 -68.96 -1.42
C SER A 711 4.37 -67.86 -1.45
N ILE A 712 3.23 -68.13 -0.82
CA ILE A 712 2.14 -67.17 -0.70
C ILE A 712 1.66 -67.15 0.74
N ALA A 713 1.08 -66.02 1.13
CA ALA A 713 0.53 -65.83 2.47
C ALA A 713 -0.97 -65.53 2.35
N ILE A 714 -1.80 -66.47 2.78
CA ILE A 714 -3.25 -66.34 2.74
C ILE A 714 -3.73 -66.09 4.16
N PRO A 715 -4.37 -64.96 4.45
CA PRO A 715 -4.82 -64.71 5.82
C PRO A 715 -5.84 -65.73 6.29
N THR A 716 -5.77 -66.06 7.57
CA THR A 716 -6.69 -67.02 8.19
C THR A 716 -7.73 -66.35 9.08
N ASN A 717 -7.59 -65.06 9.36
CA ASN A 717 -8.53 -64.35 10.23
C ASN A 717 -8.61 -62.91 9.76
N PHE A 718 -9.60 -62.19 10.30
CA PHE A 718 -9.86 -60.82 9.89
C PHE A 718 -10.24 -59.99 11.11
N THR A 719 -10.07 -58.67 10.96
CA THR A 719 -10.48 -57.71 11.97
C THR A 719 -11.29 -56.60 11.32
N ILE A 720 -12.38 -56.20 11.98
CA ILE A 720 -13.23 -55.12 11.52
C ILE A 720 -12.75 -53.86 12.23
N SER A 721 -12.01 -53.03 11.51
CA SER A 721 -11.41 -51.82 12.07
C SER A 721 -12.22 -50.60 11.66
N VAL A 722 -12.63 -49.80 12.63
CA VAL A 722 -13.31 -48.54 12.40
C VAL A 722 -12.29 -47.42 12.60
N THR A 723 -12.29 -46.46 11.67
CA THR A 723 -11.35 -45.34 11.71
C THR A 723 -12.13 -44.03 11.57
N THR A 724 -11.61 -42.99 12.20
CA THR A 724 -12.26 -41.68 12.23
C THR A 724 -11.52 -40.72 11.31
N GLU A 725 -12.30 -40.00 10.50
CA GLU A 725 -11.77 -38.98 9.60
C GLU A 725 -12.54 -37.69 9.83
N ILE A 726 -11.80 -36.59 10.04
CA ILE A 726 -12.38 -35.29 10.31
C ILE A 726 -12.16 -34.40 9.11
N LEU A 727 -13.22 -33.75 8.64
CA LEU A 727 -13.15 -32.89 7.47
C LEU A 727 -13.93 -31.60 7.70
N PRO A 728 -13.27 -30.44 7.74
CA PRO A 728 -14.03 -29.19 7.82
C PRO A 728 -14.95 -29.04 6.61
N VAL A 729 -16.14 -28.51 6.85
CA VAL A 729 -17.15 -28.36 5.81
C VAL A 729 -17.48 -26.90 5.59
N SER A 730 -17.30 -26.08 6.63
CA SER A 730 -17.60 -24.67 6.52
C SER A 730 -16.81 -23.88 7.55
N MET A 731 -16.62 -22.60 7.26
CA MET A 731 -16.04 -21.62 8.16
C MET A 731 -17.09 -20.59 8.54
N THR A 732 -16.87 -19.95 9.68
CA THR A 732 -17.83 -18.97 10.18
C THR A 732 -18.10 -17.91 9.13
N LYS A 733 -19.38 -17.67 8.85
CA LYS A 733 -19.81 -16.76 7.79
C LYS A 733 -20.03 -15.38 8.40
N THR A 734 -19.00 -14.55 8.34
CA THR A 734 -19.03 -13.21 8.92
C THR A 734 -19.18 -12.15 7.84
N SER A 735 -19.65 -10.98 8.25
CA SER A 735 -19.80 -9.84 7.37
C SER A 735 -19.21 -8.61 8.05
N VAL A 736 -18.57 -7.75 7.27
CA VAL A 736 -17.92 -6.55 7.78
C VAL A 736 -18.44 -5.36 7.00
N ASP A 737 -18.88 -4.33 7.73
CA ASP A 737 -19.35 -3.09 7.10
C ASP A 737 -18.14 -2.20 6.88
N CYS A 738 -17.71 -2.10 5.61
CA CYS A 738 -16.49 -1.37 5.30
C CYS A 738 -16.60 0.10 5.70
N THR A 739 -17.71 0.74 5.36
CA THR A 739 -17.87 2.16 5.68
C THR A 739 -17.84 2.37 7.19
N MET A 740 -18.55 1.53 7.95
CA MET A 740 -18.54 1.64 9.40
C MET A 740 -17.18 1.32 9.98
N TYR A 741 -16.51 0.28 9.48
CA TYR A 741 -15.22 -0.11 10.04
C TYR A 741 -14.18 0.98 9.82
N ILE A 742 -14.07 1.49 8.59
CA ILE A 742 -13.09 2.53 8.30
C ILE A 742 -13.43 3.80 9.07
N CYS A 743 -14.70 4.18 9.07
CA CYS A 743 -15.16 5.44 9.65
C CYS A 743 -16.23 5.14 10.69
N GLY A 744 -15.99 5.57 11.93
CA GLY A 744 -16.95 5.39 12.99
C GLY A 744 -17.80 6.61 13.25
N ASP A 745 -19.03 6.61 12.76
CA ASP A 745 -19.98 7.72 12.92
C ASP A 745 -19.27 9.07 12.73
N SER A 746 -18.52 9.17 11.64
CA SER A 746 -17.80 10.39 11.29
C SER A 746 -18.19 10.78 9.87
N THR A 747 -18.96 11.86 9.75
CA THR A 747 -19.40 12.31 8.42
C THR A 747 -18.21 12.71 7.55
N GLU A 748 -17.25 13.42 8.13
CA GLU A 748 -16.07 13.84 7.37
C GLU A 748 -15.29 12.62 6.86
N CYS A 749 -15.11 11.63 7.73
CA CYS A 749 -14.39 10.43 7.33
C CYS A 749 -15.14 9.69 6.22
N SER A 750 -16.47 9.60 6.33
CA SER A 750 -17.25 8.94 5.30
C SER A 750 -17.13 9.67 3.96
N ASN A 751 -17.20 11.01 4.00
CA ASN A 751 -17.05 11.78 2.77
C ASN A 751 -15.67 11.55 2.15
N LEU A 752 -14.62 11.53 2.98
CA LEU A 752 -13.28 11.28 2.45
C LEU A 752 -13.17 9.88 1.86
N LEU A 753 -13.76 8.89 2.53
CA LEU A 753 -13.72 7.53 2.02
C LEU A 753 -14.47 7.40 0.69
N LEU A 754 -15.53 8.19 0.52
CA LEU A 754 -16.25 8.16 -0.75
C LEU A 754 -15.33 8.46 -1.92
N GLN A 755 -14.28 9.26 -1.69
CA GLN A 755 -13.37 9.61 -2.77
C GLN A 755 -12.50 8.44 -3.22
N TYR A 756 -12.43 7.37 -2.44
CA TYR A 756 -11.55 6.25 -2.74
C TYR A 756 -12.19 5.24 -3.71
N GLY A 757 -13.34 5.56 -4.28
CA GLY A 757 -13.93 4.71 -5.30
C GLY A 757 -14.95 3.76 -4.72
N SER A 758 -14.83 2.48 -5.07
CA SER A 758 -15.81 1.46 -4.72
C SER A 758 -15.16 0.26 -4.03
N PHE A 759 -14.11 0.50 -3.24
CA PHE A 759 -13.45 -0.60 -2.54
C PHE A 759 -14.40 -1.28 -1.56
N CYS A 760 -15.19 -0.49 -0.83
CA CYS A 760 -16.07 -1.06 0.18
C CYS A 760 -17.09 -1.99 -0.45
N THR A 761 -17.63 -1.62 -1.61
CA THR A 761 -18.59 -2.49 -2.29
C THR A 761 -17.94 -3.82 -2.67
N GLN A 762 -16.71 -3.77 -3.18
CA GLN A 762 -16.01 -5.01 -3.53
C GLN A 762 -15.80 -5.89 -2.30
N LEU A 763 -15.38 -5.29 -1.18
CA LEU A 763 -15.15 -6.07 0.03
C LEU A 763 -16.45 -6.70 0.53
N ASN A 764 -17.53 -5.94 0.55
CA ASN A 764 -18.82 -6.48 0.99
C ASN A 764 -19.28 -7.60 0.07
N ARG A 765 -19.12 -7.41 -1.24
CA ARG A 765 -19.50 -8.46 -2.19
C ARG A 765 -18.70 -9.73 -1.97
N ALA A 766 -17.39 -9.58 -1.73
CA ALA A 766 -16.56 -10.75 -1.48
C ALA A 766 -17.00 -11.48 -0.22
N LEU A 767 -17.29 -10.73 0.85
CA LEU A 767 -17.73 -11.39 2.09
C LEU A 767 -19.07 -12.09 1.91
N THR A 768 -20.00 -11.45 1.20
CA THR A 768 -21.30 -12.09 0.95
C THR A 768 -21.12 -13.35 0.11
N GLY A 769 -20.26 -13.29 -0.90
CA GLY A 769 -19.98 -14.46 -1.71
C GLY A 769 -19.39 -15.59 -0.89
N ILE A 770 -18.50 -15.25 0.05
CA ILE A 770 -17.94 -16.27 0.94
C ILE A 770 -19.05 -16.91 1.78
N ALA A 771 -19.94 -16.09 2.33
CA ALA A 771 -21.03 -16.62 3.15
C ALA A 771 -21.92 -17.57 2.33
N VAL A 772 -22.26 -17.17 1.11
CA VAL A 772 -23.08 -18.01 0.25
C VAL A 772 -22.34 -19.29 -0.11
N GLU A 773 -21.03 -19.18 -0.34
CA GLU A 773 -20.24 -20.38 -0.60
C GLU A 773 -20.27 -21.32 0.59
N GLN A 774 -20.26 -20.78 1.81
CA GLN A 774 -20.25 -21.63 2.99
C GLN A 774 -21.57 -22.37 3.17
N ASP A 775 -22.69 -21.65 3.07
CA ASP A 775 -23.96 -22.37 3.26
C ASP A 775 -24.21 -23.33 2.09
N LYS A 776 -23.73 -22.99 0.89
CA LYS A 776 -23.79 -23.93 -0.22
C LYS A 776 -22.95 -25.18 0.06
N ASN A 777 -21.77 -25.00 0.64
CA ASN A 777 -20.93 -26.14 0.99
C ASN A 777 -21.63 -27.05 1.99
N THR A 778 -22.24 -26.45 3.01
CA THR A 778 -22.95 -27.26 3.99
C THR A 778 -24.09 -28.03 3.33
N GLN A 779 -24.87 -27.35 2.48
CA GLN A 779 -25.97 -28.01 1.79
C GLN A 779 -25.48 -29.17 0.94
N GLU A 780 -24.41 -28.95 0.16
CA GLU A 780 -23.90 -30.01 -0.70
C GLU A 780 -23.40 -31.19 0.12
N VAL A 781 -22.68 -30.93 1.21
CA VAL A 781 -22.12 -32.03 1.99
C VAL A 781 -23.22 -32.84 2.65
N PHE A 782 -24.23 -32.16 3.22
CA PHE A 782 -25.21 -32.87 4.04
C PHE A 782 -26.54 -33.12 3.33
N ALA A 783 -26.94 -32.28 2.38
CA ALA A 783 -28.22 -32.46 1.70
C ALA A 783 -28.06 -33.36 0.48
N GLN A 784 -27.64 -34.59 0.72
CA GLN A 784 -27.45 -35.59 -0.31
C GLN A 784 -28.53 -36.66 -0.33
N VAL A 785 -29.49 -36.60 0.59
CA VAL A 785 -30.57 -37.58 0.68
C VAL A 785 -31.88 -36.88 0.39
N LYS A 786 -32.67 -37.44 -0.53
CA LYS A 786 -33.91 -36.81 -0.94
C LYS A 786 -35.01 -36.98 0.11
N GLN A 787 -35.07 -38.14 0.76
CA GLN A 787 -36.06 -38.41 1.80
C GLN A 787 -35.39 -38.55 3.15
N ILE A 788 -36.19 -38.41 4.20
CA ILE A 788 -35.71 -38.51 5.58
C ILE A 788 -36.11 -39.90 6.07
N TYR A 789 -35.17 -40.84 5.97
CA TYR A 789 -35.39 -42.19 6.45
C TYR A 789 -35.17 -42.26 7.96
N LYS A 790 -35.75 -43.29 8.58
CA LYS A 790 -35.54 -43.56 9.99
C LYS A 790 -35.43 -45.07 10.20
N THR A 791 -34.73 -45.44 11.26
CA THR A 791 -34.58 -46.85 11.60
C THR A 791 -35.88 -47.38 12.19
N PRO A 792 -36.09 -48.69 12.14
CA PRO A 792 -37.31 -49.26 12.72
C PRO A 792 -37.32 -49.12 14.22
N PRO A 793 -38.50 -49.14 14.86
CA PRO A 793 -38.54 -48.95 16.31
C PRO A 793 -37.70 -49.95 17.08
N ILE A 794 -37.62 -51.19 16.59
CA ILE A 794 -36.84 -52.24 17.24
C ILE A 794 -35.51 -52.38 16.50
N LYS A 795 -34.41 -52.43 17.26
CA LYS A 795 -33.06 -52.53 16.71
C LYS A 795 -32.65 -54.00 16.73
N ASP A 796 -33.01 -54.73 15.68
CA ASP A 796 -32.64 -56.13 15.49
C ASP A 796 -31.88 -56.23 14.18
N PHE A 797 -30.57 -56.02 14.24
CA PHE A 797 -29.71 -56.00 13.06
C PHE A 797 -28.72 -57.17 13.05
N GLY A 798 -29.16 -58.34 13.56
CA GLY A 798 -28.30 -59.50 13.58
C GLY A 798 -27.09 -59.36 14.46
N GLY A 799 -27.22 -58.70 15.61
CA GLY A 799 -26.15 -58.53 16.55
C GLY A 799 -25.41 -57.21 16.43
N PHE A 800 -25.52 -56.53 15.30
CA PHE A 800 -24.87 -55.23 15.14
C PHE A 800 -25.63 -54.17 15.93
N ASN A 801 -24.88 -53.33 16.65
CA ASN A 801 -25.45 -52.30 17.51
C ASN A 801 -24.94 -50.95 17.06
N PHE A 802 -25.87 -50.07 16.64
CA PHE A 802 -25.55 -48.73 16.17
C PHE A 802 -25.98 -47.66 17.15
N SER A 803 -26.22 -48.02 18.41
CA SER A 803 -26.69 -47.04 19.39
C SER A 803 -25.74 -45.86 19.52
N GLN A 804 -24.44 -46.11 19.35
CA GLN A 804 -23.46 -45.03 19.50
C GLN A 804 -23.59 -43.99 18.39
N ILE A 805 -24.08 -44.38 17.22
CA ILE A 805 -24.17 -43.47 16.07
C ILE A 805 -25.60 -43.10 15.73
N LEU A 806 -26.60 -43.81 16.23
CA LEU A 806 -27.98 -43.46 15.96
C LEU A 806 -28.44 -42.34 16.88
N PRO A 807 -29.50 -41.62 16.50
CA PRO A 807 -29.99 -40.54 17.36
C PRO A 807 -30.43 -41.05 18.72
N ASP A 808 -30.22 -40.22 19.74
CA ASP A 808 -30.60 -40.56 21.11
C ASP A 808 -31.83 -39.76 21.51
N PRO A 809 -33.02 -40.37 21.59
CA PRO A 809 -34.20 -39.60 22.00
C PRO A 809 -34.08 -39.00 23.38
N SER A 810 -33.32 -39.64 24.28
CA SER A 810 -33.23 -39.14 25.65
C SER A 810 -32.68 -37.73 25.71
N LYS A 811 -31.63 -37.45 24.93
CA LYS A 811 -31.04 -36.12 24.94
C LYS A 811 -32.02 -35.09 24.40
N PRO A 812 -31.95 -33.85 24.89
CA PRO A 812 -32.86 -32.82 24.36
C PRO A 812 -32.70 -32.60 22.87
N SER A 813 -31.47 -32.71 22.36
CA SER A 813 -31.20 -32.60 20.93
C SER A 813 -31.10 -34.00 20.35
N LYS A 814 -31.82 -34.24 19.26
CA LYS A 814 -31.85 -35.56 18.64
C LYS A 814 -30.56 -35.83 17.88
N ARG A 815 -29.48 -36.08 18.61
CA ARG A 815 -28.18 -36.37 18.03
C ARG A 815 -27.56 -37.58 18.73
N SER A 816 -26.71 -38.28 18.01
CA SER A 816 -26.13 -39.52 18.52
C SER A 816 -25.14 -39.22 19.64
N PHE A 817 -24.68 -40.30 20.28
CA PHE A 817 -23.74 -40.16 21.39
C PHE A 817 -22.41 -39.57 20.91
N ILE A 818 -21.88 -40.10 19.81
CA ILE A 818 -20.63 -39.58 19.27
C ILE A 818 -20.82 -38.16 18.76
N GLU A 819 -21.97 -37.88 18.15
CA GLU A 819 -22.26 -36.51 17.71
C GLU A 819 -22.30 -35.56 18.89
N ASP A 820 -22.93 -35.97 19.99
CA ASP A 820 -22.95 -35.12 21.19
C ASP A 820 -21.55 -34.91 21.73
N LEU A 821 -20.73 -35.96 21.75
CA LEU A 821 -19.36 -35.83 22.22
C LEU A 821 -18.59 -34.83 21.37
N LEU A 822 -18.73 -34.94 20.04
CA LEU A 822 -18.05 -34.01 19.14
C LEU A 822 -18.52 -32.58 19.37
N PHE A 823 -19.84 -32.39 19.51
CA PHE A 823 -20.37 -31.06 19.70
C PHE A 823 -19.87 -30.44 21.01
N ASN A 824 -19.86 -31.22 22.09
CA ASN A 824 -19.39 -30.69 23.37
C ASN A 824 -17.88 -30.47 23.37
N LYS A 825 -17.13 -31.27 22.62
CA LYS A 825 -15.68 -31.22 22.64
C LYS A 825 -15.11 -30.00 21.94
N VAL A 826 -15.89 -29.30 21.13
CA VAL A 826 -15.43 -28.14 20.39
C VAL A 826 -16.03 -26.89 21.03
N THR A 827 -15.17 -25.94 21.37
CA THR A 827 -15.60 -24.69 22.00
C THR A 827 -14.79 -23.51 21.48
N LEU A 849 -18.63 -13.51 22.14
CA LEU A 849 -17.65 -12.57 21.62
C LEU A 849 -18.18 -11.83 20.38
N ILE A 850 -19.36 -12.26 19.91
CA ILE A 850 -19.95 -11.61 18.73
C ILE A 850 -20.27 -10.16 19.03
N CYS A 851 -21.16 -9.93 20.00
CA CYS A 851 -21.51 -8.56 20.36
C CYS A 851 -20.34 -7.82 20.99
N ALA A 852 -19.45 -8.55 21.68
CA ALA A 852 -18.29 -7.90 22.29
C ALA A 852 -17.41 -7.24 21.25
N GLN A 853 -17.18 -7.92 20.12
CA GLN A 853 -16.42 -7.35 19.02
C GLN A 853 -17.29 -6.58 18.04
N LYS A 854 -18.61 -6.56 18.25
CA LYS A 854 -19.54 -5.85 17.36
C LYS A 854 -19.56 -4.35 17.69
N PHE A 855 -18.41 -3.72 17.45
CA PHE A 855 -18.26 -2.28 17.63
C PHE A 855 -17.80 -1.55 16.38
N ASN A 856 -17.45 -2.28 15.32
CA ASN A 856 -16.83 -1.66 14.15
C ASN A 856 -17.39 -2.24 12.85
N GLY A 857 -18.67 -2.61 12.85
CA GLY A 857 -19.32 -3.16 11.68
C GLY A 857 -19.22 -4.66 11.56
N LEU A 858 -18.46 -5.32 12.43
CA LEU A 858 -18.36 -6.77 12.39
C LEU A 858 -19.68 -7.39 12.82
N THR A 859 -20.16 -8.35 12.03
CA THR A 859 -21.40 -9.04 12.33
C THR A 859 -21.37 -10.41 11.67
N VAL A 860 -21.68 -11.44 12.45
CA VAL A 860 -21.71 -12.82 11.97
C VAL A 860 -23.15 -13.23 11.73
N LEU A 861 -23.40 -13.80 10.55
CA LEU A 861 -24.75 -14.20 10.19
C LEU A 861 -24.98 -15.67 10.52
N PRO A 862 -26.19 -16.04 10.95
CA PRO A 862 -26.43 -17.42 11.34
C PRO A 862 -26.33 -18.35 10.14
N PRO A 863 -25.91 -19.59 10.34
CA PRO A 863 -25.89 -20.55 9.23
C PRO A 863 -27.30 -20.86 8.75
N LEU A 864 -27.41 -21.15 7.46
CA LEU A 864 -28.72 -21.44 6.88
C LEU A 864 -29.34 -22.68 7.52
N LEU A 865 -28.55 -23.72 7.73
CA LEU A 865 -29.03 -24.96 8.33
C LEU A 865 -28.59 -25.01 9.79
N THR A 866 -29.55 -25.15 10.69
CA THR A 866 -29.23 -25.27 12.10
C THR A 866 -28.59 -26.62 12.38
N ASP A 867 -27.87 -26.69 13.51
CA ASP A 867 -27.23 -27.95 13.88
C ASP A 867 -28.23 -29.09 13.98
N GLU A 868 -29.46 -28.79 14.40
CA GLU A 868 -30.48 -29.82 14.46
C GLU A 868 -30.80 -30.38 13.07
N MET A 869 -30.86 -29.50 12.06
CA MET A 869 -31.14 -29.97 10.70
C MET A 869 -30.00 -30.83 10.17
N ILE A 870 -28.75 -30.44 10.45
CA ILE A 870 -27.61 -31.25 10.02
C ILE A 870 -27.64 -32.61 10.71
N ALA A 871 -27.96 -32.62 12.01
CA ALA A 871 -28.07 -33.88 12.72
C ALA A 871 -29.18 -34.75 12.12
N GLN A 872 -30.30 -34.13 11.75
CA GLN A 872 -31.38 -34.89 11.13
C GLN A 872 -30.95 -35.46 9.79
N TYR A 873 -30.20 -34.68 9.00
CA TYR A 873 -29.71 -35.19 7.72
C TYR A 873 -28.79 -36.38 7.93
N THR A 874 -27.87 -36.28 8.89
CA THR A 874 -26.99 -37.40 9.18
C THR A 874 -27.77 -38.61 9.66
N SER A 875 -28.80 -38.39 10.48
CA SER A 875 -29.64 -39.50 10.94
C SER A 875 -30.35 -40.18 9.77
N ALA A 876 -30.86 -39.39 8.83
CA ALA A 876 -31.51 -39.95 7.66
C ALA A 876 -30.52 -40.76 6.84
N LEU A 877 -29.29 -40.25 6.66
CA LEU A 877 -28.28 -41.00 5.94
C LEU A 877 -27.96 -42.32 6.64
N LEU A 878 -27.83 -42.29 7.97
CA LEU A 878 -27.55 -43.51 8.72
C LEU A 878 -28.68 -44.51 8.58
N ALA A 879 -29.93 -44.04 8.67
CA ALA A 879 -31.07 -44.94 8.54
C ALA A 879 -31.11 -45.56 7.15
N GLY A 880 -30.87 -44.76 6.11
CA GLY A 880 -30.85 -45.30 4.77
C GLY A 880 -29.76 -46.34 4.57
N THR A 881 -28.56 -46.05 5.09
CA THR A 881 -27.47 -47.01 4.97
C THR A 881 -27.76 -48.30 5.71
N ILE A 882 -28.31 -48.19 6.92
CA ILE A 882 -28.54 -49.38 7.74
C ILE A 882 -29.66 -50.24 7.17
N THR A 883 -30.75 -49.61 6.75
CA THR A 883 -31.93 -50.34 6.34
C THR A 883 -31.97 -50.69 4.85
N SER A 884 -31.15 -50.04 4.04
CA SER A 884 -31.22 -50.25 2.59
C SER A 884 -29.86 -50.32 1.91
N GLY A 885 -28.76 -50.31 2.67
CA GLY A 885 -27.45 -50.38 2.04
C GLY A 885 -27.23 -49.19 1.12
N TRP A 886 -26.68 -49.47 -0.07
CA TRP A 886 -26.43 -48.42 -1.05
C TRP A 886 -27.59 -48.22 -2.02
N THR A 887 -28.66 -49.00 -1.89
CA THR A 887 -29.76 -48.90 -2.85
C THR A 887 -30.41 -47.53 -2.81
N PHE A 888 -30.60 -46.96 -1.62
CA PHE A 888 -31.28 -45.67 -1.50
C PHE A 888 -30.46 -44.54 -2.12
N GLY A 889 -29.15 -44.71 -2.25
CA GLY A 889 -28.30 -43.70 -2.85
C GLY A 889 -28.25 -43.70 -4.36
N ALA A 890 -28.95 -44.65 -5.01
CA ALA A 890 -28.96 -44.75 -6.46
C ALA A 890 -30.37 -44.96 -7.00
N GLY A 891 -31.38 -44.65 -6.21
CA GLY A 891 -32.77 -44.86 -6.63
C GLY A 891 -33.65 -45.07 -5.43
N ALA A 892 -34.72 -45.83 -5.64
CA ALA A 892 -35.65 -46.14 -4.56
C ALA A 892 -34.95 -46.97 -3.49
N ALA A 893 -35.30 -46.70 -2.23
CA ALA A 893 -34.70 -47.42 -1.11
C ALA A 893 -35.29 -48.82 -1.03
N LEU A 894 -34.42 -49.83 -1.09
CA LEU A 894 -34.82 -51.23 -1.03
C LEU A 894 -34.34 -51.82 0.28
N GLN A 895 -35.27 -52.34 1.08
CA GLN A 895 -34.91 -52.93 2.36
C GLN A 895 -34.21 -54.27 2.16
N ILE A 896 -33.28 -54.56 3.07
CA ILE A 896 -32.54 -55.82 3.06
C ILE A 896 -32.02 -56.07 4.46
N PRO A 897 -32.01 -57.31 4.95
CA PRO A 897 -31.45 -57.57 6.27
C PRO A 897 -30.00 -57.13 6.35
N PHE A 898 -29.62 -56.54 7.48
CA PHE A 898 -28.27 -56.00 7.61
C PHE A 898 -27.21 -57.08 7.49
N ALA A 899 -27.53 -58.30 7.94
CA ALA A 899 -26.59 -59.41 7.75
C ALA A 899 -26.35 -59.66 6.26
N MET A 900 -27.42 -59.65 5.46
CA MET A 900 -27.25 -59.83 4.03
C MET A 900 -26.54 -58.64 3.39
N GLN A 901 -26.77 -57.44 3.92
CA GLN A 901 -26.05 -56.27 3.42
C GLN A 901 -24.55 -56.40 3.68
N MET A 902 -24.19 -56.87 4.87
CA MET A 902 -22.78 -57.09 5.17
C MET A 902 -22.20 -58.22 4.32
N ALA A 903 -23.02 -59.25 4.03
CA ALA A 903 -22.57 -60.27 3.09
C ALA A 903 -22.29 -59.68 1.72
N TYR A 904 -23.14 -58.76 1.27
CA TYR A 904 -22.93 -58.10 -0.01
C TYR A 904 -21.64 -57.30 0.02
N ARG A 905 -21.40 -56.59 1.13
CA ARG A 905 -20.16 -55.82 1.28
C ARG A 905 -18.94 -56.75 1.22
N PHE A 906 -19.03 -57.89 1.91
CA PHE A 906 -17.93 -58.86 1.87
C PHE A 906 -17.68 -59.34 0.44
N ASN A 907 -18.75 -59.64 -0.30
CA ASN A 907 -18.60 -59.97 -1.70
C ASN A 907 -17.94 -58.84 -2.48
N GLY A 908 -18.19 -57.60 -2.07
CA GLY A 908 -17.57 -56.47 -2.74
C GLY A 908 -16.06 -56.46 -2.64
N ILE A 909 -15.51 -56.92 -1.53
CA ILE A 909 -14.08 -56.93 -1.30
C ILE A 909 -13.45 -58.27 -1.70
N GLY A 910 -14.16 -59.08 -2.49
CA GLY A 910 -13.62 -60.35 -2.94
C GLY A 910 -13.59 -61.42 -1.88
N VAL A 911 -14.49 -61.36 -0.90
CA VAL A 911 -14.57 -62.34 0.17
C VAL A 911 -15.95 -62.99 0.12
N THR A 912 -15.99 -64.31 0.14
CA THR A 912 -17.25 -65.03 0.02
C THR A 912 -18.14 -64.76 1.22
N GLN A 913 -19.44 -64.64 0.97
CA GLN A 913 -20.38 -64.30 2.04
C GLN A 913 -20.52 -65.41 3.07
N ASN A 914 -20.18 -66.64 2.70
CA ASN A 914 -20.35 -67.75 3.62
C ASN A 914 -19.50 -67.56 4.87
N VAL A 915 -18.35 -66.90 4.74
CA VAL A 915 -17.51 -66.68 5.92
C VAL A 915 -18.23 -65.76 6.90
N LEU A 916 -18.92 -64.74 6.38
CA LEU A 916 -19.69 -63.86 7.26
C LEU A 916 -20.84 -64.62 7.90
N TYR A 917 -21.59 -65.38 7.11
CA TYR A 917 -22.72 -66.11 7.66
C TYR A 917 -22.28 -67.16 8.68
N GLU A 918 -21.04 -67.63 8.57
CA GLU A 918 -20.48 -68.58 9.53
C GLU A 918 -19.73 -67.90 10.65
N ASN A 919 -19.61 -66.56 10.62
CA ASN A 919 -18.94 -65.82 11.69
C ASN A 919 -19.72 -64.58 12.10
N GLN A 920 -21.01 -64.51 11.77
CA GLN A 920 -21.78 -63.28 11.96
C GLN A 920 -21.62 -62.74 13.37
N LYS A 921 -21.63 -63.63 14.37
CA LYS A 921 -21.46 -63.18 15.75
C LYS A 921 -20.11 -62.49 15.95
N LEU A 922 -19.05 -63.06 15.38
CA LEU A 922 -17.72 -62.48 15.55
C LEU A 922 -17.63 -61.10 14.90
N ILE A 923 -18.16 -60.97 13.68
CA ILE A 923 -18.13 -59.67 13.00
C ILE A 923 -18.95 -58.65 13.79
N ALA A 924 -20.14 -59.05 14.28
CA ALA A 924 -20.95 -58.11 15.05
C ALA A 924 -20.22 -57.66 16.30
N ASN A 925 -19.60 -58.59 17.03
CA ASN A 925 -18.86 -58.23 18.24
C ASN A 925 -17.70 -57.31 17.92
N GLN A 926 -16.96 -57.61 16.85
CA GLN A 926 -15.83 -56.75 16.49
C GLN A 926 -16.30 -55.36 16.11
N PHE A 927 -17.41 -55.26 15.36
CA PHE A 927 -17.93 -53.95 14.98
C PHE A 927 -18.36 -53.15 16.21
N ASN A 928 -19.06 -53.80 17.13
CA ASN A 928 -19.49 -53.09 18.35
C ASN A 928 -18.28 -52.64 19.16
N SER A 929 -17.28 -53.51 19.31
CA SER A 929 -16.08 -53.14 20.06
C SER A 929 -15.36 -51.99 19.40
N ALA A 930 -15.27 -52.00 18.06
CA ALA A 930 -14.60 -50.92 17.36
C ALA A 930 -15.35 -49.59 17.54
N ILE A 931 -16.68 -49.63 17.49
CA ILE A 931 -17.45 -48.40 17.69
C ILE A 931 -17.23 -47.87 19.10
N GLY A 932 -17.25 -48.77 20.10
CA GLY A 932 -16.95 -48.34 21.46
C GLY A 932 -15.55 -47.76 21.58
N LYS A 933 -14.59 -48.34 20.87
CA LYS A 933 -13.23 -47.84 20.90
C LYS A 933 -13.16 -46.44 20.29
N ILE A 934 -13.88 -46.20 19.20
CA ILE A 934 -13.95 -44.86 18.63
C ILE A 934 -14.53 -43.87 19.64
N GLN A 935 -15.61 -44.27 20.31
CA GLN A 935 -16.20 -43.42 21.33
C GLN A 935 -15.18 -43.07 22.40
N ASP A 936 -14.49 -44.07 22.94
CA ASP A 936 -13.53 -43.84 24.00
C ASP A 936 -12.37 -42.97 23.52
N SER A 937 -11.86 -43.25 22.32
CA SER A 937 -10.73 -42.48 21.81
C SER A 937 -11.10 -41.02 21.62
N LEU A 938 -12.28 -40.75 21.07
CA LEU A 938 -12.72 -39.37 20.92
C LEU A 938 -12.89 -38.71 22.29
N SER A 939 -13.45 -39.44 23.25
CA SER A 939 -13.67 -38.85 24.58
C SER A 939 -12.36 -38.52 25.28
N SER A 940 -11.36 -39.40 25.16
CA SER A 940 -10.16 -39.32 25.98
C SER A 940 -8.97 -38.67 25.28
N THR A 941 -9.13 -38.22 24.04
CA THR A 941 -8.05 -37.57 23.30
C THR A 941 -8.52 -36.20 22.85
N ALA A 942 -7.80 -35.16 23.25
CA ALA A 942 -8.20 -33.79 22.96
C ALA A 942 -7.71 -33.27 21.62
N SER A 943 -6.83 -34.01 20.93
CA SER A 943 -6.28 -33.58 19.64
C SER A 943 -6.98 -34.24 18.46
N ALA A 944 -8.07 -34.98 18.71
CA ALA A 944 -8.75 -35.68 17.62
C ALA A 944 -9.38 -34.70 16.63
N LEU A 945 -9.93 -33.60 17.13
CA LEU A 945 -10.68 -32.64 16.33
C LEU A 945 -9.83 -31.44 15.93
N GLY A 946 -8.55 -31.67 15.63
CA GLY A 946 -7.64 -30.57 15.34
C GLY A 946 -8.07 -29.72 14.16
N LYS A 947 -8.70 -30.32 13.15
CA LYS A 947 -9.04 -29.58 11.94
C LYS A 947 -10.04 -28.47 12.24
N LEU A 948 -11.16 -28.81 12.87
CA LEU A 948 -12.20 -27.82 13.14
C LEU A 948 -11.71 -26.76 14.11
N GLN A 949 -10.99 -27.18 15.16
CA GLN A 949 -10.44 -26.21 16.10
C GLN A 949 -9.46 -25.27 15.41
N ASP A 950 -8.64 -25.80 14.51
CA ASP A 950 -7.70 -24.96 13.77
C ASP A 950 -8.44 -23.94 12.91
N VAL A 951 -9.49 -24.39 12.22
CA VAL A 951 -10.26 -23.45 11.39
C VAL A 951 -10.86 -22.35 12.23
N VAL A 952 -11.50 -22.73 13.35
CA VAL A 952 -12.15 -21.74 14.21
C VAL A 952 -11.13 -20.77 14.78
N ASN A 953 -9.98 -21.31 15.23
CA ASN A 953 -8.95 -20.45 15.81
C ASN A 953 -8.39 -19.49 14.78
N GLN A 954 -8.15 -19.96 13.55
CA GLN A 954 -7.65 -19.08 12.51
C GLN A 954 -8.65 -17.95 12.23
N ASN A 955 -9.94 -18.30 12.12
CA ASN A 955 -10.94 -17.28 11.85
C ASN A 955 -11.00 -16.25 12.98
N ALA A 956 -11.04 -16.74 14.23
CA ALA A 956 -11.14 -15.84 15.37
C ALA A 956 -9.91 -14.94 15.47
N GLN A 957 -8.73 -15.51 15.23
CA GLN A 957 -7.50 -14.72 15.33
C GLN A 957 -7.41 -13.68 14.23
N ALA A 958 -7.84 -14.04 13.01
CA ALA A 958 -7.87 -13.06 11.93
C ALA A 958 -8.83 -11.92 12.25
N LEU A 959 -10.02 -12.25 12.77
CA LEU A 959 -10.97 -11.20 13.12
C LEU A 959 -10.43 -10.33 14.25
N ASN A 960 -9.77 -10.94 15.24
CA ASN A 960 -9.19 -10.17 16.33
C ASN A 960 -8.10 -9.24 15.83
N THR A 961 -7.26 -9.72 14.91
CA THR A 961 -6.23 -8.85 14.33
C THR A 961 -6.86 -7.70 13.56
N LEU A 962 -7.93 -7.97 12.81
CA LEU A 962 -8.62 -6.90 12.10
C LEU A 962 -9.14 -5.86 13.07
N VAL A 963 -9.73 -6.30 14.19
CA VAL A 963 -10.23 -5.37 15.19
C VAL A 963 -9.08 -4.56 15.77
N LYS A 964 -7.97 -5.24 16.10
CA LYS A 964 -6.87 -4.58 16.79
C LYS A 964 -6.15 -3.58 15.88
N GLN A 965 -6.18 -3.80 14.57
CA GLN A 965 -5.54 -2.86 13.66
C GLN A 965 -6.10 -1.45 13.78
N LEU A 966 -7.33 -1.31 14.27
CA LEU A 966 -7.92 0.02 14.43
C LEU A 966 -7.21 0.85 15.47
N SER A 967 -6.48 0.23 16.39
CA SER A 967 -5.79 0.97 17.44
C SER A 967 -4.47 1.57 16.98
N SER A 968 -4.03 1.26 15.77
CA SER A 968 -2.77 1.78 15.25
C SER A 968 -2.98 3.15 14.61
N ASN A 969 -2.01 4.05 14.81
CA ASN A 969 -2.11 5.40 14.30
C ASN A 969 -1.88 5.48 12.80
N PHE A 970 -1.06 4.59 12.25
CA PHE A 970 -0.68 4.63 10.84
C PHE A 970 0.00 5.96 10.49
N GLY A 971 0.76 6.51 11.43
CA GLY A 971 1.48 7.75 11.23
C GLY A 971 0.72 9.00 11.57
N ALA A 972 -0.55 8.89 11.97
CA ALA A 972 -1.35 10.05 12.34
C ALA A 972 -1.11 10.41 13.81
N ILE A 973 -1.68 11.55 14.23
CA ILE A 973 -1.53 11.97 15.62
C ILE A 973 -2.17 10.97 16.55
N SER A 974 -3.38 10.50 16.21
CA SER A 974 -4.10 9.57 17.07
C SER A 974 -4.92 8.63 16.21
N SER A 975 -5.31 7.51 16.80
CA SER A 975 -6.11 6.50 16.12
C SER A 975 -7.61 6.71 16.32
N VAL A 976 -8.01 7.77 17.01
CA VAL A 976 -9.42 8.07 17.26
C VAL A 976 -9.83 9.21 16.35
N LEU A 977 -10.86 8.96 15.53
CA LEU A 977 -11.32 9.99 14.59
C LEU A 977 -11.87 11.20 15.34
N ASN A 978 -12.65 10.98 16.40
CA ASN A 978 -13.24 12.10 17.13
C ASN A 978 -12.17 12.98 17.75
N ASP A 979 -11.20 12.38 18.44
CA ASP A 979 -10.18 13.16 19.13
C ASP A 979 -9.33 13.95 18.13
N ILE A 980 -8.90 13.29 17.05
CA ILE A 980 -8.04 13.95 16.08
C ILE A 980 -8.80 15.05 15.35
N LEU A 981 -10.07 14.81 15.03
CA LEU A 981 -10.87 15.83 14.37
C LEU A 981 -11.08 17.04 15.29
N SER A 982 -11.37 16.81 16.57
CA SER A 982 -11.58 17.92 17.48
C SER A 982 -10.30 18.70 17.72
N ARG A 983 -9.17 18.01 17.84
CA ARG A 983 -7.92 18.69 18.19
C ARG A 983 -7.43 19.57 17.05
N LEU A 984 -7.71 19.20 15.80
CA LEU A 984 -7.18 19.90 14.65
C LEU A 984 -8.32 20.46 13.78
N ASP A 985 -8.01 21.54 13.08
CA ASP A 985 -8.94 22.15 12.16
C ASP A 985 -9.07 21.33 10.89
N PRO A 986 -10.13 21.54 10.11
CA PRO A 986 -10.41 20.67 8.96
C PRO A 986 -9.24 20.56 7.99
N PRO A 987 -8.50 21.66 7.74
CA PRO A 987 -7.46 21.59 6.69
C PRO A 987 -6.45 20.46 6.88
N GLU A 988 -6.01 20.18 8.10
CA GLU A 988 -5.08 19.09 8.36
C GLU A 988 -5.77 17.82 8.83
N ALA A 989 -6.95 17.93 9.44
CA ALA A 989 -7.77 16.75 9.66
C ALA A 989 -8.02 16.02 8.35
N GLU A 990 -8.08 16.76 7.24
CA GLU A 990 -8.15 16.16 5.91
C GLU A 990 -7.07 15.09 5.75
N VAL A 991 -5.81 15.50 5.82
CA VAL A 991 -4.71 14.58 5.54
C VAL A 991 -4.63 13.50 6.61
N GLN A 992 -4.90 13.85 7.87
CA GLN A 992 -4.79 12.85 8.93
C GLN A 992 -5.84 11.76 8.78
N ILE A 993 -7.10 12.15 8.51
CA ILE A 993 -8.15 11.17 8.29
C ILE A 993 -7.86 10.38 7.01
N ASP A 994 -7.24 11.02 6.01
CA ASP A 994 -6.84 10.27 4.83
C ASP A 994 -5.83 9.19 5.18
N ARG A 995 -4.86 9.51 6.03
CA ARG A 995 -3.88 8.51 6.47
C ARG A 995 -4.57 7.36 7.19
N LEU A 996 -5.47 7.70 8.12
CA LEU A 996 -6.18 6.66 8.86
C LEU A 996 -7.02 5.80 7.92
N ILE A 997 -7.68 6.42 6.94
CA ILE A 997 -8.49 5.69 5.99
C ILE A 997 -7.62 4.73 5.18
N THR A 998 -6.47 5.21 4.73
CA THR A 998 -5.56 4.36 3.97
C THR A 998 -5.15 3.14 4.79
N GLY A 999 -4.73 3.38 6.03
CA GLY A 999 -4.30 2.26 6.87
C GLY A 999 -5.41 1.25 7.11
N ARG A 1000 -6.58 1.74 7.49
CA ARG A 1000 -7.69 0.84 7.80
C ARG A 1000 -8.18 0.10 6.55
N LEU A 1001 -8.19 0.78 5.40
CA LEU A 1001 -8.57 0.13 4.16
C LEU A 1001 -7.58 -0.96 3.78
N GLN A 1002 -6.28 -0.70 3.98
CA GLN A 1002 -5.29 -1.74 3.72
C GLN A 1002 -5.50 -2.94 4.63
N SER A 1003 -5.77 -2.68 5.91
CA SER A 1003 -6.03 -3.78 6.84
C SER A 1003 -7.25 -4.59 6.41
N LEU A 1004 -8.32 -3.90 6.04
CA LEU A 1004 -9.53 -4.59 5.61
C LEU A 1004 -9.29 -5.39 4.33
N GLN A 1005 -8.53 -4.84 3.40
CA GLN A 1005 -8.23 -5.56 2.17
C GLN A 1005 -7.42 -6.82 2.45
N THR A 1006 -6.43 -6.72 3.34
CA THR A 1006 -5.67 -7.91 3.71
C THR A 1006 -6.57 -8.95 4.35
N TYR A 1007 -7.47 -8.51 5.24
CA TYR A 1007 -8.39 -9.45 5.88
C TYR A 1007 -9.27 -10.14 4.84
N VAL A 1008 -9.79 -9.38 3.88
CA VAL A 1008 -10.68 -9.96 2.87
C VAL A 1008 -9.92 -10.94 1.98
N THR A 1009 -8.68 -10.61 1.62
CA THR A 1009 -7.90 -11.54 0.81
C THR A 1009 -7.62 -12.84 1.56
N GLN A 1010 -7.24 -12.73 2.83
CA GLN A 1010 -7.03 -13.93 3.64
C GLN A 1010 -8.31 -14.74 3.75
N GLN A 1011 -9.45 -14.05 3.94
CA GLN A 1011 -10.73 -14.73 4.04
C GLN A 1011 -11.06 -15.47 2.75
N LEU A 1012 -10.79 -14.84 1.60
CA LEU A 1012 -11.05 -15.49 0.33
C LEU A 1012 -10.19 -16.74 0.16
N ILE A 1013 -8.91 -16.65 0.51
CA ILE A 1013 -8.03 -17.82 0.37
C ILE A 1013 -8.50 -18.94 1.29
N ARG A 1014 -8.83 -18.61 2.53
CA ARG A 1014 -9.29 -19.63 3.47
C ARG A 1014 -10.62 -20.21 3.03
N ALA A 1015 -11.48 -19.40 2.41
CA ALA A 1015 -12.75 -19.89 1.91
C ALA A 1015 -12.54 -20.84 0.73
N ALA A 1016 -11.57 -20.55 -0.12
CA ALA A 1016 -11.24 -21.49 -1.20
C ALA A 1016 -10.76 -22.82 -0.62
N GLU A 1017 -9.89 -22.77 0.39
CA GLU A 1017 -9.43 -24.00 1.02
C GLU A 1017 -10.59 -24.77 1.64
N ILE A 1018 -11.49 -24.06 2.31
CA ILE A 1018 -12.64 -24.70 2.93
C ILE A 1018 -13.57 -25.29 1.87
N ARG A 1019 -13.70 -24.61 0.72
CA ARG A 1019 -14.51 -25.16 -0.36
C ARG A 1019 -13.91 -26.46 -0.89
N ALA A 1020 -12.58 -26.49 -1.03
CA ALA A 1020 -11.93 -27.74 -1.44
C ALA A 1020 -12.20 -28.85 -0.43
N SER A 1021 -12.08 -28.52 0.87
CA SER A 1021 -12.34 -29.52 1.91
C SER A 1021 -13.78 -30.00 1.85
N ALA A 1022 -14.73 -29.09 1.64
CA ALA A 1022 -16.14 -29.46 1.58
C ALA A 1022 -16.42 -30.32 0.35
N ASN A 1023 -15.78 -30.02 -0.77
CA ASN A 1023 -15.93 -30.88 -1.95
C ASN A 1023 -15.40 -32.27 -1.68
N LEU A 1024 -14.25 -32.37 -1.00
CA LEU A 1024 -13.73 -33.69 -0.64
C LEU A 1024 -14.71 -34.41 0.28
N ALA A 1025 -15.27 -33.71 1.25
CA ALA A 1025 -16.22 -34.33 2.17
C ALA A 1025 -17.46 -34.81 1.44
N ALA A 1026 -17.97 -34.01 0.50
CA ALA A 1026 -19.14 -34.42 -0.28
C ALA A 1026 -18.83 -35.64 -1.13
N THR A 1027 -17.66 -35.68 -1.74
CA THR A 1027 -17.28 -36.84 -2.54
C THR A 1027 -17.19 -38.08 -1.67
N LYS A 1028 -16.61 -37.95 -0.47
CA LYS A 1028 -16.53 -39.09 0.44
C LYS A 1028 -17.92 -39.54 0.87
N MET A 1029 -18.80 -38.60 1.17
CA MET A 1029 -20.17 -38.96 1.53
C MET A 1029 -20.85 -39.72 0.40
N SER A 1030 -20.67 -39.25 -0.84
CA SER A 1030 -21.27 -39.93 -1.97
C SER A 1030 -20.71 -41.33 -2.16
N GLU A 1031 -19.40 -41.49 -2.03
CA GLU A 1031 -18.74 -42.75 -2.35
C GLU A 1031 -18.55 -43.66 -1.14
N CYS A 1032 -18.39 -43.11 0.06
CA CYS A 1032 -18.13 -43.93 1.23
C CYS A 1032 -19.41 -44.30 1.97
N VAL A 1033 -20.36 -43.39 2.07
CA VAL A 1033 -21.59 -43.63 2.83
C VAL A 1033 -22.68 -44.22 1.95
N LEU A 1034 -22.89 -43.66 0.76
CA LEU A 1034 -23.94 -44.12 -0.14
C LEU A 1034 -23.52 -45.33 -0.97
N GLY A 1035 -22.30 -45.81 -0.83
CA GLY A 1035 -21.86 -46.96 -1.59
C GLY A 1035 -20.55 -47.50 -1.03
N GLN A 1036 -20.12 -48.61 -1.62
CA GLN A 1036 -18.87 -49.26 -1.23
C GLN A 1036 -17.79 -48.85 -2.23
N SER A 1037 -16.74 -48.21 -1.72
CA SER A 1037 -15.70 -47.64 -2.56
C SER A 1037 -14.57 -48.64 -2.75
N LYS A 1038 -14.17 -48.83 -4.01
CA LYS A 1038 -13.02 -49.65 -4.35
C LYS A 1038 -11.72 -48.87 -4.33
N ARG A 1039 -11.78 -47.55 -4.13
CA ARG A 1039 -10.58 -46.73 -4.09
C ARG A 1039 -9.80 -47.03 -2.81
N VAL A 1040 -8.49 -47.16 -2.95
CA VAL A 1040 -7.63 -47.57 -1.83
C VAL A 1040 -7.39 -46.36 -0.93
N ASP A 1041 -7.54 -46.55 0.37
CA ASP A 1041 -7.28 -45.54 1.40
C ASP A 1041 -8.17 -44.31 1.25
N PHE A 1042 -9.21 -44.38 0.42
CA PHE A 1042 -10.13 -43.25 0.30
C PHE A 1042 -11.11 -43.23 1.47
N CYS A 1043 -11.85 -44.31 1.65
CA CYS A 1043 -12.76 -44.46 2.78
C CYS A 1043 -12.09 -45.23 3.91
N GLY A 1044 -10.98 -44.68 4.38
CA GLY A 1044 -10.21 -45.29 5.44
C GLY A 1044 -9.28 -46.38 4.92
N LYS A 1045 -8.30 -46.73 5.75
CA LYS A 1045 -7.34 -47.75 5.40
C LYS A 1045 -7.95 -49.14 5.51
N GLY A 1046 -7.58 -50.02 4.59
CA GLY A 1046 -8.11 -51.36 4.53
C GLY A 1046 -9.15 -51.50 3.44
N TYR A 1047 -9.76 -52.68 3.38
CA TYR A 1047 -10.81 -52.98 2.41
C TYR A 1047 -12.11 -52.39 2.92
N HIS A 1048 -12.57 -51.32 2.28
CA HIS A 1048 -13.74 -50.60 2.75
C HIS A 1048 -14.99 -51.49 2.72
N LEU A 1049 -15.80 -51.37 3.76
CA LEU A 1049 -17.09 -52.04 3.84
C LEU A 1049 -18.24 -51.04 3.87
N MET A 1050 -18.19 -50.06 4.77
CA MET A 1050 -19.23 -49.05 4.86
C MET A 1050 -18.71 -47.91 5.72
N SER A 1051 -19.39 -46.77 5.66
CA SER A 1051 -19.02 -45.59 6.42
C SER A 1051 -20.28 -44.97 7.01
N PHE A 1052 -20.10 -44.29 8.14
CA PHE A 1052 -21.20 -43.66 8.87
C PHE A 1052 -20.86 -42.20 9.11
N PRO A 1053 -21.64 -41.26 8.57
CA PRO A 1053 -21.36 -39.84 8.83
C PRO A 1053 -21.84 -39.40 10.20
N GLN A 1054 -21.14 -38.41 10.74
CA GLN A 1054 -21.48 -37.82 12.04
C GLN A 1054 -21.28 -36.31 11.95
N SER A 1055 -22.33 -35.56 12.27
CA SER A 1055 -22.24 -34.11 12.22
C SER A 1055 -21.33 -33.59 13.33
N ALA A 1056 -20.57 -32.55 12.99
CA ALA A 1056 -19.69 -31.89 13.94
C ALA A 1056 -19.76 -30.39 13.68
N PRO A 1057 -19.47 -29.57 14.69
CA PRO A 1057 -19.52 -28.11 14.48
C PRO A 1057 -18.60 -27.66 13.35
N HIS A 1058 -19.19 -27.12 12.28
CA HIS A 1058 -18.43 -26.65 11.13
C HIS A 1058 -17.60 -27.76 10.49
N GLY A 1059 -18.14 -28.97 10.46
CA GLY A 1059 -17.41 -30.08 9.87
C GLY A 1059 -18.23 -31.35 9.94
N VAL A 1060 -17.64 -32.42 9.38
CA VAL A 1060 -18.25 -33.73 9.37
C VAL A 1060 -17.21 -34.76 9.81
N VAL A 1061 -17.69 -35.88 10.34
CA VAL A 1061 -16.85 -36.96 10.81
C VAL A 1061 -17.34 -38.26 10.18
N PHE A 1062 -16.41 -39.02 9.59
CA PHE A 1062 -16.72 -40.29 8.95
C PHE A 1062 -16.12 -41.43 9.75
N LEU A 1063 -16.93 -42.45 10.01
CA LEU A 1063 -16.49 -43.66 10.70
C LEU A 1063 -16.38 -44.76 9.66
N HIS A 1064 -15.19 -44.90 9.07
CA HIS A 1064 -14.97 -45.87 8.00
C HIS A 1064 -14.78 -47.25 8.58
N VAL A 1065 -15.63 -48.20 8.17
CA VAL A 1065 -15.52 -49.60 8.55
C VAL A 1065 -14.79 -50.34 7.44
N THR A 1066 -13.71 -51.01 7.79
CA THR A 1066 -12.84 -51.64 6.79
C THR A 1066 -12.48 -53.05 7.23
N TYR A 1067 -12.44 -53.95 6.25
CA TYR A 1067 -11.99 -55.32 6.47
C TYR A 1067 -10.46 -55.37 6.39
N VAL A 1068 -9.84 -55.97 7.42
CA VAL A 1068 -8.39 -56.01 7.52
C VAL A 1068 -7.96 -57.45 7.81
N PRO A 1069 -7.19 -58.08 6.93
CA PRO A 1069 -6.65 -59.41 7.26
C PRO A 1069 -5.78 -59.35 8.51
N ALA A 1070 -5.88 -60.39 9.33
CA ALA A 1070 -5.25 -60.39 10.65
C ALA A 1070 -4.15 -61.43 10.79
N GLN A 1071 -4.44 -62.71 10.55
CA GLN A 1071 -3.52 -63.80 10.84
C GLN A 1071 -3.10 -64.47 9.54
N GLU A 1072 -1.80 -64.69 9.39
CA GLU A 1072 -1.21 -65.21 8.16
C GLU A 1072 -0.67 -66.62 8.35
N LYS A 1073 -0.50 -67.32 7.24
CA LYS A 1073 0.16 -68.63 7.23
C LYS A 1073 0.79 -68.83 5.87
N ASN A 1074 2.04 -69.31 5.86
CA ASN A 1074 2.75 -69.54 4.62
C ASN A 1074 2.24 -70.80 3.94
N PHE A 1075 2.03 -70.72 2.63
CA PHE A 1075 1.60 -71.85 1.83
C PHE A 1075 2.42 -71.91 0.55
N THR A 1076 2.74 -73.13 0.12
CA THR A 1076 3.35 -73.34 -1.18
C THR A 1076 2.28 -73.20 -2.25
N THR A 1077 2.57 -72.42 -3.28
CA THR A 1077 1.60 -72.11 -4.32
C THR A 1077 2.19 -72.39 -5.70
N ALA A 1078 1.30 -72.67 -6.64
CA ALA A 1078 1.67 -72.88 -8.03
C ALA A 1078 0.74 -72.08 -8.94
N PRO A 1079 1.22 -71.67 -10.11
CA PRO A 1079 0.35 -70.91 -11.01
C PRO A 1079 -0.70 -71.77 -11.70
N ALA A 1080 -0.44 -73.07 -11.86
CA ALA A 1080 -1.38 -73.97 -12.53
C ALA A 1080 -1.08 -75.39 -12.07
N ILE A 1081 -1.94 -76.32 -12.49
CA ILE A 1081 -1.81 -77.72 -12.12
C ILE A 1081 -2.03 -78.56 -13.37
N CYS A 1082 -1.17 -79.57 -13.56
CA CYS A 1082 -1.27 -80.49 -14.68
C CYS A 1082 -1.89 -81.80 -14.19
N HIS A 1083 -2.98 -82.22 -14.83
CA HIS A 1083 -3.68 -83.44 -14.46
C HIS A 1083 -3.59 -84.50 -15.56
N ASP A 1084 -3.99 -84.17 -16.78
CA ASP A 1084 -3.95 -85.07 -17.93
C ASP A 1084 -3.22 -84.42 -19.08
N GLY A 1085 -2.08 -83.79 -18.79
CA GLY A 1085 -1.32 -83.10 -19.81
C GLY A 1085 -1.91 -81.78 -20.23
N LYS A 1086 -2.82 -81.22 -19.45
CA LYS A 1086 -3.45 -79.94 -19.76
C LYS A 1086 -3.49 -79.09 -18.52
N ALA A 1087 -3.08 -77.82 -18.66
CA ALA A 1087 -2.97 -76.94 -17.51
C ALA A 1087 -4.34 -76.59 -16.95
N HIS A 1088 -4.39 -76.43 -15.62
CA HIS A 1088 -5.60 -76.03 -14.92
C HIS A 1088 -5.31 -74.77 -14.12
N PHE A 1089 -6.24 -73.82 -14.16
CA PHE A 1089 -6.12 -72.57 -13.42
C PHE A 1089 -7.35 -72.35 -12.55
N PRO A 1090 -7.20 -71.68 -11.41
CA PRO A 1090 -8.37 -71.48 -10.53
C PRO A 1090 -9.34 -70.48 -11.13
N ARG A 1091 -10.62 -70.85 -11.14
CA ARG A 1091 -11.65 -69.94 -11.63
C ARG A 1091 -11.69 -68.67 -10.80
N GLU A 1092 -11.66 -68.82 -9.48
CA GLU A 1092 -11.64 -67.67 -8.57
C GLU A 1092 -10.96 -68.14 -7.28
N GLY A 1093 -9.73 -67.72 -7.09
CA GLY A 1093 -8.94 -68.16 -5.95
C GLY A 1093 -7.50 -68.37 -6.35
N VAL A 1094 -6.80 -69.17 -5.56
CA VAL A 1094 -5.39 -69.44 -5.79
C VAL A 1094 -5.09 -70.85 -5.29
N PHE A 1095 -4.17 -71.53 -5.98
CA PHE A 1095 -3.73 -72.85 -5.57
C PHE A 1095 -2.76 -72.73 -4.40
N VAL A 1096 -3.15 -73.24 -3.25
CA VAL A 1096 -2.28 -73.30 -2.08
C VAL A 1096 -2.00 -74.77 -1.78
N SER A 1097 -1.03 -75.00 -0.88
CA SER A 1097 -0.64 -76.37 -0.57
C SER A 1097 -0.06 -76.39 0.84
N ASN A 1098 -0.76 -77.07 1.75
CA ASN A 1098 -0.13 -77.51 2.98
C ASN A 1098 1.01 -78.47 2.64
N GLY A 1099 1.79 -78.83 3.65
CA GLY A 1099 3.00 -79.60 3.43
C GLY A 1099 2.86 -80.81 2.51
N THR A 1100 1.64 -81.34 2.37
CA THR A 1100 1.41 -82.56 1.60
C THR A 1100 0.45 -82.38 0.43
N HIS A 1101 -0.69 -81.73 0.64
CA HIS A 1101 -1.77 -81.71 -0.34
C HIS A 1101 -1.88 -80.34 -1.00
N TRP A 1102 -2.70 -80.28 -2.05
CA TRP A 1102 -2.96 -79.07 -2.82
C TRP A 1102 -4.44 -78.72 -2.72
N PHE A 1103 -4.73 -77.45 -2.46
CA PHE A 1103 -6.10 -76.96 -2.38
C PHE A 1103 -6.20 -75.61 -3.11
N VAL A 1104 -7.45 -75.22 -3.39
CA VAL A 1104 -7.76 -73.93 -4.00
C VAL A 1104 -8.58 -73.14 -3.00
N THR A 1105 -8.15 -71.92 -2.71
CA THR A 1105 -8.75 -71.09 -1.67
C THR A 1105 -8.91 -69.66 -2.17
N GLN A 1106 -9.66 -68.88 -1.41
CA GLN A 1106 -9.83 -67.46 -1.71
C GLN A 1106 -8.52 -66.71 -1.49
N ARG A 1107 -8.41 -65.55 -2.13
CA ARG A 1107 -7.21 -64.73 -1.97
C ARG A 1107 -7.15 -64.04 -0.62
N ASN A 1108 -8.30 -63.63 -0.07
CA ASN A 1108 -8.33 -62.83 1.15
C ASN A 1108 -8.79 -63.61 2.37
N PHE A 1109 -8.93 -64.94 2.27
CA PHE A 1109 -9.33 -65.74 3.40
C PHE A 1109 -9.01 -67.19 3.11
N TYR A 1110 -8.30 -67.85 4.03
CA TYR A 1110 -7.90 -69.24 3.84
C TYR A 1110 -9.10 -70.14 4.05
N GLU A 1111 -9.70 -70.59 2.96
CA GLU A 1111 -10.79 -71.55 2.98
C GLU A 1111 -10.46 -72.67 2.01
N PRO A 1112 -9.54 -73.55 2.37
CA PRO A 1112 -9.07 -74.57 1.41
C PRO A 1112 -10.21 -75.45 0.92
N GLN A 1113 -10.17 -75.77 -0.37
CA GLN A 1113 -11.17 -76.63 -0.99
C GLN A 1113 -10.48 -77.59 -1.94
N ILE A 1114 -11.09 -78.75 -2.15
CA ILE A 1114 -10.52 -79.77 -3.02
C ILE A 1114 -10.53 -79.27 -4.45
N ILE A 1115 -9.46 -79.58 -5.19
CA ILE A 1115 -9.39 -79.19 -6.59
C ILE A 1115 -10.38 -80.04 -7.39
N THR A 1116 -11.25 -79.37 -8.15
CA THR A 1116 -12.25 -80.05 -8.95
C THR A 1116 -12.42 -79.29 -10.26
N THR A 1117 -13.09 -79.95 -11.22
CA THR A 1117 -13.39 -79.30 -12.49
C THR A 1117 -14.20 -78.03 -12.32
N ASP A 1118 -15.04 -77.96 -11.29
CA ASP A 1118 -15.82 -76.76 -11.03
C ASP A 1118 -14.94 -75.62 -10.53
N ASN A 1119 -13.89 -75.93 -9.75
CA ASN A 1119 -13.04 -74.89 -9.17
C ASN A 1119 -12.06 -74.31 -10.16
N THR A 1120 -11.79 -74.99 -11.27
CA THR A 1120 -10.74 -74.60 -12.19
C THR A 1120 -11.23 -74.67 -13.63
N PHE A 1121 -10.47 -74.03 -14.52
CA PHE A 1121 -10.72 -74.09 -15.96
C PHE A 1121 -9.44 -74.51 -16.67
N VAL A 1122 -9.61 -75.12 -17.84
CA VAL A 1122 -8.51 -75.75 -18.56
C VAL A 1122 -8.04 -74.81 -19.66
N SER A 1123 -6.76 -74.93 -20.00
CA SER A 1123 -6.17 -74.14 -21.08
C SER A 1123 -4.89 -74.80 -21.57
N GLY A 1124 -4.88 -75.22 -22.82
CA GLY A 1124 -3.68 -75.76 -23.45
C GLY A 1124 -3.04 -76.90 -22.69
N ASN A 1125 -1.80 -77.22 -23.05
CA ASN A 1125 -1.06 -78.28 -22.38
C ASN A 1125 -0.43 -77.72 -21.11
N CYS A 1126 0.44 -78.51 -20.46
CA CYS A 1126 1.05 -78.08 -19.21
C CYS A 1126 2.57 -78.06 -19.31
N ASP A 1127 3.09 -77.54 -20.43
CA ASP A 1127 4.52 -77.33 -20.61
C ASP A 1127 4.90 -75.88 -20.84
N VAL A 1128 3.98 -75.06 -21.38
CA VAL A 1128 4.29 -73.65 -21.60
C VAL A 1128 4.37 -72.90 -20.27
N VAL A 1129 3.48 -73.24 -19.33
CA VAL A 1129 3.45 -72.54 -18.05
C VAL A 1129 4.70 -72.87 -17.25
N ILE A 1130 5.18 -71.91 -16.48
CA ILE A 1130 6.37 -72.05 -15.66
C ILE A 1130 5.93 -72.25 -14.21
N GLY A 1131 6.46 -73.28 -13.56
CA GLY A 1131 6.13 -73.59 -12.19
C GLY A 1131 4.92 -74.47 -12.00
N ILE A 1132 4.29 -74.94 -13.08
CA ILE A 1132 3.14 -75.81 -12.96
C ILE A 1132 3.55 -77.08 -12.22
N VAL A 1133 2.65 -77.60 -11.39
CA VAL A 1133 2.91 -78.75 -10.53
C VAL A 1133 1.93 -79.85 -10.87
N ASN A 1134 2.41 -81.09 -10.89
CA ASN A 1134 1.54 -82.23 -11.15
C ASN A 1134 0.69 -82.53 -9.93
N ASN A 1135 -0.61 -82.69 -10.14
CA ASN A 1135 -1.52 -83.04 -9.06
C ASN A 1135 -2.88 -83.38 -9.67
N THR A 1136 -3.54 -84.38 -9.08
CA THR A 1136 -4.80 -84.86 -9.61
C THR A 1136 -5.89 -83.80 -9.46
N VAL A 1137 -6.76 -83.70 -10.46
CA VAL A 1137 -7.92 -82.82 -10.44
C VAL A 1137 -9.14 -83.72 -10.44
N TYR A 1138 -9.81 -83.83 -9.29
CA TYR A 1138 -10.94 -84.72 -9.16
C TYR A 1138 -12.14 -84.21 -9.97
N ASP A 1139 -13.03 -85.14 -10.31
CA ASP A 1139 -14.23 -84.83 -11.09
C ASP A 1139 -15.46 -85.25 -10.29
N PRO A 1140 -16.33 -84.32 -9.87
CA PRO A 1140 -17.55 -84.74 -9.16
C PRO A 1140 -18.47 -85.61 -10.00
N LEU A 1141 -18.31 -85.60 -11.34
CA LEU A 1141 -19.19 -86.38 -12.20
C LEU A 1141 -18.88 -87.87 -12.13
N GLN A 1142 -17.63 -88.23 -11.78
CA GLN A 1142 -17.25 -89.63 -11.73
C GLN A 1142 -18.06 -90.42 -10.71
N PRO A 1143 -18.17 -89.99 -9.45
CA PRO A 1143 -19.00 -90.76 -8.50
C PRO A 1143 -20.46 -90.85 -8.91
N GLU A 1144 -21.00 -89.82 -9.55
CA GLU A 1144 -22.39 -89.87 -9.97
C GLU A 1144 -22.59 -90.88 -11.10
N LEU A 1145 -21.67 -90.91 -12.07
CA LEU A 1145 -21.75 -91.91 -13.12
C LEU A 1145 -21.30 -93.30 -12.66
N ASP A 1146 -20.72 -93.41 -11.46
CA ASP A 1146 -20.37 -94.73 -10.94
C ASP A 1146 -21.61 -95.58 -10.75
N SER A 1147 -22.69 -94.98 -10.22
CA SER A 1147 -23.94 -95.70 -10.00
C SER A 1147 -24.73 -95.82 -11.31
N CYS B 15 -50.30 49.50 -10.37
CA CYS B 15 -49.53 49.23 -9.16
C CYS B 15 -50.41 49.30 -7.93
N VAL B 16 -51.56 48.64 -7.99
CA VAL B 16 -52.53 48.62 -6.90
C VAL B 16 -52.92 47.18 -6.61
N ASN B 17 -53.20 46.89 -5.35
CA ASN B 17 -53.60 45.54 -4.96
C ASN B 17 -54.91 45.15 -5.62
N LEU B 18 -55.03 43.88 -5.96
CA LEU B 18 -56.25 43.39 -6.59
C LEU B 18 -57.43 43.55 -5.64
N THR B 19 -58.60 43.81 -6.23
CA THR B 19 -59.82 44.09 -5.48
C THR B 19 -60.66 42.82 -5.36
N THR B 20 -61.17 42.57 -4.16
CA THR B 20 -62.10 41.47 -3.91
C THR B 20 -61.44 40.11 -4.20
N ARG B 21 -60.37 39.82 -3.45
CA ARG B 21 -59.74 38.52 -3.50
C ARG B 21 -60.32 37.63 -2.41
N THR B 22 -60.71 36.42 -2.79
CA THR B 22 -61.21 35.42 -1.85
C THR B 22 -60.11 34.42 -1.54
N GLN B 23 -59.83 34.24 -0.26
CA GLN B 23 -58.74 33.38 0.20
C GLN B 23 -59.28 32.03 0.63
N LEU B 24 -58.72 30.97 0.06
CA LEU B 24 -59.08 29.60 0.41
C LEU B 24 -57.82 28.79 0.67
N PRO B 25 -57.84 27.85 1.60
CA PRO B 25 -56.64 27.03 1.85
C PRO B 25 -56.22 26.28 0.61
N PRO B 26 -54.91 26.16 0.36
CA PRO B 26 -54.46 25.43 -0.83
C PRO B 26 -54.56 23.93 -0.65
N ALA B 27 -54.88 23.25 -1.76
CA ALA B 27 -55.01 21.80 -1.77
C ALA B 27 -53.72 21.15 -2.28
N TYR B 28 -53.67 19.83 -2.16
CA TYR B 28 -52.53 19.04 -2.61
C TYR B 28 -53.02 17.93 -3.53
N THR B 29 -52.14 17.50 -4.43
CA THR B 29 -52.43 16.43 -5.37
C THR B 29 -51.20 15.56 -5.54
N ASN B 30 -51.44 14.35 -6.07
CA ASN B 30 -50.37 13.39 -6.25
C ASN B 30 -49.59 13.71 -7.52
N SER B 31 -48.26 13.79 -7.41
CA SER B 31 -47.41 14.11 -8.55
C SER B 31 -47.09 12.90 -9.41
N PHE B 32 -47.32 11.70 -8.92
CA PHE B 32 -47.02 10.45 -9.64
C PHE B 32 -45.53 10.50 -10.01
N THR B 33 -45.16 10.17 -11.26
CA THR B 33 -43.78 10.15 -11.69
C THR B 33 -43.34 11.45 -12.35
N ARG B 34 -44.22 12.44 -12.43
CA ARG B 34 -43.86 13.70 -13.08
C ARG B 34 -42.75 14.40 -12.30
N GLY B 35 -41.82 15.01 -13.04
CA GLY B 35 -40.72 15.75 -12.43
C GLY B 35 -39.37 15.16 -12.72
N VAL B 36 -39.23 14.51 -13.86
CA VAL B 36 -37.96 13.90 -14.29
C VAL B 36 -37.39 14.72 -15.43
N TYR B 37 -36.10 15.04 -15.33
CA TYR B 37 -35.43 15.85 -16.34
C TYR B 37 -34.04 15.26 -16.59
N TYR B 38 -33.50 15.56 -17.76
CA TYR B 38 -32.17 15.08 -18.10
C TYR B 38 -31.13 15.80 -17.24
N PRO B 39 -30.35 15.09 -16.41
CA PRO B 39 -29.38 15.80 -15.56
C PRO B 39 -28.35 16.57 -16.35
N ASP B 40 -27.95 16.08 -17.53
CA ASP B 40 -26.90 16.73 -18.31
C ASP B 40 -27.10 16.42 -19.78
N LYS B 41 -26.44 17.21 -20.63
CA LYS B 41 -26.54 17.05 -22.08
C LYS B 41 -25.57 15.96 -22.56
N VAL B 42 -25.81 14.74 -22.07
CA VAL B 42 -24.98 13.58 -22.38
C VAL B 42 -25.89 12.51 -22.96
N PHE B 43 -25.47 11.93 -24.09
CA PHE B 43 -26.24 10.90 -24.77
C PHE B 43 -25.86 9.53 -24.23
N ARG B 44 -26.86 8.78 -23.79
CA ARG B 44 -26.68 7.40 -23.32
C ARG B 44 -27.72 6.53 -23.99
N SER B 45 -27.31 5.36 -24.47
CA SER B 45 -28.17 4.47 -25.23
C SER B 45 -28.31 3.14 -24.52
N SER B 46 -29.56 2.72 -24.28
CA SER B 46 -29.87 1.40 -23.72
C SER B 46 -28.98 1.09 -22.52
N VAL B 47 -29.13 1.91 -21.47
CA VAL B 47 -28.33 1.76 -20.26
C VAL B 47 -29.11 2.33 -19.08
N LEU B 48 -28.88 1.75 -17.91
CA LEU B 48 -29.49 2.20 -16.67
C LEU B 48 -28.44 3.01 -15.91
N HIS B 49 -28.68 4.32 -15.79
CA HIS B 49 -27.73 5.23 -15.18
C HIS B 49 -28.27 5.70 -13.83
N SER B 50 -27.43 5.60 -12.80
CA SER B 50 -27.76 6.09 -11.47
C SER B 50 -27.14 7.47 -11.29
N THR B 51 -27.97 8.46 -10.98
CA THR B 51 -27.55 9.84 -10.86
C THR B 51 -27.97 10.41 -9.52
N GLN B 52 -27.09 11.20 -8.90
CA GLN B 52 -27.37 11.88 -7.65
C GLN B 52 -27.52 13.38 -7.96
N ASP B 53 -28.72 13.91 -7.78
CA ASP B 53 -29.00 15.31 -8.08
C ASP B 53 -30.37 15.63 -7.49
N LEU B 54 -30.74 16.90 -7.53
CA LEU B 54 -32.02 17.37 -6.99
C LEU B 54 -33.14 16.94 -7.93
N PHE B 55 -34.03 16.08 -7.46
CA PHE B 55 -35.19 15.64 -8.22
C PHE B 55 -36.44 15.80 -7.36
N LEU B 56 -37.59 15.75 -8.03
CA LEU B 56 -38.88 15.75 -7.34
C LEU B 56 -39.22 14.31 -6.99
N PRO B 57 -39.31 13.95 -5.71
CA PRO B 57 -39.56 12.54 -5.37
C PRO B 57 -40.89 12.05 -5.92
N PHE B 58 -40.91 10.78 -6.30
CA PHE B 58 -42.11 10.18 -6.87
C PHE B 58 -43.26 10.20 -5.86
N PHE B 59 -44.47 10.43 -6.36
CA PHE B 59 -45.69 10.40 -5.57
C PHE B 59 -45.69 11.44 -4.45
N SER B 60 -44.88 12.49 -4.60
CA SER B 60 -44.82 13.53 -3.59
C SER B 60 -45.97 14.53 -3.75
N ASN B 61 -46.32 15.17 -2.64
CA ASN B 61 -47.39 16.16 -2.67
C ASN B 61 -46.93 17.41 -3.42
N VAL B 62 -47.81 17.93 -4.28
CA VAL B 62 -47.58 19.17 -5.00
C VAL B 62 -48.76 20.09 -4.76
N THR B 63 -48.48 21.31 -4.32
CA THR B 63 -49.54 22.27 -4.03
C THR B 63 -50.31 22.61 -5.30
N TRP B 64 -51.63 22.69 -5.18
CA TRP B 64 -52.51 22.99 -6.29
C TRP B 64 -53.07 24.40 -6.14
N PHE B 65 -52.92 25.20 -7.17
CA PHE B 65 -53.38 26.59 -7.17
C PHE B 65 -54.37 26.81 -8.31
N HIS B 66 -55.34 27.69 -8.09
CA HIS B 66 -56.37 27.99 -9.07
C HIS B 66 -56.49 29.49 -9.28
N ALA B 67 -56.91 29.85 -10.49
CA ALA B 67 -57.26 31.23 -10.83
C ALA B 67 -58.53 31.17 -11.65
N ILE B 68 -59.68 31.33 -10.99
CA ILE B 68 -60.97 31.11 -11.63
C ILE B 68 -62.02 31.93 -10.91
N HIS B 69 -63.02 32.38 -11.67
CA HIS B 69 -64.20 33.05 -11.13
C HIS B 69 -65.40 32.15 -11.42
N VAL B 70 -65.86 31.43 -10.39
CA VAL B 70 -66.99 30.53 -10.57
C VAL B 70 -68.23 31.34 -10.95
N SER B 71 -68.98 30.83 -11.92
CA SER B 71 -70.15 31.55 -12.41
C SER B 71 -71.13 31.84 -11.28
N GLY B 72 -71.66 33.06 -11.29
CA GLY B 72 -72.60 33.49 -10.27
C GLY B 72 -71.93 34.14 -9.08
N THR B 73 -72.72 34.88 -8.32
CA THR B 73 -72.23 35.57 -7.14
C THR B 73 -72.04 34.63 -5.95
N ASN B 74 -72.58 33.41 -6.01
CA ASN B 74 -72.41 32.44 -4.95
C ASN B 74 -71.11 31.64 -5.07
N GLY B 75 -70.34 31.87 -6.12
CA GLY B 75 -69.10 31.15 -6.33
C GLY B 75 -67.94 31.76 -5.57
N THR B 76 -66.75 31.26 -5.87
CA THR B 76 -65.52 31.69 -5.23
C THR B 76 -64.64 32.45 -6.22
N LYS B 77 -64.04 33.54 -5.76
CA LYS B 77 -63.16 34.37 -6.58
C LYS B 77 -61.73 34.03 -6.17
N ARG B 78 -61.16 33.00 -6.80
CA ARG B 78 -59.83 32.51 -6.45
C ARG B 78 -58.81 33.11 -7.41
N PHE B 79 -57.80 33.77 -6.85
CA PHE B 79 -56.74 34.44 -7.61
C PHE B 79 -55.38 34.09 -7.03
N ASP B 80 -55.14 32.79 -6.83
CA ASP B 80 -53.92 32.34 -6.15
C ASP B 80 -52.67 32.76 -6.91
N ASN B 81 -51.92 33.69 -6.35
CA ASN B 81 -50.60 34.06 -6.87
C ASN B 81 -49.71 34.53 -5.72
N PRO B 82 -49.54 33.74 -4.66
CA PRO B 82 -48.73 34.18 -3.54
C PRO B 82 -47.23 34.04 -3.83
N VAL B 83 -46.44 34.58 -2.92
CA VAL B 83 -44.99 34.41 -2.98
C VAL B 83 -44.64 33.07 -2.37
N LEU B 84 -43.92 32.23 -3.13
CA LEU B 84 -43.59 30.89 -2.70
C LEU B 84 -42.09 30.73 -2.57
N PRO B 85 -41.60 30.09 -1.50
CA PRO B 85 -40.15 29.91 -1.36
C PRO B 85 -39.57 29.11 -2.51
N PHE B 86 -38.36 29.49 -2.94
CA PHE B 86 -37.68 28.76 -4.00
C PHE B 86 -37.06 27.46 -3.51
N ASN B 87 -36.58 27.43 -2.27
CA ASN B 87 -35.88 26.25 -1.72
C ASN B 87 -34.66 25.99 -2.61
N ASP B 88 -34.33 24.73 -2.88
CA ASP B 88 -33.20 24.38 -3.74
C ASP B 88 -33.63 24.06 -5.16
N GLY B 89 -34.90 24.28 -5.50
CA GLY B 89 -35.41 23.96 -6.82
C GLY B 89 -36.91 23.83 -6.81
N VAL B 90 -37.55 24.25 -7.90
CA VAL B 90 -39.01 24.29 -7.98
C VAL B 90 -39.45 23.53 -9.23
N TYR B 91 -40.43 22.63 -9.06
CA TYR B 91 -41.09 21.98 -10.17
C TYR B 91 -42.44 22.65 -10.39
N PHE B 92 -42.70 23.08 -11.62
CA PHE B 92 -43.91 23.80 -11.96
C PHE B 92 -44.61 23.12 -13.13
N ALA B 93 -45.93 22.99 -13.01
CA ALA B 93 -46.76 22.40 -14.05
C ALA B 93 -48.02 23.23 -14.21
N SER B 94 -48.59 23.19 -15.41
CA SER B 94 -49.79 23.96 -15.70
C SER B 94 -50.64 23.21 -16.71
N THR B 95 -51.92 23.01 -16.38
CA THR B 95 -52.90 22.42 -17.28
C THR B 95 -53.83 23.55 -17.72
N GLU B 96 -53.73 23.94 -18.99
CA GLU B 96 -54.41 25.14 -19.47
C GLU B 96 -55.04 24.86 -20.82
N LYS B 97 -56.05 25.68 -21.14
CA LYS B 97 -56.65 25.70 -22.46
C LYS B 97 -56.75 27.11 -23.05
N SER B 98 -56.43 28.15 -22.27
CA SER B 98 -56.53 29.53 -22.74
C SER B 98 -55.25 30.33 -22.51
N ASN B 99 -54.17 29.71 -22.04
CA ASN B 99 -52.89 30.38 -21.85
C ASN B 99 -53.02 31.57 -20.89
N ILE B 100 -53.36 31.25 -19.65
CA ILE B 100 -53.43 32.28 -18.59
C ILE B 100 -52.07 32.49 -17.95
N ILE B 101 -51.33 31.41 -17.67
CA ILE B 101 -49.98 31.54 -17.15
C ILE B 101 -49.10 32.15 -18.23
N ARG B 102 -48.31 33.16 -17.84
CA ARG B 102 -47.51 33.89 -18.82
C ARG B 102 -46.05 34.01 -18.41
N GLY B 103 -45.76 33.95 -17.10
CA GLY B 103 -44.39 34.16 -16.68
C GLY B 103 -44.21 33.85 -15.21
N TRP B 104 -42.97 34.06 -14.76
CA TRP B 104 -42.57 33.82 -13.38
C TRP B 104 -41.67 34.93 -12.90
N ILE B 105 -41.59 35.10 -11.59
CA ILE B 105 -40.70 36.06 -10.95
C ILE B 105 -39.86 35.33 -9.92
N PHE B 106 -38.56 35.66 -9.88
CA PHE B 106 -37.64 35.06 -8.93
C PHE B 106 -36.77 36.15 -8.32
N GLY B 107 -36.31 35.90 -7.10
CA GLY B 107 -35.46 36.84 -6.41
C GLY B 107 -35.44 36.55 -4.92
N THR B 108 -34.81 37.47 -4.18
CA THR B 108 -34.71 37.37 -2.74
C THR B 108 -35.74 38.22 -2.01
N THR B 109 -35.95 39.47 -2.43
CA THR B 109 -36.93 40.35 -1.83
C THR B 109 -37.95 40.90 -2.80
N LEU B 110 -37.77 40.70 -4.12
CA LEU B 110 -38.72 41.17 -5.12
C LEU B 110 -38.92 42.68 -5.00
N ASP B 111 -37.81 43.41 -4.88
CA ASP B 111 -37.86 44.85 -4.71
C ASP B 111 -36.52 45.44 -5.13
N SER B 112 -36.45 46.77 -5.16
CA SER B 112 -35.26 47.45 -5.65
C SER B 112 -34.04 47.20 -4.77
N LYS B 113 -34.24 46.76 -3.52
CA LYS B 113 -33.11 46.56 -2.62
C LYS B 113 -32.27 45.35 -3.00
N THR B 114 -32.79 44.44 -3.82
CA THR B 114 -32.06 43.24 -4.20
C THR B 114 -32.30 42.94 -5.67
N GLN B 115 -31.36 42.21 -6.27
CA GLN B 115 -31.50 41.78 -7.65
C GLN B 115 -32.63 40.77 -7.79
N SER B 116 -33.23 40.73 -8.99
CA SER B 116 -34.34 39.83 -9.26
C SER B 116 -34.33 39.45 -10.72
N LEU B 117 -34.99 38.34 -11.02
CA LEU B 117 -35.10 37.82 -12.38
C LEU B 117 -36.58 37.69 -12.74
N LEU B 118 -36.91 38.05 -13.98
CA LEU B 118 -38.28 38.03 -14.47
C LEU B 118 -38.34 37.29 -15.78
N ILE B 119 -39.25 36.33 -15.89
CA ILE B 119 -39.57 35.65 -17.13
C ILE B 119 -41.04 35.86 -17.41
N VAL B 120 -41.35 36.37 -18.60
CA VAL B 120 -42.72 36.72 -18.94
C VAL B 120 -42.93 36.53 -20.43
N ASN B 121 -44.10 36.00 -20.78
CA ASN B 121 -44.56 35.94 -22.17
C ASN B 121 -45.68 36.96 -22.32
N ASN B 122 -45.44 38.02 -23.08
CA ASN B 122 -46.38 39.12 -23.25
C ASN B 122 -47.33 38.90 -24.42
N ALA B 123 -47.62 37.64 -24.75
CA ALA B 123 -48.50 37.21 -25.83
C ALA B 123 -47.84 37.36 -27.20
N THR B 124 -46.63 37.92 -27.27
CA THR B 124 -45.90 38.01 -28.53
C THR B 124 -44.42 37.66 -28.42
N ASN B 125 -43.81 37.76 -27.24
CA ASN B 125 -42.39 37.51 -27.09
C ASN B 125 -42.12 36.91 -25.72
N VAL B 126 -41.01 36.18 -25.62
CA VAL B 126 -40.55 35.61 -24.36
C VAL B 126 -39.44 36.53 -23.86
N VAL B 127 -39.75 37.34 -22.86
CA VAL B 127 -38.84 38.37 -22.35
C VAL B 127 -38.25 37.89 -21.04
N ILE B 128 -36.92 37.89 -20.95
CA ILE B 128 -36.20 37.52 -19.73
C ILE B 128 -35.30 38.69 -19.34
N LYS B 129 -35.43 39.15 -18.11
CA LYS B 129 -34.66 40.29 -17.62
C LYS B 129 -34.17 40.00 -16.22
N VAL B 130 -33.06 40.63 -15.86
CA VAL B 130 -32.44 40.51 -14.54
C VAL B 130 -32.11 41.91 -14.05
N CYS B 131 -32.78 42.36 -13.00
CA CYS B 131 -32.58 43.70 -12.45
C CYS B 131 -32.99 43.69 -10.99
N GLU B 132 -32.95 44.89 -10.39
CA GLU B 132 -33.61 45.13 -9.11
C GLU B 132 -34.97 45.77 -9.35
N PHE B 133 -35.86 44.99 -9.96
CA PHE B 133 -37.25 45.39 -10.14
C PHE B 133 -37.92 45.74 -8.83
N GLN B 134 -38.72 46.81 -8.87
CA GLN B 134 -39.63 47.18 -7.78
C GLN B 134 -40.98 46.53 -8.07
N PHE B 135 -41.06 45.22 -7.82
CA PHE B 135 -42.25 44.47 -8.19
C PHE B 135 -43.48 45.01 -7.46
N CYS B 136 -44.61 45.01 -8.16
CA CYS B 136 -45.88 45.32 -7.53
C CYS B 136 -46.25 44.22 -6.55
N ASN B 137 -47.02 44.60 -5.52
CA ASN B 137 -47.43 43.61 -4.53
C ASN B 137 -48.32 42.53 -5.13
N ASP B 138 -49.06 42.87 -6.18
CA ASP B 138 -49.94 41.92 -6.88
C ASP B 138 -49.67 42.02 -8.38
N PRO B 139 -48.52 41.51 -8.83
CA PRO B 139 -48.17 41.65 -10.24
C PRO B 139 -48.99 40.73 -11.13
N PHE B 140 -49.27 41.20 -12.35
CA PHE B 140 -49.99 40.41 -13.33
C PHE B 140 -50.01 41.13 -14.67
N LEU B 141 -50.60 40.50 -15.69
CA LEU B 141 -50.78 41.11 -17.00
C LEU B 141 -52.24 41.48 -17.17
N GLY B 142 -52.51 42.75 -17.44
CA GLY B 142 -53.87 43.22 -17.63
C GLY B 142 -54.37 43.02 -19.05
N VAL B 143 -55.35 42.15 -19.22
CA VAL B 143 -55.90 41.84 -20.53
C VAL B 143 -57.21 42.59 -20.71
N TYR B 144 -57.44 43.10 -21.91
CA TYR B 144 -58.61 43.90 -22.23
C TYR B 144 -59.27 43.37 -23.49
N TYR B 145 -60.60 43.30 -23.48
CA TYR B 145 -61.39 43.04 -24.68
C TYR B 145 -61.63 44.37 -25.39
N HIS B 146 -60.52 44.99 -25.80
CA HIS B 146 -60.53 46.36 -26.29
C HIS B 146 -61.36 46.46 -27.57
N LYS B 147 -62.06 47.58 -27.71
CA LYS B 147 -63.05 47.73 -28.77
C LYS B 147 -62.48 48.26 -30.07
N ASN B 148 -61.41 49.06 -30.03
CA ASN B 148 -60.84 49.58 -31.26
C ASN B 148 -60.45 48.44 -32.21
N ASN B 149 -59.93 47.35 -31.65
CA ASN B 149 -59.67 46.13 -32.41
C ASN B 149 -60.73 45.05 -32.16
N LYS B 150 -61.57 45.23 -31.16
CA LYS B 150 -62.62 44.25 -30.82
C LYS B 150 -62.01 42.86 -30.66
N SER B 151 -60.88 42.80 -29.96
CA SER B 151 -60.17 41.55 -29.74
C SER B 151 -59.37 41.66 -28.45
N TRP B 152 -58.96 40.51 -27.94
CA TRP B 152 -58.20 40.45 -26.70
C TRP B 152 -56.82 41.07 -26.91
N MET B 153 -56.39 41.86 -25.93
CA MET B 153 -55.08 42.51 -26.02
C MET B 153 -54.63 42.89 -24.62
N GLU B 154 -53.31 42.88 -24.42
CA GLU B 154 -52.71 43.27 -23.15
C GLU B 154 -52.36 44.76 -23.20
N SER B 155 -53.00 45.55 -22.33
CA SER B 155 -52.77 46.98 -22.30
C SER B 155 -52.45 47.52 -20.91
N GLU B 156 -52.68 46.76 -19.85
CA GLU B 156 -52.39 47.19 -18.48
C GLU B 156 -51.27 46.31 -17.95
N PHE B 157 -50.03 46.75 -18.17
CA PHE B 157 -48.85 46.05 -17.68
C PHE B 157 -48.61 46.50 -16.24
N ARG B 158 -48.91 45.62 -15.29
CA ARG B 158 -48.86 45.97 -13.88
C ARG B 158 -47.94 45.02 -13.10
N VAL B 159 -46.75 44.75 -13.64
CA VAL B 159 -45.82 43.83 -13.01
C VAL B 159 -44.93 44.54 -12.00
N TYR B 160 -44.33 45.67 -12.38
CA TYR B 160 -43.38 46.36 -11.53
C TYR B 160 -43.60 47.86 -11.63
N SER B 161 -43.02 48.57 -10.66
CA SER B 161 -43.08 50.03 -10.63
C SER B 161 -41.86 50.67 -11.31
N SER B 162 -40.70 50.04 -11.19
CA SER B 162 -39.48 50.59 -11.78
C SER B 162 -38.53 49.44 -12.11
N ALA B 163 -37.59 49.71 -13.02
CA ALA B 163 -36.57 48.75 -13.43
C ALA B 163 -35.22 49.47 -13.37
N ASN B 164 -34.37 49.05 -12.44
CA ASN B 164 -33.08 49.69 -12.20
C ASN B 164 -31.98 48.64 -12.09
N ASN B 165 -30.75 49.07 -12.36
CA ASN B 165 -29.56 48.22 -12.22
C ASN B 165 -29.68 46.98 -13.11
N CYS B 166 -29.68 47.21 -14.42
CA CYS B 166 -29.86 46.13 -15.37
C CYS B 166 -28.52 45.44 -15.64
N THR B 167 -28.52 44.11 -15.53
CA THR B 167 -27.35 43.28 -15.82
C THR B 167 -27.37 42.71 -17.23
N PHE B 168 -28.50 42.16 -17.66
CA PHE B 168 -28.67 41.73 -19.05
C PHE B 168 -30.15 41.49 -19.29
N GLU B 169 -30.51 41.42 -20.57
CA GLU B 169 -31.89 41.15 -20.97
C GLU B 169 -31.88 40.39 -22.28
N TYR B 170 -32.83 39.48 -22.44
CA TYR B 170 -32.99 38.71 -23.66
C TYR B 170 -34.46 38.57 -23.99
N VAL B 171 -34.81 38.78 -25.26
CA VAL B 171 -36.19 38.66 -25.74
C VAL B 171 -36.17 37.77 -26.97
N SER B 172 -37.07 36.78 -26.99
CA SER B 172 -37.17 35.88 -28.13
C SER B 172 -37.85 36.59 -29.30
N GLN B 173 -37.84 35.92 -30.45
CA GLN B 173 -38.44 36.50 -31.65
C GLN B 173 -39.95 36.65 -31.46
N PRO B 174 -40.57 37.61 -32.14
CA PRO B 174 -42.00 37.85 -31.92
C PRO B 174 -42.89 36.76 -32.50
N PHE B 175 -43.45 35.93 -31.63
CA PHE B 175 -44.43 34.91 -32.01
C PHE B 175 -45.58 34.96 -31.02
N LEU B 176 -46.80 34.91 -31.54
CA LEU B 176 -48.00 35.10 -30.73
C LEU B 176 -48.70 33.77 -30.47
N MET B 177 -49.54 33.77 -29.44
CA MET B 177 -50.32 32.60 -29.04
C MET B 177 -51.76 33.02 -28.80
N ASP B 178 -52.67 32.07 -28.95
CA ASP B 178 -54.09 32.36 -28.83
C ASP B 178 -54.44 32.83 -27.42
N LEU B 179 -55.38 33.76 -27.33
CA LEU B 179 -55.87 34.27 -26.05
C LEU B 179 -57.36 34.00 -25.85
N GLU B 180 -58.00 33.27 -26.77
CA GLU B 180 -59.43 33.04 -26.66
C GLU B 180 -59.76 32.23 -25.42
N GLY B 181 -60.92 32.52 -24.83
CA GLY B 181 -61.37 31.81 -23.65
C GLY B 181 -62.03 30.49 -23.99
N LYS B 182 -61.21 29.50 -24.36
CA LYS B 182 -61.74 28.20 -24.75
C LYS B 182 -62.36 27.50 -23.54
N GLN B 183 -63.35 26.66 -23.81
CA GLN B 183 -64.06 25.88 -22.80
C GLN B 183 -63.68 24.40 -22.92
N GLY B 184 -64.31 23.59 -22.10
CA GLY B 184 -64.06 22.15 -22.13
C GLY B 184 -62.85 21.76 -21.30
N ASN B 185 -62.37 20.55 -21.56
CA ASN B 185 -61.24 20.02 -20.83
C ASN B 185 -59.95 20.76 -21.20
N PHE B 186 -58.98 20.71 -20.30
CA PHE B 186 -57.68 21.29 -20.56
C PHE B 186 -56.99 20.54 -21.70
N LYS B 187 -56.40 21.28 -22.64
CA LYS B 187 -55.81 20.69 -23.82
C LYS B 187 -54.28 20.67 -23.78
N ASN B 188 -53.65 21.55 -23.03
CA ASN B 188 -52.20 21.68 -23.01
C ASN B 188 -51.68 21.48 -21.58
N LEU B 189 -50.58 20.75 -21.47
CA LEU B 189 -49.90 20.53 -20.20
C LEU B 189 -48.45 20.93 -20.36
N ARG B 190 -48.02 21.95 -19.60
CA ARG B 190 -46.66 22.44 -19.64
C ARG B 190 -46.01 22.19 -18.29
N GLU B 191 -44.82 21.58 -18.31
CA GLU B 191 -44.07 21.27 -17.11
C GLU B 191 -42.71 21.95 -17.17
N PHE B 192 -42.31 22.58 -16.06
CA PHE B 192 -41.06 23.29 -15.99
C PHE B 192 -40.33 22.93 -14.70
N VAL B 193 -39.00 22.90 -14.78
CA VAL B 193 -38.14 22.68 -13.63
C VAL B 193 -37.12 23.81 -13.58
N PHE B 194 -37.04 24.50 -12.45
CA PHE B 194 -36.14 25.63 -12.28
C PHE B 194 -35.09 25.28 -11.23
N LYS B 195 -33.82 25.56 -11.54
CA LYS B 195 -32.71 25.25 -10.68
C LYS B 195 -31.78 26.46 -10.60
N ASN B 196 -31.07 26.56 -9.48
CA ASN B 196 -30.11 27.64 -9.28
C ASN B 196 -29.01 27.15 -8.34
N ILE B 197 -27.88 26.76 -8.92
CA ILE B 197 -26.73 26.30 -8.16
C ILE B 197 -25.48 27.02 -8.68
N ASP B 198 -24.46 27.09 -7.82
CA ASP B 198 -23.14 27.66 -8.12
C ASP B 198 -23.24 28.83 -9.08
N GLY B 199 -24.13 29.78 -8.80
CA GLY B 199 -24.25 30.98 -9.61
C GLY B 199 -24.55 30.68 -11.07
N TYR B 200 -25.49 29.78 -11.32
CA TYR B 200 -25.82 29.40 -12.69
C TYR B 200 -27.21 28.78 -12.72
N PHE B 201 -28.12 29.38 -13.48
CA PHE B 201 -29.54 29.09 -13.40
C PHE B 201 -29.96 28.22 -14.58
N LYS B 202 -30.72 27.17 -14.30
CA LYS B 202 -31.17 26.20 -15.30
C LYS B 202 -32.68 26.23 -15.42
N ILE B 203 -33.18 25.98 -16.63
CA ILE B 203 -34.61 25.83 -16.88
C ILE B 203 -34.80 24.62 -17.79
N TYR B 204 -35.61 23.66 -17.33
CA TYR B 204 -36.03 22.52 -18.13
C TYR B 204 -37.53 22.61 -18.37
N SER B 205 -37.96 22.17 -19.55
CA SER B 205 -39.36 22.33 -19.93
C SER B 205 -39.82 21.13 -20.75
N LYS B 206 -41.14 20.92 -20.75
CA LYS B 206 -41.77 19.90 -21.56
C LYS B 206 -43.19 20.35 -21.87
N HIS B 207 -43.67 19.99 -23.05
CA HIS B 207 -44.99 20.38 -23.52
C HIS B 207 -45.67 19.19 -24.16
N THR B 208 -46.82 18.79 -23.63
CA THR B 208 -47.56 17.64 -24.12
C THR B 208 -49.04 17.96 -24.12
N PRO B 209 -49.81 17.37 -25.04
CA PRO B 209 -51.26 17.51 -24.98
C PRO B 209 -51.87 16.60 -23.93
N ILE B 210 -53.02 17.04 -23.39
CA ILE B 210 -53.73 16.30 -22.37
C ILE B 210 -55.23 16.32 -22.68
N ASN B 211 -55.94 15.36 -22.09
CA ASN B 211 -57.39 15.27 -22.21
C ASN B 211 -58.02 15.17 -20.82
N LEU B 212 -57.37 15.74 -19.81
CA LEU B 212 -57.83 15.69 -18.44
C LEU B 212 -58.48 17.00 -18.04
N VAL B 213 -59.05 17.00 -16.83
CA VAL B 213 -59.70 18.18 -16.26
C VAL B 213 -59.21 18.50 -14.86
N ARG B 214 -58.26 17.74 -14.32
CA ARG B 214 -57.78 17.97 -12.96
C ARG B 214 -56.57 17.06 -12.73
N ASP B 215 -55.85 17.36 -11.66
CA ASP B 215 -54.70 16.55 -11.24
C ASP B 215 -53.69 16.52 -12.39
N LEU B 216 -52.88 15.48 -12.46
CA LEU B 216 -51.87 15.31 -13.50
C LEU B 216 -51.99 13.92 -14.10
N PRO B 217 -51.61 13.76 -15.36
CA PRO B 217 -51.65 12.43 -15.98
C PRO B 217 -50.64 11.49 -15.36
N GLN B 218 -50.98 10.20 -15.36
CA GLN B 218 -50.10 9.18 -14.80
C GLN B 218 -48.96 8.80 -15.73
N GLY B 219 -48.95 9.31 -16.96
CA GLY B 219 -47.89 8.98 -17.89
C GLY B 219 -46.56 9.55 -17.46
N PHE B 220 -45.50 8.99 -18.04
CA PHE B 220 -44.12 9.35 -17.73
C PHE B 220 -43.54 10.16 -18.87
N SER B 221 -42.94 11.31 -18.55
CA SER B 221 -42.32 12.17 -19.54
C SER B 221 -41.14 12.88 -18.92
N ALA B 222 -40.07 13.02 -19.69
CA ALA B 222 -38.84 13.65 -19.23
C ALA B 222 -38.76 15.08 -19.73
N LEU B 223 -38.31 15.99 -18.86
CA LEU B 223 -38.22 17.41 -19.19
C LEU B 223 -36.83 17.70 -19.75
N GLU B 224 -36.78 18.09 -21.02
CA GLU B 224 -35.52 18.42 -21.66
C GLU B 224 -35.07 19.83 -21.27
N PRO B 225 -33.77 20.11 -21.30
CA PRO B 225 -33.29 21.47 -20.98
C PRO B 225 -33.86 22.48 -21.96
N LEU B 226 -34.14 23.68 -21.47
CA LEU B 226 -34.69 24.76 -22.28
C LEU B 226 -33.71 25.91 -22.43
N VAL B 227 -33.29 26.53 -21.32
CA VAL B 227 -32.28 27.59 -21.35
C VAL B 227 -31.52 27.56 -20.03
N ASP B 228 -30.26 27.92 -20.09
CA ASP B 228 -29.42 28.09 -18.91
C ASP B 228 -28.79 29.47 -18.93
N LEU B 229 -28.87 30.18 -17.80
CA LEU B 229 -28.37 31.55 -17.71
C LEU B 229 -27.27 31.64 -16.66
N PRO B 230 -26.12 32.25 -16.98
CA PRO B 230 -25.05 32.43 -15.96
C PRO B 230 -25.27 33.65 -15.07
N ILE B 231 -26.06 33.46 -14.02
CA ILE B 231 -26.45 34.53 -13.12
C ILE B 231 -26.07 34.15 -11.69
N GLY B 232 -25.49 35.11 -10.96
CA GLY B 232 -25.04 34.87 -9.62
C GLY B 232 -26.00 35.36 -8.55
N ILE B 233 -27.27 35.53 -8.91
CA ILE B 233 -28.27 36.02 -7.99
C ILE B 233 -28.48 35.01 -6.87
N ASN B 234 -29.17 35.42 -5.80
CA ASN B 234 -29.30 34.62 -4.60
C ASN B 234 -30.77 34.30 -4.32
N ILE B 235 -31.48 33.85 -5.36
CA ILE B 235 -32.92 33.61 -5.25
C ILE B 235 -33.25 32.83 -4.00
N THR B 236 -34.28 33.30 -3.28
CA THR B 236 -34.89 32.53 -2.19
C THR B 236 -36.41 32.52 -2.25
N ARG B 237 -37.03 33.29 -3.14
CA ARG B 237 -38.48 33.31 -3.30
C ARG B 237 -38.80 33.41 -4.79
N PHE B 238 -40.05 33.09 -5.12
CA PHE B 238 -40.51 33.21 -6.50
C PHE B 238 -42.02 33.39 -6.51
N GLN B 239 -42.53 33.84 -7.65
CA GLN B 239 -43.96 34.10 -7.81
C GLN B 239 -44.35 33.85 -9.26
N THR B 240 -45.64 33.62 -9.46
CA THR B 240 -46.20 33.35 -10.78
C THR B 240 -46.85 34.62 -11.34
N LEU B 241 -46.95 34.65 -12.67
CA LEU B 241 -47.57 35.77 -13.38
C LEU B 241 -48.80 35.28 -14.12
N LEU B 242 -49.90 36.02 -13.99
CA LEU B 242 -51.18 35.64 -14.56
C LEU B 242 -51.66 36.74 -15.50
N ALA B 243 -52.45 36.34 -16.50
CA ALA B 243 -53.03 37.28 -17.46
C ALA B 243 -54.48 37.52 -17.06
N LEU B 244 -54.66 38.47 -16.14
CA LEU B 244 -55.99 38.78 -15.64
C LEU B 244 -56.80 39.52 -16.69
N HIS B 245 -58.12 39.40 -16.59
CA HIS B 245 -59.06 40.06 -17.49
C HIS B 245 -59.74 41.20 -16.74
N ARG B 246 -59.75 42.38 -17.34
CA ARG B 246 -60.37 43.55 -16.70
C ARG B 246 -61.88 43.37 -16.69
N SER B 247 -62.46 43.34 -15.48
CA SER B 247 -63.91 43.17 -15.37
C SER B 247 -64.66 44.33 -16.02
N TYR B 248 -64.04 45.51 -16.08
CA TYR B 248 -64.70 46.66 -16.69
C TYR B 248 -64.98 46.42 -18.16
N LEU B 249 -64.03 45.80 -18.87
CA LEU B 249 -64.14 45.54 -20.31
C LEU B 249 -64.03 44.05 -20.60
N THR B 250 -64.70 43.22 -19.80
CA THR B 250 -64.75 41.79 -20.05
C THR B 250 -66.09 41.41 -20.70
N PRO B 251 -66.10 40.45 -21.63
CA PRO B 251 -67.38 40.07 -22.26
C PRO B 251 -68.43 39.67 -21.23
N GLY B 252 -69.51 40.43 -21.16
CA GLY B 252 -70.60 40.13 -20.25
C GLY B 252 -70.46 40.72 -18.86
N ASP B 253 -69.30 41.29 -18.53
CA ASP B 253 -69.06 41.88 -17.22
C ASP B 253 -68.58 43.32 -17.41
N SER B 254 -69.08 44.22 -16.55
CA SER B 254 -68.71 45.62 -16.60
C SER B 254 -68.35 46.21 -15.23
N SER B 255 -68.54 45.46 -14.15
CA SER B 255 -68.19 45.98 -12.83
C SER B 255 -66.69 46.20 -12.71
N SER B 256 -66.31 47.22 -11.94
CA SER B 256 -64.90 47.51 -11.74
C SER B 256 -64.22 46.37 -11.01
N GLY B 257 -63.00 46.04 -11.44
CA GLY B 257 -62.21 44.98 -10.88
C GLY B 257 -61.60 44.13 -11.96
N TRP B 258 -61.03 42.99 -11.57
CA TRP B 258 -60.39 42.07 -12.49
C TRP B 258 -60.91 40.66 -12.24
N THR B 259 -61.02 39.89 -13.32
CA THR B 259 -61.46 38.50 -13.27
C THR B 259 -60.44 37.63 -14.00
N ALA B 260 -60.18 36.46 -13.44
CA ALA B 260 -59.18 35.53 -13.98
C ALA B 260 -59.88 34.37 -14.66
N GLY B 261 -59.47 34.07 -15.89
CA GLY B 261 -60.00 32.92 -16.59
C GLY B 261 -59.51 31.62 -15.98
N ALA B 262 -60.27 30.55 -16.24
CA ALA B 262 -59.98 29.25 -15.67
C ALA B 262 -58.53 28.83 -15.93
N ALA B 263 -57.74 28.70 -14.87
CA ALA B 263 -56.34 28.33 -14.97
C ALA B 263 -55.96 27.47 -13.78
N ALA B 264 -55.22 26.40 -14.04
CA ALA B 264 -54.76 25.47 -13.01
C ALA B 264 -53.28 25.22 -13.17
N TYR B 265 -52.53 25.36 -12.08
CA TYR B 265 -51.10 25.09 -12.07
C TYR B 265 -50.71 24.47 -10.74
N TYR B 266 -49.60 23.73 -10.75
CA TYR B 266 -49.13 23.00 -9.58
C TYR B 266 -47.68 23.38 -9.32
N VAL B 267 -47.29 23.34 -8.04
CA VAL B 267 -45.95 23.72 -7.61
C VAL B 267 -45.39 22.62 -6.73
N GLY B 268 -44.13 22.24 -6.99
CA GLY B 268 -43.44 21.27 -6.17
C GLY B 268 -42.02 21.72 -5.90
N TYR B 269 -41.41 21.08 -4.91
CA TYR B 269 -40.06 21.43 -4.47
C TYR B 269 -39.15 20.22 -4.59
N LEU B 270 -37.93 20.46 -5.06
CA LEU B 270 -36.97 19.39 -5.28
C LEU B 270 -36.19 19.08 -4.02
N GLN B 271 -35.80 17.82 -3.88
CA GLN B 271 -34.95 17.34 -2.80
C GLN B 271 -33.85 16.47 -3.40
N PRO B 272 -32.71 16.35 -2.72
CA PRO B 272 -31.62 15.52 -3.26
C PRO B 272 -31.95 14.04 -3.17
N ARG B 273 -32.25 13.42 -4.30
CA ARG B 273 -32.65 12.01 -4.34
C ARG B 273 -31.87 11.30 -5.42
N THR B 274 -31.37 10.11 -5.11
CA THR B 274 -30.71 9.28 -6.11
C THR B 274 -31.77 8.64 -7.01
N PHE B 275 -31.55 8.74 -8.33
CA PHE B 275 -32.50 8.25 -9.31
C PHE B 275 -31.80 7.31 -10.28
N LEU B 276 -32.54 6.30 -10.73
CA LEU B 276 -32.08 5.36 -11.74
C LEU B 276 -32.84 5.62 -13.02
N LEU B 277 -32.19 6.27 -13.99
CA LEU B 277 -32.83 6.68 -15.23
C LEU B 277 -32.51 5.68 -16.32
N LYS B 278 -33.55 5.29 -17.06
CA LYS B 278 -33.44 4.31 -18.13
C LYS B 278 -33.42 5.07 -19.46
N TYR B 279 -32.29 5.02 -20.15
CA TYR B 279 -32.16 5.63 -21.47
C TYR B 279 -32.41 4.57 -22.55
N ASN B 280 -33.29 4.89 -23.49
CA ASN B 280 -33.63 3.94 -24.55
C ASN B 280 -32.62 4.07 -25.70
N GLU B 281 -32.95 3.44 -26.84
CA GLU B 281 -32.00 3.37 -27.94
C GLU B 281 -31.74 4.73 -28.57
N ASN B 282 -32.74 5.60 -28.67
CA ASN B 282 -32.53 6.97 -29.14
C ASN B 282 -32.03 7.90 -28.04
N GLY B 283 -31.82 7.37 -26.84
CA GLY B 283 -31.30 8.15 -25.73
C GLY B 283 -32.34 8.92 -24.96
N THR B 284 -33.63 8.66 -25.18
CA THR B 284 -34.68 9.32 -24.43
C THR B 284 -34.95 8.56 -23.14
N ILE B 285 -35.13 9.30 -22.05
CA ILE B 285 -35.41 8.70 -20.75
C ILE B 285 -36.86 8.22 -20.73
N THR B 286 -37.05 6.92 -20.92
CA THR B 286 -38.39 6.35 -21.00
C THR B 286 -38.95 5.92 -19.65
N ASP B 287 -38.14 5.93 -18.59
CA ASP B 287 -38.61 5.51 -17.28
C ASP B 287 -37.56 5.90 -16.24
N ALA B 288 -38.01 5.99 -14.99
CA ALA B 288 -37.12 6.33 -13.88
C ALA B 288 -37.63 5.67 -12.62
N VAL B 289 -36.71 5.43 -11.68
CA VAL B 289 -37.03 4.84 -10.39
C VAL B 289 -36.39 5.68 -9.29
N ASP B 290 -37.18 6.03 -8.28
CA ASP B 290 -36.66 6.80 -7.14
C ASP B 290 -36.07 5.82 -6.13
N CYS B 291 -34.80 6.01 -5.80
CA CYS B 291 -34.07 5.08 -4.94
C CYS B 291 -34.44 5.20 -3.48
N ALA B 292 -35.49 5.94 -3.12
CA ALA B 292 -35.91 6.03 -1.72
C ALA B 292 -37.42 5.93 -1.57
N LEU B 293 -38.14 5.52 -2.63
CA LEU B 293 -39.59 5.45 -2.57
C LEU B 293 -40.06 4.28 -1.71
N ASP B 294 -39.70 3.07 -2.11
CA ASP B 294 -40.08 1.85 -1.41
C ASP B 294 -38.88 0.91 -1.40
N PRO B 295 -38.90 -0.10 -0.53
CA PRO B 295 -37.78 -1.04 -0.50
C PRO B 295 -37.51 -1.70 -1.85
N LEU B 296 -38.56 -1.94 -2.64
CA LEU B 296 -38.36 -2.51 -3.96
C LEU B 296 -37.55 -1.59 -4.85
N SER B 297 -37.81 -0.28 -4.79
CA SER B 297 -37.04 0.67 -5.59
C SER B 297 -35.58 0.70 -5.15
N GLU B 298 -35.33 0.66 -3.84
CA GLU B 298 -33.96 0.61 -3.36
C GLU B 298 -33.25 -0.65 -3.82
N THR B 299 -33.96 -1.78 -3.80
CA THR B 299 -33.37 -3.02 -4.32
C THR B 299 -33.05 -2.88 -5.81
N LYS B 300 -33.96 -2.27 -6.57
CA LYS B 300 -33.70 -2.05 -7.99
C LYS B 300 -32.45 -1.21 -8.20
N CYS B 301 -32.32 -0.13 -7.44
CA CYS B 301 -31.13 0.72 -7.56
C CYS B 301 -29.87 -0.05 -7.18
N THR B 302 -29.94 -0.85 -6.11
CA THR B 302 -28.77 -1.64 -5.71
C THR B 302 -28.37 -2.60 -6.82
N LEU B 303 -29.34 -3.25 -7.45
CA LEU B 303 -29.07 -4.14 -8.56
C LEU B 303 -28.91 -3.40 -9.89
N LYS B 304 -29.18 -2.10 -9.92
CA LYS B 304 -29.09 -1.31 -11.13
C LYS B 304 -29.92 -1.92 -12.25
N SER B 305 -31.12 -2.37 -11.89
CA SER B 305 -32.01 -3.03 -12.84
C SER B 305 -33.44 -2.75 -12.43
N PHE B 306 -34.30 -2.51 -13.43
CA PHE B 306 -35.72 -2.30 -13.17
C PHE B 306 -36.48 -3.59 -12.94
N THR B 307 -35.89 -4.74 -13.23
CA THR B 307 -36.48 -6.04 -12.96
C THR B 307 -35.62 -6.76 -11.93
N VAL B 308 -36.25 -7.17 -10.83
CA VAL B 308 -35.57 -7.87 -9.74
C VAL B 308 -36.14 -9.28 -9.67
N GLU B 309 -35.26 -10.26 -9.71
CA GLU B 309 -35.66 -11.66 -9.67
C GLU B 309 -35.81 -12.14 -8.22
N LYS B 310 -36.36 -13.34 -8.08
CA LYS B 310 -36.60 -13.90 -6.75
C LYS B 310 -35.30 -14.03 -5.98
N GLY B 311 -35.32 -13.63 -4.72
CA GLY B 311 -34.16 -13.75 -3.86
C GLY B 311 -34.22 -12.72 -2.75
N ILE B 312 -33.14 -12.69 -1.97
CA ILE B 312 -32.96 -11.76 -0.86
C ILE B 312 -31.70 -10.95 -1.13
N TYR B 313 -31.82 -9.63 -1.09
CA TYR B 313 -30.73 -8.72 -1.42
C TYR B 313 -30.51 -7.75 -0.26
N GLN B 314 -29.25 -7.60 0.15
CA GLN B 314 -28.88 -6.61 1.15
C GLN B 314 -28.72 -5.25 0.47
N THR B 315 -29.61 -4.32 0.79
CA THR B 315 -29.65 -3.03 0.11
C THR B 315 -28.87 -1.94 0.82
N SER B 316 -29.04 -1.78 2.13
CA SER B 316 -28.40 -0.70 2.86
C SER B 316 -28.21 -1.13 4.31
N ASN B 317 -27.72 -0.21 5.14
CA ASN B 317 -27.50 -0.44 6.55
C ASN B 317 -28.23 0.63 7.35
N PHE B 318 -28.60 0.28 8.58
CA PHE B 318 -29.37 1.16 9.46
C PHE B 318 -28.60 1.40 10.74
N ARG B 319 -28.64 2.64 11.23
CA ARG B 319 -27.95 3.05 12.44
C ARG B 319 -28.96 3.61 13.44
N VAL B 320 -28.62 3.45 14.73
CA VAL B 320 -29.38 4.04 15.83
C VAL B 320 -28.43 4.97 16.58
N GLN B 321 -28.79 6.25 16.62
CA GLN B 321 -27.94 7.27 17.21
C GLN B 321 -28.29 7.52 18.66
N PRO B 322 -27.34 8.03 19.46
CA PRO B 322 -27.67 8.37 20.85
C PRO B 322 -28.74 9.44 20.92
N THR B 323 -29.59 9.34 21.94
CA THR B 323 -30.78 10.19 21.98
C THR B 323 -30.41 11.66 22.05
N GLU B 324 -29.86 12.13 23.18
CA GLU B 324 -29.28 13.46 23.22
C GLU B 324 -27.83 13.47 23.70
N SER B 325 -27.58 12.95 24.91
CA SER B 325 -26.25 12.97 25.50
C SER B 325 -26.31 12.41 26.93
N ILE B 326 -25.15 12.05 27.48
CA ILE B 326 -25.03 11.73 28.90
C ILE B 326 -23.66 12.16 29.39
N VAL B 327 -23.62 12.76 30.58
CA VAL B 327 -22.37 13.21 31.21
C VAL B 327 -22.49 12.91 32.70
N ARG B 328 -21.66 12.00 33.19
CA ARG B 328 -21.63 11.61 34.60
C ARG B 328 -20.24 11.80 35.16
N PHE B 329 -20.16 12.41 36.32
CA PHE B 329 -18.87 12.70 36.94
C PHE B 329 -19.00 12.47 38.44
N PRO B 330 -17.89 12.34 39.15
CA PRO B 330 -17.95 12.02 40.59
C PRO B 330 -18.69 13.09 41.37
N ASN B 331 -18.91 12.79 42.65
CA ASN B 331 -19.55 13.74 43.55
C ASN B 331 -18.64 14.94 43.82
N ILE B 332 -19.21 15.96 44.44
CA ILE B 332 -18.44 17.15 44.77
C ILE B 332 -17.34 16.77 45.75
N THR B 333 -16.11 17.14 45.42
CA THR B 333 -14.97 16.83 46.29
C THR B 333 -14.89 17.87 47.41
N ASN B 334 -13.80 17.82 48.17
CA ASN B 334 -13.61 18.74 49.28
C ASN B 334 -13.53 20.17 48.75
N LEU B 335 -14.49 21.00 49.16
CA LEU B 335 -14.51 22.39 48.74
C LEU B 335 -13.30 23.13 49.31
N CYS B 336 -12.81 24.10 48.53
CA CYS B 336 -11.70 24.90 49.00
C CYS B 336 -12.14 25.72 50.22
N PRO B 337 -11.25 25.92 51.20
CA PRO B 337 -11.66 26.62 52.44
C PRO B 337 -11.76 28.13 52.24
N PHE B 338 -12.65 28.55 51.34
CA PHE B 338 -12.90 29.98 51.15
C PHE B 338 -13.67 30.55 52.33
N GLY B 339 -14.58 29.77 52.92
CA GLY B 339 -15.34 30.26 54.05
C GLY B 339 -14.47 30.63 55.24
N GLU B 340 -13.38 29.88 55.44
CA GLU B 340 -12.49 30.17 56.56
C GLU B 340 -11.93 31.59 56.46
N VAL B 341 -11.68 32.07 55.24
CA VAL B 341 -11.16 33.42 55.06
C VAL B 341 -12.31 34.43 55.10
N PHE B 342 -13.35 34.19 54.31
CA PHE B 342 -14.48 35.12 54.30
C PHE B 342 -15.16 35.17 55.65
N ASN B 343 -15.39 34.02 56.27
CA ASN B 343 -15.95 33.95 57.62
C ASN B 343 -14.80 33.64 58.57
N ALA B 344 -14.06 34.69 58.92
CA ALA B 344 -12.90 34.59 59.80
C ALA B 344 -13.22 35.29 61.12
N THR B 345 -12.98 34.59 62.23
CA THR B 345 -13.25 35.18 63.54
C THR B 345 -12.39 36.41 63.79
N ARG B 346 -11.20 36.47 63.19
CA ARG B 346 -10.29 37.59 63.36
C ARG B 346 -9.72 38.00 62.02
N PHE B 347 -9.61 39.31 61.80
CA PHE B 347 -9.03 39.87 60.58
C PHE B 347 -7.84 40.73 60.97
N ALA B 348 -6.73 40.54 60.25
CA ALA B 348 -5.55 41.36 60.47
C ALA B 348 -5.70 42.72 59.79
N SER B 349 -4.86 43.66 60.20
CA SER B 349 -4.92 45.00 59.65
C SER B 349 -4.47 45.00 58.19
N VAL B 350 -4.74 46.11 57.51
CA VAL B 350 -4.41 46.23 56.09
C VAL B 350 -2.90 46.12 55.89
N TYR B 351 -2.12 46.78 56.74
CA TYR B 351 -0.67 46.68 56.64
C TYR B 351 -0.17 45.26 56.93
N ALA B 352 -0.99 44.44 57.59
CA ALA B 352 -0.60 43.08 57.92
C ALA B 352 -1.63 42.09 57.41
N TRP B 353 -2.03 42.26 56.14
CA TRP B 353 -3.07 41.42 55.57
C TRP B 353 -2.73 39.94 55.72
N ASN B 354 -3.71 39.16 56.16
CA ASN B 354 -3.55 37.74 56.37
C ASN B 354 -3.73 37.01 55.05
N ARG B 355 -2.80 36.10 54.74
CA ARG B 355 -2.81 35.34 53.49
C ARG B 355 -3.06 33.87 53.77
N LYS B 356 -3.91 33.26 52.96
CA LYS B 356 -4.17 31.83 53.00
C LYS B 356 -4.01 31.26 51.60
N ARG B 357 -3.25 30.19 51.47
CA ARG B 357 -2.98 29.55 50.19
C ARG B 357 -3.98 28.41 49.97
N ILE B 358 -4.53 28.36 48.76
CA ILE B 358 -5.54 27.37 48.39
C ILE B 358 -4.93 26.44 47.34
N SER B 359 -4.95 25.14 47.62
CA SER B 359 -4.39 24.16 46.71
C SER B 359 -5.05 22.81 46.94
N ASN B 360 -5.12 22.01 45.89
CA ASN B 360 -5.65 20.65 45.95
C ASN B 360 -7.09 20.66 46.48
N CYS B 361 -7.98 21.29 45.73
CA CYS B 361 -9.39 21.37 46.08
C CYS B 361 -10.14 21.91 44.86
N VAL B 362 -11.46 22.03 45.02
CA VAL B 362 -12.33 22.55 43.97
C VAL B 362 -12.91 23.88 44.46
N ALA B 363 -12.75 24.93 43.66
CA ALA B 363 -13.15 26.28 44.04
C ALA B 363 -14.56 26.55 43.54
N ASP B 364 -15.50 26.70 44.45
CA ASP B 364 -16.89 26.99 44.12
C ASP B 364 -17.39 28.11 45.04
N TYR B 365 -17.76 29.25 44.45
CA TYR B 365 -18.24 30.39 45.20
C TYR B 365 -19.56 30.94 44.66
N SER B 366 -20.24 30.20 43.77
CA SER B 366 -21.50 30.69 43.23
C SER B 366 -22.57 30.82 44.31
N VAL B 367 -22.41 30.12 45.43
CA VAL B 367 -23.40 30.23 46.51
C VAL B 367 -23.44 31.65 47.06
N LEU B 368 -22.27 32.27 47.25
CA LEU B 368 -22.21 33.61 47.79
C LEU B 368 -22.25 34.69 46.72
N TYR B 369 -21.86 34.36 45.48
CA TYR B 369 -21.88 35.37 44.42
C TYR B 369 -23.31 35.81 44.10
N ASN B 370 -24.25 34.87 44.04
CA ASN B 370 -25.61 35.19 43.64
C ASN B 370 -26.43 35.82 44.76
N SER B 371 -25.96 35.73 46.00
CA SER B 371 -26.71 36.30 47.12
C SER B 371 -26.60 37.82 47.18
N ALA B 372 -25.60 38.41 46.55
CA ALA B 372 -25.41 39.86 46.57
C ALA B 372 -25.36 40.38 48.00
N SER B 373 -24.67 39.64 48.87
CA SER B 373 -24.54 39.99 50.27
C SER B 373 -23.31 40.84 50.56
N PHE B 374 -22.54 41.20 49.53
CA PHE B 374 -21.32 41.98 49.68
C PHE B 374 -21.51 43.35 49.07
N SER B 375 -21.08 44.39 49.79
CA SER B 375 -21.21 45.76 49.29
C SER B 375 -20.41 45.98 48.02
N THR B 376 -19.36 45.19 47.79
CA THR B 376 -18.53 45.33 46.61
C THR B 376 -18.08 43.95 46.15
N PHE B 377 -18.16 43.71 44.85
CA PHE B 377 -17.72 42.46 44.23
C PHE B 377 -16.91 42.77 42.97
N LYS B 378 -15.96 43.69 43.09
CA LYS B 378 -15.21 44.19 41.94
C LYS B 378 -14.23 43.12 41.47
N CYS B 379 -14.40 42.69 40.21
CA CYS B 379 -13.46 41.80 39.53
C CYS B 379 -12.82 42.57 38.40
N TYR B 380 -11.53 42.90 38.55
CA TYR B 380 -10.84 43.77 37.61
C TYR B 380 -10.27 42.94 36.46
N GLY B 381 -10.75 43.23 35.25
CA GLY B 381 -10.26 42.53 34.07
C GLY B 381 -10.51 41.04 34.09
N VAL B 382 -11.63 40.61 34.69
CA VAL B 382 -11.96 39.19 34.75
C VAL B 382 -13.43 39.06 35.10
N SER B 383 -14.10 38.11 34.47
CA SER B 383 -15.51 37.87 34.75
C SER B 383 -15.67 37.31 36.16
N PRO B 384 -16.68 37.75 36.91
CA PRO B 384 -16.81 37.29 38.30
C PRO B 384 -17.13 35.82 38.44
N THR B 385 -17.61 35.16 37.38
CA THR B 385 -18.02 33.76 37.46
C THR B 385 -17.25 32.85 36.52
N LYS B 386 -16.87 33.33 35.33
CA LYS B 386 -16.18 32.47 34.38
C LYS B 386 -14.74 32.20 34.76
N LEU B 387 -14.16 33.00 35.66
CA LEU B 387 -12.79 32.75 36.10
C LEU B 387 -12.67 31.41 36.81
N ASN B 388 -13.76 30.91 37.38
CA ASN B 388 -13.74 29.67 38.13
C ASN B 388 -13.74 28.44 37.23
N ASP B 389 -14.12 28.58 35.97
CA ASP B 389 -14.20 27.44 35.05
C ASP B 389 -12.84 27.21 34.37
N LEU B 390 -11.85 26.89 35.19
CA LEU B 390 -10.50 26.62 34.71
C LEU B 390 -9.69 26.04 35.86
N CYS B 391 -8.66 25.28 35.49
CA CYS B 391 -7.75 24.68 36.46
C CYS B 391 -6.57 25.62 36.67
N PHE B 392 -6.32 25.97 37.94
CA PHE B 392 -5.30 26.94 38.29
C PHE B 392 -4.21 26.29 39.13
N THR B 393 -3.03 26.91 39.12
CA THR B 393 -1.88 26.42 39.86
C THR B 393 -1.78 27.06 41.24
N ASN B 394 -1.81 28.39 41.30
CA ASN B 394 -1.67 29.13 42.55
C ASN B 394 -2.94 29.93 42.81
N VAL B 395 -3.49 29.79 44.00
CA VAL B 395 -4.66 30.54 44.44
C VAL B 395 -4.40 31.02 45.86
N TYR B 396 -4.63 32.31 46.10
CA TYR B 396 -4.40 32.91 47.41
C TYR B 396 -5.59 33.78 47.80
N ALA B 397 -5.80 33.92 49.10
CA ALA B 397 -6.85 34.78 49.64
C ALA B 397 -6.21 35.72 50.66
N ASP B 398 -6.39 37.03 50.46
CA ASP B 398 -5.87 38.05 51.34
C ASP B 398 -7.03 38.78 51.99
N SER B 399 -7.03 38.83 53.33
CA SER B 399 -8.12 39.43 54.09
C SER B 399 -7.58 40.56 54.96
N PHE B 400 -8.38 41.62 55.07
CA PHE B 400 -8.02 42.77 55.90
C PHE B 400 -9.24 43.66 56.05
N VAL B 401 -9.15 44.59 57.01
CA VAL B 401 -10.24 45.52 57.32
C VAL B 401 -9.77 46.93 57.01
N ILE B 402 -10.62 47.68 56.30
CA ILE B 402 -10.31 49.05 55.90
C ILE B 402 -11.61 49.85 55.91
N ARG B 403 -11.49 51.17 55.75
CA ARG B 403 -12.66 52.02 55.64
C ARG B 403 -13.45 51.71 54.37
N GLY B 404 -14.75 51.98 54.42
CA GLY B 404 -15.58 51.79 53.24
C GLY B 404 -15.13 52.64 52.08
N ASP B 405 -14.74 53.90 52.35
CA ASP B 405 -14.26 54.77 51.30
C ASP B 405 -12.91 54.32 50.75
N GLU B 406 -12.13 53.57 51.52
CA GLU B 406 -10.83 53.10 51.09
C GLU B 406 -10.89 51.80 50.28
N VAL B 407 -12.08 51.21 50.11
CA VAL B 407 -12.19 50.01 49.30
C VAL B 407 -11.82 50.31 47.86
N ARG B 408 -12.13 51.52 47.38
CA ARG B 408 -11.77 51.90 46.02
C ARG B 408 -10.27 51.84 45.80
N GLN B 409 -9.49 52.12 46.86
CA GLN B 409 -8.04 52.11 46.73
C GLN B 409 -7.48 50.71 46.48
N ILE B 410 -8.24 49.67 46.81
CA ILE B 410 -7.79 48.29 46.63
C ILE B 410 -8.19 47.88 45.21
N ALA B 411 -7.28 48.15 44.26
CA ALA B 411 -7.50 47.81 42.86
C ALA B 411 -6.15 47.64 42.19
N PRO B 412 -6.06 46.85 41.12
CA PRO B 412 -4.78 46.70 40.44
C PRO B 412 -4.27 48.02 39.88
N GLY B 413 -2.99 48.29 40.10
CA GLY B 413 -2.39 49.53 39.66
C GLY B 413 -2.78 50.75 40.45
N GLN B 414 -3.60 50.60 41.49
CA GLN B 414 -4.02 51.75 42.28
C GLN B 414 -2.86 52.26 43.13
N THR B 415 -2.78 53.58 43.28
CA THR B 415 -1.73 54.22 44.04
C THR B 415 -2.35 55.09 45.12
N GLY B 416 -1.74 55.09 46.29
CA GLY B 416 -2.23 55.89 47.40
C GLY B 416 -1.51 55.52 48.68
N LYS B 417 -1.94 56.19 49.76
CA LYS B 417 -1.35 55.94 51.07
C LYS B 417 -1.62 54.53 51.56
N ILE B 418 -2.65 53.87 51.03
CA ILE B 418 -2.99 52.51 51.42
C ILE B 418 -2.44 51.48 50.43
N ALA B 419 -2.68 51.70 49.13
CA ALA B 419 -2.25 50.73 48.12
C ALA B 419 -0.73 50.62 48.08
N ASP B 420 -0.02 51.75 48.13
CA ASP B 420 1.42 51.75 47.97
C ASP B 420 2.19 51.43 49.25
N TYR B 421 1.51 51.44 50.41
CA TYR B 421 2.19 51.24 51.68
C TYR B 421 1.64 50.07 52.50
N ASN B 422 0.41 49.63 52.26
CA ASN B 422 -0.20 48.55 53.03
C ASN B 422 -0.46 47.31 52.21
N TYR B 423 -1.16 47.43 51.08
CA TYR B 423 -1.52 46.29 50.24
C TYR B 423 -1.47 46.73 48.79
N LYS B 424 -0.52 46.18 48.03
CA LYS B 424 -0.32 46.53 46.63
C LYS B 424 -0.80 45.40 45.74
N LEU B 425 -1.54 45.76 44.69
CA LEU B 425 -2.03 44.78 43.72
C LEU B 425 -1.28 44.93 42.40
N PRO B 426 -1.03 43.84 41.68
CA PRO B 426 -0.28 43.92 40.42
C PRO B 426 -1.18 44.35 39.27
N ASP B 427 -0.51 44.70 38.16
CA ASP B 427 -1.25 45.00 36.94
C ASP B 427 -1.96 43.76 36.42
N ASP B 428 -1.31 42.61 36.48
CA ASP B 428 -1.90 41.34 36.06
C ASP B 428 -2.63 40.73 37.24
N PHE B 429 -3.82 41.26 37.52
CA PHE B 429 -4.67 40.78 38.60
C PHE B 429 -5.92 40.16 37.99
N THR B 430 -6.00 38.83 38.03
CA THR B 430 -7.15 38.09 37.53
C THR B 430 -8.11 37.69 38.64
N GLY B 431 -7.89 38.20 39.85
CA GLY B 431 -8.72 37.86 41.00
C GLY B 431 -9.92 38.78 41.14
N CYS B 432 -10.53 38.70 42.32
CA CYS B 432 -11.69 39.53 42.64
C CYS B 432 -11.53 40.09 44.05
N VAL B 433 -11.94 41.34 44.24
CA VAL B 433 -11.94 41.99 45.54
C VAL B 433 -13.37 42.08 46.02
N ILE B 434 -13.65 41.48 47.17
CA ILE B 434 -14.99 41.45 47.75
C ILE B 434 -14.93 42.15 49.11
N ALA B 435 -15.76 43.17 49.27
CA ALA B 435 -15.80 43.97 50.49
C ALA B 435 -17.23 44.08 50.99
N TRP B 436 -17.39 44.01 52.31
CA TRP B 436 -18.71 44.15 52.93
C TRP B 436 -18.54 44.85 54.27
N ASN B 437 -19.60 45.53 54.70
CA ASN B 437 -19.55 46.29 55.94
C ASN B 437 -19.38 45.35 57.15
N SER B 438 -18.59 45.81 58.12
CA SER B 438 -18.33 45.05 59.34
C SER B 438 -18.65 45.85 60.59
N ASN B 439 -19.46 46.91 60.46
CA ASN B 439 -19.79 47.72 61.63
C ASN B 439 -20.53 46.91 62.68
N ASN B 440 -21.25 45.87 62.28
CA ASN B 440 -22.00 45.05 63.22
C ASN B 440 -21.10 44.24 64.15
N LEU B 441 -19.81 44.12 63.82
CA LEU B 441 -18.89 43.33 64.64
C LEU B 441 -17.68 44.14 65.06
N ASP B 442 -17.29 45.10 64.22
CA ASP B 442 -16.11 45.94 64.47
C ASP B 442 -16.47 47.29 65.04
N SER B 443 -17.51 47.35 65.88
CA SER B 443 -17.90 48.60 66.52
C SER B 443 -18.58 48.28 67.84
N LYS B 444 -18.30 49.11 68.85
CA LYS B 444 -18.88 48.94 70.17
C LYS B 444 -18.79 50.26 70.91
N VAL B 445 -19.44 50.32 72.07
CA VAL B 445 -19.41 51.53 72.89
C VAL B 445 -17.97 51.85 73.26
N GLY B 446 -17.58 53.11 73.07
CA GLY B 446 -16.23 53.55 73.33
C GLY B 446 -15.28 53.43 72.15
N GLY B 447 -15.71 52.78 71.07
CA GLY B 447 -14.89 52.66 69.88
C GLY B 447 -13.86 51.55 69.99
N ASN B 448 -13.20 51.30 68.86
CA ASN B 448 -12.15 50.30 68.77
C ASN B 448 -10.84 50.97 68.39
N TYR B 449 -9.74 50.49 68.96
CA TYR B 449 -8.42 51.07 68.72
C TYR B 449 -7.37 49.99 68.52
N ASN B 450 -7.74 48.85 67.94
CA ASN B 450 -6.87 47.69 67.80
C ASN B 450 -6.46 47.46 66.35
N TYR B 451 -6.20 48.54 65.62
CA TYR B 451 -5.74 48.45 64.24
C TYR B 451 -4.62 49.45 64.00
N LEU B 452 -3.79 49.16 63.00
CA LEU B 452 -2.69 50.03 62.61
C LEU B 452 -2.59 50.04 61.09
N TYR B 453 -2.03 51.12 60.56
CA TYR B 453 -1.77 51.23 59.13
C TYR B 453 -0.42 51.91 58.91
N ARG B 454 0.32 51.44 57.92
CA ARG B 454 1.64 51.98 57.61
C ARG B 454 1.52 53.07 56.57
N LEU B 455 2.12 54.23 56.85
CA LEU B 455 2.04 55.39 55.99
C LEU B 455 3.39 55.80 55.41
N PHE B 456 4.46 55.73 56.18
CA PHE B 456 5.78 56.16 55.75
C PHE B 456 6.64 54.94 55.43
N ARG B 457 7.26 54.96 54.25
CA ARG B 457 8.17 53.90 53.85
C ARG B 457 9.19 54.47 52.88
N LYS B 458 10.32 53.77 52.74
CA LYS B 458 11.39 54.22 51.86
C LYS B 458 11.00 54.14 50.39
N SER B 459 9.97 53.39 50.05
CA SER B 459 9.53 53.24 48.67
C SER B 459 8.13 52.64 48.68
N ASN B 460 7.60 52.38 47.48
CA ASN B 460 6.28 51.81 47.32
C ASN B 460 6.36 50.29 47.32
N LEU B 461 5.38 49.65 47.97
CA LEU B 461 5.36 48.20 48.05
C LEU B 461 5.18 47.58 46.66
N LYS B 462 5.89 46.49 46.42
CA LYS B 462 5.65 45.69 45.23
C LYS B 462 4.36 44.90 45.39
N PRO B 463 3.78 44.42 44.29
CA PRO B 463 2.53 43.65 44.40
C PRO B 463 2.70 42.47 45.35
N PHE B 464 1.72 42.32 46.24
CA PHE B 464 1.73 41.25 47.25
C PHE B 464 3.01 41.27 48.09
N GLU B 465 3.49 42.46 48.42
CA GLU B 465 4.67 42.62 49.27
C GLU B 465 4.24 43.10 50.65
N ARG B 466 4.80 42.48 51.68
CA ARG B 466 4.49 42.82 53.07
C ARG B 466 5.79 42.92 53.85
N ASP B 467 5.94 44.02 54.60
CA ASP B 467 7.10 44.23 55.45
C ASP B 467 6.67 44.99 56.69
N ILE B 468 6.96 44.43 57.85
CA ILE B 468 6.63 45.03 59.14
C ILE B 468 7.91 45.24 59.92
N SER B 469 8.14 46.47 60.35
CA SER B 469 9.34 46.80 61.12
C SER B 469 9.07 48.07 61.93
N THR B 470 9.86 48.24 62.98
CA THR B 470 9.77 49.41 63.85
C THR B 470 10.74 50.51 63.47
N GLU B 471 11.49 50.34 62.37
CA GLU B 471 12.44 51.36 61.95
C GLU B 471 11.72 52.68 61.70
N ILE B 472 12.28 53.75 62.24
CA ILE B 472 11.68 55.08 62.10
C ILE B 472 12.06 55.66 60.75
N TYR B 473 11.06 56.06 59.97
CA TYR B 473 11.32 56.70 58.68
C TYR B 473 11.93 58.08 58.91
N GLN B 474 13.03 58.35 58.22
CA GLN B 474 13.78 59.60 58.39
C GLN B 474 13.93 60.28 57.04
N ALA B 475 13.67 61.58 57.01
CA ALA B 475 13.86 62.36 55.78
C ALA B 475 15.33 62.36 55.40
N GLY B 476 15.59 62.35 54.09
CA GLY B 476 16.97 62.32 53.62
C GLY B 476 17.76 63.54 54.06
N SER B 477 17.14 64.72 54.01
CA SER B 477 17.82 65.95 54.39
C SER B 477 17.80 66.20 55.89
N THR B 478 16.97 65.47 56.64
CA THR B 478 16.85 65.63 58.09
C THR B 478 16.92 64.26 58.75
N PRO B 479 18.06 63.58 58.69
CA PRO B 479 18.18 62.28 59.34
C PRO B 479 18.12 62.41 60.86
N CYS B 480 17.59 61.36 61.49
CA CYS B 480 17.50 61.29 62.95
C CYS B 480 18.48 60.30 63.57
N ASN B 481 18.84 59.24 62.84
CA ASN B 481 19.82 58.26 63.32
C ASN B 481 19.33 57.57 64.60
N GLY B 482 18.15 56.98 64.52
CA GLY B 482 17.64 56.15 65.59
C GLY B 482 16.67 56.80 66.55
N VAL B 483 16.20 58.02 66.26
CA VAL B 483 15.26 58.72 67.12
C VAL B 483 14.12 59.28 66.26
N GLU B 484 13.03 59.63 66.93
CA GLU B 484 11.87 60.23 66.27
C GLU B 484 11.97 61.74 66.43
N GLY B 485 12.77 62.35 65.57
CA GLY B 485 13.01 63.78 65.57
C GLY B 485 12.23 64.50 64.50
N PHE B 486 12.74 65.66 64.10
CA PHE B 486 12.07 66.46 63.09
C PHE B 486 12.12 65.76 61.73
N ASN B 487 11.00 65.78 61.02
CA ASN B 487 10.86 65.13 59.72
C ASN B 487 11.06 63.62 59.80
N CYS B 488 10.95 63.05 61.01
CA CYS B 488 11.04 61.60 61.22
C CYS B 488 9.73 61.11 61.79
N TYR B 489 9.14 60.10 61.15
CA TYR B 489 7.83 59.60 61.51
C TYR B 489 7.88 58.09 61.65
N PHE B 490 7.17 57.57 62.64
CA PHE B 490 7.08 56.12 62.81
C PHE B 490 6.23 55.53 61.69
N PRO B 491 6.63 54.41 61.09
CA PRO B 491 5.85 53.88 59.96
C PRO B 491 4.40 53.61 60.31
N LEU B 492 4.12 53.09 61.50
CA LEU B 492 2.77 52.70 61.88
C LEU B 492 2.03 53.88 62.52
N GLN B 493 0.73 53.95 62.28
CA GLN B 493 -0.14 54.97 62.85
C GLN B 493 -1.37 54.29 63.43
N SER B 494 -1.98 54.94 64.43
CA SER B 494 -3.17 54.39 65.05
C SER B 494 -4.32 54.34 64.07
N TYR B 495 -5.22 53.39 64.28
CA TYR B 495 -6.33 53.15 63.36
C TYR B 495 -7.44 52.44 64.12
N GLY B 496 -8.68 52.84 63.87
CA GLY B 496 -9.80 52.25 64.57
C GLY B 496 -11.11 52.82 64.08
N PHE B 497 -12.19 52.36 64.71
CA PHE B 497 -13.54 52.77 64.34
C PHE B 497 -14.38 52.95 65.59
N GLN B 498 -15.43 53.76 65.46
CA GLN B 498 -16.34 54.06 66.54
C GLN B 498 -17.77 54.01 66.01
N PRO B 499 -18.76 53.81 66.89
CA PRO B 499 -20.15 53.77 66.41
C PRO B 499 -20.60 55.05 65.72
N THR B 500 -20.03 56.20 66.11
CA THR B 500 -20.43 57.48 65.54
C THR B 500 -19.85 57.74 64.16
N ASN B 501 -18.98 56.86 63.67
CA ASN B 501 -18.39 57.05 62.35
C ASN B 501 -19.46 57.05 61.28
N GLY B 502 -19.26 57.87 60.25
CA GLY B 502 -20.21 57.97 59.16
C GLY B 502 -20.17 56.74 58.28
N VAL B 503 -21.09 56.72 57.31
CA VAL B 503 -21.24 55.55 56.45
C VAL B 503 -19.91 55.20 55.77
N GLY B 504 -19.23 56.22 55.24
CA GLY B 504 -17.94 55.99 54.62
C GLY B 504 -16.80 55.75 55.60
N TYR B 505 -17.02 56.01 56.89
CA TYR B 505 -16.00 55.83 57.91
C TYR B 505 -16.15 54.52 58.68
N GLN B 506 -17.16 53.71 58.36
CA GLN B 506 -17.36 52.45 59.07
C GLN B 506 -16.36 51.39 58.60
N PRO B 507 -16.07 50.41 59.44
CA PRO B 507 -15.16 49.34 59.03
C PRO B 507 -15.78 48.45 57.97
N TYR B 508 -14.92 47.89 57.12
CA TYR B 508 -15.34 46.99 56.06
C TYR B 508 -14.34 45.86 55.93
N ARG B 509 -14.83 44.61 55.94
CA ARG B 509 -13.98 43.46 55.73
C ARG B 509 -13.81 43.21 54.24
N VAL B 510 -12.57 43.16 53.78
CA VAL B 510 -12.24 43.02 52.37
C VAL B 510 -11.38 41.77 52.20
N VAL B 511 -11.79 40.90 51.28
CA VAL B 511 -11.05 39.68 50.95
C VAL B 511 -10.77 39.67 49.46
N VAL B 512 -9.51 39.41 49.09
CA VAL B 512 -9.08 39.41 47.70
C VAL B 512 -8.68 37.98 47.34
N LEU B 513 -9.35 37.40 46.35
CA LEU B 513 -9.06 36.06 45.86
C LEU B 513 -8.21 36.19 44.59
N SER B 514 -6.90 36.04 44.74
CA SER B 514 -5.96 36.20 43.64
C SER B 514 -5.63 34.85 43.02
N PHE B 515 -5.56 34.83 41.69
CA PHE B 515 -5.23 33.63 40.94
C PHE B 515 -4.08 33.92 39.99
N GLU B 516 -3.14 32.97 39.90
CA GLU B 516 -2.02 33.10 38.98
C GLU B 516 -1.65 31.70 38.49
N LEU B 517 -1.22 31.63 37.23
CA LEU B 517 -0.86 30.37 36.59
C LEU B 517 0.65 30.27 36.47
N LEU B 518 1.20 29.13 36.87
CA LEU B 518 2.63 28.87 36.78
C LEU B 518 2.87 27.59 35.97
N HIS B 519 4.15 27.34 35.68
CA HIS B 519 4.53 26.16 34.92
C HIS B 519 4.21 24.88 35.66
N ALA B 520 4.06 24.93 36.98
CA ALA B 520 3.77 23.73 37.75
C ALA B 520 2.37 23.22 37.43
N PRO B 521 2.12 21.92 37.60
CA PRO B 521 0.79 21.38 37.31
C PRO B 521 -0.28 22.02 38.18
N ALA B 522 -1.44 22.22 37.60
CA ALA B 522 -2.56 22.86 38.30
C ALA B 522 -3.14 21.93 39.35
N THR B 523 -3.42 22.49 40.53
CA THR B 523 -4.03 21.76 41.62
C THR B 523 -5.45 22.21 41.93
N VAL B 524 -5.76 23.48 41.72
CA VAL B 524 -7.09 24.03 41.95
C VAL B 524 -7.84 24.09 40.63
N CYS B 525 -9.12 23.76 40.65
CA CYS B 525 -9.94 23.81 39.46
C CYS B 525 -11.41 23.94 39.88
N GLY B 526 -12.16 24.70 39.10
CA GLY B 526 -13.55 24.95 39.41
C GLY B 526 -14.41 23.71 39.25
N PRO B 527 -15.64 23.76 39.75
CA PRO B 527 -16.52 22.60 39.62
C PRO B 527 -16.90 22.32 38.18
N LYS B 528 -17.49 21.15 37.99
CA LYS B 528 -17.61 20.50 36.69
C LYS B 528 -18.68 19.42 36.75
N LYS B 529 -19.68 19.55 35.88
CA LYS B 529 -21.03 19.08 36.14
C LYS B 529 -21.21 17.60 35.83
N SER B 530 -22.37 17.08 36.23
CA SER B 530 -22.78 15.71 35.93
C SER B 530 -24.27 15.70 35.70
N THR B 531 -24.72 15.08 34.60
CA THR B 531 -26.13 15.00 34.29
C THR B 531 -26.75 13.75 34.90
N ASN B 532 -28.06 13.60 34.70
CA ASN B 532 -28.77 12.45 35.24
C ASN B 532 -28.47 11.20 34.42
N LEU B 533 -28.75 10.05 35.01
CA LEU B 533 -28.43 8.75 34.43
C LEU B 533 -29.66 8.19 33.72
N VAL B 534 -29.46 7.68 32.50
CA VAL B 534 -30.49 7.00 31.74
C VAL B 534 -29.93 5.67 31.27
N LYS B 535 -30.78 4.64 31.27
CA LYS B 535 -30.35 3.28 30.95
C LYS B 535 -31.33 2.67 29.95
N ASN B 536 -30.85 1.64 29.26
CA ASN B 536 -31.62 0.87 28.29
C ASN B 536 -31.94 1.67 27.03
N LYS B 537 -31.15 2.71 26.73
CA LYS B 537 -31.33 3.47 25.51
C LYS B 537 -29.97 4.00 25.06
N CYS B 538 -29.77 4.07 23.75
CA CYS B 538 -28.51 4.56 23.21
C CYS B 538 -28.27 6.00 23.64
N VAL B 539 -27.05 6.30 24.08
CA VAL B 539 -26.69 7.62 24.57
C VAL B 539 -25.20 7.83 24.37
N ASN B 540 -24.82 9.09 24.16
CA ASN B 540 -23.41 9.49 24.04
C ASN B 540 -22.93 9.84 25.44
N PHE B 541 -22.29 8.87 26.10
CA PHE B 541 -21.90 9.00 27.49
C PHE B 541 -20.49 9.54 27.62
N ASN B 542 -20.17 10.07 28.80
CA ASN B 542 -18.84 10.60 29.11
C ASN B 542 -18.59 10.39 30.59
N PHE B 543 -17.73 9.42 30.92
CA PHE B 543 -17.37 9.10 32.30
C PHE B 543 -15.90 9.44 32.50
N ASN B 544 -15.64 10.55 33.19
CA ASN B 544 -14.29 10.95 33.58
C ASN B 544 -13.35 10.93 32.37
N GLY B 545 -13.79 11.57 31.29
CA GLY B 545 -13.02 11.66 30.07
C GLY B 545 -13.20 10.49 29.13
N LEU B 546 -13.86 9.42 29.57
CA LEU B 546 -14.11 8.26 28.73
C LEU B 546 -15.35 8.55 27.89
N THR B 547 -15.13 8.98 26.65
CA THR B 547 -16.22 9.34 25.75
C THR B 547 -16.55 8.15 24.85
N GLY B 548 -17.83 7.81 24.76
CA GLY B 548 -18.26 6.70 23.93
C GLY B 548 -19.75 6.74 23.73
N THR B 549 -20.22 5.88 22.83
CA THR B 549 -21.64 5.76 22.51
C THR B 549 -22.07 4.32 22.72
N GLY B 550 -23.18 4.15 23.44
CA GLY B 550 -23.66 2.81 23.71
C GLY B 550 -24.91 2.85 24.56
N VAL B 551 -25.35 1.67 24.98
CA VAL B 551 -26.55 1.50 25.78
C VAL B 551 -26.10 1.09 27.18
N LEU B 552 -26.17 2.02 28.13
CA LEU B 552 -25.83 1.71 29.51
C LEU B 552 -26.93 0.89 30.15
N THR B 553 -26.55 -0.18 30.84
CA THR B 553 -27.50 -1.09 31.47
C THR B 553 -26.94 -1.59 32.78
N GLU B 554 -27.84 -2.06 33.64
CA GLU B 554 -27.42 -2.68 34.90
C GLU B 554 -26.58 -3.92 34.62
N SER B 555 -25.54 -4.12 35.42
CA SER B 555 -24.63 -5.25 35.25
C SER B 555 -24.29 -5.84 36.60
N ASN B 556 -23.99 -7.15 36.59
CA ASN B 556 -23.60 -7.87 37.79
C ASN B 556 -22.09 -7.98 37.94
N LYS B 557 -21.31 -7.37 37.06
CA LYS B 557 -19.86 -7.40 37.19
C LYS B 557 -19.43 -6.76 38.49
N LYS B 558 -18.52 -7.42 39.20
CA LYS B 558 -18.03 -6.98 40.50
C LYS B 558 -16.64 -6.39 40.32
N PHE B 559 -16.58 -5.06 40.16
CA PHE B 559 -15.30 -4.37 40.08
C PHE B 559 -14.65 -4.30 41.46
N LEU B 560 -13.33 -4.16 41.44
CA LEU B 560 -12.60 -3.91 42.68
C LEU B 560 -12.75 -2.44 43.08
N PRO B 561 -12.53 -2.12 44.35
CA PRO B 561 -12.75 -0.73 44.79
C PRO B 561 -11.95 0.28 44.00
N PHE B 562 -10.70 -0.04 43.63
CA PHE B 562 -9.87 0.89 42.88
C PHE B 562 -10.18 0.88 41.39
N GLN B 563 -10.87 -0.15 40.89
CA GLN B 563 -11.13 -0.27 39.46
C GLN B 563 -12.33 0.56 39.05
N GLN B 564 -12.20 1.25 37.92
CA GLN B 564 -13.26 2.10 37.39
C GLN B 564 -13.73 1.66 36.01
N PHE B 565 -12.83 1.26 35.13
CA PHE B 565 -13.16 0.89 33.76
C PHE B 565 -13.28 -0.63 33.65
N GLY B 566 -13.69 -1.08 32.46
CA GLY B 566 -13.79 -2.50 32.18
C GLY B 566 -13.57 -2.79 30.71
N ARG B 567 -12.67 -3.72 30.41
CA ARG B 567 -12.30 -4.04 29.04
C ARG B 567 -12.50 -5.53 28.77
N ASP B 568 -12.49 -5.88 27.49
CA ASP B 568 -12.68 -7.24 27.02
C ASP B 568 -11.43 -7.71 26.30
N ILE B 569 -11.53 -8.87 25.65
CA ILE B 569 -10.38 -9.45 24.95
C ILE B 569 -9.83 -8.47 23.92
N ALA B 570 -10.71 -7.80 23.19
CA ALA B 570 -10.31 -6.86 22.15
C ALA B 570 -9.90 -5.50 22.69
N ASP B 571 -9.70 -5.37 24.00
CA ASP B 571 -9.28 -4.11 24.61
C ASP B 571 -10.27 -2.99 24.28
N THR B 572 -11.55 -3.33 24.28
CA THR B 572 -12.62 -2.37 24.05
C THR B 572 -13.46 -2.24 25.31
N THR B 573 -13.77 -1.00 25.69
CA THR B 573 -14.54 -0.77 26.90
C THR B 573 -15.91 -1.44 26.80
N ASP B 574 -16.29 -2.15 27.87
CA ASP B 574 -17.57 -2.86 27.89
C ASP B 574 -18.34 -2.52 29.15
N ALA B 575 -17.64 -2.24 30.25
CA ALA B 575 -18.26 -1.90 31.52
C ALA B 575 -17.56 -0.68 32.11
N VAL B 576 -18.33 0.14 32.79
CA VAL B 576 -17.81 1.37 33.40
C VAL B 576 -18.48 1.57 34.75
N ARG B 577 -17.70 2.01 35.73
CA ARG B 577 -18.22 2.37 37.04
C ARG B 577 -18.59 3.85 37.03
N ASP B 578 -19.87 4.15 37.20
CA ASP B 578 -20.29 5.55 37.25
C ASP B 578 -19.78 6.17 38.55
N PRO B 579 -18.94 7.20 38.49
CA PRO B 579 -18.28 7.67 39.72
C PRO B 579 -19.23 8.20 40.78
N GLN B 580 -20.33 8.85 40.38
CA GLN B 580 -21.18 9.52 41.36
C GLN B 580 -21.75 8.53 42.37
N THR B 581 -22.26 7.40 41.88
CA THR B 581 -22.77 6.33 42.73
C THR B 581 -22.05 5.04 42.39
N LEU B 582 -21.61 4.33 43.41
CA LEU B 582 -20.72 3.19 43.24
C LEU B 582 -21.51 2.01 42.69
N GLU B 583 -21.53 1.91 41.36
CA GLU B 583 -22.17 0.78 40.68
C GLU B 583 -21.51 0.60 39.33
N ILE B 584 -21.73 -0.57 38.73
CA ILE B 584 -21.10 -0.96 37.48
C ILE B 584 -22.19 -1.10 36.42
N LEU B 585 -21.97 -0.48 35.26
CA LEU B 585 -22.91 -0.50 34.16
C LEU B 585 -22.23 -1.03 32.90
N ASP B 586 -22.88 -1.96 32.22
CA ASP B 586 -22.35 -2.49 30.97
C ASP B 586 -22.55 -1.49 29.83
N ILE B 587 -21.83 -1.71 28.75
CA ILE B 587 -21.89 -0.88 27.55
C ILE B 587 -22.05 -1.79 26.34
N THR B 588 -22.97 -1.44 25.45
CA THR B 588 -23.34 -2.27 24.32
C THR B 588 -23.34 -1.44 23.04
N PRO B 589 -23.04 -2.06 21.88
CA PRO B 589 -23.20 -1.34 20.60
C PRO B 589 -24.62 -0.81 20.44
N CYS B 590 -24.85 0.06 19.45
CA CYS B 590 -26.11 0.79 19.42
C CYS B 590 -27.24 -0.05 18.83
N SER B 591 -27.21 -0.28 17.52
CA SER B 591 -28.05 -1.32 16.93
C SER B 591 -27.30 -2.11 15.88
N PHE B 592 -26.54 -1.41 15.03
CA PHE B 592 -25.79 -2.03 13.94
C PHE B 592 -26.69 -2.94 13.11
N GLY B 593 -26.09 -3.74 12.23
CA GLY B 593 -26.84 -4.63 11.37
C GLY B 593 -27.24 -3.95 10.06
N GLY B 594 -27.56 -4.80 9.07
CA GLY B 594 -27.95 -4.34 7.77
C GLY B 594 -29.43 -4.53 7.50
N VAL B 595 -29.82 -4.21 6.25
CA VAL B 595 -31.20 -4.33 5.79
C VAL B 595 -31.20 -5.18 4.53
N SER B 596 -32.05 -6.22 4.52
CA SER B 596 -32.21 -7.09 3.37
C SER B 596 -33.67 -7.08 2.93
N VAL B 597 -33.88 -7.02 1.62
CA VAL B 597 -35.22 -6.94 1.05
C VAL B 597 -35.54 -8.31 0.46
N ILE B 598 -36.39 -9.06 1.15
CA ILE B 598 -36.89 -10.32 0.62
C ILE B 598 -38.02 -10.04 -0.35
N THR B 599 -37.89 -10.52 -1.59
CA THR B 599 -38.87 -10.22 -2.62
C THR B 599 -38.93 -11.34 -3.64
N PRO B 600 -40.12 -11.76 -4.05
CA PRO B 600 -40.22 -12.61 -5.25
C PRO B 600 -39.94 -11.79 -6.50
N GLY B 601 -39.68 -12.50 -7.59
CA GLY B 601 -39.39 -11.84 -8.85
C GLY B 601 -40.45 -10.80 -9.20
N THR B 602 -40.01 -9.62 -9.63
CA THR B 602 -40.96 -8.56 -9.96
C THR B 602 -41.92 -8.98 -11.06
N ASN B 603 -41.55 -9.97 -11.86
CA ASN B 603 -42.49 -10.54 -12.82
C ASN B 603 -43.68 -11.20 -12.12
N THR B 604 -43.55 -11.52 -10.83
CA THR B 604 -44.62 -12.13 -10.06
C THR B 604 -45.40 -11.10 -9.25
N SER B 605 -44.73 -10.32 -8.40
CA SER B 605 -45.41 -9.33 -7.58
C SER B 605 -44.40 -8.27 -7.14
N ASN B 606 -44.93 -7.11 -6.77
CA ASN B 606 -44.12 -6.02 -6.25
C ASN B 606 -44.09 -6.00 -4.72
N GLN B 607 -44.79 -6.92 -4.07
CA GLN B 607 -44.78 -6.99 -2.61
C GLN B 607 -43.45 -7.56 -2.13
N VAL B 608 -42.92 -6.98 -1.05
CA VAL B 608 -41.60 -7.34 -0.53
C VAL B 608 -41.67 -7.40 0.99
N ALA B 609 -40.60 -7.94 1.57
CA ALA B 609 -40.42 -7.99 3.02
C ALA B 609 -39.01 -7.51 3.36
N VAL B 610 -38.87 -6.96 4.55
CA VAL B 610 -37.62 -6.34 4.99
C VAL B 610 -37.11 -7.11 6.20
N LEU B 611 -35.83 -7.48 6.18
CA LEU B 611 -35.17 -8.19 7.27
C LEU B 611 -34.08 -7.30 7.83
N TYR B 612 -34.14 -7.04 9.13
CA TYR B 612 -33.12 -6.28 9.84
C TYR B 612 -32.30 -7.25 10.69
N GLN B 613 -31.06 -7.51 10.28
CA GLN B 613 -30.26 -8.52 10.94
C GLN B 613 -29.85 -8.10 12.35
N ASP B 614 -29.96 -9.04 13.29
CA ASP B 614 -29.45 -8.88 14.65
C ASP B 614 -30.05 -7.66 15.35
N VAL B 615 -31.38 -7.62 15.39
CA VAL B 615 -32.10 -6.61 16.17
C VAL B 615 -33.43 -7.19 16.61
N ASN B 616 -33.80 -6.90 17.86
CA ASN B 616 -35.17 -7.16 18.30
C ASN B 616 -36.13 -6.23 17.56
N CYS B 617 -37.36 -6.70 17.37
CA CYS B 617 -38.29 -6.00 16.50
C CYS B 617 -38.72 -4.65 17.08
N THR B 618 -38.42 -4.37 18.34
CA THR B 618 -38.83 -3.10 18.94
C THR B 618 -38.12 -1.92 18.28
N GLU B 619 -36.84 -2.09 17.94
CA GLU B 619 -36.02 -0.96 17.49
C GLU B 619 -36.14 -0.69 15.99
N VAL B 620 -36.92 -1.49 15.25
CA VAL B 620 -37.01 -1.29 13.80
C VAL B 620 -37.53 0.10 13.45
N PRO B 621 -38.63 0.59 14.04
CA PRO B 621 -39.11 1.93 13.67
C PRO B 621 -38.14 3.04 14.05
N VAL B 622 -37.16 2.78 14.92
CA VAL B 622 -36.18 3.79 15.28
C VAL B 622 -35.05 3.90 14.28
N ALA B 623 -35.09 3.10 13.20
CA ALA B 623 -34.02 3.10 12.20
C ALA B 623 -34.14 4.29 11.26
N ILE B 624 -34.05 5.48 11.85
CA ILE B 624 -34.10 6.74 11.11
C ILE B 624 -35.36 6.78 10.25
N HIS B 625 -36.44 6.21 10.75
CA HIS B 625 -37.71 6.26 10.05
C HIS B 625 -38.46 7.53 10.43
N ALA B 626 -39.68 7.68 9.91
CA ALA B 626 -40.53 8.85 10.01
C ALA B 626 -40.07 9.96 9.07
N ASP B 627 -38.93 9.81 8.39
CA ASP B 627 -38.48 10.75 7.39
C ASP B 627 -38.57 10.18 5.97
N GLN B 628 -38.96 8.92 5.83
CA GLN B 628 -39.07 8.27 4.53
C GLN B 628 -40.48 8.50 3.96
N LEU B 629 -40.75 7.87 2.82
CA LEU B 629 -42.02 8.10 2.14
C LEU B 629 -43.19 7.69 3.02
N THR B 630 -44.25 8.50 2.99
CA THR B 630 -45.40 8.27 3.86
C THR B 630 -46.11 6.96 3.60
N PRO B 631 -46.47 6.61 2.36
CA PRO B 631 -47.35 5.44 2.15
C PRO B 631 -46.62 4.14 1.85
N THR B 632 -45.30 4.20 1.66
CA THR B 632 -44.54 3.06 1.19
C THR B 632 -43.58 2.52 2.24
N TRP B 633 -42.65 3.34 2.72
CA TRP B 633 -41.59 2.83 3.58
C TRP B 633 -42.10 2.47 4.96
N ARG B 634 -42.89 3.34 5.59
CA ARG B 634 -43.35 3.06 6.94
C ARG B 634 -44.33 1.90 6.98
N VAL B 635 -44.86 1.48 5.84
CA VAL B 635 -45.66 0.25 5.80
C VAL B 635 -44.79 -0.95 6.18
N TYR B 636 -43.58 -1.00 5.63
CA TYR B 636 -42.64 -2.07 5.95
C TYR B 636 -41.86 -1.83 7.23
N SER B 637 -41.84 -0.60 7.74
CA SER B 637 -41.10 -0.30 8.96
C SER B 637 -41.63 -1.11 10.13
N THR B 638 -42.95 -1.08 10.33
CA THR B 638 -43.59 -1.85 11.39
C THR B 638 -45.05 -2.05 11.02
N GLY B 639 -45.45 -3.30 10.89
CA GLY B 639 -46.82 -3.62 10.49
C GLY B 639 -47.49 -4.61 11.42
N SER B 640 -48.47 -5.35 10.89
CA SER B 640 -49.21 -6.32 11.67
C SER B 640 -48.63 -7.73 11.58
N ASN B 641 -47.54 -7.91 10.84
CA ASN B 641 -46.91 -9.21 10.66
C ASN B 641 -45.42 -9.12 10.97
N VAL B 642 -45.08 -8.46 12.06
CA VAL B 642 -43.70 -8.34 12.51
C VAL B 642 -43.32 -9.62 13.24
N PHE B 643 -42.37 -10.37 12.66
CA PHE B 643 -41.97 -11.68 13.18
C PHE B 643 -40.48 -11.67 13.45
N GLN B 644 -40.09 -12.17 14.61
CA GLN B 644 -38.69 -12.21 15.02
C GLN B 644 -38.05 -13.53 14.60
N THR B 645 -36.77 -13.47 14.24
CA THR B 645 -36.02 -14.64 13.81
C THR B 645 -34.60 -14.52 14.33
N ARG B 646 -33.93 -15.67 14.46
CA ARG B 646 -32.55 -15.69 14.92
C ARG B 646 -31.64 -14.85 14.03
N ALA B 647 -32.00 -14.67 12.75
CA ALA B 647 -31.22 -13.88 11.82
C ALA B 647 -31.58 -12.39 11.87
N GLY B 648 -32.56 -12.01 12.67
CA GLY B 648 -32.96 -10.63 12.80
C GLY B 648 -34.47 -10.52 12.84
N CYS B 649 -34.95 -9.28 12.73
CA CYS B 649 -36.38 -8.99 12.71
C CYS B 649 -36.84 -8.86 11.27
N LEU B 650 -37.92 -9.56 10.93
CA LEU B 650 -38.46 -9.56 9.58
C LEU B 650 -39.87 -8.98 9.61
N ILE B 651 -40.14 -8.04 8.71
CA ILE B 651 -41.45 -7.41 8.58
C ILE B 651 -41.92 -7.55 7.16
N GLY B 652 -43.22 -7.76 6.99
CA GLY B 652 -43.82 -7.94 5.67
C GLY B 652 -44.11 -9.37 5.29
N ALA B 653 -43.87 -10.33 6.18
CA ALA B 653 -44.18 -11.73 5.94
C ALA B 653 -44.93 -12.30 7.12
N GLU B 654 -45.77 -13.29 6.84
CA GLU B 654 -46.60 -13.93 7.86
C GLU B 654 -45.99 -15.27 8.24
N HIS B 655 -45.77 -15.46 9.55
CA HIS B 655 -45.26 -16.73 10.04
C HIS B 655 -46.31 -17.83 9.85
N VAL B 656 -45.86 -18.98 9.39
CA VAL B 656 -46.73 -20.12 9.11
C VAL B 656 -46.17 -21.34 9.81
N ASN B 657 -47.02 -22.04 10.57
CA ASN B 657 -46.57 -23.22 11.31
C ASN B 657 -46.20 -24.37 10.38
N ASN B 658 -46.68 -24.37 9.15
CA ASN B 658 -46.34 -25.41 8.20
C ASN B 658 -44.85 -25.33 7.87
N SER B 659 -44.37 -26.29 7.08
CA SER B 659 -42.98 -26.35 6.69
C SER B 659 -42.89 -26.85 5.26
N TYR B 660 -42.30 -26.04 4.38
CA TYR B 660 -42.11 -26.38 2.98
C TYR B 660 -40.62 -26.37 2.67
N GLU B 661 -40.28 -26.84 1.46
CA GLU B 661 -38.91 -26.78 1.01
C GLU B 661 -38.46 -25.32 0.91
N CYS B 662 -37.23 -25.06 1.33
CA CYS B 662 -36.73 -23.69 1.36
C CYS B 662 -36.82 -23.05 -0.02
N ASP B 663 -37.42 -21.86 -0.08
CA ASP B 663 -37.55 -21.11 -1.32
C ASP B 663 -36.62 -19.90 -1.34
N ILE B 664 -36.69 -19.04 -0.33
CA ILE B 664 -35.78 -17.92 -0.16
C ILE B 664 -35.09 -18.10 1.19
N PRO B 665 -33.76 -18.22 1.24
CA PRO B 665 -33.09 -18.52 2.51
C PRO B 665 -32.91 -17.27 3.35
N ILE B 666 -33.57 -17.22 4.50
CA ILE B 666 -33.41 -16.12 5.44
C ILE B 666 -32.28 -16.41 6.43
N GLY B 667 -32.25 -17.60 6.97
CA GLY B 667 -31.18 -18.02 7.86
C GLY B 667 -31.74 -18.73 9.09
N ALA B 668 -30.87 -19.50 9.75
CA ALA B 668 -31.24 -20.21 10.97
C ALA B 668 -32.45 -21.12 10.76
N GLY B 669 -32.50 -21.74 9.59
CA GLY B 669 -33.57 -22.67 9.27
C GLY B 669 -34.87 -22.04 8.83
N ILE B 670 -34.93 -20.71 8.72
CA ILE B 670 -36.13 -20.01 8.32
C ILE B 670 -35.99 -19.60 6.86
N CYS B 671 -37.03 -19.85 6.07
CA CYS B 671 -37.05 -19.49 4.66
C CYS B 671 -38.39 -18.84 4.33
N ALA B 672 -38.39 -18.02 3.28
CA ALA B 672 -39.57 -17.27 2.87
C ALA B 672 -40.01 -17.68 1.48
N SER B 673 -41.33 -17.65 1.27
CA SER B 673 -41.92 -17.95 -0.02
C SER B 673 -43.10 -17.02 -0.24
N TYR B 674 -43.48 -16.84 -1.51
CA TYR B 674 -44.53 -15.90 -1.87
C TYR B 674 -45.92 -16.53 -1.85
N GLN B 675 -46.05 -17.76 -2.35
CA GLN B 675 -47.36 -18.38 -2.46
C GLN B 675 -47.95 -18.62 -1.07
N THR B 676 -49.27 -18.59 -1.00
CA THR B 676 -49.99 -18.81 0.26
C THR B 676 -49.53 -20.09 0.94
N SER B 689 -54.70 -11.95 -1.97
CA SER B 689 -54.72 -13.16 -1.17
C SER B 689 -53.30 -13.66 -0.90
N GLN B 690 -52.52 -13.81 -1.98
CA GLN B 690 -51.15 -14.26 -1.84
C GLN B 690 -50.30 -13.23 -1.12
N SER B 691 -49.44 -13.71 -0.22
CA SER B 691 -48.56 -12.84 0.55
C SER B 691 -47.31 -13.61 0.94
N ILE B 692 -46.25 -12.88 1.24
CA ILE B 692 -45.00 -13.50 1.63
C ILE B 692 -45.18 -14.18 2.98
N ILE B 693 -44.68 -15.41 3.10
CA ILE B 693 -44.81 -16.21 4.31
C ILE B 693 -43.43 -16.70 4.72
N ALA B 694 -43.16 -16.66 6.03
CA ALA B 694 -41.92 -17.16 6.60
C ALA B 694 -42.21 -18.45 7.36
N TYR B 695 -41.39 -19.47 7.15
CA TYR B 695 -41.61 -20.77 7.75
C TYR B 695 -40.27 -21.44 8.04
N THR B 696 -40.33 -22.57 8.72
CA THR B 696 -39.16 -23.40 8.96
C THR B 696 -39.01 -24.39 7.81
N MET B 697 -37.87 -24.33 7.14
CA MET B 697 -37.67 -25.16 5.95
C MET B 697 -37.77 -26.63 6.31
N SER B 698 -38.41 -27.41 5.43
CA SER B 698 -38.54 -28.85 5.59
C SER B 698 -37.38 -29.54 4.89
N LEU B 699 -36.69 -30.41 5.63
CA LEU B 699 -35.52 -31.12 5.11
C LEU B 699 -35.92 -32.39 4.37
N GLY B 700 -36.79 -32.25 3.37
CA GLY B 700 -37.24 -33.37 2.57
C GLY B 700 -38.47 -34.05 3.13
N ALA B 701 -39.04 -34.94 2.32
CA ALA B 701 -40.24 -35.66 2.70
C ALA B 701 -39.89 -36.79 3.65
N GLU B 702 -40.72 -36.99 4.67
CA GLU B 702 -40.48 -38.03 5.65
C GLU B 702 -40.69 -39.41 5.01
N ASN B 703 -39.89 -40.38 5.44
CA ASN B 703 -39.98 -41.73 4.90
C ASN B 703 -39.53 -42.71 5.97
N SER B 704 -39.99 -43.95 5.84
CA SER B 704 -39.63 -45.01 6.77
C SER B 704 -39.55 -46.33 5.99
N VAL B 705 -38.38 -46.94 5.98
CA VAL B 705 -38.17 -48.19 5.26
C VAL B 705 -38.73 -49.35 6.08
N ALA B 706 -39.47 -50.23 5.40
CA ALA B 706 -40.07 -51.40 6.05
C ALA B 706 -38.98 -52.46 6.24
N TYR B 707 -38.17 -52.27 7.27
CA TYR B 707 -37.06 -53.16 7.53
C TYR B 707 -37.49 -54.33 8.39
N SER B 708 -37.01 -55.52 8.03
CA SER B 708 -37.18 -56.72 8.84
C SER B 708 -36.06 -57.69 8.52
N ASN B 709 -35.86 -58.66 9.40
CA ASN B 709 -34.72 -59.56 9.30
C ASN B 709 -34.84 -60.56 8.17
N ASN B 710 -36.02 -60.69 7.53
CA ASN B 710 -36.20 -61.68 6.48
C ASN B 710 -37.03 -61.13 5.31
N SER B 711 -36.97 -59.82 5.08
CA SER B 711 -37.69 -59.18 3.98
C SER B 711 -36.70 -58.43 3.11
N ILE B 712 -36.81 -58.61 1.79
CA ILE B 712 -35.98 -57.92 0.83
C ILE B 712 -36.85 -57.39 -0.29
N ALA B 713 -36.45 -56.26 -0.87
CA ALA B 713 -37.14 -55.63 -1.98
C ALA B 713 -36.25 -55.74 -3.22
N ILE B 714 -36.79 -56.36 -4.27
CA ILE B 714 -36.06 -56.56 -5.52
C ILE B 714 -36.81 -55.81 -6.61
N PRO B 715 -36.18 -54.87 -7.32
CA PRO B 715 -36.91 -54.13 -8.36
C PRO B 715 -37.34 -55.05 -9.49
N THR B 716 -38.55 -54.82 -9.98
CA THR B 716 -39.11 -55.56 -11.10
C THR B 716 -39.08 -54.78 -12.41
N ASN B 717 -38.53 -53.57 -12.40
CA ASN B 717 -38.45 -52.74 -13.59
C ASN B 717 -37.33 -51.73 -13.39
N PHE B 718 -37.16 -50.84 -14.37
CA PHE B 718 -36.08 -49.87 -14.35
C PHE B 718 -36.45 -48.69 -15.23
N THR B 719 -35.69 -47.61 -15.06
CA THR B 719 -35.83 -46.41 -15.89
C THR B 719 -34.45 -45.89 -16.24
N ILE B 720 -34.27 -45.52 -17.51
CA ILE B 720 -33.03 -44.95 -18.01
C ILE B 720 -33.17 -43.43 -17.88
N SER B 721 -32.53 -42.86 -16.86
CA SER B 721 -32.62 -41.43 -16.59
C SER B 721 -31.35 -40.74 -17.06
N VAL B 722 -31.52 -39.64 -17.79
CA VAL B 722 -30.42 -38.82 -18.27
C VAL B 722 -30.44 -37.52 -17.49
N THR B 723 -29.31 -37.20 -16.85
CA THR B 723 -29.19 -36.00 -16.01
C THR B 723 -28.09 -35.12 -16.57
N THR B 724 -28.31 -33.80 -16.50
CA THR B 724 -27.38 -32.82 -17.02
C THR B 724 -26.51 -32.28 -15.88
N GLU B 725 -25.21 -32.12 -16.17
CA GLU B 725 -24.26 -31.55 -15.23
C GLU B 725 -23.46 -30.48 -15.96
N ILE B 726 -23.43 -29.27 -15.39
CA ILE B 726 -22.73 -28.14 -15.98
C ILE B 726 -21.45 -27.91 -15.19
N LEU B 727 -20.38 -27.53 -15.90
CA LEU B 727 -19.09 -27.31 -15.27
C LEU B 727 -18.29 -26.27 -16.03
N PRO B 728 -17.94 -25.13 -15.41
CA PRO B 728 -17.03 -24.20 -16.06
C PRO B 728 -15.68 -24.86 -16.33
N VAL B 729 -15.06 -24.48 -17.46
CA VAL B 729 -13.80 -25.07 -17.88
C VAL B 729 -12.74 -23.99 -18.04
N SER B 730 -13.17 -22.76 -18.29
CA SER B 730 -12.24 -21.66 -18.49
C SER B 730 -12.98 -20.35 -18.31
N MET B 731 -12.21 -19.27 -18.25
CA MET B 731 -12.76 -17.92 -18.11
C MET B 731 -12.17 -17.05 -19.21
N THR B 732 -12.86 -15.94 -19.49
CA THR B 732 -12.36 -15.00 -20.49
C THR B 732 -10.95 -14.57 -20.14
N LYS B 733 -10.03 -14.79 -21.08
CA LYS B 733 -8.61 -14.48 -20.87
C LYS B 733 -8.37 -13.03 -21.29
N THR B 734 -8.04 -12.18 -20.32
CA THR B 734 -7.84 -10.76 -20.53
C THR B 734 -6.46 -10.34 -20.07
N SER B 735 -5.98 -9.24 -20.64
CA SER B 735 -4.69 -8.66 -20.27
C SER B 735 -4.88 -7.17 -20.02
N VAL B 736 -4.23 -6.67 -18.97
CA VAL B 736 -4.30 -5.26 -18.59
C VAL B 736 -2.90 -4.69 -18.65
N ASP B 737 -2.73 -3.63 -19.43
CA ASP B 737 -1.42 -2.98 -19.56
C ASP B 737 -1.27 -2.01 -18.39
N CYS B 738 -0.48 -2.41 -17.39
CA CYS B 738 -0.40 -1.63 -16.16
C CYS B 738 0.17 -0.24 -16.41
N THR B 739 1.20 -0.14 -17.24
CA THR B 739 1.89 1.14 -17.41
C THR B 739 0.96 2.21 -17.97
N MET B 740 0.02 1.82 -18.83
CA MET B 740 -0.88 2.79 -19.46
C MET B 740 -2.21 2.92 -18.75
N TYR B 741 -2.66 1.89 -18.02
CA TYR B 741 -3.88 2.02 -17.23
C TYR B 741 -3.73 3.12 -16.19
N ILE B 742 -2.63 3.09 -15.44
CA ILE B 742 -2.38 4.12 -14.43
C ILE B 742 -2.05 5.45 -15.11
N CYS B 743 -1.24 5.40 -16.16
CA CYS B 743 -0.69 6.60 -16.80
C CYS B 743 -1.06 6.58 -18.28
N GLY B 744 -2.18 7.22 -18.61
CA GLY B 744 -2.60 7.31 -20.01
C GLY B 744 -1.91 8.42 -20.76
N ASP B 745 -0.99 8.05 -21.64
CA ASP B 745 -0.21 9.00 -22.44
C ASP B 745 0.23 10.20 -21.61
N SER B 746 0.79 9.90 -20.44
CA SER B 746 1.29 10.91 -19.51
C SER B 746 2.74 10.57 -19.19
N THR B 747 3.68 11.31 -19.80
CA THR B 747 5.10 11.03 -19.59
C THR B 747 5.48 11.24 -18.13
N GLU B 748 4.99 12.30 -17.50
CA GLU B 748 5.30 12.54 -16.09
C GLU B 748 4.78 11.41 -15.22
N CYS B 749 3.55 10.96 -15.47
CA CYS B 749 2.99 9.87 -14.69
C CYS B 749 3.80 8.59 -14.88
N SER B 750 4.22 8.29 -16.11
CA SER B 750 5.03 7.11 -16.35
C SER B 750 6.37 7.20 -15.62
N ASN B 751 6.99 8.38 -15.66
CA ASN B 751 8.27 8.55 -14.96
C ASN B 751 8.09 8.35 -13.46
N LEU B 752 7.01 8.89 -12.90
CA LEU B 752 6.77 8.71 -11.47
C LEU B 752 6.49 7.24 -11.14
N LEU B 753 5.74 6.56 -11.99
CA LEU B 753 5.44 5.15 -11.76
C LEU B 753 6.70 4.30 -11.85
N LEU B 754 7.66 4.70 -12.68
CA LEU B 754 8.92 3.96 -12.76
C LEU B 754 9.59 3.84 -11.40
N GLN B 755 9.37 4.81 -10.51
CA GLN B 755 9.99 4.78 -9.19
C GLN B 755 9.43 3.67 -8.31
N TYR B 756 8.28 3.09 -8.67
CA TYR B 756 7.64 2.07 -7.84
C TYR B 756 8.19 0.67 -8.08
N GLY B 757 9.08 0.50 -9.06
CA GLY B 757 9.71 -0.79 -9.28
C GLY B 757 9.06 -1.60 -10.38
N SER B 758 8.92 -2.91 -10.16
CA SER B 758 8.43 -3.84 -11.16
C SER B 758 7.02 -4.33 -10.85
N PHE B 759 6.19 -3.47 -10.24
CA PHE B 759 4.81 -3.85 -9.96
C PHE B 759 4.05 -4.17 -11.24
N CYS B 760 4.19 -3.30 -12.24
CA CYS B 760 3.47 -3.50 -13.50
C CYS B 760 3.91 -4.81 -14.17
N THR B 761 5.21 -5.08 -14.16
CA THR B 761 5.69 -6.33 -14.75
C THR B 761 5.12 -7.53 -14.03
N GLN B 762 5.06 -7.49 -12.70
CA GLN B 762 4.51 -8.61 -11.94
C GLN B 762 3.03 -8.81 -12.25
N LEU B 763 2.27 -7.72 -12.32
CA LEU B 763 0.84 -7.85 -12.65
C LEU B 763 0.64 -8.42 -14.05
N ASN B 764 1.44 -7.95 -15.02
CA ASN B 764 1.34 -8.47 -16.37
C ASN B 764 1.69 -9.95 -16.40
N ARG B 765 2.73 -10.35 -15.66
CA ARG B 765 3.09 -11.76 -15.60
C ARG B 765 1.98 -12.60 -15.01
N ALA B 766 1.34 -12.10 -13.95
CA ALA B 766 0.23 -12.84 -13.35
C ALA B 766 -0.92 -13.00 -14.34
N LEU B 767 -1.26 -11.93 -15.05
CA LEU B 767 -2.36 -12.02 -16.02
C LEU B 767 -2.01 -12.97 -17.16
N THR B 768 -0.76 -12.93 -17.64
CA THR B 768 -0.35 -13.85 -18.70
C THR B 768 -0.41 -15.30 -18.20
N GLY B 769 0.01 -15.54 -16.96
CA GLY B 769 -0.10 -16.87 -16.40
C GLY B 769 -1.54 -17.33 -16.31
N ILE B 770 -2.45 -16.43 -15.93
CA ILE B 770 -3.86 -16.80 -15.88
C ILE B 770 -4.35 -17.17 -17.28
N ALA B 771 -3.96 -16.39 -18.29
CA ALA B 771 -4.38 -16.69 -19.66
C ALA B 771 -3.86 -18.06 -20.10
N VAL B 772 -2.59 -18.34 -19.83
CA VAL B 772 -2.02 -19.63 -20.20
C VAL B 772 -2.73 -20.75 -19.45
N GLU B 773 -3.11 -20.50 -18.20
CA GLU B 773 -3.84 -21.51 -17.43
C GLU B 773 -5.21 -21.77 -18.04
N GLN B 774 -5.89 -20.74 -18.52
CA GLN B 774 -7.18 -20.95 -19.18
C GLN B 774 -7.00 -21.79 -20.44
N ASP B 775 -5.97 -21.49 -21.23
CA ASP B 775 -5.70 -22.29 -22.42
C ASP B 775 -5.42 -23.73 -22.04
N LYS B 776 -4.62 -23.94 -20.99
CA LYS B 776 -4.30 -25.29 -20.55
C LYS B 776 -5.55 -26.04 -20.10
N ASN B 777 -6.44 -25.36 -19.37
CA ASN B 777 -7.68 -26.00 -18.93
C ASN B 777 -8.52 -26.42 -20.13
N THR B 778 -8.68 -25.52 -21.10
CA THR B 778 -9.49 -25.85 -22.28
C THR B 778 -8.87 -27.02 -23.02
N GLN B 779 -7.54 -27.04 -23.15
CA GLN B 779 -6.89 -28.17 -23.81
C GLN B 779 -7.11 -29.47 -23.04
N GLU B 780 -6.99 -29.42 -21.71
CA GLU B 780 -7.05 -30.64 -20.92
C GLU B 780 -8.45 -31.24 -20.93
N VAL B 781 -9.49 -30.41 -20.79
CA VAL B 781 -10.83 -30.94 -20.66
C VAL B 781 -11.27 -31.68 -21.93
N PHE B 782 -10.99 -31.08 -23.10
CA PHE B 782 -11.53 -31.59 -24.35
C PHE B 782 -10.55 -32.41 -25.17
N ALA B 783 -9.27 -32.04 -25.20
CA ALA B 783 -8.29 -32.72 -26.04
C ALA B 783 -7.81 -34.01 -25.36
N GLN B 784 -8.77 -34.91 -25.15
CA GLN B 784 -8.49 -36.21 -24.55
C GLN B 784 -8.53 -37.36 -25.56
N VAL B 785 -8.77 -37.06 -26.83
CA VAL B 785 -8.87 -38.07 -27.88
C VAL B 785 -7.77 -37.82 -28.91
N LYS B 786 -6.98 -38.86 -29.20
CA LYS B 786 -5.87 -38.71 -30.14
C LYS B 786 -6.33 -38.68 -31.59
N GLN B 787 -7.39 -39.41 -31.93
CA GLN B 787 -7.92 -39.44 -33.28
C GLN B 787 -9.33 -38.86 -33.32
N ILE B 788 -9.67 -38.25 -34.45
CA ILE B 788 -10.98 -37.62 -34.64
C ILE B 788 -11.89 -38.69 -35.23
N TYR B 789 -12.61 -39.38 -34.36
CA TYR B 789 -13.57 -40.38 -34.80
C TYR B 789 -14.85 -39.71 -35.31
N LYS B 790 -15.61 -40.46 -36.09
CA LYS B 790 -16.89 -39.98 -36.60
C LYS B 790 -17.83 -41.16 -36.79
N THR B 791 -19.12 -40.90 -36.60
CA THR B 791 -20.13 -41.95 -36.70
C THR B 791 -20.32 -42.36 -38.16
N PRO B 792 -20.84 -43.56 -38.39
CA PRO B 792 -21.10 -44.00 -39.77
C PRO B 792 -22.18 -43.17 -40.42
N PRO B 793 -22.21 -43.12 -41.76
CA PRO B 793 -23.22 -42.29 -42.43
C PRO B 793 -24.65 -42.65 -42.08
N ILE B 794 -24.93 -43.93 -41.86
CA ILE B 794 -26.27 -44.40 -41.51
C ILE B 794 -26.32 -44.63 -40.01
N LYS B 795 -27.36 -44.10 -39.37
CA LYS B 795 -27.53 -44.19 -37.91
C LYS B 795 -28.48 -45.36 -37.63
N ASP B 796 -27.91 -46.54 -37.40
CA ASP B 796 -28.66 -47.74 -37.05
C ASP B 796 -28.00 -48.34 -35.82
N PHE B 797 -28.44 -47.90 -34.64
CA PHE B 797 -27.88 -48.33 -33.36
C PHE B 797 -28.88 -49.16 -32.57
N GLY B 798 -29.69 -49.96 -33.26
CA GLY B 798 -30.65 -50.81 -32.58
C GLY B 798 -31.71 -50.04 -31.83
N GLY B 799 -32.21 -48.95 -32.41
CA GLY B 799 -33.27 -48.16 -31.83
C GLY B 799 -32.81 -46.95 -31.06
N PHE B 800 -31.53 -46.88 -30.71
CA PHE B 800 -31.01 -45.72 -30.00
C PHE B 800 -30.79 -44.57 -30.97
N ASN B 801 -31.28 -43.39 -30.60
CA ASN B 801 -31.23 -42.20 -31.44
C ASN B 801 -30.36 -41.16 -30.75
N PHE B 802 -29.29 -40.73 -31.42
CA PHE B 802 -28.39 -39.71 -30.92
C PHE B 802 -28.45 -38.43 -31.72
N SER B 803 -29.51 -38.23 -32.51
CA SER B 803 -29.61 -37.05 -33.34
C SER B 803 -29.52 -35.77 -32.52
N GLN B 804 -30.03 -35.80 -31.29
CA GLN B 804 -30.01 -34.60 -30.46
C GLN B 804 -28.62 -34.24 -29.98
N ILE B 805 -27.69 -35.19 -29.94
CA ILE B 805 -26.34 -34.94 -29.42
C ILE B 805 -25.27 -35.01 -30.50
N LEU B 806 -25.56 -35.61 -31.65
CA LEU B 806 -24.58 -35.68 -32.73
C LEU B 806 -24.56 -34.38 -33.52
N PRO B 807 -23.48 -34.09 -34.23
CA PRO B 807 -23.42 -32.87 -35.04
C PRO B 807 -24.53 -32.83 -36.07
N ASP B 808 -25.03 -31.62 -36.34
CA ASP B 808 -26.09 -31.40 -37.31
C ASP B 808 -25.51 -30.76 -38.56
N PRO B 809 -25.35 -31.50 -39.66
CA PRO B 809 -24.80 -30.88 -40.87
C PRO B 809 -25.65 -29.74 -41.41
N SER B 810 -26.96 -29.75 -41.14
CA SER B 810 -27.81 -28.71 -41.68
C SER B 810 -27.40 -27.33 -41.17
N LYS B 811 -27.09 -27.22 -39.88
CA LYS B 811 -26.70 -25.95 -39.33
C LYS B 811 -25.37 -25.50 -39.93
N PRO B 812 -25.15 -24.19 -40.07
CA PRO B 812 -23.85 -23.72 -40.58
C PRO B 812 -22.69 -24.15 -39.69
N SER B 813 -22.90 -24.21 -38.39
CA SER B 813 -21.89 -24.67 -37.44
C SER B 813 -22.16 -26.13 -37.10
N LYS B 814 -21.09 -26.95 -37.14
CA LYS B 814 -21.21 -28.38 -36.89
C LYS B 814 -21.33 -28.65 -35.38
N ARG B 815 -22.45 -28.18 -34.82
CA ARG B 815 -22.76 -28.36 -33.41
C ARG B 815 -24.12 -29.03 -33.28
N SER B 816 -24.21 -29.95 -32.32
CA SER B 816 -25.43 -30.71 -32.13
C SER B 816 -26.57 -29.78 -31.70
N PHE B 817 -27.79 -30.34 -31.67
CA PHE B 817 -28.96 -29.55 -31.29
C PHE B 817 -28.82 -29.03 -29.87
N ILE B 818 -28.45 -29.90 -28.93
CA ILE B 818 -28.27 -29.46 -27.54
C ILE B 818 -27.11 -28.48 -27.44
N GLU B 819 -26.03 -28.72 -28.19
CA GLU B 819 -24.91 -27.78 -28.19
C GLU B 819 -25.34 -26.42 -28.73
N ASP B 820 -26.14 -26.41 -29.79
CA ASP B 820 -26.63 -25.14 -30.32
C ASP B 820 -27.52 -24.43 -29.32
N LEU B 821 -28.39 -25.17 -28.62
CA LEU B 821 -29.23 -24.56 -27.60
C LEU B 821 -28.39 -23.96 -26.49
N LEU B 822 -27.36 -24.69 -26.04
CA LEU B 822 -26.49 -24.16 -24.99
C LEU B 822 -25.77 -22.91 -25.45
N PHE B 823 -25.27 -22.91 -26.70
CA PHE B 823 -24.57 -21.75 -27.22
C PHE B 823 -25.49 -20.54 -27.29
N ASN B 824 -26.73 -20.74 -27.78
CA ASN B 824 -27.66 -19.64 -27.91
C ASN B 824 -28.08 -19.11 -26.54
N LYS B 825 -28.31 -20.00 -25.57
CA LYS B 825 -28.87 -19.58 -24.30
C LYS B 825 -27.90 -18.75 -23.47
N VAL B 826 -26.60 -18.86 -23.72
CA VAL B 826 -25.59 -18.11 -22.98
C VAL B 826 -25.26 -16.85 -23.78
N THR B 827 -25.46 -15.70 -23.15
CA THR B 827 -25.19 -14.42 -23.80
C THR B 827 -24.69 -13.40 -22.77
N LEU B 849 -18.43 -2.97 -26.03
CA LEU B 849 -18.10 -3.74 -24.84
C LEU B 849 -16.60 -4.01 -24.76
N ILE B 850 -16.10 -4.88 -25.64
CA ILE B 850 -14.68 -5.18 -25.66
C ILE B 850 -13.87 -3.95 -26.02
N CYS B 851 -14.28 -3.25 -27.10
CA CYS B 851 -13.62 -2.02 -27.49
C CYS B 851 -14.07 -0.82 -26.68
N ALA B 852 -15.27 -0.86 -26.11
CA ALA B 852 -15.74 0.25 -25.30
C ALA B 852 -14.84 0.45 -24.08
N GLN B 853 -14.44 -0.63 -23.43
CA GLN B 853 -13.55 -0.58 -22.28
C GLN B 853 -12.08 -0.61 -22.68
N LYS B 854 -11.77 -0.70 -23.98
CA LYS B 854 -10.39 -0.77 -24.43
C LYS B 854 -9.80 0.63 -24.53
N PHE B 855 -9.90 1.41 -23.46
CA PHE B 855 -9.35 2.75 -23.41
C PHE B 855 -8.21 2.89 -22.40
N ASN B 856 -7.91 1.83 -21.65
CA ASN B 856 -6.95 1.93 -20.55
C ASN B 856 -6.03 0.72 -20.49
N GLY B 857 -5.77 0.09 -21.64
CA GLY B 857 -4.90 -1.06 -21.71
C GLY B 857 -5.58 -2.39 -21.48
N LEU B 858 -6.90 -2.43 -21.49
CA LEU B 858 -7.66 -3.66 -21.27
C LEU B 858 -7.92 -4.32 -22.62
N THR B 859 -7.24 -5.44 -22.87
CA THR B 859 -7.38 -6.18 -24.12
C THR B 859 -7.73 -7.62 -23.80
N VAL B 860 -8.75 -8.15 -24.47
CA VAL B 860 -9.16 -9.54 -24.31
C VAL B 860 -8.51 -10.37 -25.41
N LEU B 861 -7.81 -11.44 -25.02
CA LEU B 861 -7.09 -12.25 -25.99
C LEU B 861 -7.97 -13.42 -26.45
N PRO B 862 -7.87 -13.82 -27.72
CA PRO B 862 -8.67 -14.94 -28.19
C PRO B 862 -8.17 -16.25 -27.59
N PRO B 863 -9.04 -17.24 -27.41
CA PRO B 863 -8.59 -18.53 -26.91
C PRO B 863 -7.84 -19.32 -27.97
N LEU B 864 -7.00 -20.23 -27.51
CA LEU B 864 -6.21 -21.05 -28.43
C LEU B 864 -7.12 -21.91 -29.30
N LEU B 865 -8.14 -22.51 -28.70
CA LEU B 865 -9.07 -23.39 -29.42
C LEU B 865 -10.36 -22.65 -29.69
N THR B 866 -10.75 -22.57 -30.96
CA THR B 866 -12.01 -21.95 -31.33
C THR B 866 -13.17 -22.85 -30.93
N ASP B 867 -14.35 -22.24 -30.82
CA ASP B 867 -15.54 -23.01 -30.46
C ASP B 867 -15.79 -24.14 -31.45
N GLU B 868 -15.48 -23.92 -32.73
CA GLU B 868 -15.65 -24.98 -33.72
C GLU B 868 -14.76 -26.18 -33.40
N MET B 869 -13.51 -25.93 -32.99
CA MET B 869 -12.61 -27.03 -32.67
C MET B 869 -13.05 -27.77 -31.41
N ILE B 870 -13.58 -27.04 -30.42
CA ILE B 870 -14.09 -27.70 -29.23
C ILE B 870 -15.28 -28.57 -29.58
N ALA B 871 -16.17 -28.06 -30.44
CA ALA B 871 -17.30 -28.87 -30.91
C ALA B 871 -16.81 -30.10 -31.66
N GLN B 872 -15.75 -29.95 -32.45
CA GLN B 872 -15.18 -31.09 -33.16
C GLN B 872 -14.63 -32.12 -32.19
N TYR B 873 -13.97 -31.67 -31.13
CA TYR B 873 -13.46 -32.59 -30.12
C TYR B 873 -14.60 -33.36 -29.45
N THR B 874 -15.67 -32.65 -29.10
CA THR B 874 -16.82 -33.32 -28.49
C THR B 874 -17.45 -34.31 -29.45
N SER B 875 -17.55 -33.94 -30.73
CA SER B 875 -18.10 -34.85 -31.72
C SER B 875 -17.25 -36.10 -31.85
N ALA B 876 -15.92 -35.94 -31.84
CA ALA B 876 -15.04 -37.10 -31.89
C ALA B 876 -15.23 -37.98 -30.67
N LEU B 877 -15.37 -37.38 -29.50
CA LEU B 877 -15.60 -38.16 -28.28
C LEU B 877 -16.91 -38.95 -28.38
N LEU B 878 -17.98 -38.30 -28.84
CA LEU B 878 -19.25 -39.00 -29.00
C LEU B 878 -19.14 -40.14 -30.02
N ALA B 879 -18.44 -39.88 -31.13
CA ALA B 879 -18.28 -40.92 -32.14
C ALA B 879 -17.51 -42.12 -31.58
N GLY B 880 -16.46 -41.85 -30.81
CA GLY B 880 -15.73 -42.95 -30.18
C GLY B 880 -16.57 -43.71 -29.18
N THR B 881 -17.33 -43.00 -28.36
CA THR B 881 -18.16 -43.67 -27.35
C THR B 881 -19.24 -44.52 -28.00
N ILE B 882 -19.90 -44.01 -29.03
CA ILE B 882 -21.02 -44.71 -29.64
C ILE B 882 -20.54 -45.96 -30.36
N THR B 883 -19.43 -45.85 -31.10
CA THR B 883 -18.99 -46.93 -31.98
C THR B 883 -18.00 -47.88 -31.32
N SER B 884 -17.23 -47.44 -30.32
CA SER B 884 -16.16 -48.25 -29.76
C SER B 884 -16.25 -48.38 -28.24
N GLY B 885 -17.38 -48.00 -27.64
CA GLY B 885 -17.51 -48.13 -26.20
C GLY B 885 -16.41 -47.38 -25.48
N TRP B 886 -15.81 -48.03 -24.49
CA TRP B 886 -14.69 -47.46 -23.75
C TRP B 886 -13.34 -47.85 -24.32
N THR B 887 -13.33 -48.66 -25.38
CA THR B 887 -12.06 -49.17 -25.89
C THR B 887 -11.16 -48.06 -26.40
N PHE B 888 -11.74 -47.07 -27.09
CA PHE B 888 -10.93 -45.99 -27.67
C PHE B 888 -10.30 -45.11 -26.60
N GLY B 889 -10.76 -45.17 -25.36
CA GLY B 889 -10.17 -44.38 -24.29
C GLY B 889 -8.98 -45.07 -23.64
N ALA B 890 -8.89 -46.39 -23.79
CA ALA B 890 -7.79 -47.18 -23.23
C ALA B 890 -6.82 -47.67 -24.28
N GLY B 891 -7.00 -47.29 -25.55
CA GLY B 891 -6.13 -47.74 -26.61
C GLY B 891 -6.76 -47.60 -27.98
N ALA B 892 -6.51 -48.58 -28.85
CA ALA B 892 -7.10 -48.55 -30.18
C ALA B 892 -8.61 -48.78 -30.09
N ALA B 893 -9.35 -48.03 -30.90
CA ALA B 893 -10.81 -48.14 -30.90
C ALA B 893 -11.23 -49.45 -31.55
N LEU B 894 -12.12 -50.19 -30.87
CA LEU B 894 -12.62 -51.46 -31.36
C LEU B 894 -14.12 -51.33 -31.58
N GLN B 895 -14.59 -51.61 -32.79
CA GLN B 895 -16.00 -51.51 -33.09
C GLN B 895 -16.80 -52.57 -32.33
N ILE B 896 -18.05 -52.25 -32.05
CA ILE B 896 -18.96 -53.16 -31.36
C ILE B 896 -20.39 -52.65 -31.52
N PRO B 897 -21.37 -53.51 -31.76
CA PRO B 897 -22.75 -53.02 -31.85
C PRO B 897 -23.18 -52.31 -30.58
N PHE B 898 -23.94 -51.23 -30.75
CA PHE B 898 -24.32 -50.42 -29.59
C PHE B 898 -25.16 -51.21 -28.61
N ALA B 899 -25.99 -52.13 -29.10
CA ALA B 899 -26.76 -52.98 -28.21
C ALA B 899 -25.84 -53.81 -27.33
N MET B 900 -24.78 -54.37 -27.92
CA MET B 900 -23.82 -55.14 -27.13
C MET B 900 -23.04 -54.24 -26.18
N GLN B 901 -22.76 -53.01 -26.57
CA GLN B 901 -22.12 -52.08 -25.65
C GLN B 901 -23.01 -51.79 -24.45
N MET B 902 -24.31 -51.58 -24.68
CA MET B 902 -25.22 -51.39 -23.56
C MET B 902 -25.32 -52.64 -22.71
N ALA B 903 -25.21 -53.83 -23.34
CA ALA B 903 -25.17 -55.06 -22.56
C ALA B 903 -23.92 -55.09 -21.67
N TYR B 904 -22.80 -54.61 -22.21
CA TYR B 904 -21.57 -54.51 -21.42
C TYR B 904 -21.79 -53.60 -20.22
N ARG B 905 -22.44 -52.46 -20.43
CA ARG B 905 -22.78 -51.56 -19.33
C ARG B 905 -23.67 -52.26 -18.31
N PHE B 906 -24.70 -52.97 -18.78
CA PHE B 906 -25.61 -53.64 -17.87
C PHE B 906 -24.89 -54.66 -17.01
N ASN B 907 -23.99 -55.44 -17.63
CA ASN B 907 -23.16 -56.36 -16.85
C ASN B 907 -22.29 -55.59 -15.86
N GLY B 908 -21.79 -54.43 -16.27
CA GLY B 908 -20.98 -53.63 -15.37
C GLY B 908 -21.72 -53.20 -14.12
N ILE B 909 -22.98 -52.81 -14.27
CA ILE B 909 -23.77 -52.33 -13.13
C ILE B 909 -24.33 -53.52 -12.35
N GLY B 910 -23.93 -54.73 -12.73
CA GLY B 910 -24.37 -55.92 -12.01
C GLY B 910 -25.69 -56.51 -12.46
N VAL B 911 -26.19 -56.11 -13.63
CA VAL B 911 -27.43 -56.62 -14.17
C VAL B 911 -27.11 -57.54 -15.35
N THR B 912 -27.73 -58.71 -15.37
CA THR B 912 -27.47 -59.67 -16.42
C THR B 912 -27.79 -59.07 -17.79
N GLN B 913 -26.94 -59.35 -18.76
CA GLN B 913 -27.07 -58.73 -20.08
C GLN B 913 -28.34 -59.16 -20.80
N ASN B 914 -28.87 -60.34 -20.48
CA ASN B 914 -30.01 -60.86 -21.24
C ASN B 914 -31.22 -59.96 -21.14
N VAL B 915 -31.38 -59.25 -20.02
CA VAL B 915 -32.55 -58.38 -19.85
C VAL B 915 -32.51 -57.26 -20.89
N LEU B 916 -31.30 -56.79 -21.23
CA LEU B 916 -31.18 -55.75 -22.24
C LEU B 916 -31.72 -56.24 -23.58
N TYR B 917 -31.35 -57.44 -23.99
CA TYR B 917 -31.84 -57.95 -25.27
C TYR B 917 -33.33 -58.24 -25.20
N GLU B 918 -33.82 -58.61 -24.02
CA GLU B 918 -35.24 -58.89 -23.87
C GLU B 918 -36.09 -57.62 -23.88
N ASN B 919 -35.53 -56.48 -23.50
CA ASN B 919 -36.29 -55.23 -23.42
C ASN B 919 -35.68 -54.10 -24.25
N GLN B 920 -34.86 -54.43 -25.26
CA GLN B 920 -34.13 -53.44 -26.04
C GLN B 920 -35.01 -52.33 -26.59
N LYS B 921 -36.17 -52.68 -27.16
CA LYS B 921 -37.05 -51.66 -27.73
C LYS B 921 -37.45 -50.65 -26.66
N LEU B 922 -37.89 -51.16 -25.51
CA LEU B 922 -38.32 -50.29 -24.41
C LEU B 922 -37.17 -49.44 -23.89
N ILE B 923 -35.99 -50.03 -23.78
CA ILE B 923 -34.83 -49.31 -23.26
C ILE B 923 -34.43 -48.19 -24.21
N ALA B 924 -34.42 -48.47 -25.51
CA ALA B 924 -34.10 -47.44 -26.48
C ALA B 924 -35.14 -46.33 -26.46
N ASN B 925 -36.42 -46.69 -26.33
CA ASN B 925 -37.47 -45.69 -26.23
C ASN B 925 -37.26 -44.80 -25.02
N GLN B 926 -36.93 -45.39 -23.88
CA GLN B 926 -36.68 -44.61 -22.67
C GLN B 926 -35.49 -43.68 -22.86
N PHE B 927 -34.42 -44.17 -23.49
CA PHE B 927 -33.24 -43.35 -23.70
C PHE B 927 -33.58 -42.15 -24.59
N ASN B 928 -34.30 -42.39 -25.68
CA ASN B 928 -34.69 -41.30 -26.58
C ASN B 928 -35.58 -40.29 -25.86
N SER B 929 -36.54 -40.79 -25.07
CA SER B 929 -37.41 -39.90 -24.33
C SER B 929 -36.62 -39.06 -23.32
N ALA B 930 -35.64 -39.68 -22.66
CA ALA B 930 -34.81 -38.95 -21.71
C ALA B 930 -34.01 -37.85 -22.41
N ILE B 931 -33.48 -38.14 -23.60
CA ILE B 931 -32.75 -37.11 -24.34
C ILE B 931 -33.69 -35.97 -24.72
N GLY B 932 -34.90 -36.30 -25.17
CA GLY B 932 -35.87 -35.26 -25.45
C GLY B 932 -36.19 -34.43 -24.24
N LYS B 933 -36.29 -35.07 -23.07
CA LYS B 933 -36.54 -34.35 -21.83
C LYS B 933 -35.37 -33.44 -21.48
N ILE B 934 -34.14 -33.86 -21.77
CA ILE B 934 -32.99 -32.99 -21.58
C ILE B 934 -33.12 -31.75 -22.45
N GLN B 935 -33.49 -31.95 -23.71
CA GLN B 935 -33.71 -30.82 -24.62
C GLN B 935 -34.76 -29.87 -24.03
N ASP B 936 -35.88 -30.43 -23.59
CA ASP B 936 -36.96 -29.61 -23.04
C ASP B 936 -36.51 -28.85 -21.79
N SER B 937 -35.76 -29.53 -20.91
CA SER B 937 -35.28 -28.89 -19.70
C SER B 937 -34.35 -27.73 -19.99
N LEU B 938 -33.43 -27.89 -20.95
CA LEU B 938 -32.55 -26.79 -21.31
C LEU B 938 -33.29 -25.67 -22.02
N SER B 939 -34.30 -25.99 -22.84
CA SER B 939 -34.99 -24.95 -23.59
C SER B 939 -35.95 -24.14 -22.73
N SER B 940 -36.65 -24.81 -21.81
CA SER B 940 -37.72 -24.17 -21.04
C SER B 940 -37.25 -23.61 -19.71
N THR B 941 -35.96 -23.73 -19.37
CA THR B 941 -35.43 -23.21 -18.12
C THR B 941 -34.26 -22.28 -18.43
N ALA B 942 -34.28 -21.09 -17.84
CA ALA B 942 -33.26 -20.09 -18.11
C ALA B 942 -32.10 -20.14 -17.12
N SER B 943 -32.32 -20.70 -15.92
CA SER B 943 -31.30 -20.77 -14.89
C SER B 943 -30.52 -22.08 -14.93
N ALA B 944 -30.77 -22.95 -15.91
CA ALA B 944 -30.08 -24.23 -15.97
C ALA B 944 -28.59 -24.05 -16.18
N LEU B 945 -28.18 -22.99 -16.87
CA LEU B 945 -26.77 -22.72 -17.18
C LEU B 945 -26.18 -21.70 -16.22
N GLY B 946 -26.56 -21.76 -14.95
CA GLY B 946 -26.16 -20.74 -14.00
C GLY B 946 -24.67 -20.61 -13.82
N LYS B 947 -23.93 -21.72 -13.91
CA LYS B 947 -22.50 -21.69 -13.59
C LYS B 947 -21.74 -20.78 -14.56
N LEU B 948 -21.92 -21.01 -15.86
CA LEU B 948 -21.18 -20.23 -16.86
C LEU B 948 -21.62 -18.77 -16.85
N GLN B 949 -22.93 -18.53 -16.71
CA GLN B 949 -23.41 -17.16 -16.65
C GLN B 949 -22.85 -16.43 -15.44
N ASP B 950 -22.78 -17.10 -14.29
CA ASP B 950 -22.21 -16.47 -13.11
C ASP B 950 -20.73 -16.18 -13.30
N VAL B 951 -19.99 -17.10 -13.91
CA VAL B 951 -18.56 -16.85 -14.14
C VAL B 951 -18.39 -15.63 -15.03
N VAL B 952 -19.13 -15.58 -16.14
CA VAL B 952 -19.00 -14.46 -17.07
C VAL B 952 -19.40 -13.16 -16.39
N ASN B 953 -20.50 -13.19 -15.64
CA ASN B 953 -20.96 -11.97 -14.96
C ASN B 953 -19.94 -11.50 -13.95
N GLN B 954 -19.34 -12.41 -13.18
CA GLN B 954 -18.33 -12.03 -12.21
C GLN B 954 -17.13 -11.37 -12.90
N ASN B 955 -16.65 -11.98 -13.99
CA ASN B 955 -15.51 -11.38 -14.69
C ASN B 955 -15.85 -10.02 -15.25
N ALA B 956 -17.02 -9.89 -15.88
CA ALA B 956 -17.42 -8.61 -16.45
C ALA B 956 -17.58 -7.55 -15.38
N GLN B 957 -18.17 -7.91 -14.24
CA GLN B 957 -18.35 -6.95 -13.16
C GLN B 957 -17.02 -6.51 -12.58
N ALA B 958 -16.08 -7.45 -12.42
CA ALA B 958 -14.76 -7.08 -11.93
C ALA B 958 -14.07 -6.13 -12.89
N LEU B 959 -14.14 -6.42 -14.20
CA LEU B 959 -13.51 -5.54 -15.17
C LEU B 959 -14.16 -4.16 -15.17
N ASN B 960 -15.49 -4.12 -15.07
CA ASN B 960 -16.19 -2.84 -15.05
C ASN B 960 -15.81 -2.03 -13.81
N THR B 961 -15.71 -2.69 -12.65
CA THR B 961 -15.28 -2.00 -11.45
C THR B 961 -13.86 -1.47 -11.59
N LEU B 962 -12.97 -2.26 -12.17
CA LEU B 962 -11.60 -1.79 -12.39
C LEU B 962 -11.59 -0.56 -13.28
N VAL B 963 -12.39 -0.58 -14.35
CA VAL B 963 -12.44 0.57 -15.25
C VAL B 963 -12.99 1.79 -14.53
N LYS B 964 -14.07 1.61 -13.76
CA LYS B 964 -14.69 2.72 -13.06
C LYS B 964 -13.81 3.29 -11.96
N GLN B 965 -12.89 2.49 -11.43
CA GLN B 965 -12.00 3.00 -10.38
C GLN B 965 -11.18 4.19 -10.85
N LEU B 966 -11.00 4.35 -12.16
CA LEU B 966 -10.22 5.47 -12.68
C LEU B 966 -10.91 6.82 -12.49
N SER B 967 -12.20 6.82 -12.17
CA SER B 967 -12.95 8.07 -12.00
C SER B 967 -12.92 8.57 -10.57
N SER B 968 -12.19 7.91 -9.67
CA SER B 968 -12.11 8.31 -8.27
C SER B 968 -10.84 9.12 -8.04
N ASN B 969 -10.97 10.19 -7.25
CA ASN B 969 -9.84 11.10 -7.03
C ASN B 969 -8.76 10.45 -6.17
N PHE B 970 -9.15 9.58 -5.24
CA PHE B 970 -8.24 9.01 -4.26
C PHE B 970 -7.58 10.11 -3.41
N GLY B 971 -8.32 11.18 -3.14
CA GLY B 971 -7.81 12.30 -2.38
C GLY B 971 -7.15 13.39 -3.19
N ALA B 972 -6.97 13.18 -4.50
CA ALA B 972 -6.39 14.20 -5.36
C ALA B 972 -7.43 15.27 -5.69
N ILE B 973 -6.95 16.38 -6.25
CA ILE B 973 -7.86 17.47 -6.63
C ILE B 973 -8.80 17.01 -7.73
N SER B 974 -8.32 16.17 -8.64
CA SER B 974 -9.14 15.67 -9.74
C SER B 974 -8.65 14.28 -10.10
N SER B 975 -9.38 13.63 -11.02
CA SER B 975 -9.08 12.27 -11.44
C SER B 975 -8.56 12.20 -12.88
N VAL B 976 -8.11 13.33 -13.43
CA VAL B 976 -7.59 13.40 -14.79
C VAL B 976 -6.15 13.89 -14.73
N LEU B 977 -5.24 13.13 -15.32
CA LEU B 977 -3.82 13.47 -15.25
C LEU B 977 -3.53 14.79 -15.96
N ASN B 978 -4.06 14.94 -17.18
CA ASN B 978 -3.78 16.15 -17.95
C ASN B 978 -4.36 17.38 -17.26
N ASP B 979 -5.56 17.24 -16.66
CA ASP B 979 -6.15 18.35 -15.94
C ASP B 979 -5.26 18.80 -14.79
N ILE B 980 -4.73 17.83 -14.03
CA ILE B 980 -3.83 18.17 -12.92
C ILE B 980 -2.57 18.83 -13.45
N LEU B 981 -2.00 18.29 -14.53
CA LEU B 981 -0.77 18.86 -15.08
C LEU B 981 -0.98 20.30 -15.52
N SER B 982 -2.09 20.57 -16.20
CA SER B 982 -2.34 21.92 -16.68
C SER B 982 -2.68 22.87 -15.53
N ARG B 983 -3.47 22.42 -14.56
CA ARG B 983 -3.92 23.31 -13.50
C ARG B 983 -2.78 23.70 -12.57
N LEU B 984 -1.94 22.75 -12.19
CA LEU B 984 -0.93 22.97 -11.16
C LEU B 984 0.47 22.89 -11.75
N ASP B 985 1.41 23.47 -11.01
CA ASP B 985 2.82 23.44 -11.37
C ASP B 985 3.43 22.08 -11.07
N PRO B 986 4.61 21.79 -11.62
CA PRO B 986 5.21 20.46 -11.45
C PRO B 986 5.33 20.05 -9.99
N PRO B 987 5.76 20.92 -9.09
CA PRO B 987 5.99 20.46 -7.71
C PRO B 987 4.75 19.91 -7.01
N GLU B 988 3.56 20.45 -7.28
CA GLU B 988 2.34 19.91 -6.67
C GLU B 988 1.69 18.83 -7.53
N ALA B 989 1.79 18.95 -8.86
CA ALA B 989 1.39 17.85 -9.71
C ALA B 989 2.13 16.58 -9.33
N GLU B 990 3.35 16.71 -8.82
CA GLU B 990 4.09 15.56 -8.30
C GLU B 990 3.24 14.77 -7.31
N VAL B 991 2.82 15.43 -6.23
CA VAL B 991 2.09 14.73 -5.18
C VAL B 991 0.71 14.30 -5.67
N GLN B 992 0.06 15.12 -6.50
CA GLN B 992 -1.25 14.75 -7.00
C GLN B 992 -1.19 13.47 -7.83
N ILE B 993 -0.23 13.41 -8.76
CA ILE B 993 -0.08 12.23 -9.59
C ILE B 993 0.40 11.05 -8.75
N ASP B 994 1.17 11.30 -7.69
CA ASP B 994 1.56 10.22 -6.80
C ASP B 994 0.34 9.60 -6.13
N ARG B 995 -0.59 10.44 -5.65
CA ARG B 995 -1.82 9.94 -5.06
C ARG B 995 -2.62 9.13 -6.08
N LEU B 996 -2.77 9.67 -7.29
CA LEU B 996 -3.52 8.96 -8.31
C LEU B 996 -2.87 7.61 -8.64
N ILE B 997 -1.54 7.60 -8.75
CA ILE B 997 -0.83 6.37 -9.06
C ILE B 997 -1.02 5.35 -7.95
N THR B 998 -0.93 5.79 -6.69
CA THR B 998 -1.14 4.88 -5.58
C THR B 998 -2.53 4.27 -5.65
N GLY B 999 -3.56 5.09 -5.87
CA GLY B 999 -4.91 4.57 -5.94
C GLY B 999 -5.09 3.57 -7.06
N ARG B 1000 -4.61 3.91 -8.26
CA ARG B 1000 -4.80 3.04 -9.41
C ARG B 1000 -4.00 1.75 -9.28
N LEU B 1001 -2.80 1.84 -8.70
CA LEU B 1001 -2.00 0.64 -8.46
C LEU B 1001 -2.69 -0.27 -7.45
N GLN B 1002 -3.28 0.30 -6.41
CA GLN B 1002 -4.04 -0.52 -5.46
C GLN B 1002 -5.22 -1.19 -6.16
N SER B 1003 -5.89 -0.45 -7.05
CA SER B 1003 -7.00 -1.03 -7.79
C SER B 1003 -6.54 -2.22 -8.64
N LEU B 1004 -5.42 -2.05 -9.34
CA LEU B 1004 -4.87 -3.15 -10.14
C LEU B 1004 -4.48 -4.33 -9.27
N GLN B 1005 -3.87 -4.07 -8.10
CA GLN B 1005 -3.50 -5.17 -7.21
C GLN B 1005 -4.73 -5.94 -6.78
N THR B 1006 -5.79 -5.24 -6.39
CA THR B 1006 -7.02 -5.91 -6.00
C THR B 1006 -7.59 -6.73 -7.16
N TYR B 1007 -7.62 -6.14 -8.35
CA TYR B 1007 -8.20 -6.85 -9.50
C TYR B 1007 -7.39 -8.11 -9.80
N VAL B 1008 -6.06 -8.01 -9.76
CA VAL B 1008 -5.23 -9.16 -10.08
C VAL B 1008 -5.35 -10.25 -9.03
N THR B 1009 -5.45 -9.86 -7.75
CA THR B 1009 -5.64 -10.86 -6.71
C THR B 1009 -6.97 -11.59 -6.87
N GLN B 1010 -8.05 -10.83 -7.14
CA GLN B 1010 -9.34 -11.46 -7.36
C GLN B 1010 -9.30 -12.38 -8.57
N GLN B 1011 -8.64 -11.93 -9.65
CA GLN B 1011 -8.52 -12.76 -10.85
C GLN B 1011 -7.75 -14.04 -10.56
N LEU B 1012 -6.67 -13.95 -9.76
CA LEU B 1012 -5.91 -15.14 -9.41
C LEU B 1012 -6.76 -16.13 -8.62
N ILE B 1013 -7.52 -15.63 -7.64
CA ILE B 1013 -8.37 -16.52 -6.85
C ILE B 1013 -9.42 -17.19 -7.73
N ARG B 1014 -10.08 -16.39 -8.57
CA ARG B 1014 -11.10 -16.95 -9.44
C ARG B 1014 -10.51 -17.92 -10.45
N ALA B 1015 -9.28 -17.66 -10.90
CA ALA B 1015 -8.61 -18.57 -11.83
C ALA B 1015 -8.24 -19.88 -11.14
N ALA B 1016 -7.85 -19.83 -9.87
CA ALA B 1016 -7.63 -21.07 -9.13
C ALA B 1016 -8.93 -21.87 -9.01
N GLU B 1017 -10.03 -21.18 -8.72
CA GLU B 1017 -11.31 -21.87 -8.66
C GLU B 1017 -11.67 -22.49 -10.00
N ILE B 1018 -11.46 -21.75 -11.09
CA ILE B 1018 -11.77 -22.27 -12.41
C ILE B 1018 -10.85 -23.42 -12.77
N ARG B 1019 -9.59 -23.39 -12.33
CA ARG B 1019 -8.69 -24.51 -12.57
C ARG B 1019 -9.17 -25.75 -11.85
N ALA B 1020 -9.64 -25.60 -10.60
CA ALA B 1020 -10.20 -26.75 -9.90
C ALA B 1020 -11.42 -27.29 -10.64
N SER B 1021 -12.29 -26.40 -11.11
CA SER B 1021 -13.47 -26.85 -11.86
C SER B 1021 -13.06 -27.57 -13.14
N ALA B 1022 -12.05 -27.06 -13.83
CA ALA B 1022 -11.60 -27.68 -15.08
C ALA B 1022 -10.96 -29.04 -14.81
N ASN B 1023 -10.22 -29.16 -13.71
CA ASN B 1023 -9.68 -30.47 -13.34
C ASN B 1023 -10.80 -31.47 -13.06
N LEU B 1024 -11.84 -31.02 -12.36
CA LEU B 1024 -12.99 -31.90 -12.12
C LEU B 1024 -13.64 -32.30 -13.44
N ALA B 1025 -13.80 -31.35 -14.36
CA ALA B 1025 -14.41 -31.66 -15.65
C ALA B 1025 -13.56 -32.64 -16.43
N ALA B 1026 -12.23 -32.47 -16.41
CA ALA B 1026 -11.35 -33.40 -17.11
C ALA B 1026 -11.43 -34.80 -16.51
N THR B 1027 -11.48 -34.88 -15.18
CA THR B 1027 -11.62 -36.18 -14.53
C THR B 1027 -12.93 -36.85 -14.93
N LYS B 1028 -14.02 -36.07 -14.96
CA LYS B 1028 -15.31 -36.63 -15.37
C LYS B 1028 -15.26 -37.10 -16.82
N MET B 1029 -14.64 -36.32 -17.70
CA MET B 1029 -14.50 -36.74 -19.09
C MET B 1029 -13.71 -38.04 -19.19
N SER B 1030 -12.62 -38.15 -18.43
CA SER B 1030 -11.81 -39.36 -18.47
C SER B 1030 -12.59 -40.57 -17.96
N GLU B 1031 -13.34 -40.41 -16.88
CA GLU B 1031 -14.01 -41.54 -16.24
C GLU B 1031 -15.45 -41.71 -16.72
N CYS B 1032 -16.23 -40.64 -16.76
CA CYS B 1032 -17.64 -40.78 -17.10
C CYS B 1032 -17.85 -41.03 -18.59
N VAL B 1033 -17.05 -40.42 -19.45
CA VAL B 1033 -17.24 -40.53 -20.90
C VAL B 1033 -16.44 -41.68 -21.48
N LEU B 1034 -15.13 -41.72 -21.20
CA LEU B 1034 -14.26 -42.74 -21.76
C LEU B 1034 -14.34 -44.07 -21.00
N GLY B 1035 -15.32 -44.24 -20.14
CA GLY B 1035 -15.47 -45.49 -19.41
C GLY B 1035 -16.68 -45.45 -18.52
N GLN B 1036 -16.90 -46.56 -17.83
CA GLN B 1036 -18.01 -46.70 -16.90
C GLN B 1036 -17.48 -46.61 -15.47
N SER B 1037 -18.04 -45.69 -14.70
CA SER B 1037 -17.53 -45.38 -13.37
C SER B 1037 -18.39 -46.05 -12.30
N LYS B 1038 -17.72 -46.69 -11.33
CA LYS B 1038 -18.39 -47.26 -10.18
C LYS B 1038 -18.58 -46.26 -9.05
N ARG B 1039 -18.00 -45.06 -9.17
CA ARG B 1039 -18.13 -44.06 -8.12
C ARG B 1039 -19.56 -43.57 -8.02
N VAL B 1040 -20.09 -43.54 -6.80
CA VAL B 1040 -21.50 -43.19 -6.60
C VAL B 1040 -21.68 -41.69 -6.71
N ASP B 1041 -22.70 -41.29 -7.47
CA ASP B 1041 -23.08 -39.89 -7.65
C ASP B 1041 -21.98 -39.07 -8.30
N PHE B 1042 -21.01 -39.73 -8.93
CA PHE B 1042 -19.98 -39.00 -9.66
C PHE B 1042 -20.45 -38.64 -11.06
N CYS B 1043 -20.84 -39.66 -11.84
CA CYS B 1043 -21.42 -39.44 -13.16
C CYS B 1043 -22.95 -39.50 -13.06
N GLY B 1044 -23.49 -38.50 -12.38
CA GLY B 1044 -24.93 -38.46 -12.13
C GLY B 1044 -25.34 -39.38 -11.01
N LYS B 1045 -26.60 -39.32 -10.60
CA LYS B 1045 -27.11 -40.16 -9.53
C LYS B 1045 -27.78 -41.40 -10.12
N GLY B 1046 -27.43 -42.55 -9.57
CA GLY B 1046 -27.87 -43.84 -10.07
C GLY B 1046 -26.70 -44.70 -10.45
N TYR B 1047 -27.01 -45.79 -11.16
CA TYR B 1047 -25.99 -46.71 -11.66
C TYR B 1047 -25.54 -46.23 -13.03
N HIS B 1048 -24.35 -45.63 -13.08
CA HIS B 1048 -23.87 -45.02 -14.32
C HIS B 1048 -23.74 -46.05 -15.43
N LEU B 1049 -24.22 -45.68 -16.62
CA LEU B 1049 -24.07 -46.48 -17.82
C LEU B 1049 -23.14 -45.82 -18.83
N MET B 1050 -23.44 -44.58 -19.22
CA MET B 1050 -22.63 -43.86 -20.19
C MET B 1050 -22.89 -42.38 -20.02
N SER B 1051 -21.97 -41.57 -20.57
CA SER B 1051 -22.09 -40.12 -20.52
C SER B 1051 -21.67 -39.54 -21.86
N PHE B 1052 -22.25 -38.39 -22.20
CA PHE B 1052 -22.02 -37.74 -23.49
C PHE B 1052 -21.61 -36.30 -23.24
N PRO B 1053 -20.42 -35.88 -23.63
CA PRO B 1053 -20.03 -34.48 -23.45
C PRO B 1053 -20.72 -33.56 -24.44
N GLN B 1054 -20.83 -32.29 -24.04
CA GLN B 1054 -21.40 -31.26 -24.90
C GLN B 1054 -20.69 -29.95 -24.62
N SER B 1055 -20.12 -29.36 -25.66
CA SER B 1055 -19.39 -28.10 -25.51
C SER B 1055 -20.36 -26.96 -25.19
N ALA B 1056 -19.90 -26.06 -24.31
CA ALA B 1056 -20.66 -24.88 -23.96
C ALA B 1056 -19.68 -23.72 -23.84
N PRO B 1057 -20.14 -22.48 -24.03
CA PRO B 1057 -19.22 -21.34 -23.91
C PRO B 1057 -18.53 -21.29 -22.56
N HIS B 1058 -17.21 -21.44 -22.56
CA HIS B 1058 -16.42 -21.41 -21.33
C HIS B 1058 -16.91 -22.47 -20.33
N GLY B 1059 -17.27 -23.64 -20.84
CA GLY B 1059 -17.72 -24.71 -19.96
C GLY B 1059 -18.02 -25.95 -20.77
N VAL B 1060 -18.37 -27.01 -20.04
CA VAL B 1060 -18.73 -28.30 -20.62
C VAL B 1060 -20.01 -28.79 -19.94
N VAL B 1061 -20.73 -29.63 -20.67
CA VAL B 1061 -21.99 -30.21 -20.19
C VAL B 1061 -21.95 -31.71 -20.41
N PHE B 1062 -22.36 -32.47 -19.39
CA PHE B 1062 -22.35 -33.93 -19.41
C PHE B 1062 -23.77 -34.43 -19.31
N LEU B 1063 -24.12 -35.42 -20.14
CA LEU B 1063 -25.43 -36.06 -20.11
C LEU B 1063 -25.22 -37.47 -19.56
N HIS B 1064 -25.29 -37.60 -18.23
CA HIS B 1064 -25.04 -38.87 -17.56
C HIS B 1064 -26.26 -39.78 -17.71
N VAL B 1065 -26.06 -40.94 -18.33
CA VAL B 1065 -27.11 -41.95 -18.46
C VAL B 1065 -26.94 -42.95 -17.33
N THR B 1066 -27.99 -43.13 -16.53
CA THR B 1066 -27.91 -43.95 -15.33
C THR B 1066 -29.07 -44.94 -15.28
N TYR B 1067 -28.76 -46.18 -14.91
CA TYR B 1067 -29.79 -47.17 -14.64
C TYR B 1067 -30.36 -46.94 -13.25
N VAL B 1068 -31.70 -46.90 -13.17
CA VAL B 1068 -32.39 -46.61 -11.92
C VAL B 1068 -33.45 -47.66 -11.69
N PRO B 1069 -33.42 -48.39 -10.57
CA PRO B 1069 -34.53 -49.30 -10.25
C PRO B 1069 -35.84 -48.53 -10.15
N ALA B 1070 -36.92 -49.13 -10.64
CA ALA B 1070 -38.19 -48.43 -10.80
C ALA B 1070 -39.29 -48.99 -9.90
N GLN B 1071 -39.58 -50.29 -10.00
CA GLN B 1071 -40.75 -50.88 -9.34
C GLN B 1071 -40.27 -51.93 -8.34
N GLU B 1072 -40.45 -51.65 -7.07
CA GLU B 1072 -40.03 -52.58 -6.02
C GLU B 1072 -41.11 -53.64 -5.80
N LYS B 1073 -40.74 -54.67 -5.04
CA LYS B 1073 -41.69 -55.70 -4.64
C LYS B 1073 -41.14 -56.51 -3.48
N ASN B 1074 -41.93 -56.67 -2.42
CA ASN B 1074 -41.46 -57.37 -1.24
C ASN B 1074 -41.33 -58.86 -1.49
N PHE B 1075 -40.26 -59.44 -0.95
CA PHE B 1075 -40.05 -60.89 -0.99
C PHE B 1075 -39.46 -61.35 0.33
N THR B 1076 -39.72 -62.60 0.67
CA THR B 1076 -39.08 -63.22 1.83
C THR B 1076 -37.77 -63.84 1.40
N THR B 1077 -36.70 -63.54 2.15
CA THR B 1077 -35.35 -63.95 1.79
C THR B 1077 -34.71 -64.70 2.95
N ALA B 1078 -33.79 -65.59 2.61
CA ALA B 1078 -32.99 -66.31 3.59
C ALA B 1078 -31.53 -66.26 3.20
N PRO B 1079 -30.62 -66.19 4.18
CA PRO B 1079 -29.20 -66.14 3.84
C PRO B 1079 -28.69 -67.41 3.16
N ALA B 1080 -29.31 -68.56 3.42
CA ALA B 1080 -28.86 -69.82 2.85
C ALA B 1080 -30.02 -70.80 2.88
N ILE B 1081 -29.82 -71.94 2.20
CA ILE B 1081 -30.83 -72.98 2.09
C ILE B 1081 -30.19 -74.32 2.43
N CYS B 1082 -30.86 -75.11 3.26
CA CYS B 1082 -30.41 -76.44 3.62
C CYS B 1082 -31.21 -77.47 2.84
N HIS B 1083 -30.51 -78.36 2.14
CA HIS B 1083 -31.14 -79.40 1.33
C HIS B 1083 -30.86 -80.79 1.87
N ASP B 1084 -29.59 -81.15 2.02
CA ASP B 1084 -29.17 -82.46 2.53
C ASP B 1084 -28.21 -82.30 3.70
N GLY B 1085 -28.57 -81.41 4.62
CA GLY B 1085 -27.68 -81.11 5.73
C GLY B 1085 -26.53 -80.20 5.40
N LYS B 1086 -26.53 -79.60 4.20
CA LYS B 1086 -25.48 -78.71 3.75
C LYS B 1086 -26.07 -77.35 3.43
N ALA B 1087 -25.38 -76.29 3.84
CA ALA B 1087 -25.84 -74.94 3.59
C ALA B 1087 -25.50 -74.51 2.17
N HIS B 1088 -26.50 -74.02 1.44
CA HIS B 1088 -26.34 -73.57 0.07
C HIS B 1088 -26.44 -72.06 0.01
N PHE B 1089 -25.47 -71.42 -0.64
CA PHE B 1089 -25.45 -69.98 -0.82
C PHE B 1089 -25.52 -69.64 -2.31
N PRO B 1090 -26.13 -68.50 -2.67
CA PRO B 1090 -26.26 -68.17 -4.09
C PRO B 1090 -24.91 -67.86 -4.71
N ARG B 1091 -24.65 -68.44 -5.89
CA ARG B 1091 -23.41 -68.15 -6.60
C ARG B 1091 -23.29 -66.67 -6.90
N GLU B 1092 -24.36 -66.08 -7.43
CA GLU B 1092 -24.44 -64.63 -7.61
C GLU B 1092 -25.92 -64.26 -7.70
N GLY B 1093 -26.38 -63.44 -6.76
CA GLY B 1093 -27.77 -63.08 -6.67
C GLY B 1093 -28.22 -63.16 -5.22
N VAL B 1094 -29.49 -63.50 -5.04
CA VAL B 1094 -30.09 -63.55 -3.71
C VAL B 1094 -31.27 -64.52 -3.75
N PHE B 1095 -31.47 -65.21 -2.63
CA PHE B 1095 -32.64 -66.07 -2.49
C PHE B 1095 -33.87 -65.23 -2.20
N VAL B 1096 -34.94 -65.46 -2.97
CA VAL B 1096 -36.21 -64.78 -2.78
C VAL B 1096 -37.30 -65.84 -2.70
N SER B 1097 -38.42 -65.47 -2.08
CA SER B 1097 -39.52 -66.41 -1.85
C SER B 1097 -40.83 -65.68 -2.06
N ASN B 1098 -41.58 -66.11 -3.07
CA ASN B 1098 -42.98 -65.72 -3.16
C ASN B 1098 -43.76 -66.41 -2.04
N GLY B 1099 -45.07 -66.19 -2.05
CA GLY B 1099 -45.93 -66.75 -1.01
C GLY B 1099 -45.65 -68.19 -0.67
N THR B 1100 -45.29 -69.00 -1.67
CA THR B 1100 -45.12 -70.43 -1.49
C THR B 1100 -43.71 -70.93 -1.78
N HIS B 1101 -43.16 -70.62 -2.94
CA HIS B 1101 -41.93 -71.25 -3.42
C HIS B 1101 -40.71 -70.38 -3.14
N TRP B 1102 -39.54 -70.93 -3.48
CA TRP B 1102 -38.25 -70.28 -3.32
C TRP B 1102 -37.54 -70.21 -4.66
N PHE B 1103 -36.89 -69.08 -4.92
CA PHE B 1103 -36.14 -68.87 -6.14
C PHE B 1103 -34.89 -68.05 -5.85
N VAL B 1104 -33.97 -68.06 -6.80
CA VAL B 1104 -32.75 -67.25 -6.75
C VAL B 1104 -32.82 -66.26 -7.90
N THR B 1105 -32.63 -64.98 -7.60
CA THR B 1105 -32.81 -63.90 -8.57
C THR B 1105 -31.64 -62.94 -8.48
N GLN B 1106 -31.51 -62.10 -9.50
CA GLN B 1106 -30.50 -61.05 -9.50
C GLN B 1106 -30.82 -60.02 -8.43
N ARG B 1107 -29.77 -59.34 -7.96
CA ARG B 1107 -29.94 -58.35 -6.90
C ARG B 1107 -30.59 -57.07 -7.39
N ASN B 1108 -30.38 -56.71 -8.66
CA ASN B 1108 -30.87 -55.45 -9.22
C ASN B 1108 -32.02 -55.64 -10.20
N PHE B 1109 -32.55 -56.85 -10.34
CA PHE B 1109 -33.67 -57.09 -11.25
C PHE B 1109 -34.28 -58.43 -10.89
N TYR B 1110 -35.61 -58.45 -10.72
CA TYR B 1110 -36.31 -59.66 -10.30
C TYR B 1110 -36.43 -60.61 -11.49
N GLU B 1111 -35.53 -61.59 -11.55
CA GLU B 1111 -35.55 -62.65 -12.56
C GLU B 1111 -35.43 -63.98 -11.83
N PRO B 1112 -36.52 -64.46 -11.23
CA PRO B 1112 -36.42 -65.66 -10.40
C PRO B 1112 -35.93 -66.86 -11.18
N GLN B 1113 -35.12 -67.69 -10.53
CA GLN B 1113 -34.58 -68.91 -11.11
C GLN B 1113 -34.74 -70.05 -10.12
N ILE B 1114 -34.96 -71.25 -10.63
CA ILE B 1114 -35.08 -72.43 -9.79
C ILE B 1114 -33.75 -72.67 -9.08
N ILE B 1115 -33.82 -73.00 -7.79
CA ILE B 1115 -32.62 -73.27 -7.02
C ILE B 1115 -31.98 -74.56 -7.53
N THR B 1116 -30.75 -74.45 -8.04
CA THR B 1116 -30.04 -75.59 -8.58
C THR B 1116 -28.59 -75.52 -8.12
N THR B 1117 -27.86 -76.62 -8.37
CA THR B 1117 -26.44 -76.67 -8.03
C THR B 1117 -25.63 -75.64 -8.80
N ASP B 1118 -26.08 -75.27 -10.01
CA ASP B 1118 -25.37 -74.27 -10.79
C ASP B 1118 -25.54 -72.87 -10.20
N ASN B 1119 -26.72 -72.56 -9.67
CA ASN B 1119 -26.99 -71.23 -9.13
C ASN B 1119 -26.40 -71.03 -7.74
N THR B 1120 -26.02 -72.10 -7.05
CA THR B 1120 -25.59 -72.02 -5.66
C THR B 1120 -24.32 -72.84 -5.46
N PHE B 1121 -23.59 -72.49 -4.40
CA PHE B 1121 -22.41 -73.22 -3.98
C PHE B 1121 -22.56 -73.65 -2.53
N VAL B 1122 -21.99 -74.80 -2.19
CA VAL B 1122 -22.15 -75.39 -0.88
C VAL B 1122 -20.98 -75.00 0.01
N SER B 1123 -21.25 -74.84 1.30
CA SER B 1123 -20.21 -74.49 2.26
C SER B 1123 -20.67 -74.95 3.65
N GLY B 1124 -20.06 -76.01 4.16
CA GLY B 1124 -20.35 -76.48 5.50
C GLY B 1124 -21.79 -76.93 5.69
N ASN B 1125 -22.09 -77.42 6.89
CA ASN B 1125 -23.44 -77.87 7.21
C ASN B 1125 -24.34 -76.67 7.52
N CYS B 1126 -25.63 -76.94 7.65
CA CYS B 1126 -26.65 -75.91 7.85
C CYS B 1126 -27.06 -75.78 9.30
N ASP B 1127 -26.14 -75.98 10.25
CA ASP B 1127 -26.42 -75.78 11.66
C ASP B 1127 -25.65 -74.59 12.23
N VAL B 1128 -24.97 -73.80 11.40
CA VAL B 1128 -24.22 -72.64 11.85
C VAL B 1128 -24.82 -71.34 11.34
N VAL B 1129 -25.31 -71.34 10.10
CA VAL B 1129 -25.90 -70.13 9.53
C VAL B 1129 -27.18 -69.80 10.27
N ILE B 1130 -27.37 -68.51 10.55
CA ILE B 1130 -28.57 -68.02 11.25
C ILE B 1130 -29.60 -67.62 10.22
N GLY B 1131 -30.83 -68.13 10.38
CA GLY B 1131 -31.90 -67.83 9.46
C GLY B 1131 -31.98 -68.74 8.26
N ILE B 1132 -31.16 -69.80 8.20
CA ILE B 1132 -31.23 -70.72 7.07
C ILE B 1132 -32.60 -71.39 7.04
N VAL B 1133 -33.04 -71.72 5.83
CA VAL B 1133 -34.37 -72.29 5.60
C VAL B 1133 -34.21 -73.59 4.84
N ASN B 1134 -35.25 -74.43 4.93
CA ASN B 1134 -35.27 -75.72 4.26
C ASN B 1134 -35.98 -75.62 2.92
N ASN B 1135 -35.33 -76.11 1.87
CA ASN B 1135 -35.92 -76.10 0.54
C ASN B 1135 -35.08 -76.99 -0.37
N THR B 1136 -35.73 -77.54 -1.39
CA THR B 1136 -35.06 -78.43 -2.32
C THR B 1136 -34.07 -77.68 -3.19
N VAL B 1137 -32.97 -78.36 -3.53
CA VAL B 1137 -31.96 -77.83 -4.43
C VAL B 1137 -31.93 -78.77 -5.63
N TYR B 1138 -32.65 -78.41 -6.68
CA TYR B 1138 -32.79 -79.29 -7.84
C TYR B 1138 -31.44 -79.55 -8.49
N ASP B 1139 -31.21 -80.80 -8.88
CA ASP B 1139 -29.98 -81.19 -9.56
C ASP B 1139 -30.27 -81.35 -11.04
N PRO B 1140 -29.67 -80.55 -11.94
CA PRO B 1140 -30.00 -80.69 -13.36
C PRO B 1140 -29.43 -81.95 -13.99
N LEU B 1141 -28.45 -82.60 -13.35
CA LEU B 1141 -27.85 -83.81 -13.91
C LEU B 1141 -28.75 -85.03 -13.73
N GLN B 1142 -29.45 -85.11 -12.59
CA GLN B 1142 -30.30 -86.27 -12.32
C GLN B 1142 -31.35 -86.48 -13.40
N PRO B 1143 -32.13 -85.47 -13.82
CA PRO B 1143 -33.13 -85.73 -14.86
C PRO B 1143 -32.52 -86.23 -16.16
N GLU B 1144 -31.32 -85.77 -16.52
CA GLU B 1144 -30.68 -86.27 -17.72
C GLU B 1144 -30.21 -87.71 -17.56
N LEU B 1145 -29.74 -88.08 -16.35
CA LEU B 1145 -29.41 -89.48 -16.11
C LEU B 1145 -30.66 -90.37 -16.04
N ASP B 1146 -31.84 -89.78 -15.85
CA ASP B 1146 -33.06 -90.59 -15.84
C ASP B 1146 -33.28 -91.24 -17.18
N SER B 1147 -33.04 -90.52 -18.27
CA SER B 1147 -33.20 -91.06 -19.61
C SER B 1147 -32.10 -92.06 -19.93
N CYS C 15 52.52 26.45 -38.43
CA CYS C 15 51.23 27.07 -38.14
C CYS C 15 50.57 27.56 -39.41
N VAL C 16 50.69 26.77 -40.48
CA VAL C 16 50.11 27.11 -41.78
C VAL C 16 49.31 25.91 -42.28
N ASN C 17 48.37 26.19 -43.18
CA ASN C 17 47.54 25.12 -43.73
C ASN C 17 48.38 24.13 -44.51
N LEU C 18 47.99 22.86 -44.46
CA LEU C 18 48.72 21.83 -45.16
C LEU C 18 48.65 22.06 -46.66
N THR C 19 49.71 21.64 -47.37
CA THR C 19 49.85 21.88 -48.79
C THR C 19 49.42 20.64 -49.57
N THR C 20 48.60 20.86 -50.60
CA THR C 20 48.21 19.81 -51.55
C THR C 20 47.51 18.65 -50.83
N ARG C 21 46.35 18.96 -50.26
CA ARG C 21 45.47 17.95 -49.68
C ARG C 21 44.42 17.56 -50.70
N THR C 22 44.21 16.26 -50.87
CA THR C 22 43.19 15.75 -51.78
C THR C 22 41.99 15.28 -50.97
N GLN C 23 40.80 15.75 -51.36
CA GLN C 23 39.57 15.49 -50.65
C GLN C 23 38.74 14.46 -51.41
N LEU C 24 38.29 13.44 -50.70
CA LEU C 24 37.42 12.40 -51.22
C LEU C 24 36.26 12.17 -50.26
N PRO C 25 35.08 11.84 -50.76
CA PRO C 25 33.95 11.59 -49.86
C PRO C 25 34.27 10.47 -48.88
N PRO C 26 33.86 10.60 -47.62
CA PRO C 26 34.17 9.55 -46.64
C PRO C 26 33.38 8.28 -46.89
N ALA C 27 33.99 7.16 -46.51
CA ALA C 27 33.36 5.85 -46.65
C ALA C 27 32.82 5.37 -45.31
N TYR C 28 31.89 4.43 -45.39
CA TYR C 28 31.27 3.84 -44.20
C TYR C 28 31.44 2.33 -44.24
N THR C 29 31.75 1.75 -43.07
CA THR C 29 31.91 0.31 -42.93
C THR C 29 31.04 -0.17 -41.77
N ASN C 30 31.16 -1.45 -41.44
CA ASN C 30 30.33 -2.10 -40.44
C ASN C 30 31.12 -2.32 -39.16
N SER C 31 30.55 -1.88 -38.04
CA SER C 31 31.23 -2.01 -36.75
C SER C 31 31.07 -3.40 -36.13
N PHE C 32 30.13 -4.20 -36.62
CA PHE C 32 29.85 -5.53 -36.06
C PHE C 32 29.54 -5.35 -34.57
N THR C 33 30.16 -6.12 -33.68
CA THR C 33 29.90 -6.02 -32.25
C THR C 33 30.92 -5.16 -31.51
N ARG C 34 31.85 -4.54 -32.24
CA ARG C 34 32.87 -3.73 -31.60
C ARG C 34 32.25 -2.51 -30.92
N GLY C 35 32.85 -2.09 -29.80
CA GLY C 35 32.40 -0.90 -29.10
C GLY C 35 31.94 -1.17 -27.68
N VAL C 36 32.11 -2.39 -27.21
CA VAL C 36 31.71 -2.77 -25.85
C VAL C 36 32.82 -2.43 -24.88
N TYR C 37 32.44 -1.93 -23.71
CA TYR C 37 33.40 -1.57 -22.68
C TYR C 37 32.78 -1.83 -21.31
N TYR C 38 33.64 -2.01 -20.31
CA TYR C 38 33.17 -2.23 -18.94
C TYR C 38 32.50 -0.97 -18.41
N PRO C 39 31.18 -0.95 -18.23
CA PRO C 39 30.53 0.31 -17.83
C PRO C 39 31.05 0.87 -16.51
N ASP C 40 31.40 0.02 -15.55
CA ASP C 40 31.78 0.49 -14.23
C ASP C 40 32.79 -0.48 -13.61
N LYS C 41 33.45 -0.02 -12.55
CA LYS C 41 34.46 -0.80 -11.86
C LYS C 41 33.78 -1.75 -10.86
N VAL C 42 33.08 -2.73 -11.41
CA VAL C 42 32.37 -3.73 -10.62
C VAL C 42 32.70 -5.10 -11.19
N PHE C 43 32.93 -6.07 -10.30
CA PHE C 43 33.24 -7.44 -10.68
C PHE C 43 31.98 -8.28 -10.62
N ARG C 44 31.71 -9.00 -11.71
CA ARG C 44 30.57 -9.91 -11.79
C ARG C 44 31.03 -11.20 -12.44
N SER C 45 30.52 -12.34 -11.94
CA SER C 45 30.96 -13.65 -12.39
C SER C 45 29.77 -14.46 -12.84
N SER C 46 29.86 -15.02 -14.05
CA SER C 46 28.84 -15.93 -14.59
C SER C 46 27.43 -15.36 -14.38
N VAL C 47 27.18 -14.22 -15.01
CA VAL C 47 25.91 -13.53 -14.88
C VAL C 47 25.67 -12.69 -16.12
N LEU C 48 24.41 -12.54 -16.48
CA LEU C 48 23.98 -11.71 -17.60
C LEU C 48 23.38 -10.44 -17.03
N HIS C 49 24.17 -9.37 -17.04
CA HIS C 49 23.78 -8.09 -16.43
C HIS C 49 23.30 -7.14 -17.51
N SER C 50 22.15 -6.53 -17.30
CA SER C 50 21.58 -5.54 -18.21
C SER C 50 21.91 -4.15 -17.73
N THR C 51 22.49 -3.34 -18.61
CA THR C 51 22.89 -1.98 -18.28
C THR C 51 22.37 -1.02 -19.34
N GLN C 52 22.01 0.19 -18.89
CA GLN C 52 21.53 1.25 -19.77
C GLN C 52 22.55 2.38 -19.74
N ASP C 53 23.36 2.47 -20.78
CA ASP C 53 24.42 3.46 -20.85
C ASP C 53 24.71 3.74 -22.32
N LEU C 54 25.60 4.69 -22.56
CA LEU C 54 25.97 5.09 -23.92
C LEU C 54 26.86 4.01 -24.53
N PHE C 55 26.33 3.26 -25.49
CA PHE C 55 27.08 2.23 -26.19
C PHE C 55 27.04 2.49 -27.69
N LEU C 56 27.96 1.86 -28.41
CA LEU C 56 27.95 1.91 -29.85
C LEU C 56 26.98 0.85 -30.38
N PRO C 57 25.89 1.23 -31.04
CA PRO C 57 24.92 0.22 -31.47
C PRO C 57 25.55 -0.81 -32.39
N PHE C 58 25.14 -2.07 -32.21
CA PHE C 58 25.69 -3.15 -33.02
C PHE C 58 25.34 -2.96 -34.48
N PHE C 59 26.28 -3.30 -35.35
CA PHE C 59 26.08 -3.25 -36.80
C PHE C 59 25.65 -1.85 -37.24
N SER C 60 26.27 -0.83 -36.66
CA SER C 60 25.95 0.56 -36.97
C SER C 60 26.96 1.13 -37.95
N ASN C 61 26.75 2.39 -38.33
CA ASN C 61 27.64 3.04 -39.27
C ASN C 61 28.83 3.66 -38.55
N VAL C 62 30.01 3.51 -39.14
CA VAL C 62 31.24 4.10 -38.62
C VAL C 62 32.01 4.69 -39.78
N THR C 63 32.32 5.98 -39.70
CA THR C 63 33.04 6.66 -40.76
C THR C 63 34.47 6.11 -40.87
N TRP C 64 34.96 5.99 -42.09
CA TRP C 64 36.29 5.47 -42.36
C TRP C 64 37.15 6.58 -42.96
N PHE C 65 38.33 6.79 -42.39
CA PHE C 65 39.26 7.82 -42.83
C PHE C 65 40.60 7.20 -43.15
N HIS C 66 41.26 7.73 -44.19
CA HIS C 66 42.57 7.27 -44.61
C HIS C 66 43.55 8.43 -44.61
N ALA C 67 44.78 8.15 -44.19
CA ALA C 67 45.90 9.09 -44.31
C ALA C 67 47.00 8.33 -45.03
N ILE C 68 46.98 8.39 -46.36
CA ILE C 68 47.86 7.56 -47.18
C ILE C 68 48.27 8.35 -48.42
N HIS C 69 49.48 8.09 -48.89
CA HIS C 69 50.02 8.68 -50.12
C HIS C 69 50.22 7.55 -51.12
N VAL C 70 49.28 7.42 -52.06
CA VAL C 70 49.37 6.37 -53.06
C VAL C 70 50.59 6.63 -53.95
N SER C 71 51.36 5.58 -54.22
CA SER C 71 52.58 5.73 -55.00
C SER C 71 52.26 6.25 -56.39
N GLY C 72 53.14 7.12 -56.90
CA GLY C 72 52.97 7.70 -58.21
C GLY C 72 52.19 9.00 -58.18
N THR C 73 52.29 9.73 -59.30
CA THR C 73 51.59 11.00 -59.44
C THR C 73 50.12 10.84 -59.80
N ASN C 74 49.70 9.65 -60.20
CA ASN C 74 48.31 9.39 -60.56
C ASN C 74 47.48 8.92 -59.37
N GLY C 75 48.08 8.81 -58.18
CA GLY C 75 47.37 8.37 -57.00
C GLY C 75 46.69 9.53 -56.29
N THR C 76 46.21 9.22 -55.08
CA THR C 76 45.50 10.18 -54.24
C THR C 76 46.34 10.51 -53.02
N LYS C 77 46.52 11.80 -52.74
CA LYS C 77 47.24 12.27 -51.56
C LYS C 77 46.20 12.62 -50.49
N ARG C 78 45.79 11.59 -49.75
CA ARG C 78 44.73 11.73 -48.76
C ARG C 78 45.35 11.97 -47.38
N PHE C 79 44.97 13.09 -46.76
CA PHE C 79 45.46 13.50 -45.45
C PHE C 79 44.29 13.79 -44.52
N ASP C 80 43.33 12.86 -44.48
CA ASP C 80 42.10 13.08 -43.72
C ASP C 80 42.38 13.39 -42.26
N ASN C 81 42.10 14.62 -41.85
CA ASN C 81 42.12 15.01 -40.44
C ASN C 81 41.05 16.06 -40.21
N PRO C 82 39.79 15.82 -40.60
CA PRO C 82 38.75 16.84 -40.44
C PRO C 82 38.28 16.96 -39.00
N VAL C 83 37.38 17.89 -38.74
CA VAL C 83 36.78 18.06 -37.43
C VAL C 83 35.48 17.27 -37.39
N LEU C 84 35.23 16.59 -36.27
CA LEU C 84 34.07 15.74 -36.11
C LEU C 84 33.36 16.10 -34.81
N PRO C 85 32.04 16.33 -34.83
CA PRO C 85 31.35 16.66 -33.58
C PRO C 85 31.49 15.56 -32.55
N PHE C 86 31.63 15.96 -31.28
CA PHE C 86 31.81 14.99 -30.21
C PHE C 86 30.53 14.26 -29.86
N ASN C 87 29.37 14.89 -30.04
CA ASN C 87 28.08 14.29 -29.69
C ASN C 87 28.12 13.95 -28.19
N ASP C 88 27.62 12.79 -27.79
CA ASP C 88 27.64 12.37 -26.39
C ASP C 88 28.65 11.27 -26.12
N GLY C 89 29.53 10.97 -27.09
CA GLY C 89 30.50 9.92 -26.93
C GLY C 89 31.03 9.45 -28.27
N VAL C 90 32.31 9.11 -28.33
CA VAL C 90 32.97 8.74 -29.58
C VAL C 90 33.69 7.41 -29.40
N TYR C 91 33.48 6.50 -30.34
CA TYR C 91 34.25 5.27 -30.43
C TYR C 91 35.28 5.43 -31.54
N PHE C 92 36.55 5.22 -31.19
CA PHE C 92 37.66 5.45 -32.11
C PHE C 92 38.52 4.21 -32.20
N ALA C 93 38.88 3.83 -33.42
CA ALA C 93 39.70 2.66 -33.66
C ALA C 93 40.72 2.97 -34.74
N SER C 94 41.83 2.24 -34.72
CA SER C 94 42.92 2.44 -35.67
C SER C 94 43.58 1.11 -35.99
N THR C 95 43.69 0.80 -37.29
CA THR C 95 44.47 -0.32 -37.77
C THR C 95 45.76 0.24 -38.34
N GLU C 96 46.90 -0.08 -37.71
CA GLU C 96 48.15 0.59 -38.00
C GLU C 96 49.29 -0.42 -38.04
N LYS C 97 50.36 -0.04 -38.73
CA LYS C 97 51.61 -0.78 -38.70
C LYS C 97 52.82 0.10 -38.46
N SER C 98 52.67 1.43 -38.48
CA SER C 98 53.76 2.35 -38.23
C SER C 98 53.47 3.35 -37.12
N ASN C 99 52.33 3.22 -36.43
CA ASN C 99 51.99 4.08 -35.30
C ASN C 99 51.84 5.54 -35.75
N ILE C 100 51.06 5.75 -36.81
CA ILE C 100 50.85 7.10 -37.32
C ILE C 100 49.96 7.90 -36.37
N ILE C 101 48.90 7.29 -35.84
CA ILE C 101 48.05 7.99 -34.87
C ILE C 101 48.85 8.24 -33.60
N ARG C 102 48.75 9.46 -33.07
CA ARG C 102 49.55 9.83 -31.91
C ARG C 102 48.72 10.48 -30.81
N GLY C 103 47.61 11.12 -31.15
CA GLY C 103 46.86 11.82 -30.13
C GLY C 103 45.54 12.34 -30.64
N TRP C 104 44.86 13.08 -29.77
CA TRP C 104 43.55 13.64 -30.06
C TRP C 104 43.43 15.00 -29.39
N ILE C 105 42.48 15.80 -29.88
CA ILE C 105 42.19 17.11 -29.33
C ILE C 105 40.70 17.20 -29.04
N PHE C 106 40.34 17.81 -27.91
CA PHE C 106 38.96 17.92 -27.50
C PHE C 106 38.69 19.35 -27.02
N GLY C 107 37.47 19.82 -27.25
CA GLY C 107 37.09 21.14 -26.82
C GLY C 107 35.81 21.58 -27.51
N THR C 108 35.46 22.84 -27.30
CA THR C 108 34.28 23.45 -27.88
C THR C 108 34.59 24.39 -29.04
N THR C 109 35.76 25.04 -29.02
CA THR C 109 36.17 25.90 -30.12
C THR C 109 37.60 25.66 -30.58
N LEU C 110 38.41 24.90 -29.85
CA LEU C 110 39.78 24.59 -30.25
C LEU C 110 40.59 25.86 -30.48
N ASP C 111 40.40 26.85 -29.60
CA ASP C 111 41.14 28.10 -29.68
C ASP C 111 41.26 28.67 -28.27
N SER C 112 41.94 29.82 -28.16
CA SER C 112 42.13 30.47 -26.87
C SER C 112 40.82 30.97 -26.29
N LYS C 113 39.74 31.03 -27.07
CA LYS C 113 38.46 31.52 -26.55
C LYS C 113 37.94 30.60 -25.44
N THR C 114 38.07 29.29 -25.63
CA THR C 114 37.54 28.30 -24.69
C THR C 114 38.63 27.31 -24.33
N GLN C 115 38.50 26.72 -23.14
CA GLN C 115 39.45 25.71 -22.68
C GLN C 115 39.33 24.46 -23.53
N SER C 116 40.45 23.73 -23.64
CA SER C 116 40.50 22.52 -24.45
C SER C 116 41.47 21.54 -23.81
N LEU C 117 41.35 20.27 -24.21
CA LEU C 117 42.17 19.19 -23.70
C LEU C 117 42.89 18.51 -24.85
N LEU C 118 44.15 18.15 -24.62
CA LEU C 118 45.00 17.55 -25.64
C LEU C 118 45.63 16.27 -25.09
N ILE C 119 45.53 15.19 -25.86
CA ILE C 119 46.28 13.97 -25.62
C ILE C 119 47.20 13.77 -26.81
N VAL C 120 48.48 13.52 -26.55
CA VAL C 120 49.46 13.36 -27.61
C VAL C 120 50.56 12.42 -27.15
N ASN C 121 50.99 11.56 -28.06
CA ASN C 121 52.15 10.68 -27.85
C ASN C 121 53.26 11.17 -28.78
N ASN C 122 54.35 11.65 -28.19
CA ASN C 122 55.46 12.22 -28.95
C ASN C 122 56.56 11.20 -29.24
N ALA C 123 56.19 9.93 -29.39
CA ALA C 123 57.07 8.80 -29.70
C ALA C 123 57.89 8.37 -28.49
N THR C 124 57.89 9.13 -27.39
CA THR C 124 58.58 8.71 -26.18
C THR C 124 57.77 8.91 -24.90
N ASN C 125 56.66 9.64 -24.92
CA ASN C 125 55.88 9.89 -23.73
C ASN C 125 54.43 10.11 -24.11
N VAL C 126 53.54 9.91 -23.14
CA VAL C 126 52.11 10.20 -23.28
C VAL C 126 51.81 11.43 -22.44
N VAL C 127 51.36 12.49 -23.09
CA VAL C 127 51.16 13.79 -22.46
C VAL C 127 49.68 14.15 -22.54
N ILE C 128 49.11 14.51 -21.39
CA ILE C 128 47.73 14.99 -21.30
C ILE C 128 47.77 16.38 -20.70
N LYS C 129 47.20 17.36 -21.43
CA LYS C 129 47.19 18.74 -21.00
C LYS C 129 45.80 19.33 -21.22
N VAL C 130 45.49 20.36 -20.43
CA VAL C 130 44.24 21.09 -20.55
C VAL C 130 44.56 22.57 -20.51
N CYS C 131 44.43 23.25 -21.65
CA CYS C 131 44.66 24.68 -21.74
C CYS C 131 43.76 25.22 -22.84
N GLU C 132 43.55 26.54 -22.82
CA GLU C 132 42.86 27.20 -23.92
C GLU C 132 43.83 27.33 -25.11
N PHE C 133 44.21 26.17 -25.63
CA PHE C 133 45.19 26.13 -26.71
C PHE C 133 44.66 26.87 -27.94
N GLN C 134 45.59 27.53 -28.64
CA GLN C 134 45.29 28.13 -29.94
C GLN C 134 45.69 27.12 -31.00
N PHE C 135 44.86 26.09 -31.15
CA PHE C 135 45.18 24.99 -32.05
C PHE C 135 45.32 25.50 -33.48
N CYS C 136 46.28 24.92 -34.21
CA CYS C 136 46.46 25.25 -35.61
C CYS C 136 45.29 24.71 -36.44
N ASN C 137 45.14 25.27 -37.64
CA ASN C 137 44.07 24.82 -38.52
C ASN C 137 44.30 23.38 -38.97
N ASP C 138 45.56 23.00 -39.18
CA ASP C 138 45.92 21.65 -39.61
C ASP C 138 47.01 21.13 -38.67
N PRO C 139 46.65 20.81 -37.42
CA PRO C 139 47.67 20.34 -36.48
C PRO C 139 48.16 18.95 -36.81
N PHE C 140 49.41 18.68 -36.44
CA PHE C 140 50.03 17.38 -36.66
C PHE C 140 51.43 17.42 -36.03
N LEU C 141 52.09 16.28 -36.05
CA LEU C 141 53.47 16.15 -35.58
C LEU C 141 54.37 15.95 -36.79
N GLY C 142 55.25 16.93 -37.04
CA GLY C 142 56.19 16.83 -38.14
C GLY C 142 57.34 15.91 -37.82
N VAL C 143 57.48 14.82 -38.58
CA VAL C 143 58.48 13.79 -38.34
C VAL C 143 59.48 13.81 -39.47
N TYR C 144 60.77 13.71 -39.14
CA TYR C 144 61.85 13.91 -40.08
C TYR C 144 62.78 12.71 -40.11
N TYR C 145 63.29 12.40 -41.30
CA TYR C 145 64.40 11.47 -41.47
C TYR C 145 65.69 12.30 -41.49
N HIS C 146 66.06 12.79 -40.32
CA HIS C 146 67.13 13.77 -40.18
C HIS C 146 68.48 13.06 -40.26
N LYS C 147 69.45 13.71 -40.91
CA LYS C 147 70.72 13.07 -41.23
C LYS C 147 71.73 13.10 -40.09
N ASN C 148 71.66 14.10 -39.20
CA ASN C 148 72.61 14.13 -38.09
C ASN C 148 72.52 12.87 -37.26
N ASN C 149 71.35 12.23 -37.22
CA ASN C 149 71.19 10.91 -36.62
C ASN C 149 70.83 9.84 -37.64
N LYS C 150 70.44 10.23 -38.86
CA LYS C 150 70.07 9.28 -39.91
C LYS C 150 69.02 8.29 -39.41
N SER C 151 68.00 8.83 -38.74
CA SER C 151 66.93 8.00 -38.17
C SER C 151 65.65 8.81 -38.18
N TRP C 152 64.58 8.20 -37.69
CA TRP C 152 63.27 8.82 -37.67
C TRP C 152 63.05 9.52 -36.33
N MET C 153 62.57 10.77 -36.37
CA MET C 153 62.30 11.50 -35.15
C MET C 153 61.33 12.64 -35.45
N GLU C 154 60.75 13.19 -34.38
CA GLU C 154 59.82 14.31 -34.47
C GLU C 154 60.57 15.61 -34.18
N SER C 155 60.43 16.59 -35.06
CA SER C 155 61.13 17.86 -34.90
C SER C 155 60.21 19.06 -35.06
N GLU C 156 59.13 18.91 -35.82
CA GLU C 156 58.21 20.00 -36.13
C GLU C 156 56.91 19.79 -35.36
N PHE C 157 56.82 20.41 -34.19
CA PHE C 157 55.61 20.36 -33.37
C PHE C 157 54.70 21.51 -33.81
N ARG C 158 53.61 21.17 -34.51
CA ARG C 158 52.71 22.15 -35.11
C ARG C 158 51.28 21.91 -34.65
N VAL C 159 51.10 21.53 -33.39
CA VAL C 159 49.77 21.25 -32.88
C VAL C 159 49.03 22.54 -32.54
N TYR C 160 49.64 23.39 -31.72
CA TYR C 160 49.03 24.63 -31.28
C TYR C 160 50.04 25.77 -31.36
N SER C 161 49.52 26.99 -31.47
CA SER C 161 50.36 28.17 -31.51
C SER C 161 50.72 28.68 -30.12
N SER C 162 49.80 28.55 -29.16
CA SER C 162 50.02 29.02 -27.81
C SER C 162 49.21 28.19 -26.82
N ALA C 163 49.80 27.93 -25.66
CA ALA C 163 49.13 27.27 -24.54
C ALA C 163 49.01 28.29 -23.42
N ASN C 164 47.78 28.57 -23.00
CA ASN C 164 47.50 29.62 -22.02
C ASN C 164 46.54 29.11 -20.96
N ASN C 165 46.67 29.65 -19.75
CA ASN C 165 45.74 29.39 -18.64
C ASN C 165 45.54 27.89 -18.44
N CYS C 166 46.63 27.22 -18.09
CA CYS C 166 46.57 25.78 -17.84
C CYS C 166 45.78 25.49 -16.58
N THR C 167 44.97 24.42 -16.63
CA THR C 167 44.23 23.93 -15.48
C THR C 167 44.87 22.72 -14.83
N PHE C 168 45.39 21.78 -15.62
CA PHE C 168 46.21 20.71 -15.10
C PHE C 168 46.93 20.04 -16.26
N GLU C 169 47.97 19.28 -15.95
CA GLU C 169 48.71 18.55 -16.96
C GLU C 169 49.26 17.26 -16.35
N TYR C 170 49.49 16.28 -17.21
CA TYR C 170 50.02 15.00 -16.77
C TYR C 170 50.82 14.37 -17.91
N VAL C 171 51.98 13.82 -17.58
CA VAL C 171 52.83 13.14 -18.54
C VAL C 171 53.27 11.80 -17.94
N SER C 172 53.15 10.73 -18.72
CA SER C 172 53.56 9.41 -18.28
C SER C 172 55.07 9.26 -18.38
N GLN C 173 55.59 8.20 -17.77
CA GLN C 173 57.01 7.95 -17.81
C GLN C 173 57.47 7.67 -19.25
N PRO C 174 58.72 7.95 -19.58
CA PRO C 174 59.16 7.81 -20.98
C PRO C 174 59.21 6.35 -21.41
N PHE C 175 58.58 6.08 -22.56
CA PHE C 175 58.64 4.76 -23.19
C PHE C 175 58.37 4.95 -24.68
N LEU C 176 59.28 4.46 -25.50
CA LEU C 176 59.31 4.76 -26.92
C LEU C 176 58.63 3.67 -27.74
N MET C 177 58.30 4.02 -28.98
CA MET C 177 57.72 3.12 -29.97
C MET C 177 58.56 3.14 -31.23
N ASP C 178 58.23 2.23 -32.14
CA ASP C 178 58.94 2.11 -33.41
C ASP C 178 58.30 3.03 -34.45
N LEU C 179 59.16 3.78 -35.15
CA LEU C 179 58.70 4.70 -36.19
C LEU C 179 58.98 4.20 -37.59
N GLU C 180 59.50 2.99 -37.74
CA GLU C 180 59.81 2.46 -39.06
C GLU C 180 58.53 2.27 -39.87
N GLY C 181 58.61 2.53 -41.17
CA GLY C 181 57.47 2.38 -42.05
C GLY C 181 57.26 0.94 -42.49
N LYS C 182 56.76 0.11 -41.59
CA LYS C 182 56.54 -1.29 -41.92
C LYS C 182 55.49 -1.43 -43.01
N GLN C 183 55.68 -2.41 -43.89
CA GLN C 183 54.77 -2.71 -44.98
C GLN C 183 53.91 -3.92 -44.61
N GLY C 184 53.12 -4.39 -45.57
CA GLY C 184 52.32 -5.58 -45.35
C GLY C 184 51.01 -5.28 -44.64
N ASN C 185 50.51 -6.29 -43.94
CA ASN C 185 49.23 -6.19 -43.26
C ASN C 185 49.32 -5.24 -42.07
N PHE C 186 48.16 -4.77 -41.61
CA PHE C 186 48.08 -3.96 -40.40
C PHE C 186 48.39 -4.85 -39.20
N LYS C 187 49.50 -4.58 -38.51
CA LYS C 187 49.95 -5.46 -37.44
C LYS C 187 49.14 -5.26 -36.16
N ASN C 188 48.76 -4.03 -35.85
CA ASN C 188 48.15 -3.70 -34.56
C ASN C 188 46.83 -3.00 -34.76
N LEU C 189 45.89 -3.27 -33.85
CA LEU C 189 44.59 -2.62 -33.82
C LEU C 189 44.40 -2.01 -32.44
N ARG C 190 44.14 -0.70 -32.40
CA ARG C 190 43.90 0.02 -31.16
C ARG C 190 42.49 0.60 -31.18
N GLU C 191 41.75 0.40 -30.10
CA GLU C 191 40.39 0.88 -29.96
C GLU C 191 40.27 1.75 -28.73
N PHE C 192 39.57 2.88 -28.87
CA PHE C 192 39.39 3.82 -27.78
C PHE C 192 37.93 4.26 -27.72
N VAL C 193 37.45 4.51 -26.50
CA VAL C 193 36.12 5.03 -26.25
C VAL C 193 36.26 6.25 -25.35
N PHE C 194 35.72 7.38 -25.78
CA PHE C 194 35.77 8.63 -25.03
C PHE C 194 34.35 9.05 -24.64
N LYS C 195 34.16 9.30 -23.35
CA LYS C 195 32.87 9.68 -22.82
C LYS C 195 33.03 10.91 -21.93
N ASN C 196 32.01 11.78 -21.96
CA ASN C 196 32.01 13.00 -21.16
C ASN C 196 30.62 13.19 -20.59
N ILE C 197 30.53 13.25 -19.26
CA ILE C 197 29.25 13.45 -18.58
C ILE C 197 29.54 13.87 -17.15
N ASP C 198 28.73 14.80 -16.64
CA ASP C 198 28.86 15.29 -15.27
C ASP C 198 30.26 15.82 -15.00
N GLY C 199 30.84 16.50 -16.00
CA GLY C 199 32.15 17.08 -15.82
C GLY C 199 33.23 16.08 -15.49
N TYR C 200 33.26 14.95 -16.19
CA TYR C 200 34.09 13.83 -15.78
C TYR C 200 34.31 12.91 -16.99
N PHE C 201 35.56 12.88 -17.47
CA PHE C 201 35.89 12.42 -18.82
C PHE C 201 36.57 11.06 -18.76
N LYS C 202 35.95 10.06 -19.39
CA LYS C 202 36.45 8.69 -19.39
C LYS C 202 37.17 8.36 -20.68
N ILE C 203 38.20 7.53 -20.58
CA ILE C 203 38.87 6.92 -21.73
C ILE C 203 38.97 5.42 -21.48
N TYR C 204 38.37 4.63 -22.36
CA TYR C 204 38.52 3.19 -22.35
C TYR C 204 39.34 2.76 -23.55
N SER C 205 40.27 1.83 -23.33
CA SER C 205 41.24 1.45 -24.35
C SER C 205 41.32 -0.06 -24.47
N LYS C 206 41.73 -0.49 -25.67
CA LYS C 206 41.98 -1.90 -25.94
C LYS C 206 43.02 -1.99 -27.04
N HIS C 207 43.83 -3.05 -26.98
CA HIS C 207 44.92 -3.23 -27.93
C HIS C 207 45.04 -4.72 -28.24
N THR C 208 44.92 -5.08 -29.51
CA THR C 208 45.01 -6.46 -29.95
C THR C 208 45.82 -6.52 -31.24
N PRO C 209 46.51 -7.63 -31.48
CA PRO C 209 47.15 -7.82 -32.79
C PRO C 209 46.12 -8.24 -33.84
N ILE C 210 46.34 -7.77 -35.07
CA ILE C 210 45.45 -8.07 -36.18
C ILE C 210 46.28 -8.46 -37.39
N ASN C 211 45.62 -9.14 -38.33
CA ASN C 211 46.23 -9.56 -39.59
C ASN C 211 45.31 -9.23 -40.75
N LEU C 212 44.69 -8.06 -40.70
CA LEU C 212 43.75 -7.60 -41.72
C LEU C 212 44.33 -6.43 -42.48
N VAL C 213 43.68 -6.08 -43.59
CA VAL C 213 44.09 -4.99 -44.45
C VAL C 213 43.02 -3.91 -44.59
N ARG C 214 41.81 -4.16 -44.11
CA ARG C 214 40.72 -3.20 -44.24
C ARG C 214 39.59 -3.63 -43.31
N ASP C 215 38.67 -2.69 -43.07
CA ASP C 215 37.49 -2.97 -42.25
C ASP C 215 37.94 -3.36 -40.83
N LEU C 216 37.00 -3.72 -39.98
CA LEU C 216 37.27 -4.14 -38.61
C LEU C 216 37.08 -5.64 -38.47
N PRO C 217 37.77 -6.28 -37.53
CA PRO C 217 37.55 -7.71 -37.31
C PRO C 217 36.17 -7.97 -36.72
N GLN C 218 35.64 -9.15 -36.97
CA GLN C 218 34.33 -9.55 -36.47
C GLN C 218 34.39 -10.11 -35.06
N GLY C 219 35.57 -10.19 -34.46
CA GLY C 219 35.69 -10.69 -33.11
C GLY C 219 35.11 -9.73 -32.09
N PHE C 220 34.93 -10.24 -30.88
CA PHE C 220 34.34 -9.49 -29.77
C PHE C 220 35.39 -9.30 -28.69
N SER C 221 35.53 -8.06 -28.22
CA SER C 221 36.47 -7.74 -27.16
C SER C 221 35.96 -6.52 -26.41
N ALA C 222 36.17 -6.50 -25.09
CA ALA C 222 35.71 -5.42 -24.23
C ALA C 222 36.85 -4.44 -23.97
N LEU C 223 36.54 -3.15 -24.04
CA LEU C 223 37.52 -2.10 -23.85
C LEU C 223 37.61 -1.77 -22.37
N GLU C 224 38.71 -2.18 -21.73
CA GLU C 224 38.89 -1.91 -20.31
C GLU C 224 39.17 -0.42 -20.09
N PRO C 225 38.77 0.12 -18.93
CA PRO C 225 39.05 1.53 -18.65
C PRO C 225 40.56 1.80 -18.61
N LEU C 226 40.94 2.99 -19.07
CA LEU C 226 42.34 3.40 -19.14
C LEU C 226 42.68 4.46 -18.10
N VAL C 227 41.99 5.59 -18.16
CA VAL C 227 42.25 6.71 -17.26
C VAL C 227 41.04 7.64 -17.36
N ASP C 228 40.80 8.39 -16.30
CA ASP C 228 39.61 9.22 -16.23
C ASP C 228 39.89 10.50 -15.46
N LEU C 229 39.29 11.59 -15.93
CA LEU C 229 39.69 12.94 -15.52
C LEU C 229 38.48 13.73 -15.03
N PRO C 230 38.55 14.35 -13.82
CA PRO C 230 37.41 15.18 -13.34
C PRO C 230 37.46 16.61 -13.88
N ILE C 231 36.92 16.80 -15.08
CA ILE C 231 37.04 18.05 -15.81
C ILE C 231 35.66 18.54 -16.20
N GLY C 232 35.36 19.80 -15.91
CA GLY C 232 34.07 20.37 -16.23
C GLY C 232 34.02 21.05 -17.59
N ILE C 233 35.08 20.86 -18.39
CA ILE C 233 35.12 21.48 -19.72
C ILE C 233 34.02 20.89 -20.58
N ASN C 234 33.27 21.76 -21.25
CA ASN C 234 32.21 21.33 -22.15
C ASN C 234 32.84 21.04 -23.51
N ILE C 235 32.62 19.83 -24.02
CA ILE C 235 33.26 19.36 -25.24
C ILE C 235 32.18 19.06 -26.27
N THR C 236 32.35 19.63 -27.47
CA THR C 236 31.45 19.36 -28.59
C THR C 236 32.17 19.11 -29.91
N ARG C 237 33.48 19.38 -29.99
CA ARG C 237 34.23 19.22 -31.23
C ARG C 237 35.60 18.67 -30.88
N PHE C 238 36.05 17.64 -31.61
CA PHE C 238 37.33 16.99 -31.33
C PHE C 238 38.12 16.86 -32.64
N GLN C 239 39.33 16.33 -32.51
CA GLN C 239 40.24 16.21 -33.65
C GLN C 239 41.13 15.00 -33.43
N THR C 240 41.72 14.51 -34.51
CA THR C 240 42.71 13.44 -34.48
C THR C 240 44.06 14.01 -34.90
N LEU C 241 45.12 13.48 -34.29
CA LEU C 241 46.49 13.94 -34.53
C LEU C 241 47.26 12.87 -35.29
N LEU C 242 48.01 13.30 -36.30
CA LEU C 242 48.79 12.41 -37.14
C LEU C 242 50.25 12.83 -37.12
N ALA C 243 51.13 11.86 -37.34
CA ALA C 243 52.58 12.10 -37.40
C ALA C 243 52.97 12.17 -38.87
N LEU C 244 52.77 13.33 -39.47
CA LEU C 244 53.07 13.51 -40.89
C LEU C 244 54.58 13.46 -41.12
N HIS C 245 54.96 13.09 -42.33
CA HIS C 245 56.36 12.97 -42.73
C HIS C 245 56.70 14.11 -43.67
N ARG C 246 57.79 14.81 -43.39
CA ARG C 246 58.21 15.93 -44.23
C ARG C 246 58.74 15.40 -45.55
N SER C 247 58.09 15.80 -46.66
CA SER C 247 58.54 15.35 -47.97
C SER C 247 59.94 15.83 -48.29
N TYR C 248 60.34 16.97 -47.73
CA TYR C 248 61.67 17.49 -47.99
C TYR C 248 62.76 16.54 -47.49
N LEU C 249 62.56 15.96 -46.31
CA LEU C 249 63.53 15.06 -45.69
C LEU C 249 62.94 13.67 -45.50
N THR C 250 62.20 13.19 -46.51
CA THR C 250 61.68 11.84 -46.51
C THR C 250 62.53 10.95 -47.42
N PRO C 251 62.76 9.67 -47.08
CA PRO C 251 63.57 8.82 -47.95
C PRO C 251 63.07 8.79 -49.38
N GLY C 252 63.92 9.23 -50.31
CA GLY C 252 63.55 9.27 -51.71
C GLY C 252 62.88 10.57 -52.10
N ASP C 253 61.76 10.88 -51.47
CA ASP C 253 61.03 12.11 -51.79
C ASP C 253 61.83 13.33 -51.36
N SER C 254 61.77 14.38 -52.19
CA SER C 254 62.47 15.63 -51.92
C SER C 254 61.62 16.87 -52.16
N SER C 255 60.45 16.75 -52.78
CA SER C 255 59.62 17.90 -53.04
C SER C 255 59.10 18.50 -51.74
N SER C 256 58.94 19.82 -51.74
CA SER C 256 58.42 20.51 -50.56
C SER C 256 56.99 20.08 -50.28
N GLY C 257 56.67 19.91 -49.00
CA GLY C 257 55.37 19.50 -48.54
C GLY C 257 55.48 18.40 -47.51
N TRP C 258 54.35 17.80 -47.18
CA TRP C 258 54.27 16.74 -46.19
C TRP C 258 53.58 15.53 -46.78
N THR C 259 54.08 14.34 -46.45
CA THR C 259 53.51 13.08 -46.89
C THR C 259 53.17 12.23 -45.67
N ALA C 260 52.01 11.58 -45.73
CA ALA C 260 51.50 10.78 -44.62
C ALA C 260 51.66 9.29 -44.94
N GLY C 261 52.22 8.54 -43.99
CA GLY C 261 52.35 7.11 -44.15
C GLY C 261 51.02 6.40 -44.00
N ALA C 262 50.99 5.16 -44.48
CA ALA C 262 49.77 4.36 -44.49
C ALA C 262 49.15 4.31 -43.10
N ALA C 263 47.95 4.88 -42.95
CA ALA C 263 47.23 4.91 -41.69
C ALA C 263 45.73 4.84 -41.95
N ALA C 264 45.04 4.04 -41.15
CA ALA C 264 43.60 3.89 -41.28
C ALA C 264 42.97 3.90 -39.89
N TYR C 265 41.93 4.71 -39.72
CA TYR C 265 41.20 4.79 -38.45
C TYR C 265 39.72 4.97 -38.73
N TYR C 266 38.91 4.60 -37.75
CA TYR C 266 37.46 4.63 -37.86
C TYR C 266 36.88 5.40 -36.68
N VAL C 267 35.74 6.05 -36.92
CA VAL C 267 35.08 6.89 -35.92
C VAL C 267 33.62 6.48 -35.83
N GLY C 268 33.11 6.35 -34.61
CA GLY C 268 31.71 6.08 -34.39
C GLY C 268 31.20 6.87 -33.20
N TYR C 269 29.87 6.99 -33.14
CA TYR C 269 29.21 7.77 -32.10
C TYR C 269 28.34 6.88 -31.25
N LEU C 270 28.39 7.10 -29.94
CA LEU C 270 27.62 6.30 -29.00
C LEU C 270 26.19 6.83 -28.89
N GLN C 271 25.29 5.94 -28.50
CA GLN C 271 23.88 6.26 -28.29
C GLN C 271 23.42 5.61 -26.99
N PRO C 272 22.41 6.18 -26.34
CA PRO C 272 21.89 5.56 -25.10
C PRO C 272 21.14 4.27 -25.40
N ARG C 273 21.74 3.13 -25.07
CA ARG C 273 21.23 1.83 -25.42
C ARG C 273 21.22 0.93 -24.19
N THR C 274 20.34 -0.07 -24.21
CA THR C 274 20.27 -1.09 -23.19
C THR C 274 21.03 -2.32 -23.69
N PHE C 275 22.03 -2.76 -22.93
CA PHE C 275 22.92 -3.83 -23.34
C PHE C 275 22.91 -4.94 -22.31
N LEU C 276 22.85 -6.18 -22.78
CA LEU C 276 22.93 -7.36 -21.92
C LEU C 276 24.35 -7.91 -22.03
N LEU C 277 25.14 -7.69 -20.98
CA LEU C 277 26.56 -8.06 -20.98
C LEU C 277 26.74 -9.38 -20.24
N LYS C 278 27.53 -10.27 -20.82
CA LYS C 278 27.78 -11.60 -20.26
C LYS C 278 29.17 -11.60 -19.61
N TYR C 279 29.19 -11.58 -18.28
CA TYR C 279 30.43 -11.69 -17.52
C TYR C 279 30.73 -13.18 -17.30
N ASN C 280 31.95 -13.60 -17.64
CA ASN C 280 32.31 -15.00 -17.51
C ASN C 280 32.74 -15.27 -16.06
N GLU C 281 33.33 -16.44 -15.84
CA GLU C 281 33.63 -16.88 -14.48
C GLU C 281 34.77 -16.07 -13.85
N ASN C 282 35.56 -15.34 -14.65
CA ASN C 282 36.60 -14.45 -14.14
C ASN C 282 36.37 -13.00 -14.55
N GLY C 283 35.12 -12.56 -14.59
CA GLY C 283 34.80 -11.14 -14.62
C GLY C 283 35.06 -10.42 -15.92
N THR C 284 35.34 -11.14 -17.01
CA THR C 284 35.57 -10.50 -18.30
C THR C 284 34.32 -10.59 -19.16
N ILE C 285 33.96 -9.47 -19.80
CA ILE C 285 32.78 -9.40 -20.66
C ILE C 285 33.12 -10.14 -21.95
N THR C 286 32.67 -11.39 -22.06
CA THR C 286 32.97 -12.22 -23.22
C THR C 286 32.00 -12.02 -24.37
N ASP C 287 30.81 -11.49 -24.10
CA ASP C 287 29.81 -11.29 -25.15
C ASP C 287 28.81 -10.25 -24.68
N ALA C 288 28.09 -9.67 -25.64
CA ALA C 288 27.08 -8.67 -25.35
C ALA C 288 25.97 -8.76 -26.39
N VAL C 289 24.79 -8.28 -26.01
CA VAL C 289 23.62 -8.26 -26.89
C VAL C 289 23.02 -6.86 -26.84
N ASP C 290 22.75 -6.29 -28.01
CA ASP C 290 22.12 -4.98 -28.12
C ASP C 290 20.60 -5.17 -28.10
N CYS C 291 19.95 -4.58 -27.11
CA CYS C 291 18.51 -4.78 -26.89
C CYS C 291 17.64 -4.04 -27.91
N ALA C 292 18.23 -3.43 -28.93
CA ALA C 292 17.44 -2.77 -29.97
C ALA C 292 17.91 -3.13 -31.37
N LEU C 293 18.64 -4.24 -31.54
CA LEU C 293 19.11 -4.63 -32.87
C LEU C 293 17.99 -5.29 -33.67
N ASP C 294 17.48 -6.42 -33.19
CA ASP C 294 16.43 -7.17 -33.86
C ASP C 294 15.45 -7.70 -32.85
N PRO C 295 14.27 -8.19 -33.29
CA PRO C 295 13.32 -8.76 -32.31
C PRO C 295 13.92 -9.88 -31.49
N LEU C 296 14.82 -10.67 -32.09
CA LEU C 296 15.47 -11.74 -31.33
C LEU C 296 16.29 -11.18 -30.17
N SER C 297 17.02 -10.09 -30.41
CA SER C 297 17.80 -9.48 -29.34
C SER C 297 16.91 -8.94 -28.24
N GLU C 298 15.78 -8.33 -28.62
CA GLU C 298 14.84 -7.83 -27.62
C GLU C 298 14.27 -8.97 -26.79
N THR C 299 13.96 -10.10 -27.43
CA THR C 299 13.49 -11.27 -26.69
C THR C 299 14.57 -11.77 -25.75
N LYS C 300 15.82 -11.81 -26.21
CA LYS C 300 16.91 -12.25 -25.34
C LYS C 300 17.04 -11.35 -24.12
N CYS C 301 16.96 -10.03 -24.32
CA CYS C 301 17.02 -9.11 -23.19
C CYS C 301 15.84 -9.31 -22.25
N THR C 302 14.64 -9.51 -22.79
CA THR C 302 13.48 -9.71 -21.95
C THR C 302 13.63 -10.96 -21.10
N LEU C 303 14.13 -12.05 -21.69
CA LEU C 303 14.35 -13.28 -20.95
C LEU C 303 15.66 -13.28 -20.18
N LYS C 304 16.48 -12.24 -20.32
CA LYS C 304 17.75 -12.14 -19.61
C LYS C 304 18.65 -13.32 -19.93
N SER C 305 18.56 -13.82 -21.16
CA SER C 305 19.29 -15.00 -21.58
C SER C 305 19.72 -14.85 -23.03
N PHE C 306 20.92 -15.34 -23.33
CA PHE C 306 21.42 -15.35 -24.70
C PHE C 306 20.85 -16.50 -25.52
N THR C 307 20.26 -17.50 -24.87
CA THR C 307 19.60 -18.61 -25.53
C THR C 307 18.11 -18.53 -25.28
N VAL C 308 17.32 -18.56 -26.35
CA VAL C 308 15.86 -18.43 -26.28
C VAL C 308 15.25 -19.76 -26.68
N GLU C 309 14.42 -20.32 -25.82
CA GLU C 309 13.75 -21.59 -26.10
C GLU C 309 12.61 -21.37 -27.09
N LYS C 310 12.21 -22.46 -27.74
CA LYS C 310 11.13 -22.39 -28.71
C LYS C 310 9.84 -21.94 -28.04
N GLY C 311 9.13 -21.03 -28.68
CA GLY C 311 7.86 -20.54 -28.17
C GLY C 311 7.61 -19.12 -28.66
N ILE C 312 6.59 -18.51 -28.06
CA ILE C 312 6.19 -17.14 -28.36
C ILE C 312 6.33 -16.33 -27.08
N TYR C 313 7.00 -15.18 -27.17
CA TYR C 313 7.30 -14.34 -26.02
C TYR C 313 6.79 -12.93 -26.27
N GLN C 314 6.07 -12.38 -25.29
CA GLN C 314 5.59 -11.00 -25.34
C GLN C 314 6.71 -10.10 -24.86
N THR C 315 7.39 -9.42 -25.80
CA THR C 315 8.57 -8.65 -25.46
C THR C 315 8.21 -7.26 -24.97
N SER C 316 7.43 -6.52 -25.75
CA SER C 316 7.10 -5.13 -25.41
C SER C 316 5.72 -4.83 -25.97
N ASN C 317 5.32 -3.56 -25.87
CA ASN C 317 4.03 -3.07 -26.34
C ASN C 317 4.25 -2.02 -27.42
N PHE C 318 3.15 -1.51 -27.97
CA PHE C 318 3.23 -0.49 -29.00
C PHE C 318 1.96 0.35 -28.94
N ARG C 319 2.05 1.58 -29.46
CA ARG C 319 0.95 2.52 -29.44
C ARG C 319 1.05 3.45 -30.63
N VAL C 320 -0.08 4.06 -30.98
CA VAL C 320 -0.16 5.01 -32.09
C VAL C 320 -0.50 6.37 -31.51
N GLN C 321 0.35 7.36 -31.79
CA GLN C 321 0.20 8.71 -31.26
C GLN C 321 -0.73 9.54 -32.13
N PRO C 322 -1.32 10.59 -31.56
CA PRO C 322 -2.19 11.46 -32.36
C PRO C 322 -1.42 12.11 -33.50
N THR C 323 -2.09 12.26 -34.65
CA THR C 323 -1.39 12.68 -35.86
C THR C 323 -0.79 14.07 -35.69
N GLU C 324 -1.61 15.12 -35.66
CA GLU C 324 -1.12 16.43 -35.23
C GLU C 324 -1.96 17.04 -34.12
N SER C 325 -3.25 17.27 -34.36
CA SER C 325 -4.12 17.91 -33.39
C SER C 325 -5.51 18.16 -33.99
N ILE C 326 -6.49 18.41 -33.14
CA ILE C 326 -7.80 18.94 -33.58
C ILE C 326 -8.36 19.81 -32.46
N VAL C 327 -8.87 20.98 -32.84
CA VAL C 327 -9.59 21.87 -31.93
C VAL C 327 -10.81 22.40 -32.67
N ARG C 328 -11.98 22.26 -32.06
CA ARG C 328 -13.24 22.70 -32.66
C ARG C 328 -14.07 23.44 -31.61
N PHE C 329 -14.81 24.45 -32.07
CA PHE C 329 -15.60 25.30 -31.18
C PHE C 329 -16.88 25.73 -31.89
N PRO C 330 -17.81 26.40 -31.18
CA PRO C 330 -19.12 26.71 -31.80
C PRO C 330 -19.01 27.56 -33.06
N ASN C 331 -20.14 27.78 -33.71
CA ASN C 331 -20.18 28.48 -34.99
C ASN C 331 -20.07 29.99 -34.77
N ILE C 332 -20.32 30.75 -35.84
CA ILE C 332 -20.15 32.19 -35.78
C ILE C 332 -21.15 32.81 -34.79
N THR C 333 -20.70 33.89 -34.14
CA THR C 333 -21.56 34.69 -33.27
C THR C 333 -21.90 35.99 -33.98
N ASN C 334 -23.07 36.55 -33.65
CA ASN C 334 -23.55 37.74 -34.32
C ASN C 334 -22.51 38.85 -34.26
N LEU C 335 -22.22 39.43 -35.42
CA LEU C 335 -21.22 40.48 -35.51
C LEU C 335 -21.70 41.74 -34.80
N CYS C 336 -20.75 42.44 -34.19
CA CYS C 336 -21.07 43.69 -33.52
C CYS C 336 -21.53 44.73 -34.54
N PRO C 337 -22.41 45.66 -34.14
CA PRO C 337 -22.91 46.67 -35.10
C PRO C 337 -21.87 47.74 -35.39
N PHE C 338 -20.68 47.34 -35.85
CA PHE C 338 -19.65 48.30 -36.19
C PHE C 338 -20.04 49.13 -37.41
N GLY C 339 -20.66 48.49 -38.40
CA GLY C 339 -20.99 49.20 -39.63
C GLY C 339 -21.89 50.40 -39.41
N GLU C 340 -22.69 50.37 -38.35
CA GLU C 340 -23.58 51.50 -38.08
C GLU C 340 -22.78 52.76 -37.79
N VAL C 341 -21.71 52.65 -37.01
CA VAL C 341 -20.93 53.82 -36.64
C VAL C 341 -20.06 54.30 -37.80
N PHE C 342 -19.41 53.37 -38.50
CA PHE C 342 -18.52 53.76 -39.58
C PHE C 342 -19.27 54.49 -40.69
N ASN C 343 -20.44 53.99 -41.06
CA ASN C 343 -21.23 54.52 -42.17
C ASN C 343 -22.56 55.07 -41.70
N ALA C 344 -22.55 55.81 -40.59
CA ALA C 344 -23.77 56.43 -40.09
C ALA C 344 -24.25 57.50 -41.06
N THR C 345 -25.57 57.59 -41.20
CA THR C 345 -26.15 58.59 -42.09
C THR C 345 -25.86 60.01 -41.59
N ARG C 346 -25.94 60.22 -40.28
CA ARG C 346 -25.73 61.53 -39.67
C ARG C 346 -24.62 61.44 -38.64
N PHE C 347 -23.79 62.49 -38.60
CA PHE C 347 -22.69 62.59 -37.63
C PHE C 347 -22.84 63.88 -36.85
N ALA C 348 -22.71 63.78 -35.54
CA ALA C 348 -22.83 64.95 -34.67
C ALA C 348 -21.53 65.76 -34.67
N SER C 349 -21.61 66.95 -34.10
CA SER C 349 -20.46 67.84 -34.04
C SER C 349 -19.38 67.25 -33.12
N VAL C 350 -18.18 67.84 -33.21
CA VAL C 350 -17.06 67.35 -32.41
C VAL C 350 -17.35 67.51 -30.92
N TYR C 351 -17.93 68.64 -30.51
CA TYR C 351 -18.26 68.85 -29.12
C TYR C 351 -19.36 67.90 -28.63
N ALA C 352 -20.12 67.31 -29.56
CA ALA C 352 -21.22 66.41 -29.24
C ALA C 352 -21.03 65.09 -29.97
N TRP C 353 -19.82 64.54 -29.91
CA TRP C 353 -19.52 63.29 -30.58
C TRP C 353 -20.51 62.20 -30.18
N ASN C 354 -21.05 61.51 -31.18
CA ASN C 354 -22.04 60.47 -30.97
C ASN C 354 -21.35 59.18 -30.58
N ARG C 355 -21.82 58.57 -29.48
CA ARG C 355 -21.23 57.36 -28.94
C ARG C 355 -22.20 56.19 -29.06
N LYS C 356 -21.66 55.02 -29.41
CA LYS C 356 -22.43 53.78 -29.47
C LYS C 356 -21.69 52.72 -28.68
N ARG C 357 -22.40 52.05 -27.78
CA ARG C 357 -21.81 50.98 -26.97
C ARG C 357 -21.97 49.65 -27.67
N ILE C 358 -20.96 48.79 -27.50
CA ILE C 358 -20.92 47.48 -28.14
C ILE C 358 -20.86 46.42 -27.05
N SER C 359 -21.79 45.47 -27.09
CA SER C 359 -21.82 44.41 -26.10
C SER C 359 -22.58 43.22 -26.68
N ASN C 360 -22.27 42.04 -26.15
CA ASN C 360 -22.95 40.79 -26.53
C ASN C 360 -22.88 40.58 -28.05
N CYS C 361 -21.65 40.46 -28.54
CA CYS C 361 -21.41 40.26 -29.98
C CYS C 361 -19.94 39.89 -30.15
N VAL C 362 -19.50 39.82 -31.41
CA VAL C 362 -18.12 39.49 -31.76
C VAL C 362 -17.55 40.63 -32.59
N ALA C 363 -16.34 41.05 -32.25
CA ALA C 363 -15.68 42.15 -32.94
C ALA C 363 -14.87 41.64 -34.12
N ASP C 364 -14.99 42.33 -35.25
CA ASP C 364 -14.22 41.99 -36.45
C ASP C 364 -14.25 43.18 -37.38
N TYR C 365 -13.08 43.70 -37.74
CA TYR C 365 -12.98 44.86 -38.62
C TYR C 365 -11.87 44.69 -39.64
N SER C 366 -11.52 43.45 -39.97
CA SER C 366 -10.46 43.21 -40.95
C SER C 366 -10.87 43.64 -42.35
N VAL C 367 -12.18 43.57 -42.66
CA VAL C 367 -12.64 43.92 -44.00
C VAL C 367 -12.35 45.38 -44.31
N LEU C 368 -12.59 46.27 -43.35
CA LEU C 368 -12.36 47.69 -43.56
C LEU C 368 -10.91 48.08 -43.31
N TYR C 369 -10.17 47.30 -42.51
CA TYR C 369 -8.77 47.64 -42.22
C TYR C 369 -7.89 47.44 -43.44
N ASN C 370 -8.04 46.30 -44.12
CA ASN C 370 -7.19 46.00 -45.27
C ASN C 370 -7.55 46.85 -46.49
N SER C 371 -8.74 47.46 -46.52
CA SER C 371 -9.13 48.27 -47.66
C SER C 371 -8.24 49.49 -47.81
N ALA C 372 -7.67 49.98 -46.70
CA ALA C 372 -6.81 51.17 -46.72
C ALA C 372 -7.52 52.38 -47.32
N SER C 373 -8.82 52.49 -47.07
CA SER C 373 -9.63 53.59 -47.58
C SER C 373 -9.73 54.76 -46.61
N PHE C 374 -9.04 54.68 -45.47
CA PHE C 374 -9.10 55.72 -44.45
C PHE C 374 -7.82 56.55 -44.50
N SER C 375 -7.99 57.88 -44.45
CA SER C 375 -6.84 58.77 -44.48
C SER C 375 -5.96 58.61 -43.24
N THR C 376 -6.50 58.07 -42.15
CA THR C 376 -5.72 57.87 -40.93
C THR C 376 -6.26 56.66 -40.19
N PHE C 377 -5.36 55.80 -39.73
CA PHE C 377 -5.71 54.59 -38.98
C PHE C 377 -4.80 54.46 -37.76
N LYS C 378 -4.64 55.55 -37.03
CA LYS C 378 -3.70 55.60 -35.91
C LYS C 378 -4.21 54.74 -34.77
N CYS C 379 -3.42 53.74 -34.38
CA CYS C 379 -3.68 52.91 -33.21
C CYS C 379 -2.53 53.14 -32.23
N TYR C 380 -2.81 53.83 -31.13
CA TYR C 380 -1.78 54.26 -30.20
C TYR C 380 -1.44 53.13 -29.23
N GLY C 381 -0.18 52.71 -29.25
CA GLY C 381 0.28 51.70 -28.30
C GLY C 381 -0.46 50.39 -28.39
N VAL C 382 -1.00 50.06 -29.56
CA VAL C 382 -1.76 48.82 -29.74
C VAL C 382 -1.68 48.41 -31.20
N SER C 383 -1.62 47.10 -31.43
CA SER C 383 -1.55 46.60 -32.80
C SER C 383 -2.87 46.89 -33.52
N PRO C 384 -2.82 47.30 -34.80
CA PRO C 384 -4.06 47.63 -35.51
C PRO C 384 -5.00 46.45 -35.70
N THR C 385 -4.50 45.21 -35.61
CA THR C 385 -5.31 44.04 -35.86
C THR C 385 -5.33 43.05 -34.71
N LYS C 386 -4.20 42.85 -34.03
CA LYS C 386 -4.13 41.84 -32.97
C LYS C 386 -4.98 42.20 -31.77
N LEU C 387 -5.38 43.47 -31.62
CA LEU C 387 -6.21 43.85 -30.48
C LEU C 387 -7.57 43.16 -30.51
N ASN C 388 -8.03 42.71 -31.68
CA ASN C 388 -9.32 42.06 -31.78
C ASN C 388 -9.31 40.66 -31.18
N ASP C 389 -8.13 40.08 -30.97
CA ASP C 389 -8.01 38.72 -30.41
C ASP C 389 -7.91 38.78 -28.89
N LEU C 390 -8.91 39.42 -28.28
CA LEU C 390 -8.96 39.55 -26.84
C LEU C 390 -10.39 39.82 -26.41
N CYS C 391 -10.71 39.43 -25.17
CA CYS C 391 -12.03 39.67 -24.60
C CYS C 391 -12.06 41.02 -23.91
N PHE C 392 -13.16 41.74 -24.08
CA PHE C 392 -13.34 43.07 -23.51
C PHE C 392 -14.70 43.17 -22.85
N THR C 393 -14.77 43.99 -21.80
CA THR C 393 -16.01 44.19 -21.06
C THR C 393 -16.83 45.36 -21.59
N ASN C 394 -16.17 46.50 -21.82
CA ASN C 394 -16.83 47.71 -22.33
C ASN C 394 -16.12 48.16 -23.59
N VAL C 395 -16.90 48.39 -24.66
CA VAL C 395 -16.38 48.86 -25.93
C VAL C 395 -17.29 49.98 -26.42
N TYR C 396 -16.68 51.09 -26.86
CA TYR C 396 -17.43 52.25 -27.31
C TYR C 396 -16.84 52.76 -28.62
N ALA C 397 -17.71 53.33 -29.45
CA ALA C 397 -17.31 53.93 -30.72
C ALA C 397 -17.85 55.34 -30.77
N ASP C 398 -16.96 56.33 -30.90
CA ASP C 398 -17.32 57.73 -30.92
C ASP C 398 -17.05 58.29 -32.31
N SER C 399 -18.06 58.89 -32.93
CA SER C 399 -17.96 59.43 -34.28
C SER C 399 -18.19 60.94 -34.25
N PHE C 400 -17.39 61.67 -35.03
CA PHE C 400 -17.51 63.11 -35.11
C PHE C 400 -16.84 63.59 -36.39
N VAL C 401 -17.19 64.81 -36.79
CA VAL C 401 -16.66 65.44 -38.00
C VAL C 401 -15.81 66.63 -37.59
N ILE C 402 -14.57 66.67 -38.07
CA ILE C 402 -13.61 67.71 -37.74
C ILE C 402 -12.79 68.04 -38.97
N ARG C 403 -11.98 69.10 -38.87
CA ARG C 403 -11.06 69.45 -39.93
C ARG C 403 -10.00 68.36 -40.10
N GLY C 404 -9.49 68.24 -41.32
CA GLY C 404 -8.44 67.26 -41.58
C GLY C 404 -7.21 67.51 -40.74
N ASP C 405 -6.83 68.78 -40.58
CA ASP C 405 -5.65 69.11 -39.77
C ASP C 405 -5.88 68.87 -38.29
N GLU C 406 -7.13 68.87 -37.83
CA GLU C 406 -7.43 68.66 -36.42
C GLU C 406 -7.44 67.20 -36.01
N VAL C 407 -7.31 66.27 -36.97
CA VAL C 407 -7.25 64.85 -36.61
C VAL C 407 -6.03 64.58 -35.74
N ARG C 408 -4.96 65.36 -35.93
CA ARG C 408 -3.77 65.18 -35.09
C ARG C 408 -4.08 65.41 -33.62
N GLN C 409 -5.08 66.25 -33.32
CA GLN C 409 -5.44 66.52 -31.93
C GLN C 409 -6.15 65.35 -31.28
N ILE C 410 -6.64 64.39 -32.07
CA ILE C 410 -7.35 63.22 -31.53
C ILE C 410 -6.30 62.16 -31.24
N ALA C 411 -5.68 62.27 -30.07
CA ALA C 411 -4.67 61.33 -29.62
C ALA C 411 -4.75 61.22 -28.11
N PRO C 412 -4.30 60.11 -27.52
CA PRO C 412 -4.34 59.98 -26.07
C PRO C 412 -3.46 61.02 -25.40
N GLY C 413 -4.01 61.68 -24.39
CA GLY C 413 -3.29 62.72 -23.68
C GLY C 413 -3.03 63.97 -24.47
N GLN C 414 -3.60 64.09 -25.67
CA GLN C 414 -3.36 65.27 -26.49
C GLN C 414 -4.01 66.49 -25.86
N THR C 415 -3.31 67.62 -25.90
CA THR C 415 -3.78 68.87 -25.35
C THR C 415 -3.96 69.90 -26.47
N GLY C 416 -5.12 70.55 -26.48
CA GLY C 416 -5.40 71.56 -27.48
C GLY C 416 -6.82 72.07 -27.33
N LYS C 417 -7.16 72.99 -28.24
CA LYS C 417 -8.50 73.58 -28.24
C LYS C 417 -9.58 72.57 -28.66
N ILE C 418 -9.20 71.44 -29.22
CA ILE C 418 -10.13 70.40 -29.64
C ILE C 418 -10.08 69.21 -28.68
N ALA C 419 -8.89 68.74 -28.35
CA ALA C 419 -8.76 67.56 -27.49
C ALA C 419 -9.28 67.83 -26.08
N ASP C 420 -8.92 68.97 -25.51
CA ASP C 420 -9.26 69.28 -24.12
C ASP C 420 -10.63 69.93 -23.97
N TYR C 421 -11.29 70.32 -25.06
CA TYR C 421 -12.58 71.01 -24.99
C TYR C 421 -13.70 70.29 -25.72
N ASN C 422 -13.39 69.42 -26.69
CA ASN C 422 -14.42 68.73 -27.46
C ASN C 422 -14.37 67.22 -27.27
N TYR C 423 -13.21 66.60 -27.44
CA TYR C 423 -13.08 65.15 -27.33
C TYR C 423 -11.71 64.84 -26.73
N LYS C 424 -11.68 64.41 -25.48
CA LYS C 424 -10.45 64.12 -24.75
C LYS C 424 -10.29 62.61 -24.62
N LEU C 425 -9.09 62.11 -24.92
CA LEU C 425 -8.78 60.70 -24.80
C LEU C 425 -7.87 60.44 -23.60
N PRO C 426 -8.00 59.30 -22.95
CA PRO C 426 -7.15 59.00 -21.79
C PRO C 426 -5.76 58.55 -22.22
N ASP C 427 -4.85 58.58 -21.24
CA ASP C 427 -3.50 58.09 -21.49
C ASP C 427 -3.50 56.61 -21.84
N ASP C 428 -4.29 55.82 -21.12
CA ASP C 428 -4.40 54.38 -21.36
C ASP C 428 -5.41 54.15 -22.48
N PHE C 429 -4.95 54.36 -23.71
CA PHE C 429 -5.78 54.22 -24.90
C PHE C 429 -5.27 53.02 -25.70
N THR C 430 -6.00 51.91 -25.65
CA THR C 430 -5.73 50.73 -26.45
C THR C 430 -6.59 50.67 -27.70
N GLY C 431 -7.30 51.75 -28.02
CA GLY C 431 -8.18 51.79 -29.17
C GLY C 431 -7.48 52.27 -30.42
N CYS C 432 -8.30 52.61 -31.41
CA CYS C 432 -7.82 53.11 -32.69
C CYS C 432 -8.66 54.30 -33.12
N VAL C 433 -8.01 55.30 -33.70
CA VAL C 433 -8.67 56.47 -34.27
C VAL C 433 -8.60 56.37 -35.78
N ILE C 434 -9.76 56.31 -36.42
CA ILE C 434 -9.86 56.15 -37.87
C ILE C 434 -10.53 57.40 -38.43
N ALA C 435 -9.85 58.07 -39.36
CA ALA C 435 -10.33 59.29 -39.97
C ALA C 435 -10.27 59.16 -41.49
N TRP C 436 -11.31 59.66 -42.17
CA TRP C 436 -11.36 59.64 -43.62
C TRP C 436 -12.08 60.89 -44.11
N ASN C 437 -11.76 61.29 -45.34
CA ASN C 437 -12.32 62.50 -45.90
C ASN C 437 -13.83 62.35 -46.09
N SER C 438 -14.56 63.45 -45.89
CA SER C 438 -16.01 63.47 -46.06
C SER C 438 -16.47 64.68 -46.86
N ASN C 439 -15.59 65.26 -47.67
CA ASN C 439 -15.97 66.43 -48.46
C ASN C 439 -17.07 66.10 -49.46
N ASN C 440 -17.15 64.84 -49.91
CA ASN C 440 -18.15 64.45 -50.89
C ASN C 440 -19.56 64.43 -50.31
N LEU C 441 -19.72 64.54 -48.99
CA LEU C 441 -21.01 64.50 -48.34
C LEU C 441 -21.31 65.73 -47.50
N ASP C 442 -20.30 66.29 -46.83
CA ASP C 442 -20.48 67.44 -45.95
C ASP C 442 -20.09 68.75 -46.63
N SER C 443 -20.26 68.83 -47.95
CA SER C 443 -19.96 70.05 -48.69
C SER C 443 -20.92 70.16 -49.87
N LYS C 444 -21.39 71.38 -50.12
CA LYS C 444 -22.33 71.62 -51.21
C LYS C 444 -22.27 73.11 -51.56
N VAL C 445 -23.01 73.47 -52.61
CA VAL C 445 -23.07 74.87 -53.03
C VAL C 445 -23.66 75.70 -51.90
N GLY C 446 -23.00 76.80 -51.57
CA GLY C 446 -23.40 77.66 -50.48
C GLY C 446 -22.74 77.35 -49.16
N GLY C 447 -22.13 76.18 -49.01
CA GLY C 447 -21.44 75.82 -47.80
C GLY C 447 -22.36 75.23 -46.74
N ASN C 448 -21.75 74.63 -45.72
CA ASN C 448 -22.46 74.05 -44.60
C ASN C 448 -22.17 74.87 -43.34
N TYR C 449 -23.22 75.16 -42.58
CA TYR C 449 -23.11 75.97 -41.37
C TYR C 449 -23.92 75.34 -40.25
N ASN C 450 -23.82 74.03 -40.08
CA ASN C 450 -24.62 73.28 -39.12
C ASN C 450 -23.73 72.48 -38.17
N TYR C 451 -22.67 73.12 -37.66
CA TYR C 451 -21.78 72.49 -36.69
C TYR C 451 -21.36 73.51 -35.65
N LEU C 452 -21.00 73.00 -34.47
CA LEU C 452 -20.54 73.84 -33.38
C LEU C 452 -19.38 73.14 -32.68
N TYR C 453 -18.52 73.93 -32.04
CA TYR C 453 -17.42 73.40 -31.26
C TYR C 453 -17.25 74.24 -30.00
N ARG C 454 -16.94 73.57 -28.89
CA ARG C 454 -16.79 74.24 -27.60
C ARG C 454 -15.32 74.64 -27.41
N LEU C 455 -15.11 75.90 -27.03
CA LEU C 455 -13.77 76.44 -26.83
C LEU C 455 -13.51 76.92 -25.42
N PHE C 456 -14.52 77.44 -24.72
CA PHE C 456 -14.37 77.97 -23.38
C PHE C 456 -15.06 77.04 -22.39
N ARG C 457 -14.34 76.69 -21.32
CA ARG C 457 -14.90 75.86 -20.26
C ARG C 457 -14.19 76.19 -18.96
N LYS C 458 -14.87 75.90 -17.85
CA LYS C 458 -14.30 76.18 -16.53
C LYS C 458 -13.11 75.29 -16.21
N SER C 459 -13.01 74.12 -16.84
CA SER C 459 -11.90 73.22 -16.58
C SER C 459 -11.71 72.31 -17.79
N ASN C 460 -10.54 71.69 -17.85
CA ASN C 460 -10.24 70.77 -18.94
C ASN C 460 -11.07 69.50 -18.81
N LEU C 461 -11.55 68.99 -19.94
CA LEU C 461 -12.38 67.80 -19.94
C LEU C 461 -11.57 66.57 -19.55
N LYS C 462 -12.16 65.73 -18.70
CA LYS C 462 -11.58 64.44 -18.39
C LYS C 462 -11.82 63.48 -19.56
N PRO C 463 -11.08 62.38 -19.62
CA PRO C 463 -11.24 61.45 -20.74
C PRO C 463 -12.69 60.99 -20.88
N PHE C 464 -13.17 61.00 -22.12
CA PHE C 464 -14.55 60.59 -22.43
C PHE C 464 -15.56 61.36 -21.59
N GLU C 465 -15.33 62.66 -21.43
CA GLU C 465 -16.23 63.55 -20.72
C GLU C 465 -16.89 64.49 -21.72
N ARG C 466 -18.22 64.48 -21.77
CA ARG C 466 -18.99 65.32 -22.68
C ARG C 466 -19.99 66.13 -21.87
N ASP C 467 -19.94 67.45 -22.01
CA ASP C 467 -20.88 68.34 -21.34
C ASP C 467 -21.39 69.36 -22.34
N ILE C 468 -22.70 69.54 -22.39
CA ILE C 468 -23.35 70.49 -23.27
C ILE C 468 -24.23 71.41 -22.42
N SER C 469 -23.99 72.71 -22.50
CA SER C 469 -24.76 73.67 -21.74
C SER C 469 -24.63 75.04 -22.40
N THR C 470 -25.58 75.92 -22.08
CA THR C 470 -25.59 77.28 -22.58
C THR C 470 -24.99 78.28 -21.60
N GLU C 471 -24.45 77.80 -20.49
CA GLU C 471 -23.86 78.70 -19.50
C GLU C 471 -22.74 79.53 -20.13
N ILE C 472 -22.75 80.83 -19.87
CA ILE C 472 -21.77 81.74 -20.45
C ILE C 472 -20.50 81.68 -19.61
N TYR C 473 -19.37 81.42 -20.28
CA TYR C 473 -18.09 81.40 -19.59
C TYR C 473 -17.70 82.81 -19.18
N GLN C 474 -17.30 82.98 -17.93
CA GLN C 474 -16.97 84.28 -17.36
C GLN C 474 -15.57 84.24 -16.78
N ALA C 475 -14.77 85.25 -17.09
CA ALA C 475 -13.43 85.34 -16.54
C ALA C 475 -13.50 85.56 -15.02
N GLY C 476 -12.53 84.98 -14.31
CA GLY C 476 -12.53 85.09 -12.86
C GLY C 476 -12.41 86.53 -12.39
N SER C 477 -11.54 87.31 -13.01
CA SER C 477 -11.33 88.69 -12.61
C SER C 477 -12.37 89.64 -13.19
N THR C 478 -13.11 89.21 -14.21
CA THR C 478 -14.12 90.04 -14.86
C THR C 478 -15.40 89.24 -15.03
N PRO C 479 -16.06 88.89 -13.93
CA PRO C 479 -17.32 88.14 -14.03
C PRO C 479 -18.42 88.98 -14.64
N CYS C 480 -19.35 88.31 -15.33
CA CYS C 480 -20.50 88.96 -15.92
C CYS C 480 -21.79 88.71 -15.16
N ASN C 481 -21.87 87.64 -14.37
CA ASN C 481 -23.02 87.35 -13.52
C ASN C 481 -24.27 87.07 -14.34
N GLY C 482 -24.12 86.46 -15.51
CA GLY C 482 -25.27 85.97 -16.27
C GLY C 482 -25.48 86.64 -17.61
N VAL C 483 -24.48 87.39 -18.10
CA VAL C 483 -24.56 88.05 -19.39
C VAL C 483 -23.26 87.82 -20.15
N GLU C 484 -23.32 88.02 -21.47
CA GLU C 484 -22.14 87.93 -22.32
C GLU C 484 -21.51 89.31 -22.42
N GLY C 485 -20.82 89.69 -21.36
CA GLY C 485 -20.18 90.98 -21.25
C GLY C 485 -18.70 90.92 -21.55
N PHE C 486 -17.95 91.86 -20.98
CA PHE C 486 -16.51 91.92 -21.21
C PHE C 486 -15.82 90.70 -20.62
N ASN C 487 -14.88 90.14 -21.38
CA ASN C 487 -14.15 88.95 -20.96
C ASN C 487 -15.08 87.77 -20.69
N CYS C 488 -16.23 87.75 -21.35
CA CYS C 488 -17.18 86.65 -21.25
C CYS C 488 -17.53 86.18 -22.66
N TYR C 489 -17.42 84.88 -22.89
CA TYR C 489 -17.63 84.30 -24.21
C TYR C 489 -18.53 83.08 -24.10
N PHE C 490 -19.37 82.88 -25.11
CA PHE C 490 -20.23 81.71 -25.14
C PHE C 490 -19.40 80.46 -25.43
N PRO C 491 -19.63 79.37 -24.70
CA PRO C 491 -18.78 78.17 -24.92
C PRO C 491 -18.78 77.68 -26.35
N LEU C 492 -19.92 77.73 -27.04
CA LEU C 492 -20.03 77.20 -28.39
C LEU C 492 -19.72 78.26 -29.43
N GLN C 493 -19.03 77.84 -30.48
CA GLN C 493 -18.71 78.72 -31.61
C GLN C 493 -19.15 78.06 -32.91
N SER C 494 -19.46 78.89 -33.90
CA SER C 494 -19.93 78.39 -35.18
C SER C 494 -18.82 77.59 -35.87
N TYR C 495 -19.23 76.65 -36.72
CA TYR C 495 -18.29 75.76 -37.39
C TYR C 495 -18.97 75.20 -38.64
N GLY C 496 -18.21 75.09 -39.72
CA GLY C 496 -18.78 74.62 -40.97
C GLY C 496 -17.71 74.45 -42.03
N PHE C 497 -18.18 74.16 -43.25
CA PHE C 497 -17.28 73.90 -44.37
C PHE C 497 -17.89 74.50 -45.64
N GLN C 498 -17.02 74.76 -46.61
CA GLN C 498 -17.42 75.24 -47.91
C GLN C 498 -16.59 74.53 -48.96
N PRO C 499 -17.08 74.45 -50.21
CA PRO C 499 -16.31 73.77 -51.25
C PRO C 499 -14.93 74.38 -51.48
N THR C 500 -14.79 75.70 -51.31
CA THR C 500 -13.51 76.36 -51.57
C THR C 500 -12.47 76.06 -50.51
N ASN C 501 -12.83 75.40 -49.42
CA ASN C 501 -11.87 75.10 -48.37
C ASN C 501 -10.74 74.23 -48.90
N GLY C 502 -9.54 74.46 -48.38
CA GLY C 502 -8.38 73.71 -48.82
C GLY C 502 -8.39 72.28 -48.30
N VAL C 503 -7.39 71.52 -48.75
CA VAL C 503 -7.33 70.10 -48.42
C VAL C 503 -7.38 69.90 -46.91
N GLY C 504 -6.59 70.68 -46.18
CA GLY C 504 -6.61 70.59 -44.73
C GLY C 504 -7.84 71.16 -44.08
N TYR C 505 -8.64 71.93 -44.80
CA TYR C 505 -9.85 72.54 -44.28
C TYR C 505 -11.11 71.76 -44.63
N GLN C 506 -10.99 70.66 -45.38
CA GLN C 506 -12.17 69.88 -45.74
C GLN C 506 -12.67 69.07 -44.55
N PRO C 507 -13.96 68.74 -44.51
CA PRO C 507 -14.48 67.92 -43.42
C PRO C 507 -13.91 66.51 -43.47
N TYR C 508 -13.78 65.92 -42.28
CA TYR C 508 -13.28 64.55 -42.14
C TYR C 508 -14.08 63.85 -41.05
N ARG C 509 -14.59 62.66 -41.38
CA ARG C 509 -15.30 61.84 -40.41
C ARG C 509 -14.30 60.98 -39.65
N VAL C 510 -14.32 61.10 -38.33
CA VAL C 510 -13.38 60.40 -37.46
C VAL C 510 -14.17 59.53 -36.49
N VAL C 511 -13.83 58.24 -36.43
CA VAL C 511 -14.46 57.29 -35.52
C VAL C 511 -13.37 56.72 -34.62
N VAL C 512 -13.58 56.78 -33.31
CA VAL C 512 -12.62 56.30 -32.33
C VAL C 512 -13.24 55.10 -31.62
N LEU C 513 -12.59 53.95 -31.72
CA LEU C 513 -13.04 52.72 -31.07
C LEU C 513 -12.22 52.54 -29.80
N SER C 514 -12.86 52.72 -28.64
CA SER C 514 -12.20 52.63 -27.35
C SER C 514 -12.61 51.33 -26.66
N PHE C 515 -11.65 50.71 -25.97
CA PHE C 515 -11.89 49.47 -25.25
C PHE C 515 -11.36 49.63 -23.83
N GLU C 516 -12.07 49.01 -22.88
CA GLU C 516 -11.66 49.03 -21.47
C GLU C 516 -12.06 47.72 -20.83
N LEU C 517 -11.17 47.17 -20.01
CA LEU C 517 -11.40 45.90 -19.35
C LEU C 517 -11.92 46.12 -17.93
N LEU C 518 -12.90 45.32 -17.54
CA LEU C 518 -13.51 45.40 -16.22
C LEU C 518 -13.56 44.01 -15.59
N HIS C 519 -13.79 44.00 -14.28
CA HIS C 519 -13.92 42.73 -13.56
C HIS C 519 -15.13 41.94 -14.01
N ALA C 520 -16.15 42.60 -14.55
CA ALA C 520 -17.34 41.91 -15.00
C ALA C 520 -17.01 40.99 -16.18
N PRO C 521 -17.78 39.93 -16.39
CA PRO C 521 -17.49 39.03 -17.52
C PRO C 521 -17.55 39.77 -18.84
N ALA C 522 -16.64 39.40 -19.74
CA ALA C 522 -16.53 40.06 -21.04
C ALA C 522 -17.58 39.49 -21.99
N THR C 523 -18.27 40.38 -22.70
CA THR C 523 -19.29 39.98 -23.66
C THR C 523 -18.82 40.12 -25.11
N VAL C 524 -17.89 41.03 -25.39
CA VAL C 524 -17.32 41.19 -26.71
C VAL C 524 -16.00 40.43 -26.70
N CYS C 525 -16.02 39.20 -27.21
CA CYS C 525 -14.87 38.31 -27.18
C CYS C 525 -14.45 37.93 -28.60
N GLY C 526 -13.23 37.43 -28.70
CA GLY C 526 -12.72 36.91 -29.96
C GLY C 526 -12.76 35.40 -29.97
N PRO C 527 -13.62 34.83 -30.80
CA PRO C 527 -13.77 33.37 -30.82
C PRO C 527 -12.45 32.67 -31.10
N LYS C 528 -12.25 31.55 -30.43
CA LYS C 528 -11.03 30.77 -30.58
C LYS C 528 -10.98 30.09 -31.93
N LYS C 529 -9.77 29.81 -32.39
CA LYS C 529 -9.59 29.18 -33.69
C LYS C 529 -10.22 27.78 -33.69
N SER C 530 -10.82 27.43 -34.83
CA SER C 530 -11.46 26.12 -35.02
C SER C 530 -10.80 25.46 -36.22
N THR C 531 -9.87 24.54 -35.96
CA THR C 531 -9.17 23.86 -37.04
C THR C 531 -10.12 22.92 -37.78
N ASN C 532 -9.74 22.59 -39.02
CA ASN C 532 -10.56 21.70 -39.83
C ASN C 532 -10.66 20.32 -39.17
N LEU C 533 -11.75 19.63 -39.47
CA LEU C 533 -12.04 18.32 -38.88
C LEU C 533 -11.50 17.23 -39.78
N VAL C 534 -10.80 16.27 -39.18
CA VAL C 534 -10.21 15.14 -39.90
C VAL C 534 -10.78 13.86 -39.31
N LYS C 535 -10.91 12.84 -40.14
CA LYS C 535 -11.50 11.57 -39.75
C LYS C 535 -10.62 10.41 -40.21
N ASN C 536 -10.79 9.28 -39.53
CA ASN C 536 -10.13 8.03 -39.91
C ASN C 536 -8.61 8.13 -39.74
N LYS C 537 -8.18 8.79 -38.67
CA LYS C 537 -6.77 8.82 -38.31
C LYS C 537 -6.64 9.23 -36.85
N CYS C 538 -5.70 8.61 -36.15
CA CYS C 538 -5.49 8.92 -34.74
C CYS C 538 -5.10 10.38 -34.58
N VAL C 539 -5.74 11.06 -33.63
CA VAL C 539 -5.46 12.45 -33.34
C VAL C 539 -6.08 12.79 -32.00
N ASN C 540 -5.47 13.76 -31.31
CA ASN C 540 -6.00 14.27 -30.05
C ASN C 540 -6.85 15.50 -30.33
N PHE C 541 -8.04 15.53 -29.74
CA PHE C 541 -9.08 16.48 -30.10
C PHE C 541 -9.57 17.24 -28.87
N ASN C 542 -10.19 18.39 -29.13
CA ASN C 542 -10.75 19.23 -28.07
C ASN C 542 -12.07 19.80 -28.59
N PHE C 543 -13.19 19.26 -28.11
CA PHE C 543 -14.53 19.72 -28.49
C PHE C 543 -15.12 20.47 -27.30
N ASN C 544 -15.15 21.80 -27.39
CA ASN C 544 -15.72 22.65 -26.35
C ASN C 544 -15.09 22.34 -24.99
N GLY C 545 -13.79 22.11 -24.99
CA GLY C 545 -13.07 21.76 -23.78
C GLY C 545 -13.03 20.28 -23.48
N LEU C 546 -13.78 19.46 -24.21
CA LEU C 546 -13.74 18.02 -24.04
C LEU C 546 -12.51 17.47 -24.75
N THR C 547 -11.44 17.21 -23.98
CA THR C 547 -10.16 16.79 -24.52
C THR C 547 -10.07 15.27 -24.48
N GLY C 548 -9.68 14.68 -25.61
CA GLY C 548 -9.53 13.24 -25.71
C GLY C 548 -8.65 12.88 -26.88
N THR C 549 -8.34 11.58 -26.99
CA THR C 549 -7.49 11.07 -28.05
C THR C 549 -8.15 9.84 -28.65
N GLY C 550 -8.19 9.77 -29.97
CA GLY C 550 -8.81 8.65 -30.64
C GLY C 550 -8.92 8.90 -32.13
N VAL C 551 -9.71 8.06 -32.78
CA VAL C 551 -9.93 8.11 -34.22
C VAL C 551 -11.38 8.52 -34.45
N LEU C 552 -11.59 9.78 -34.80
CA LEU C 552 -12.93 10.26 -35.10
C LEU C 552 -13.42 9.67 -36.43
N THR C 553 -14.68 9.26 -36.45
CA THR C 553 -15.28 8.66 -37.63
C THR C 553 -16.73 9.12 -37.74
N GLU C 554 -17.43 8.61 -38.75
CA GLU C 554 -18.85 8.87 -38.93
C GLU C 554 -19.68 7.83 -38.20
N SER C 555 -20.74 8.26 -37.55
CA SER C 555 -21.57 7.39 -36.73
C SER C 555 -23.04 7.59 -37.08
N ASN C 556 -23.83 6.53 -36.89
CA ASN C 556 -25.26 6.56 -37.11
C ASN C 556 -26.04 6.88 -35.84
N LYS C 557 -25.36 7.10 -34.71
CA LYS C 557 -26.05 7.42 -33.47
C LYS C 557 -26.81 8.73 -33.62
N LYS C 558 -28.03 8.77 -33.07
CA LYS C 558 -28.92 9.92 -33.17
C LYS C 558 -28.99 10.59 -31.81
N PHE C 559 -28.27 11.69 -31.65
CA PHE C 559 -28.35 12.49 -30.44
C PHE C 559 -29.61 13.35 -30.46
N LEU C 560 -30.05 13.75 -29.27
CA LEU C 560 -31.15 14.69 -29.16
C LEU C 560 -30.66 16.10 -29.49
N PRO C 561 -31.57 17.02 -29.81
CA PRO C 561 -31.13 18.37 -30.18
C PRO C 561 -30.25 19.04 -29.14
N PHE C 562 -30.46 18.74 -27.85
CA PHE C 562 -29.69 19.36 -26.79
C PHE C 562 -28.47 18.54 -26.38
N GLN C 563 -28.47 17.24 -26.65
CA GLN C 563 -27.36 16.39 -26.25
C GLN C 563 -26.13 16.68 -27.09
N GLN C 564 -24.96 16.70 -26.43
CA GLN C 564 -23.69 16.97 -27.09
C GLN C 564 -22.73 15.79 -26.99
N PHE C 565 -22.49 15.28 -25.79
CA PHE C 565 -21.53 14.21 -25.59
C PHE C 565 -22.20 12.85 -25.74
N GLY C 566 -21.39 11.81 -25.64
CA GLY C 566 -21.90 10.44 -25.64
C GLY C 566 -21.05 9.58 -24.74
N ARG C 567 -21.71 8.66 -24.02
CA ARG C 567 -21.04 7.83 -23.05
C ARG C 567 -21.54 6.40 -23.18
N ASP C 568 -20.86 5.50 -22.46
CA ASP C 568 -21.17 4.07 -22.51
C ASP C 568 -21.39 3.54 -21.09
N ILE C 569 -21.44 2.22 -20.94
CA ILE C 569 -21.67 1.63 -19.62
C ILE C 569 -20.51 1.97 -18.69
N ALA C 570 -19.30 2.05 -19.22
CA ALA C 570 -18.11 2.37 -18.43
C ALA C 570 -17.87 3.87 -18.31
N ASP C 571 -18.92 4.68 -18.47
CA ASP C 571 -18.87 6.14 -18.27
C ASP C 571 -17.63 6.77 -18.92
N THR C 572 -17.22 6.21 -20.06
CA THR C 572 -16.14 6.77 -20.86
C THR C 572 -16.70 7.28 -22.18
N THR C 573 -16.21 8.44 -22.61
CA THR C 573 -16.74 9.08 -23.82
C THR C 573 -16.56 8.17 -25.03
N ASP C 574 -17.59 8.08 -25.86
CA ASP C 574 -17.54 7.29 -27.08
C ASP C 574 -18.09 8.00 -28.31
N ALA C 575 -18.77 9.14 -28.16
CA ALA C 575 -19.29 9.87 -29.30
C ALA C 575 -19.35 11.35 -28.95
N VAL C 576 -19.35 12.19 -29.99
CA VAL C 576 -19.35 13.63 -29.81
C VAL C 576 -20.09 14.27 -30.98
N ARG C 577 -20.79 15.36 -30.69
CA ARG C 577 -21.50 16.14 -31.69
C ARG C 577 -20.63 17.34 -32.07
N ASP C 578 -20.33 17.47 -33.36
CA ASP C 578 -19.47 18.55 -33.82
C ASP C 578 -20.14 19.90 -33.57
N PRO C 579 -19.48 20.82 -32.87
CA PRO C 579 -20.15 22.10 -32.57
C PRO C 579 -20.64 22.86 -33.80
N GLN C 580 -19.88 22.85 -34.89
CA GLN C 580 -20.25 23.65 -36.05
C GLN C 580 -21.30 22.95 -36.89
N THR C 581 -20.96 21.78 -37.44
CA THR C 581 -21.91 20.99 -38.21
C THR C 581 -22.57 19.95 -37.31
N LEU C 582 -23.82 19.62 -37.64
CA LEU C 582 -24.65 18.77 -36.77
C LEU C 582 -24.56 17.32 -37.27
N GLU C 583 -23.48 16.66 -36.86
CA GLU C 583 -23.33 15.22 -37.10
C GLU C 583 -22.61 14.63 -35.89
N ILE C 584 -22.81 13.32 -35.70
CA ILE C 584 -22.31 12.61 -34.53
C ILE C 584 -21.12 11.77 -34.97
N LEU C 585 -20.00 11.89 -34.25
CA LEU C 585 -18.76 11.20 -34.57
C LEU C 585 -18.35 10.31 -33.41
N ASP C 586 -17.99 9.07 -33.71
CA ASP C 586 -17.55 8.14 -32.68
C ASP C 586 -16.09 8.42 -32.29
N ILE C 587 -15.69 7.83 -31.16
CA ILE C 587 -14.33 7.95 -30.64
C ILE C 587 -13.83 6.54 -30.34
N THR C 588 -12.61 6.24 -30.75
CA THR C 588 -12.05 4.91 -30.64
C THR C 588 -10.64 4.99 -30.06
N PRO C 589 -10.21 3.97 -29.30
CA PRO C 589 -8.79 3.91 -28.89
C PRO C 589 -7.86 3.96 -30.09
N CYS C 590 -6.57 4.23 -29.88
CA CYS C 590 -5.70 4.50 -31.02
C CYS C 590 -5.23 3.19 -31.67
N SER C 591 -4.36 2.44 -31.00
CA SER C 591 -4.06 1.08 -31.42
C SER C 591 -4.01 0.10 -30.26
N PHE C 592 -3.38 0.51 -29.15
CA PHE C 592 -3.15 -0.38 -28.03
C PHE C 592 -2.50 -1.68 -28.51
N GLY C 593 -2.53 -2.71 -27.69
CA GLY C 593 -2.03 -4.02 -28.09
C GLY C 593 -0.56 -4.20 -27.79
N GLY C 594 -0.17 -5.45 -27.57
CA GLY C 594 1.21 -5.79 -27.31
C GLY C 594 1.93 -6.33 -28.53
N VAL C 595 3.20 -6.68 -28.33
CA VAL C 595 4.05 -7.24 -29.38
C VAL C 595 4.63 -8.55 -28.87
N SER C 596 4.48 -9.60 -29.67
CA SER C 596 5.03 -10.91 -29.34
C SER C 596 5.99 -11.35 -30.44
N VAL C 597 7.08 -11.99 -30.03
CA VAL C 597 8.14 -12.42 -30.93
C VAL C 597 8.05 -13.93 -31.03
N ILE C 598 7.43 -14.43 -32.11
CA ILE C 598 7.41 -15.86 -32.37
C ILE C 598 8.76 -16.29 -32.92
N THR C 599 9.35 -17.32 -32.30
CA THR C 599 10.69 -17.74 -32.69
C THR C 599 10.90 -19.19 -32.29
N PRO C 600 11.50 -20.01 -33.14
CA PRO C 600 11.98 -21.33 -32.69
C PRO C 600 13.20 -21.16 -31.79
N GLY C 601 13.57 -22.27 -31.15
CA GLY C 601 14.75 -22.23 -30.30
C GLY C 601 15.96 -21.74 -31.08
N THR C 602 16.80 -20.95 -30.41
CA THR C 602 17.99 -20.42 -31.07
C THR C 602 18.88 -21.54 -31.57
N ASN C 603 18.78 -22.73 -30.96
CA ASN C 603 19.47 -23.91 -31.48
C ASN C 603 19.03 -24.19 -32.92
N THR C 604 17.73 -24.13 -33.18
CA THR C 604 17.22 -24.41 -34.52
C THR C 604 17.64 -23.33 -35.51
N SER C 605 17.42 -22.06 -35.15
CA SER C 605 17.73 -20.95 -36.04
C SER C 605 17.45 -19.65 -35.29
N ASN C 606 17.87 -18.54 -35.90
CA ASN C 606 17.65 -17.21 -35.36
C ASN C 606 16.52 -16.46 -36.06
N GLN C 607 15.92 -17.05 -37.10
CA GLN C 607 14.80 -16.41 -37.77
C GLN C 607 13.60 -16.36 -36.83
N VAL C 608 12.88 -15.24 -36.86
CA VAL C 608 11.78 -14.98 -35.94
C VAL C 608 10.63 -14.34 -36.71
N ALA C 609 9.48 -14.26 -36.03
CA ALA C 609 8.30 -13.58 -36.55
C ALA C 609 7.71 -12.72 -35.44
N VAL C 610 6.99 -11.67 -35.85
CA VAL C 610 6.43 -10.71 -34.92
C VAL C 610 4.90 -10.77 -35.02
N LEU C 611 4.26 -10.62 -33.86
CA LEU C 611 2.80 -10.65 -33.76
C LEU C 611 2.35 -9.41 -33.01
N TYR C 612 1.66 -8.51 -33.72
CA TYR C 612 1.09 -7.32 -33.11
C TYR C 612 -0.36 -7.62 -32.72
N GLN C 613 -0.66 -7.55 -31.43
CA GLN C 613 -1.94 -8.03 -30.93
C GLN C 613 -3.10 -7.21 -31.48
N ASP C 614 -4.10 -7.92 -32.01
CA ASP C 614 -5.41 -7.39 -32.37
C ASP C 614 -5.33 -5.96 -32.94
N VAL C 615 -4.53 -5.83 -34.00
CA VAL C 615 -4.46 -4.59 -34.78
C VAL C 615 -4.40 -4.94 -36.25
N ASN C 616 -5.10 -4.15 -37.07
CA ASN C 616 -5.02 -4.33 -38.51
C ASN C 616 -3.58 -4.24 -38.97
N CYS C 617 -3.26 -4.92 -40.07
CA CYS C 617 -1.90 -4.95 -40.57
C CYS C 617 -1.47 -3.61 -41.16
N THR C 618 -2.39 -2.67 -41.34
CA THR C 618 -2.06 -1.36 -41.91
C THR C 618 -1.42 -0.43 -40.90
N GLU C 619 -1.56 -0.70 -39.60
CA GLU C 619 -0.98 0.14 -38.56
C GLU C 619 0.44 -0.25 -38.21
N VAL C 620 1.11 -1.03 -39.05
CA VAL C 620 2.51 -1.38 -38.86
C VAL C 620 3.21 -1.26 -40.20
N PRO C 621 4.28 -0.47 -40.33
CA PRO C 621 4.89 0.41 -39.32
C PRO C 621 4.14 1.73 -39.11
N VAL C 622 3.48 1.89 -37.97
CA VAL C 622 2.90 3.18 -37.59
C VAL C 622 3.20 3.46 -36.12
N ALA C 623 3.63 2.43 -35.38
CA ALA C 623 3.84 2.55 -33.93
C ALA C 623 5.31 2.87 -33.67
N ILE C 624 5.62 4.17 -33.72
CA ILE C 624 6.97 4.66 -33.44
C ILE C 624 7.98 3.91 -34.30
N HIS C 625 7.57 3.51 -35.49
CA HIS C 625 8.47 2.87 -36.44
C HIS C 625 9.12 3.93 -37.33
N ALA C 626 9.95 3.47 -38.27
CA ALA C 626 10.78 4.28 -39.15
C ALA C 626 12.00 4.81 -38.39
N ASP C 627 12.11 4.56 -37.08
CA ASP C 627 13.26 4.98 -36.29
C ASP C 627 14.11 3.82 -35.81
N GLN C 628 13.59 2.60 -35.83
CA GLN C 628 14.36 1.43 -35.43
C GLN C 628 15.45 1.14 -36.45
N LEU C 629 16.23 0.09 -36.19
CA LEU C 629 17.31 -0.27 -37.09
C LEU C 629 16.76 -0.61 -38.47
N THR C 630 17.38 -0.04 -39.50
CA THR C 630 16.88 -0.21 -40.87
C THR C 630 16.92 -1.65 -41.33
N PRO C 631 18.02 -2.40 -41.19
CA PRO C 631 18.10 -3.74 -41.77
C PRO C 631 17.71 -4.88 -40.85
N THR C 632 17.36 -4.60 -39.59
CA THR C 632 17.04 -5.66 -38.63
C THR C 632 15.61 -5.57 -38.13
N TRP C 633 15.15 -4.39 -37.71
CA TRP C 633 13.77 -4.21 -37.26
C TRP C 633 12.82 -3.85 -38.39
N ARG C 634 13.20 -2.91 -39.25
CA ARG C 634 12.29 -2.43 -40.29
C ARG C 634 11.94 -3.53 -41.28
N VAL C 635 12.73 -4.60 -41.35
CA VAL C 635 12.35 -5.73 -42.18
C VAL C 635 11.11 -6.42 -41.61
N TYR C 636 11.05 -6.55 -40.28
CA TYR C 636 9.90 -7.15 -39.62
C TYR C 636 8.72 -6.19 -39.50
N SER C 637 8.92 -4.89 -39.75
CA SER C 637 7.82 -3.94 -39.68
C SER C 637 6.70 -4.34 -40.62
N THR C 638 7.03 -4.58 -41.90
CA THR C 638 6.06 -5.09 -42.86
C THR C 638 6.78 -5.53 -44.13
N GLY C 639 6.50 -6.75 -44.59
CA GLY C 639 7.09 -7.25 -45.82
C GLY C 639 6.06 -7.98 -46.68
N SER C 640 6.44 -9.14 -47.19
CA SER C 640 5.51 -9.95 -47.97
C SER C 640 4.67 -10.86 -47.09
N ASN C 641 5.19 -11.27 -45.94
CA ASN C 641 4.45 -12.10 -44.99
C ASN C 641 3.73 -11.16 -44.02
N VAL C 642 2.46 -10.87 -44.32
CA VAL C 642 1.69 -9.89 -43.55
C VAL C 642 0.40 -10.53 -43.08
N PHE C 643 0.44 -11.85 -42.85
CA PHE C 643 -0.75 -12.57 -42.40
C PHE C 643 -1.51 -11.80 -41.33
N GLN C 644 -2.83 -11.82 -41.44
CA GLN C 644 -3.73 -11.11 -40.54
C GLN C 644 -4.54 -12.15 -39.76
N THR C 645 -4.02 -12.55 -38.60
CA THR C 645 -4.71 -13.52 -37.77
C THR C 645 -5.74 -12.81 -36.88
N ARG C 646 -6.73 -13.59 -36.43
CA ARG C 646 -7.76 -13.03 -35.55
C ARG C 646 -7.14 -12.41 -34.31
N ALA C 647 -6.02 -12.94 -33.83
CA ALA C 647 -5.33 -12.39 -32.67
C ALA C 647 -4.51 -11.16 -33.00
N GLY C 648 -4.31 -10.84 -34.27
CA GLY C 648 -3.56 -9.67 -34.65
C GLY C 648 -2.84 -9.90 -35.97
N CYS C 649 -1.94 -8.98 -36.28
CA CYS C 649 -1.15 -9.04 -37.50
C CYS C 649 0.11 -9.86 -37.23
N LEU C 650 0.33 -10.90 -38.05
CA LEU C 650 1.50 -11.76 -37.95
C LEU C 650 2.41 -11.44 -39.12
N ILE C 651 3.66 -11.07 -38.81
CA ILE C 651 4.64 -10.67 -39.82
C ILE C 651 5.85 -11.58 -39.71
N GLY C 652 6.41 -11.95 -40.85
CA GLY C 652 7.54 -12.86 -40.89
C GLY C 652 7.17 -14.33 -40.94
N ALA C 653 5.89 -14.66 -41.02
CA ALA C 653 5.43 -16.04 -41.09
C ALA C 653 4.60 -16.22 -42.36
N GLU C 654 4.86 -17.31 -43.07
CA GLU C 654 4.17 -17.60 -44.33
C GLU C 654 2.92 -18.41 -44.04
N HIS C 655 1.78 -17.92 -44.51
CA HIS C 655 0.53 -18.66 -44.34
C HIS C 655 0.55 -19.92 -45.19
N VAL C 656 0.09 -21.02 -44.59
CA VAL C 656 0.08 -22.33 -45.24
C VAL C 656 -1.33 -22.91 -45.11
N ASN C 657 -1.91 -23.33 -46.23
CA ASN C 657 -3.24 -23.92 -46.23
C ASN C 657 -3.28 -25.29 -45.58
N ASN C 658 -2.14 -25.97 -45.46
CA ASN C 658 -2.10 -27.26 -44.79
C ASN C 658 -2.42 -27.08 -43.31
N SER C 659 -2.53 -28.21 -42.61
CA SER C 659 -2.84 -28.21 -41.19
C SER C 659 -1.98 -29.25 -40.49
N TYR C 660 -1.32 -28.84 -39.42
CA TYR C 660 -0.48 -29.72 -38.62
C TYR C 660 -0.85 -29.57 -37.15
N GLU C 661 -0.27 -30.42 -36.31
CA GLU C 661 -0.44 -30.29 -34.88
C GLU C 661 0.17 -28.97 -34.41
N CYS C 662 -0.51 -28.31 -33.48
CA CYS C 662 -0.04 -27.00 -33.02
C CYS C 662 1.34 -27.12 -32.40
N ASP C 663 2.23 -26.20 -32.79
CA ASP C 663 3.60 -26.17 -32.29
C ASP C 663 3.86 -24.93 -31.46
N ILE C 664 3.62 -23.75 -32.02
CA ILE C 664 3.72 -22.48 -31.31
C ILE C 664 2.35 -21.82 -31.32
N PRO C 665 1.59 -21.90 -30.23
CA PRO C 665 0.20 -21.39 -30.25
C PRO C 665 0.14 -19.88 -30.39
N ILE C 666 -0.41 -19.40 -31.50
CA ILE C 666 -0.61 -17.98 -31.70
C ILE C 666 -1.98 -17.54 -31.17
N GLY C 667 -3.01 -18.34 -31.41
CA GLY C 667 -4.34 -18.05 -30.90
C GLY C 667 -5.42 -18.10 -31.95
N ALA C 668 -6.66 -18.28 -31.52
CA ALA C 668 -7.81 -18.31 -32.43
C ALA C 668 -7.64 -19.38 -33.51
N GLY C 669 -7.10 -20.52 -33.12
CA GLY C 669 -6.95 -21.64 -34.02
C GLY C 669 -5.73 -21.59 -34.93
N ILE C 670 -4.86 -20.61 -34.76
CA ILE C 670 -3.68 -20.43 -35.61
C ILE C 670 -2.44 -20.76 -34.79
N CYS C 671 -1.56 -21.57 -35.37
CA CYS C 671 -0.29 -21.93 -34.75
C CYS C 671 0.81 -21.82 -35.79
N ALA C 672 2.03 -21.61 -35.31
CA ALA C 672 3.19 -21.41 -36.17
C ALA C 672 4.26 -22.46 -35.88
N SER C 673 4.97 -22.85 -36.92
CA SER C 673 6.07 -23.81 -36.81
C SER C 673 7.19 -23.38 -37.75
N TYR C 674 8.42 -23.72 -37.37
CA TYR C 674 9.58 -23.29 -38.15
C TYR C 674 9.75 -24.13 -39.42
N GLN C 675 9.41 -25.42 -39.36
CA GLN C 675 9.63 -26.29 -40.49
C GLN C 675 8.82 -25.84 -41.70
N THR C 676 9.39 -26.07 -42.88
CA THR C 676 8.74 -25.71 -44.15
C THR C 676 7.29 -26.21 -44.18
N SER C 689 15.99 -22.12 -47.07
CA SER C 689 14.74 -22.78 -47.47
C SER C 689 13.76 -22.80 -46.30
N GLN C 690 14.23 -23.23 -45.14
CA GLN C 690 13.37 -23.28 -43.96
C GLN C 690 12.90 -21.88 -43.58
N SER C 691 11.62 -21.76 -43.29
CA SER C 691 11.03 -20.48 -42.89
C SER C 691 9.85 -20.74 -41.97
N ILE C 692 9.55 -19.74 -41.13
CA ILE C 692 8.44 -19.86 -40.20
C ILE C 692 7.13 -19.78 -40.97
N ILE C 693 6.21 -20.70 -40.66
CA ILE C 693 4.93 -20.78 -41.33
C ILE C 693 3.81 -20.68 -40.30
N ALA C 694 2.65 -20.25 -40.76
CA ALA C 694 1.45 -20.15 -39.92
C ALA C 694 0.34 -20.96 -40.58
N TYR C 695 -0.43 -21.67 -39.75
CA TYR C 695 -1.45 -22.58 -40.26
C TYR C 695 -2.54 -22.73 -39.22
N THR C 696 -3.65 -23.34 -39.65
CA THR C 696 -4.74 -23.69 -38.74
C THR C 696 -4.46 -25.09 -38.19
N MET C 697 -4.26 -25.16 -36.86
CA MET C 697 -3.87 -26.43 -36.25
C MET C 697 -4.93 -27.49 -36.48
N SER C 698 -4.47 -28.71 -36.71
CA SER C 698 -5.36 -29.86 -36.89
C SER C 698 -5.54 -30.56 -35.55
N LEU C 699 -6.80 -30.80 -35.18
CA LEU C 699 -7.12 -31.43 -33.90
C LEU C 699 -7.02 -32.96 -33.99
N GLY C 700 -5.86 -33.46 -34.41
CA GLY C 700 -5.63 -34.88 -34.52
C GLY C 700 -5.85 -35.39 -35.93
N ALA C 701 -5.68 -36.70 -36.06
CA ALA C 701 -5.82 -37.38 -37.35
C ALA C 701 -7.22 -37.93 -37.50
N GLU C 702 -7.84 -37.69 -38.66
CA GLU C 702 -9.19 -38.15 -38.90
C GLU C 702 -9.26 -39.67 -38.85
N ASN C 703 -10.33 -40.19 -38.27
CA ASN C 703 -10.53 -41.64 -38.16
C ASN C 703 -12.02 -41.93 -38.26
N SER C 704 -12.34 -43.17 -38.66
CA SER C 704 -13.73 -43.59 -38.81
C SER C 704 -13.80 -45.08 -38.49
N VAL C 705 -14.40 -45.41 -37.35
CA VAL C 705 -14.53 -46.81 -36.95
C VAL C 705 -15.51 -47.52 -37.88
N ALA C 706 -15.12 -48.71 -38.33
CA ALA C 706 -15.95 -49.52 -39.22
C ALA C 706 -17.08 -50.16 -38.42
N TYR C 707 -18.05 -49.33 -38.06
CA TYR C 707 -19.16 -49.77 -37.22
C TYR C 707 -20.22 -50.49 -38.05
N SER C 708 -20.73 -51.59 -37.49
CA SER C 708 -21.87 -52.29 -38.07
C SER C 708 -22.57 -53.05 -36.96
N ASN C 709 -23.82 -53.44 -37.22
CA ASN C 709 -24.65 -54.07 -36.20
C ASN C 709 -24.20 -55.48 -35.85
N ASN C 710 -23.30 -56.09 -36.62
CA ASN C 710 -22.86 -57.45 -36.35
C ASN C 710 -21.36 -57.63 -36.53
N SER C 711 -20.58 -56.59 -36.27
CA SER C 711 -19.13 -56.65 -36.37
C SER C 711 -18.50 -56.19 -35.06
N ILE C 712 -17.50 -56.93 -34.60
CA ILE C 712 -16.78 -56.61 -33.38
C ILE C 712 -15.30 -56.85 -33.60
N ALA C 713 -14.48 -55.95 -33.10
CA ALA C 713 -13.02 -56.09 -33.14
C ALA C 713 -12.52 -56.49 -31.76
N ILE C 714 -11.76 -57.57 -31.72
CA ILE C 714 -11.21 -58.11 -30.48
C ILE C 714 -9.70 -58.20 -30.66
N PRO C 715 -8.90 -57.70 -29.71
CA PRO C 715 -7.44 -57.74 -29.88
C PRO C 715 -6.92 -59.17 -29.86
N THR C 716 -5.82 -59.37 -30.60
CA THR C 716 -5.12 -60.65 -30.63
C THR C 716 -3.73 -60.56 -30.03
N ASN C 717 -3.39 -59.43 -29.41
CA ASN C 717 -2.08 -59.23 -28.79
C ASN C 717 -2.22 -58.05 -27.83
N PHE C 718 -1.10 -57.65 -27.23
CA PHE C 718 -1.11 -56.59 -26.24
C PHE C 718 0.29 -56.00 -26.13
N THR C 719 0.36 -54.83 -25.48
CA THR C 719 1.63 -54.18 -25.18
C THR C 719 1.59 -53.67 -23.74
N ILE C 720 2.69 -53.85 -23.03
CA ILE C 720 2.85 -53.33 -21.68
C ILE C 720 3.53 -51.97 -21.79
N SER C 721 2.76 -50.90 -21.62
CA SER C 721 3.25 -49.54 -21.81
C SER C 721 3.42 -48.86 -20.46
N VAL C 722 4.58 -48.26 -20.26
CA VAL C 722 4.89 -47.48 -19.06
C VAL C 722 4.85 -46.01 -19.44
N THR C 723 4.20 -45.20 -18.60
CA THR C 723 4.10 -43.76 -18.82
C THR C 723 4.52 -43.02 -17.57
N THR C 724 5.14 -41.87 -17.76
CA THR C 724 5.68 -41.06 -16.67
C THR C 724 4.78 -39.88 -16.39
N GLU C 725 4.48 -39.67 -15.11
CA GLU C 725 3.66 -38.55 -14.66
C GLU C 725 4.42 -37.78 -13.58
N ILE C 726 4.49 -36.46 -13.73
CA ILE C 726 5.24 -35.60 -12.82
C ILE C 726 4.26 -34.75 -12.04
N LEU C 727 4.42 -34.71 -10.73
CA LEU C 727 3.54 -33.94 -9.86
C LEU C 727 4.34 -33.19 -8.80
N PRO C 728 4.31 -31.85 -8.79
CA PRO C 728 4.92 -31.12 -7.66
C PRO C 728 4.25 -31.49 -6.36
N VAL C 729 5.06 -31.55 -5.29
CA VAL C 729 4.57 -31.96 -3.98
C VAL C 729 4.83 -30.88 -2.95
N SER C 730 5.85 -30.06 -3.18
CA SER C 730 6.20 -29.03 -2.21
C SER C 730 7.01 -27.94 -2.90
N MET C 731 7.16 -26.82 -2.21
CA MET C 731 7.99 -25.70 -2.65
C MET C 731 9.00 -25.37 -1.56
N THR C 732 9.97 -24.52 -1.91
CA THR C 732 10.99 -24.13 -0.96
C THR C 732 10.36 -23.41 0.24
N LYS C 733 10.83 -23.76 1.44
CA LYS C 733 10.34 -23.14 2.66
C LYS C 733 11.15 -21.89 2.92
N THR C 734 10.53 -20.73 2.72
CA THR C 734 11.18 -19.44 2.87
C THR C 734 10.49 -18.62 3.96
N SER C 735 11.29 -17.88 4.72
CA SER C 735 10.80 -17.00 5.76
C SER C 735 11.40 -15.62 5.57
N VAL C 736 10.58 -14.59 5.78
CA VAL C 736 11.00 -13.20 5.61
C VAL C 736 10.79 -12.48 6.93
N ASP C 737 11.86 -11.89 7.46
CA ASP C 737 11.77 -11.07 8.66
C ASP C 737 11.23 -9.70 8.24
N CYS C 738 9.95 -9.46 8.51
CA CYS C 738 9.29 -8.26 8.00
C CYS C 738 9.96 -7.01 8.54
N THR C 739 10.25 -6.98 9.83
CA THR C 739 10.91 -5.80 10.40
C THR C 739 12.27 -5.56 9.77
N MET C 740 13.06 -6.64 9.60
CA MET C 740 14.38 -6.49 9.00
C MET C 740 14.26 -6.11 7.53
N TYR C 741 13.33 -6.71 6.80
CA TYR C 741 13.20 -6.41 5.37
C TYR C 741 12.77 -4.97 5.14
N ILE C 742 11.72 -4.53 5.83
CA ILE C 742 11.25 -3.15 5.67
C ILE C 742 12.31 -2.17 6.18
N CYS C 743 12.92 -2.48 7.32
CA CYS C 743 13.90 -1.61 7.97
C CYS C 743 15.18 -2.39 8.18
N GLY C 744 16.27 -1.91 7.58
CA GLY C 744 17.57 -2.56 7.74
C GLY C 744 18.39 -1.96 8.86
N ASP C 745 18.38 -2.62 10.02
CA ASP C 745 19.13 -2.17 11.20
C ASP C 745 19.02 -0.65 11.37
N SER C 746 17.79 -0.15 11.28
CA SER C 746 17.50 1.27 11.44
C SER C 746 16.51 1.43 12.58
N THR C 747 16.98 2.01 13.70
CA THR C 747 16.10 2.16 14.86
C THR C 747 14.93 3.07 14.56
N GLU C 748 15.18 4.20 13.87
CA GLU C 748 14.10 5.12 13.55
C GLU C 748 13.07 4.46 12.65
N CYS C 749 13.53 3.72 11.64
CA CYS C 749 12.61 3.05 10.74
C CYS C 749 11.78 2.02 11.48
N SER C 750 12.40 1.27 12.39
CA SER C 750 11.65 0.29 13.18
C SER C 750 10.61 0.97 14.06
N ASN C 751 10.98 2.09 14.69
CA ASN C 751 10.02 2.81 15.52
C ASN C 751 8.84 3.30 14.69
N LEU C 752 9.11 3.83 13.49
CA LEU C 752 8.03 4.27 12.63
C LEU C 752 7.16 3.10 12.18
N LEU C 753 7.78 1.97 11.86
CA LEU C 753 7.02 0.79 11.44
C LEU C 753 6.13 0.28 12.57
N LEU C 754 6.57 0.44 13.82
CA LEU C 754 5.74 0.01 14.94
C LEU C 754 4.35 0.64 14.89
N GLN C 755 4.24 1.85 14.33
CA GLN C 755 2.96 2.53 14.25
C GLN C 755 1.98 1.87 13.29
N TYR C 756 2.44 0.96 12.45
CA TYR C 756 1.59 0.33 11.43
C TYR C 756 0.81 -0.86 11.98
N GLY C 757 1.03 -1.27 13.22
CA GLY C 757 0.26 -2.33 13.82
C GLY C 757 0.96 -3.68 13.78
N SER C 758 0.22 -4.73 13.42
CA SER C 758 0.71 -6.10 13.47
C SER C 758 0.76 -6.72 12.07
N PHE C 759 1.06 -5.91 11.06
CA PHE C 759 1.21 -6.46 9.71
C PHE C 759 2.37 -7.45 9.64
N CYS C 760 3.50 -7.10 10.25
CA CYS C 760 4.67 -7.97 10.17
C CYS C 760 4.40 -9.32 10.82
N THR C 761 3.73 -9.32 11.98
CA THR C 761 3.41 -10.57 12.65
C THR C 761 2.48 -11.42 11.78
N GLN C 762 1.50 -10.78 11.14
CA GLN C 762 0.59 -11.54 10.28
C GLN C 762 1.33 -12.17 9.10
N LEU C 763 2.23 -11.42 8.47
CA LEU C 763 2.99 -11.97 7.35
C LEU C 763 3.90 -13.12 7.80
N ASN C 764 4.56 -12.96 8.95
CA ASN C 764 5.40 -14.04 9.47
C ASN C 764 4.56 -15.27 9.76
N ARG C 765 3.37 -15.08 10.32
CA ARG C 765 2.47 -16.20 10.59
C ARG C 765 2.07 -16.90 9.30
N ALA C 766 1.76 -16.13 8.26
CA ALA C 766 1.38 -16.72 6.98
C ALA C 766 2.52 -17.53 6.40
N LEU C 767 3.74 -17.00 6.44
CA LEU C 767 4.89 -17.72 5.90
C LEU C 767 5.15 -19.00 6.70
N THR C 768 5.04 -18.93 8.02
CA THR C 768 5.22 -20.12 8.84
C THR C 768 4.17 -21.17 8.52
N GLY C 769 2.92 -20.73 8.34
CA GLY C 769 1.88 -21.66 7.94
C GLY C 769 2.16 -22.30 6.61
N ILE C 770 2.67 -21.53 5.65
CA ILE C 770 3.02 -22.07 4.34
C ILE C 770 4.10 -23.15 4.49
N ALA C 771 5.13 -22.87 5.30
CA ALA C 771 6.21 -23.84 5.48
C ALA C 771 5.68 -25.12 6.12
N VAL C 772 4.85 -24.98 7.15
CA VAL C 772 4.28 -26.16 7.81
C VAL C 772 3.41 -26.93 6.83
N GLU C 773 2.68 -26.22 5.97
CA GLU C 773 1.86 -26.89 4.96
C GLU C 773 2.71 -27.67 3.98
N GLN C 774 3.86 -27.12 3.59
CA GLN C 774 4.76 -27.84 2.69
C GLN C 774 5.28 -29.11 3.35
N ASP C 775 5.67 -29.01 4.63
CA ASP C 775 6.12 -30.20 5.33
C ASP C 775 5.00 -31.24 5.41
N LYS C 776 3.77 -30.79 5.70
CA LYS C 776 2.63 -31.70 5.74
C LYS C 776 2.39 -32.35 4.38
N ASN C 777 2.53 -31.57 3.30
CA ASN C 777 2.33 -32.12 1.96
C ASN C 777 3.34 -33.23 1.69
N THR C 778 4.61 -32.98 1.99
CA THR C 778 5.63 -34.00 1.76
C THR C 778 5.33 -35.26 2.58
N GLN C 779 5.01 -35.07 3.87
CA GLN C 779 4.73 -36.22 4.72
C GLN C 779 3.53 -37.01 4.22
N GLU C 780 2.46 -36.32 3.84
CA GLU C 780 1.26 -37.01 3.37
C GLU C 780 1.53 -37.76 2.08
N VAL C 781 2.28 -37.16 1.15
CA VAL C 781 2.53 -37.81 -0.12
C VAL C 781 3.40 -39.05 0.06
N PHE C 782 4.46 -38.94 0.86
CA PHE C 782 5.45 -40.00 0.92
C PHE C 782 5.31 -40.91 2.14
N ALA C 783 4.91 -40.38 3.29
CA ALA C 783 4.80 -41.19 4.51
C ALA C 783 3.45 -41.92 4.55
N GLN C 784 3.30 -42.86 3.61
CA GLN C 784 2.09 -43.66 3.49
C GLN C 784 2.32 -45.13 3.81
N VAL C 785 3.55 -45.53 4.15
CA VAL C 785 3.90 -46.91 4.44
C VAL C 785 4.22 -47.02 5.92
N LYS C 786 3.61 -48.00 6.59
CA LYS C 786 3.77 -48.14 8.03
C LYS C 786 5.14 -48.69 8.40
N GLN C 787 5.63 -49.68 7.66
CA GLN C 787 6.96 -50.25 7.87
C GLN C 787 7.80 -50.11 6.61
N ILE C 788 9.11 -50.18 6.80
CA ILE C 788 10.07 -50.03 5.71
C ILE C 788 10.33 -51.42 5.14
N TYR C 789 9.71 -51.71 4.00
CA TYR C 789 9.93 -52.97 3.32
C TYR C 789 11.16 -52.89 2.42
N LYS C 790 11.79 -54.04 2.19
CA LYS C 790 12.94 -54.13 1.30
C LYS C 790 12.85 -55.40 0.48
N THR C 791 13.38 -55.33 -0.73
CA THR C 791 13.36 -56.47 -1.63
C THR C 791 14.35 -57.53 -1.19
N PRO C 792 14.16 -58.78 -1.59
CA PRO C 792 15.08 -59.85 -1.21
C PRO C 792 16.44 -59.65 -1.86
N PRO C 793 17.50 -60.21 -1.29
CA PRO C 793 18.85 -60.00 -1.87
C PRO C 793 18.96 -60.47 -3.30
N ILE C 794 18.25 -61.52 -3.67
CA ILE C 794 18.29 -62.07 -5.03
C ILE C 794 17.02 -61.65 -5.75
N LYS C 795 17.18 -61.01 -6.90
CA LYS C 795 16.05 -60.47 -7.67
C LYS C 795 15.66 -61.50 -8.72
N ASP C 796 14.75 -62.40 -8.35
CA ASP C 796 14.21 -63.42 -9.23
C ASP C 796 12.69 -63.27 -9.24
N PHE C 797 12.20 -62.42 -10.16
CA PHE C 797 10.78 -62.11 -10.25
C PHE C 797 10.16 -62.66 -11.54
N GLY C 798 10.61 -63.85 -11.94
CA GLY C 798 10.07 -64.48 -13.14
C GLY C 798 10.33 -63.70 -14.41
N GLY C 799 11.51 -63.11 -14.55
CA GLY C 799 11.89 -62.39 -15.74
C GLY C 799 11.70 -60.89 -15.64
N PHE C 800 10.88 -60.41 -14.70
CA PHE C 800 10.70 -58.98 -14.52
C PHE C 800 11.92 -58.39 -13.82
N ASN C 801 12.45 -57.31 -14.38
CA ASN C 801 13.66 -56.67 -13.87
C ASN C 801 13.30 -55.26 -13.39
N PHE C 802 13.54 -55.00 -12.11
CA PHE C 802 13.25 -53.72 -11.50
C PHE C 802 14.51 -52.94 -11.13
N SER C 803 15.66 -53.34 -11.67
CA SER C 803 16.91 -52.68 -11.31
C SER C 803 16.87 -51.19 -11.63
N GLN C 804 16.10 -50.79 -12.65
CA GLN C 804 16.06 -49.40 -13.06
C GLN C 804 15.33 -48.53 -12.04
N ILE C 805 14.48 -49.11 -11.20
CA ILE C 805 13.71 -48.35 -10.21
C ILE C 805 14.08 -48.71 -8.78
N LEU C 806 14.80 -49.80 -8.55
CA LEU C 806 15.20 -50.16 -7.20
C LEU C 806 16.43 -49.37 -6.77
N PRO C 807 16.67 -49.25 -5.46
CA PRO C 807 17.85 -48.51 -5.01
C PRO C 807 19.14 -49.14 -5.51
N ASP C 808 20.14 -48.31 -5.73
CA ASP C 808 21.46 -48.75 -6.19
C ASP C 808 22.46 -48.64 -5.05
N PRO C 809 22.82 -49.74 -4.39
CA PRO C 809 23.81 -49.63 -3.29
C PRO C 809 25.15 -49.09 -3.73
N SER C 810 25.54 -49.31 -4.99
CA SER C 810 26.87 -48.88 -5.44
C SER C 810 27.02 -47.37 -5.33
N LYS C 811 26.00 -46.62 -5.72
CA LYS C 811 26.10 -45.16 -5.69
C LYS C 811 26.16 -44.66 -4.25
N PRO C 812 26.82 -43.53 -4.01
CA PRO C 812 26.92 -43.03 -2.63
C PRO C 812 25.57 -42.79 -1.99
N SER C 813 24.59 -42.34 -2.77
CA SER C 813 23.21 -42.17 -2.30
C SER C 813 22.37 -43.34 -2.78
N LYS C 814 21.61 -43.94 -1.87
CA LYS C 814 20.83 -45.12 -2.21
C LYS C 814 19.62 -44.71 -3.06
N ARG C 815 19.87 -44.32 -4.29
CA ARG C 815 18.84 -43.88 -5.22
C ARG C 815 18.77 -44.84 -6.40
N SER C 816 17.58 -44.96 -6.97
CA SER C 816 17.41 -45.72 -8.20
C SER C 816 18.01 -44.95 -9.38
N PHE C 817 18.20 -45.67 -10.49
CA PHE C 817 18.76 -45.02 -11.68
C PHE C 817 17.90 -43.86 -12.13
N ILE C 818 16.58 -44.08 -12.21
CA ILE C 818 15.68 -43.02 -12.63
C ILE C 818 15.65 -41.90 -11.60
N GLU C 819 15.66 -42.23 -10.31
CA GLU C 819 15.66 -41.21 -9.28
C GLU C 819 16.91 -40.35 -9.35
N ASP C 820 18.08 -40.98 -9.53
CA ASP C 820 19.32 -40.22 -9.64
C ASP C 820 19.31 -39.36 -10.89
N LEU C 821 18.81 -39.88 -12.01
CA LEU C 821 18.71 -39.09 -13.22
C LEU C 821 17.81 -37.87 -13.01
N LEU C 822 16.68 -38.07 -12.35
CA LEU C 822 15.76 -36.95 -12.09
C LEU C 822 16.44 -35.91 -11.21
N PHE C 823 17.12 -36.34 -10.15
CA PHE C 823 17.76 -35.39 -9.24
C PHE C 823 18.87 -34.62 -9.95
N ASN C 824 19.69 -35.31 -10.74
CA ASN C 824 20.74 -34.62 -11.49
C ASN C 824 20.20 -33.73 -12.59
N LYS C 825 18.97 -34.01 -13.06
CA LYS C 825 18.39 -33.26 -14.16
C LYS C 825 17.76 -31.94 -13.72
N VAL C 826 17.53 -31.74 -12.43
CA VAL C 826 16.93 -30.51 -11.91
C VAL C 826 18.04 -29.74 -11.21
N THR C 827 18.38 -28.58 -11.78
CA THR C 827 19.44 -27.74 -11.23
C THR C 827 19.17 -26.27 -11.51
N LEU C 849 23.94 -18.61 -3.41
CA LEU C 849 22.58 -18.20 -3.74
C LEU C 849 21.74 -17.98 -2.49
N ILE C 850 21.49 -19.06 -1.76
CA ILE C 850 20.64 -18.98 -0.57
C ILE C 850 21.19 -17.93 0.39
N CYS C 851 22.51 -17.95 0.61
CA CYS C 851 23.15 -16.93 1.42
C CYS C 851 23.30 -15.62 0.66
N ALA C 852 23.34 -15.67 -0.68
CA ALA C 852 23.53 -14.46 -1.46
C ALA C 852 22.38 -13.48 -1.25
N GLN C 853 21.14 -13.96 -1.27
CA GLN C 853 19.99 -13.11 -1.00
C GLN C 853 19.64 -13.06 0.48
N LYS C 854 20.44 -13.69 1.35
CA LYS C 854 20.19 -13.64 2.78
C LYS C 854 20.72 -12.34 3.37
N PHE C 855 20.33 -11.21 2.80
CA PHE C 855 20.76 -9.90 3.25
C PHE C 855 19.64 -9.06 3.85
N ASN C 856 18.39 -9.51 3.74
CA ASN C 856 17.24 -8.70 4.15
C ASN C 856 16.24 -9.55 4.92
N GLY C 857 16.74 -10.38 5.82
CA GLY C 857 15.86 -11.24 6.59
C GLY C 857 15.28 -12.40 5.82
N LEU C 858 15.80 -12.69 4.64
CA LEU C 858 15.31 -13.78 3.81
C LEU C 858 16.10 -15.04 4.15
N THR C 859 15.46 -15.97 4.85
CA THR C 859 16.09 -17.22 5.26
C THR C 859 15.26 -18.39 4.75
N VAL C 860 15.93 -19.37 4.16
CA VAL C 860 15.28 -20.58 3.66
C VAL C 860 15.47 -21.68 4.70
N LEU C 861 14.36 -22.27 5.14
CA LEU C 861 14.45 -23.27 6.20
C LEU C 861 14.52 -24.67 5.59
N PRO C 862 15.33 -25.57 6.16
CA PRO C 862 15.47 -26.90 5.57
C PRO C 862 14.19 -27.69 5.73
N PRO C 863 13.87 -28.57 4.78
CA PRO C 863 12.70 -29.44 4.95
C PRO C 863 12.93 -30.46 6.05
N LEU C 864 11.82 -30.89 6.67
CA LEU C 864 11.92 -31.89 7.74
C LEU C 864 12.44 -33.22 7.21
N LEU C 865 11.98 -33.64 6.04
CA LEU C 865 12.39 -34.91 5.44
C LEU C 865 13.48 -34.64 4.42
N THR C 866 14.66 -35.20 4.67
CA THR C 866 15.76 -35.08 3.73
C THR C 866 15.50 -35.93 2.50
N ASP C 867 16.20 -35.60 1.40
CA ASP C 867 16.04 -36.35 0.17
C ASP C 867 16.33 -37.83 0.38
N GLU C 868 17.28 -38.16 1.26
CA GLU C 868 17.57 -39.56 1.55
C GLU C 868 16.37 -40.25 2.17
N MET C 869 15.67 -39.57 3.09
CA MET C 869 14.50 -40.18 3.72
C MET C 869 13.37 -40.36 2.72
N ILE C 870 13.18 -39.40 1.81
CA ILE C 870 12.16 -39.54 0.77
C ILE C 870 12.49 -40.71 -0.14
N ALA C 871 13.77 -40.85 -0.51
CA ALA C 871 14.18 -42.00 -1.31
C ALA C 871 13.96 -43.31 -0.57
N GLN C 872 14.20 -43.32 0.75
CA GLN C 872 13.94 -44.51 1.54
C GLN C 872 12.45 -44.85 1.55
N TYR C 873 11.59 -43.85 1.69
CA TYR C 873 10.15 -44.09 1.63
C TYR C 873 9.75 -44.66 0.27
N THR C 874 10.30 -44.09 -0.81
CA THR C 874 10.00 -44.61 -2.14
C THR C 874 10.47 -46.05 -2.30
N SER C 875 11.65 -46.36 -1.77
CA SER C 875 12.16 -47.72 -1.83
C SER C 875 11.27 -48.68 -1.05
N ALA C 876 10.80 -48.25 0.12
CA ALA C 876 9.89 -49.10 0.91
C ALA C 876 8.60 -49.35 0.14
N LEU C 877 8.05 -48.31 -0.49
CA LEU C 877 6.83 -48.50 -1.28
C LEU C 877 7.09 -49.45 -2.44
N LEU C 878 8.23 -49.30 -3.12
CA LEU C 878 8.55 -50.18 -4.23
C LEU C 878 8.67 -51.64 -3.77
N ALA C 879 9.35 -51.85 -2.64
CA ALA C 879 9.50 -53.21 -2.12
C ALA C 879 8.15 -53.80 -1.74
N GLY C 880 7.30 -53.00 -1.09
CA GLY C 880 5.98 -53.50 -0.75
C GLY C 880 5.16 -53.87 -1.97
N THR C 881 5.21 -53.03 -3.00
CA THR C 881 4.45 -53.32 -4.22
C THR C 881 4.99 -54.57 -4.90
N ILE C 882 6.31 -54.73 -4.98
CA ILE C 882 6.89 -55.84 -5.71
C ILE C 882 6.66 -57.15 -4.97
N THR C 883 6.88 -57.16 -3.65
CA THR C 883 6.86 -58.40 -2.90
C THR C 883 5.50 -58.73 -2.29
N SER C 884 4.56 -57.77 -2.24
CA SER C 884 3.29 -57.99 -1.57
C SER C 884 2.10 -57.48 -2.37
N GLY C 885 2.31 -57.04 -3.62
CA GLY C 885 1.19 -56.52 -4.39
C GLY C 885 0.55 -55.34 -3.68
N TRP C 886 -0.78 -55.34 -3.63
CA TRP C 886 -1.53 -54.29 -2.93
C TRP C 886 -1.88 -54.68 -1.51
N THR C 887 -1.48 -55.87 -1.05
CA THR C 887 -1.86 -56.32 0.28
C THR C 887 -1.29 -55.42 1.36
N PHE C 888 -0.03 -54.99 1.21
CA PHE C 888 0.60 -54.17 2.24
C PHE C 888 -0.07 -52.81 2.38
N GLY C 889 -0.81 -52.37 1.37
CA GLY C 889 -1.51 -51.10 1.44
C GLY C 889 -2.85 -51.15 2.14
N ALA C 890 -3.35 -52.34 2.44
CA ALA C 890 -4.63 -52.51 3.12
C ALA C 890 -4.51 -53.31 4.42
N GLY C 891 -3.29 -53.48 4.92
CA GLY C 891 -3.08 -54.24 6.14
C GLY C 891 -1.70 -54.87 6.19
N ALA C 892 -1.63 -56.09 6.71
CA ALA C 892 -0.36 -56.80 6.76
C ALA C 892 0.11 -57.15 5.35
N ALA C 893 1.43 -57.13 5.16
CA ALA C 893 2.02 -57.45 3.87
C ALA C 893 2.03 -58.96 3.67
N LEU C 894 1.41 -59.41 2.58
CA LEU C 894 1.31 -60.83 2.25
C LEU C 894 2.18 -61.10 1.02
N GLN C 895 3.12 -62.03 1.15
CA GLN C 895 4.01 -62.35 0.04
C GLN C 895 3.25 -63.09 -1.06
N ILE C 896 3.69 -62.88 -2.30
CA ILE C 896 3.11 -63.55 -3.45
C ILE C 896 4.11 -63.45 -4.60
N PRO C 897 4.32 -64.51 -5.37
CA PRO C 897 5.24 -64.40 -6.51
C PRO C 897 4.77 -63.33 -7.48
N PHE C 898 5.73 -62.58 -8.03
CA PHE C 898 5.37 -61.46 -8.88
C PHE C 898 4.62 -61.92 -10.13
N ALA C 899 4.89 -63.14 -10.61
CA ALA C 899 4.11 -63.68 -11.70
C ALA C 899 2.63 -63.81 -11.33
N MET C 900 2.37 -64.32 -10.12
CA MET C 900 0.98 -64.43 -9.68
C MET C 900 0.38 -63.05 -9.38
N GLN C 901 1.19 -62.10 -8.92
CA GLN C 901 0.71 -60.74 -8.75
C GLN C 901 0.27 -60.15 -10.08
N MET C 902 1.08 -60.33 -11.12
CA MET C 902 0.69 -59.87 -12.45
C MET C 902 -0.52 -60.62 -12.97
N ALA C 903 -0.66 -61.90 -12.60
CA ALA C 903 -1.86 -62.64 -12.97
C ALA C 903 -3.10 -62.02 -12.33
N TYR C 904 -2.99 -61.65 -11.06
CA TYR C 904 -4.10 -60.94 -10.39
C TYR C 904 -4.40 -59.62 -11.09
N ARG C 905 -3.35 -58.87 -11.46
CA ARG C 905 -3.56 -57.61 -12.14
C ARG C 905 -4.28 -57.83 -13.48
N PHE C 906 -3.87 -58.85 -14.23
CA PHE C 906 -4.55 -59.16 -15.49
C PHE C 906 -6.01 -59.52 -15.25
N ASN C 907 -6.27 -60.32 -14.22
CA ASN C 907 -7.66 -60.62 -13.87
C ASN C 907 -8.42 -59.34 -13.54
N GLY C 908 -7.73 -58.34 -12.98
CA GLY C 908 -8.39 -57.09 -12.66
C GLY C 908 -8.90 -56.35 -13.88
N ILE C 909 -8.21 -56.47 -15.01
CA ILE C 909 -8.57 -55.73 -16.21
C ILE C 909 -9.44 -56.57 -17.15
N GLY C 910 -10.08 -57.61 -16.63
CA GLY C 910 -10.97 -58.41 -17.44
C GLY C 910 -10.30 -59.41 -18.35
N VAL C 911 -9.02 -59.72 -18.11
CA VAL C 911 -8.27 -60.66 -18.91
C VAL C 911 -7.94 -61.87 -18.05
N THR C 912 -8.22 -63.07 -18.58
CA THR C 912 -7.99 -64.29 -17.81
C THR C 912 -6.52 -64.40 -17.41
N GLN C 913 -6.28 -64.88 -16.19
CA GLN C 913 -4.94 -64.92 -15.65
C GLN C 913 -4.00 -65.80 -16.48
N ASN C 914 -4.56 -66.75 -17.25
CA ASN C 914 -3.71 -67.69 -17.97
C ASN C 914 -2.81 -66.99 -18.98
N VAL C 915 -3.35 -66.02 -19.74
CA VAL C 915 -2.61 -65.45 -20.86
C VAL C 915 -1.25 -64.95 -20.39
N LEU C 916 -1.18 -64.47 -19.15
CA LEU C 916 0.11 -64.10 -18.58
C LEU C 916 1.05 -65.30 -18.57
N TYR C 917 0.56 -66.46 -18.14
CA TYR C 917 1.43 -67.63 -18.05
C TYR C 917 1.81 -68.18 -19.42
N GLU C 918 0.92 -68.12 -20.42
CA GLU C 918 1.40 -68.46 -21.76
C GLU C 918 2.40 -67.44 -22.28
N ASN C 919 2.21 -66.16 -21.95
CA ASN C 919 3.05 -65.09 -22.46
C ASN C 919 3.81 -64.39 -21.33
N GLN C 920 4.31 -65.16 -20.36
CA GLN C 920 5.07 -64.57 -19.27
C GLN C 920 6.38 -63.97 -19.77
N LYS C 921 7.11 -64.71 -20.61
CA LYS C 921 8.39 -64.22 -21.12
C LYS C 921 8.20 -62.95 -21.93
N LEU C 922 7.21 -62.94 -22.84
CA LEU C 922 6.98 -61.78 -23.67
C LEU C 922 6.58 -60.58 -22.83
N ILE C 923 5.71 -60.79 -21.84
CA ILE C 923 5.27 -59.68 -20.99
C ILE C 923 6.42 -59.13 -20.18
N ALA C 924 7.26 -59.99 -19.63
CA ALA C 924 8.42 -59.51 -18.88
C ALA C 924 9.37 -58.73 -19.77
N ASN C 925 9.62 -59.23 -20.99
CA ASN C 925 10.49 -58.51 -21.91
C ASN C 925 9.92 -57.15 -22.26
N GLN C 926 8.61 -57.08 -22.51
CA GLN C 926 7.98 -55.80 -22.81
C GLN C 926 8.10 -54.84 -21.64
N PHE C 927 7.88 -55.33 -20.42
CA PHE C 927 8.00 -54.47 -19.24
C PHE C 927 9.41 -53.92 -19.11
N ASN C 928 10.42 -54.79 -19.26
CA ASN C 928 11.80 -54.34 -19.15
C ASN C 928 12.13 -53.32 -20.24
N SER C 929 11.71 -53.59 -21.47
CA SER C 929 11.97 -52.66 -22.56
C SER C 929 11.29 -51.31 -22.31
N ALA C 930 10.05 -51.33 -21.80
CA ALA C 930 9.37 -50.09 -21.51
C ALA C 930 10.09 -49.29 -20.43
N ILE C 931 10.57 -49.98 -19.39
CA ILE C 931 11.29 -49.27 -18.33
C ILE C 931 12.57 -48.65 -18.89
N GLY C 932 13.29 -49.41 -19.72
CA GLY C 932 14.47 -48.86 -20.36
C GLY C 932 14.16 -47.65 -21.23
N LYS C 933 13.03 -47.71 -21.94
CA LYS C 933 12.62 -46.58 -22.77
C LYS C 933 12.31 -45.36 -21.91
N ILE C 934 11.67 -45.56 -20.76
CA ILE C 934 11.43 -44.44 -19.85
C ILE C 934 12.75 -43.84 -19.41
N GLN C 935 13.71 -44.68 -19.02
CA GLN C 935 15.02 -44.17 -18.64
C GLN C 935 15.64 -43.35 -19.76
N ASP C 936 15.65 -43.89 -20.98
CA ASP C 936 16.27 -43.20 -22.09
C ASP C 936 15.56 -41.88 -22.40
N SER C 937 14.22 -41.88 -22.38
CA SER C 937 13.47 -40.68 -22.68
C SER C 937 13.74 -39.60 -21.65
N LEU C 938 13.77 -39.96 -20.37
CA LEU C 938 14.08 -38.97 -19.34
C LEU C 938 15.49 -38.44 -19.50
N SER C 939 16.45 -39.32 -19.82
CA SER C 939 17.83 -38.88 -19.95
C SER C 939 18.01 -37.95 -21.14
N SER C 940 17.39 -38.25 -22.28
CA SER C 940 17.63 -37.55 -23.53
C SER C 940 16.65 -36.43 -23.82
N THR C 941 15.72 -36.15 -22.89
CA THR C 941 14.74 -35.09 -23.08
C THR C 941 15.02 -33.98 -22.08
N ALA C 942 14.67 -32.75 -22.46
CA ALA C 942 14.95 -31.57 -21.65
C ALA C 942 13.73 -31.04 -20.91
N SER C 943 12.55 -31.10 -21.51
CA SER C 943 11.34 -30.53 -20.94
C SER C 943 10.50 -31.55 -20.18
N ALA C 944 11.06 -32.71 -19.86
CA ALA C 944 10.29 -33.75 -19.18
C ALA C 944 9.85 -33.29 -17.79
N LEU C 945 10.72 -32.58 -17.07
CA LEU C 945 10.48 -32.17 -15.68
C LEU C 945 10.02 -30.73 -15.60
N GLY C 946 9.18 -30.29 -16.54
CA GLY C 946 8.79 -28.90 -16.60
C GLY C 946 8.09 -28.42 -15.33
N LYS C 947 7.31 -29.29 -14.69
CA LYS C 947 6.52 -28.84 -13.54
C LYS C 947 7.41 -28.38 -12.39
N LEU C 948 8.36 -29.22 -11.98
CA LEU C 948 9.22 -28.88 -10.85
C LEU C 948 10.10 -27.68 -11.16
N GLN C 949 10.67 -27.64 -12.37
CA GLN C 949 11.49 -26.51 -12.76
C GLN C 949 10.67 -25.23 -12.77
N ASP C 950 9.42 -25.29 -13.24
CA ASP C 950 8.56 -24.12 -13.25
C ASP C 950 8.29 -23.65 -11.82
N VAL C 951 8.01 -24.58 -10.91
CA VAL C 951 7.75 -24.19 -9.53
C VAL C 951 8.98 -23.50 -8.93
N VAL C 952 10.15 -24.09 -9.14
CA VAL C 952 11.38 -23.52 -8.59
C VAL C 952 11.63 -22.15 -9.19
N ASN C 953 11.43 -22.01 -10.50
CA ASN C 953 11.65 -20.73 -11.17
C ASN C 953 10.69 -19.67 -10.64
N GLN C 954 9.42 -20.03 -10.45
CA GLN C 954 8.46 -19.07 -9.91
C GLN C 954 8.88 -18.60 -8.51
N ASN C 955 9.26 -19.55 -7.65
CA ASN C 955 9.67 -19.16 -6.30
C ASN C 955 10.90 -18.26 -6.33
N ALA C 956 11.90 -18.64 -7.12
CA ALA C 956 13.12 -17.86 -7.20
C ALA C 956 12.87 -16.47 -7.76
N GLN C 957 12.02 -16.37 -8.78
CA GLN C 957 11.72 -15.07 -9.38
C GLN C 957 10.94 -14.20 -8.42
N ALA C 958 10.01 -14.78 -7.65
CA ALA C 958 9.31 -14.01 -6.64
C ALA C 958 10.29 -13.47 -5.59
N LEU C 959 11.22 -14.31 -5.14
CA LEU C 959 12.20 -13.85 -4.17
C LEU C 959 13.07 -12.74 -4.77
N ASN C 960 13.49 -12.89 -6.02
CA ASN C 960 14.32 -11.88 -6.66
C ASN C 960 13.57 -10.55 -6.79
N THR C 961 12.29 -10.61 -7.17
CA THR C 961 11.50 -9.39 -7.27
C THR C 961 11.35 -8.73 -5.90
N LEU C 962 11.11 -9.53 -4.86
CA LEU C 962 11.01 -8.96 -3.52
C LEU C 962 12.31 -8.28 -3.11
N VAL C 963 13.44 -8.91 -3.41
CA VAL C 963 14.72 -8.31 -3.07
C VAL C 963 14.93 -7.01 -3.84
N LYS C 964 14.65 -7.02 -5.14
CA LYS C 964 14.88 -5.85 -5.98
C LYS C 964 13.93 -4.70 -5.66
N GLN C 965 12.77 -4.99 -5.07
CA GLN C 965 11.85 -3.91 -4.71
C GLN C 965 12.47 -2.94 -3.72
N LEU C 966 13.49 -3.35 -2.99
CA LEU C 966 14.13 -2.45 -2.04
C LEU C 966 14.80 -1.27 -2.75
N SER C 967 15.43 -1.53 -3.89
CA SER C 967 16.14 -0.48 -4.62
C SER C 967 15.20 0.64 -5.07
N SER C 968 13.89 0.37 -5.15
CA SER C 968 12.94 1.37 -5.58
C SER C 968 12.84 2.49 -4.55
N ASN C 969 12.74 3.73 -5.03
CA ASN C 969 12.60 4.87 -4.14
C ASN C 969 11.18 4.99 -3.58
N PHE C 970 10.18 4.54 -4.34
CA PHE C 970 8.78 4.64 -3.92
C PHE C 970 8.38 6.09 -3.66
N GLY C 971 8.95 7.02 -4.42
CA GLY C 971 8.66 8.43 -4.26
C GLY C 971 9.60 9.17 -3.33
N ALA C 972 10.44 8.47 -2.59
CA ALA C 972 11.41 9.12 -1.71
C ALA C 972 12.59 9.64 -2.53
N ILE C 973 13.38 10.51 -1.90
CA ILE C 973 14.54 11.07 -2.58
C ILE C 973 15.58 9.99 -2.87
N SER C 974 15.63 8.95 -2.04
CA SER C 974 16.57 7.85 -2.24
C SER C 974 16.01 6.61 -1.57
N SER C 975 16.58 5.46 -1.94
CA SER C 975 16.10 4.16 -1.47
C SER C 975 17.01 3.56 -0.39
N VAL C 976 17.84 4.37 0.26
CA VAL C 976 18.73 3.92 1.32
C VAL C 976 18.37 4.67 2.59
N LEU C 977 18.04 3.92 3.65
CA LEU C 977 17.63 4.56 4.90
C LEU C 977 18.74 5.43 5.47
N ASN C 978 19.98 4.93 5.44
CA ASN C 978 21.09 5.72 5.95
C ASN C 978 21.26 7.02 5.17
N ASP C 979 21.13 6.96 3.84
CA ASP C 979 21.24 8.17 3.04
C ASP C 979 20.14 9.16 3.38
N ILE C 980 18.91 8.68 3.57
CA ILE C 980 17.80 9.56 3.94
C ILE C 980 18.08 10.22 5.28
N LEU C 981 18.52 9.43 6.26
CA LEU C 981 18.66 9.95 7.61
C LEU C 981 19.82 10.93 7.71
N SER C 982 20.98 10.59 7.14
CA SER C 982 22.15 11.44 7.27
C SER C 982 21.95 12.79 6.58
N ARG C 983 21.38 12.78 5.38
CA ARG C 983 21.27 14.03 4.63
C ARG C 983 20.21 14.96 5.19
N LEU C 984 19.09 14.40 5.66
CA LEU C 984 17.94 15.20 6.09
C LEU C 984 17.78 15.12 7.60
N ASP C 985 17.38 16.25 8.19
CA ASP C 985 17.07 16.29 9.61
C ASP C 985 15.77 15.54 9.89
N PRO C 986 15.52 15.18 11.15
CA PRO C 986 14.47 14.19 11.46
C PRO C 986 13.11 14.56 10.89
N PRO C 987 12.70 15.83 10.94
CA PRO C 987 11.31 16.15 10.54
C PRO C 987 10.92 15.68 9.15
N GLU C 988 11.80 15.80 8.15
CA GLU C 988 11.48 15.29 6.82
C GLU C 988 11.90 13.84 6.62
N ALA C 989 12.92 13.39 7.36
CA ALA C 989 13.21 11.96 7.38
C ALA C 989 12.00 11.16 7.80
N GLU C 990 11.16 11.73 8.68
CA GLU C 990 9.89 11.08 9.03
C GLU C 990 9.13 10.69 7.78
N VAL C 991 8.79 11.67 6.94
CA VAL C 991 7.95 11.40 5.78
C VAL C 991 8.67 10.52 4.77
N GLN C 992 9.98 10.74 4.59
CA GLN C 992 10.72 9.93 3.62
C GLN C 992 10.72 8.46 4.03
N ILE C 993 11.05 8.19 5.30
CA ILE C 993 11.06 6.81 5.78
C ILE C 993 9.65 6.24 5.78
N ASP C 994 8.64 7.05 6.04
CA ASP C 994 7.26 6.57 5.97
C ASP C 994 6.92 6.12 4.56
N ARG C 995 7.31 6.91 3.56
CA ARG C 995 7.07 6.53 2.17
C ARG C 995 7.77 5.23 1.82
N LEU C 996 9.05 5.12 2.21
CA LEU C 996 9.79 3.89 1.95
C LEU C 996 9.14 2.70 2.63
N ILE C 997 8.71 2.88 3.88
CA ILE C 997 8.07 1.79 4.62
C ILE C 997 6.78 1.37 3.92
N THR C 998 5.99 2.35 3.47
CA THR C 998 4.74 2.02 2.79
C THR C 998 5.01 1.21 1.53
N GLY C 999 5.99 1.65 0.74
CA GLY C 999 6.30 0.92 -0.49
C GLY C 999 6.78 -0.49 -0.23
N ARG C 1000 7.72 -0.64 0.70
CA ARG C 1000 8.25 -1.96 1.01
C ARG C 1000 7.18 -2.86 1.60
N LEU C 1001 6.32 -2.32 2.46
CA LEU C 1001 5.24 -3.10 3.04
C LEU C 1001 4.26 -3.56 1.96
N GLN C 1002 3.94 -2.69 1.01
CA GLN C 1002 3.06 -3.10 -0.09
C GLN C 1002 3.69 -4.22 -0.91
N SER C 1003 4.98 -4.10 -1.21
CA SER C 1003 5.66 -5.16 -1.95
C SER C 1003 5.63 -6.47 -1.18
N LEU C 1004 5.85 -6.41 0.14
CA LEU C 1004 5.86 -7.63 0.94
C LEU C 1004 4.47 -8.23 1.04
N GLN C 1005 3.43 -7.40 1.13
CA GLN C 1005 2.06 -7.91 1.08
C GLN C 1005 1.80 -8.65 -0.23
N THR C 1006 2.23 -8.05 -1.35
CA THR C 1006 2.04 -8.70 -2.64
C THR C 1006 2.77 -10.04 -2.68
N TYR C 1007 4.01 -10.07 -2.20
CA TYR C 1007 4.78 -11.32 -2.18
C TYR C 1007 4.09 -12.38 -1.34
N VAL C 1008 3.58 -12.00 -0.16
CA VAL C 1008 2.94 -12.96 0.71
C VAL C 1008 1.65 -13.50 0.09
N THR C 1009 0.87 -12.63 -0.56
CA THR C 1009 -0.35 -13.09 -1.22
C THR C 1009 -0.02 -14.05 -2.35
N GLN C 1010 0.99 -13.73 -3.15
CA GLN C 1010 1.40 -14.63 -4.22
C GLN C 1010 1.86 -15.97 -3.67
N GLN C 1011 2.62 -15.94 -2.57
CA GLN C 1011 3.08 -17.17 -1.95
C GLN C 1011 1.90 -17.99 -1.44
N LEU C 1012 0.90 -17.33 -0.85
CA LEU C 1012 -0.28 -18.06 -0.37
C LEU C 1012 -1.01 -18.74 -1.53
N ILE C 1013 -1.20 -18.03 -2.63
CA ILE C 1013 -1.91 -18.62 -3.77
C ILE C 1013 -1.12 -19.79 -4.34
N ARG C 1014 0.19 -19.61 -4.51
CA ARG C 1014 1.00 -20.70 -5.05
C ARG C 1014 1.07 -21.87 -4.09
N ALA C 1015 1.02 -21.61 -2.78
CA ALA C 1015 1.00 -22.69 -1.80
C ALA C 1015 -0.31 -23.45 -1.85
N ALA C 1016 -1.42 -22.76 -2.10
CA ALA C 1016 -2.69 -23.45 -2.30
C ALA C 1016 -2.62 -24.35 -3.53
N GLU C 1017 -2.04 -23.84 -4.62
CA GLU C 1017 -1.88 -24.66 -5.81
C GLU C 1017 -1.03 -25.89 -5.53
N ILE C 1018 0.09 -25.70 -4.82
CA ILE C 1018 0.97 -26.80 -4.50
C ILE C 1018 0.28 -27.79 -3.57
N ARG C 1019 -0.56 -27.32 -2.65
CA ARG C 1019 -1.30 -28.22 -1.79
C ARG C 1019 -2.28 -29.07 -2.60
N ALA C 1020 -2.95 -28.47 -3.58
CA ALA C 1020 -3.82 -29.25 -4.44
C ALA C 1020 -3.02 -30.30 -5.21
N SER C 1021 -1.85 -29.91 -5.74
CA SER C 1021 -1.02 -30.87 -6.45
C SER C 1021 -0.57 -32.01 -5.54
N ALA C 1022 -0.19 -31.68 -4.30
CA ALA C 1022 0.25 -32.69 -3.36
C ALA C 1022 -0.89 -33.63 -2.98
N ASN C 1023 -2.10 -33.10 -2.82
CA ASN C 1023 -3.26 -33.95 -2.55
C ASN C 1023 -3.51 -34.90 -3.71
N LEU C 1024 -3.40 -34.40 -4.94
CA LEU C 1024 -3.56 -35.29 -6.10
C LEU C 1024 -2.48 -36.35 -6.12
N ALA C 1025 -1.24 -35.98 -5.80
CA ALA C 1025 -0.15 -36.95 -5.78
C ALA C 1025 -0.39 -38.01 -4.72
N ALA C 1026 -0.85 -37.62 -3.53
CA ALA C 1026 -1.15 -38.58 -2.48
C ALA C 1026 -2.27 -39.51 -2.89
N THR C 1027 -3.31 -38.96 -3.54
CA THR C 1027 -4.40 -39.81 -4.00
C THR C 1027 -3.90 -40.82 -5.02
N LYS C 1028 -3.05 -40.39 -5.95
CA LYS C 1028 -2.49 -41.32 -6.92
C LYS C 1028 -1.65 -42.39 -6.24
N MET C 1029 -0.82 -41.99 -5.26
CA MET C 1029 -0.02 -42.95 -4.53
C MET C 1029 -0.89 -44.00 -3.86
N SER C 1030 -1.99 -43.57 -3.23
CA SER C 1030 -2.88 -44.50 -2.56
C SER C 1030 -3.56 -45.43 -3.56
N GLU C 1031 -4.02 -44.88 -4.69
CA GLU C 1031 -4.84 -45.64 -5.63
C GLU C 1031 -4.05 -46.27 -6.76
N CYS C 1032 -2.88 -45.73 -7.10
CA CYS C 1032 -2.08 -46.27 -8.20
C CYS C 1032 -0.96 -47.18 -7.73
N VAL C 1033 -0.30 -46.86 -6.62
CA VAL C 1033 0.81 -47.66 -6.13
C VAL C 1033 0.34 -48.74 -5.16
N LEU C 1034 -0.51 -48.37 -4.20
CA LEU C 1034 -0.99 -49.30 -3.20
C LEU C 1034 -2.18 -50.14 -3.69
N GLY C 1035 -2.56 -50.01 -4.95
CA GLY C 1035 -3.66 -50.80 -5.47
C GLY C 1035 -3.80 -50.60 -6.96
N GLN C 1036 -4.70 -51.37 -7.56
CA GLN C 1036 -4.99 -51.30 -8.98
C GLN C 1036 -6.24 -50.46 -9.17
N SER C 1037 -6.07 -49.26 -9.72
CA SER C 1037 -7.18 -48.32 -9.89
C SER C 1037 -8.01 -48.70 -11.10
N LYS C 1038 -9.33 -48.70 -10.92
CA LYS C 1038 -10.26 -48.93 -12.02
C LYS C 1038 -10.61 -47.65 -12.76
N ARG C 1039 -10.20 -46.49 -12.24
CA ARG C 1039 -10.54 -45.22 -12.87
C ARG C 1039 -9.80 -45.08 -14.19
N VAL C 1040 -10.47 -44.48 -15.17
CA VAL C 1040 -9.92 -44.37 -16.52
C VAL C 1040 -8.99 -43.17 -16.58
N ASP C 1041 -7.79 -43.38 -17.12
CA ASP C 1041 -6.78 -42.35 -17.34
C ASP C 1041 -6.31 -41.70 -16.04
N PHE C 1042 -6.61 -42.31 -14.89
CA PHE C 1042 -6.11 -41.78 -13.62
C PHE C 1042 -4.66 -42.22 -13.39
N CYS C 1043 -4.43 -43.53 -13.36
CA CYS C 1043 -3.08 -44.08 -13.23
C CYS C 1043 -2.52 -44.43 -14.61
N GLY C 1044 -2.44 -43.41 -15.46
CA GLY C 1044 -1.94 -43.58 -16.81
C GLY C 1044 -3.03 -43.95 -17.80
N LYS C 1045 -2.69 -43.82 -19.07
CA LYS C 1045 -3.62 -44.11 -20.16
C LYS C 1045 -3.58 -45.61 -20.46
N GLY C 1046 -4.75 -46.22 -20.56
CA GLY C 1046 -4.89 -47.64 -20.80
C GLY C 1046 -5.38 -48.37 -19.55
N TYR C 1047 -5.47 -49.69 -19.68
CA TYR C 1047 -5.91 -50.52 -18.57
C TYR C 1047 -4.80 -50.61 -17.53
N HIS C 1048 -5.04 -50.03 -16.36
CA HIS C 1048 -4.01 -49.93 -15.34
C HIS C 1048 -3.63 -51.30 -14.81
N LEU C 1049 -2.33 -51.54 -14.65
CA LEU C 1049 -1.80 -52.74 -14.02
C LEU C 1049 -1.15 -52.46 -12.68
N MET C 1050 -0.27 -51.47 -12.62
CA MET C 1050 0.40 -51.06 -11.39
C MET C 1050 1.16 -49.78 -11.67
N SER C 1051 1.74 -49.21 -10.62
CA SER C 1051 2.53 -47.99 -10.74
C SER C 1051 3.71 -48.08 -9.76
N PHE C 1052 4.76 -47.32 -10.08
CA PHE C 1052 5.99 -47.33 -9.29
C PHE C 1052 6.37 -45.89 -8.96
N PRO C 1053 6.36 -45.49 -7.69
CA PRO C 1053 6.75 -44.12 -7.35
C PRO C 1053 8.25 -43.91 -7.54
N GLN C 1054 8.61 -42.65 -7.79
CA GLN C 1054 10.00 -42.27 -7.94
C GLN C 1054 10.19 -40.88 -7.35
N SER C 1055 11.12 -40.75 -6.41
CA SER C 1055 11.35 -39.48 -5.75
C SER C 1055 11.96 -38.47 -6.71
N ALA C 1056 11.49 -37.24 -6.62
CA ALA C 1056 11.99 -36.11 -7.40
C ALA C 1056 12.15 -34.91 -6.49
N PRO C 1057 13.04 -33.97 -6.85
CA PRO C 1057 13.23 -32.78 -6.00
C PRO C 1057 11.97 -31.94 -5.96
N HIS C 1058 11.39 -31.79 -4.78
CA HIS C 1058 10.15 -31.03 -4.59
C HIS C 1058 9.04 -31.58 -5.48
N GLY C 1059 8.98 -32.89 -5.60
CA GLY C 1059 7.95 -33.51 -6.43
C GLY C 1059 8.05 -35.01 -6.39
N VAL C 1060 7.17 -35.65 -7.14
CA VAL C 1060 7.11 -37.10 -7.24
C VAL C 1060 6.87 -37.50 -8.69
N VAL C 1061 7.37 -38.67 -9.07
CA VAL C 1061 7.23 -39.20 -10.42
C VAL C 1061 6.63 -40.59 -10.32
N PHE C 1062 5.59 -40.84 -11.10
CA PHE C 1062 4.91 -42.13 -11.14
C PHE C 1062 5.15 -42.78 -12.49
N LEU C 1063 5.48 -44.06 -12.48
CA LEU C 1063 5.67 -44.86 -13.69
C LEU C 1063 4.49 -45.83 -13.78
N HIS C 1064 3.43 -45.39 -14.45
CA HIS C 1064 2.22 -46.18 -14.56
C HIS C 1064 2.38 -47.26 -15.62
N VAL C 1065 2.26 -48.51 -15.19
CA VAL C 1065 2.30 -49.66 -16.09
C VAL C 1065 0.87 -50.02 -16.45
N THR C 1066 0.56 -50.05 -17.74
CA THR C 1066 -0.80 -50.26 -18.22
C THR C 1066 -0.81 -51.30 -19.32
N TYR C 1067 -1.96 -51.95 -19.47
CA TYR C 1067 -2.19 -52.96 -20.50
C TYR C 1067 -2.94 -52.31 -21.66
N VAL C 1068 -2.39 -52.44 -22.87
CA VAL C 1068 -2.93 -51.79 -24.06
C VAL C 1068 -3.19 -52.84 -25.13
N PRO C 1069 -4.42 -53.00 -25.63
CA PRO C 1069 -4.63 -53.88 -26.77
C PRO C 1069 -3.81 -53.44 -27.97
N ALA C 1070 -3.30 -54.42 -28.73
CA ALA C 1070 -2.30 -54.16 -29.76
C ALA C 1070 -2.81 -54.43 -31.17
N GLN C 1071 -3.26 -55.65 -31.45
CA GLN C 1071 -3.58 -56.07 -32.82
C GLN C 1071 -5.03 -56.52 -32.89
N GLU C 1072 -5.77 -55.93 -33.81
CA GLU C 1072 -7.20 -56.16 -33.92
C GLU C 1072 -7.51 -57.19 -35.01
N LYS C 1073 -8.76 -57.65 -35.03
CA LYS C 1073 -9.26 -58.53 -36.07
C LYS C 1073 -10.77 -58.46 -36.08
N ASN C 1074 -11.34 -58.24 -37.26
CA ASN C 1074 -12.79 -58.16 -37.38
C ASN C 1074 -13.42 -59.54 -37.28
N PHE C 1075 -14.49 -59.64 -36.48
CA PHE C 1075 -15.24 -60.87 -36.32
C PHE C 1075 -16.73 -60.57 -36.40
N THR C 1076 -17.48 -61.54 -36.90
CA THR C 1076 -18.93 -61.46 -36.88
C THR C 1076 -19.44 -61.94 -35.52
N THR C 1077 -20.32 -61.15 -34.90
CA THR C 1077 -20.80 -61.41 -33.56
C THR C 1077 -22.32 -61.39 -33.54
N ALA C 1078 -22.89 -62.14 -32.59
CA ALA C 1078 -24.32 -62.17 -32.36
C ALA C 1078 -24.60 -62.01 -30.88
N PRO C 1079 -25.72 -61.37 -30.52
CA PRO C 1079 -26.03 -61.20 -29.09
C PRO C 1079 -26.23 -62.50 -28.35
N ALA C 1080 -26.74 -63.53 -29.02
CA ALA C 1080 -27.04 -64.80 -28.38
C ALA C 1080 -27.04 -65.89 -29.45
N ILE C 1081 -27.52 -67.08 -29.09
CA ILE C 1081 -27.54 -68.22 -30.01
C ILE C 1081 -28.77 -69.07 -29.71
N CYS C 1082 -29.37 -69.63 -30.76
CA CYS C 1082 -30.47 -70.58 -30.61
C CYS C 1082 -29.94 -72.00 -30.72
N HIS C 1083 -30.29 -72.84 -29.74
CA HIS C 1083 -29.96 -74.26 -29.78
C HIS C 1083 -31.19 -75.14 -29.88
N ASP C 1084 -32.12 -75.03 -28.94
CA ASP C 1084 -33.35 -75.82 -28.92
C ASP C 1084 -34.53 -74.91 -28.61
N GLY C 1085 -34.59 -73.78 -29.30
CA GLY C 1085 -35.61 -72.79 -28.99
C GLY C 1085 -35.35 -72.00 -27.73
N LYS C 1086 -34.10 -71.97 -27.27
CA LYS C 1086 -33.71 -71.23 -26.07
C LYS C 1086 -32.55 -70.31 -26.41
N ALA C 1087 -32.59 -69.10 -25.88
CA ALA C 1087 -31.52 -68.13 -26.11
C ALA C 1087 -30.34 -68.42 -25.19
N HIS C 1088 -29.13 -68.35 -25.76
CA HIS C 1088 -27.90 -68.61 -25.03
C HIS C 1088 -27.05 -67.35 -25.05
N PHE C 1089 -26.52 -66.97 -23.89
CA PHE C 1089 -25.68 -65.81 -23.75
C PHE C 1089 -24.38 -66.20 -23.07
N PRO C 1090 -23.27 -65.53 -23.38
CA PRO C 1090 -21.99 -65.90 -22.77
C PRO C 1090 -21.95 -65.47 -21.30
N ARG C 1091 -21.50 -66.39 -20.44
CA ARG C 1091 -21.37 -66.07 -19.03
C ARG C 1091 -20.39 -64.92 -18.83
N GLU C 1092 -19.22 -65.01 -19.47
CA GLU C 1092 -18.27 -63.92 -19.53
C GLU C 1092 -17.51 -64.04 -20.84
N GLY C 1093 -17.51 -62.96 -21.63
CA GLY C 1093 -16.91 -62.97 -22.95
C GLY C 1093 -17.90 -62.45 -23.97
N VAL C 1094 -17.71 -62.89 -25.22
CA VAL C 1094 -18.56 -62.46 -26.32
C VAL C 1094 -18.53 -63.52 -27.40
N PHE C 1095 -19.66 -63.68 -28.10
CA PHE C 1095 -19.72 -64.59 -29.23
C PHE C 1095 -19.06 -63.95 -30.45
N VAL C 1096 -18.15 -64.68 -31.08
CA VAL C 1096 -17.48 -64.25 -32.30
C VAL C 1096 -17.57 -65.37 -33.32
N SER C 1097 -17.34 -65.01 -34.58
CA SER C 1097 -17.47 -65.97 -35.68
C SER C 1097 -16.39 -65.68 -36.71
N ASN C 1098 -15.47 -66.62 -36.88
CA ASN C 1098 -14.63 -66.62 -38.06
C ASN C 1098 -15.50 -66.90 -39.28
N GLY C 1099 -14.86 -66.95 -40.44
CA GLY C 1099 -15.58 -67.13 -41.69
C GLY C 1099 -16.69 -68.16 -41.65
N THR C 1100 -16.49 -69.25 -40.90
CA THR C 1100 -17.45 -70.35 -40.87
C THR C 1100 -18.02 -70.62 -39.48
N HIS C 1101 -17.18 -70.79 -38.47
CA HIS C 1101 -17.60 -71.30 -37.17
C HIS C 1101 -17.85 -70.16 -36.18
N TRP C 1102 -18.43 -70.54 -35.04
CA TRP C 1102 -18.73 -69.64 -33.95
C TRP C 1102 -17.95 -70.05 -32.71
N PHE C 1103 -17.50 -69.06 -31.93
CA PHE C 1103 -16.77 -69.31 -30.71
C PHE C 1103 -17.09 -68.21 -29.70
N VAL C 1104 -16.81 -68.51 -28.43
CA VAL C 1104 -16.96 -67.55 -27.34
C VAL C 1104 -15.56 -67.23 -26.83
N THR C 1105 -15.23 -65.94 -26.79
CA THR C 1105 -13.89 -65.49 -26.45
C THR C 1105 -13.96 -64.43 -25.37
N GLN C 1106 -12.79 -64.06 -24.85
CA GLN C 1106 -12.71 -63.01 -23.85
C GLN C 1106 -13.01 -61.65 -24.48
N ARG C 1107 -13.34 -60.69 -23.63
CA ARG C 1107 -13.71 -59.36 -24.10
C ARG C 1107 -12.49 -58.51 -24.45
N ASN C 1108 -11.29 -58.88 -24.00
CA ASN C 1108 -10.09 -58.10 -24.21
C ASN C 1108 -8.95 -58.90 -24.80
N PHE C 1109 -9.20 -60.12 -25.27
CA PHE C 1109 -8.16 -60.95 -25.87
C PHE C 1109 -8.78 -62.11 -26.63
N TYR C 1110 -8.34 -62.34 -27.86
CA TYR C 1110 -8.94 -63.35 -28.72
C TYR C 1110 -8.47 -64.74 -28.26
N GLU C 1111 -9.33 -65.43 -27.52
CA GLU C 1111 -9.09 -66.82 -27.11
C GLU C 1111 -10.35 -67.62 -27.40
N PRO C 1112 -10.61 -67.93 -28.67
CA PRO C 1112 -11.86 -68.60 -29.02
C PRO C 1112 -11.97 -69.97 -28.37
N GLN C 1113 -13.21 -70.33 -28.03
CA GLN C 1113 -13.51 -71.62 -27.42
C GLN C 1113 -14.85 -72.11 -27.94
N ILE C 1114 -15.04 -73.43 -27.86
CA ILE C 1114 -16.28 -74.04 -28.33
C ILE C 1114 -17.43 -73.60 -27.44
N ILE C 1115 -18.57 -73.32 -28.07
CA ILE C 1115 -19.77 -72.92 -27.34
C ILE C 1115 -20.28 -74.13 -26.57
N THR C 1116 -20.17 -74.10 -25.24
CA THR C 1116 -20.61 -75.18 -24.39
C THR C 1116 -21.58 -74.63 -23.34
N THR C 1117 -22.28 -75.56 -22.67
CA THR C 1117 -23.20 -75.17 -21.61
C THR C 1117 -22.49 -74.45 -20.47
N ASP C 1118 -21.22 -74.77 -20.23
CA ASP C 1118 -20.46 -74.08 -19.20
C ASP C 1118 -20.16 -72.63 -19.59
N ASN C 1119 -19.90 -72.39 -20.88
CA ASN C 1119 -19.54 -71.05 -21.32
C ASN C 1119 -20.74 -70.12 -21.40
N THR C 1120 -21.95 -70.65 -21.54
CA THR C 1120 -23.14 -69.83 -21.77
C THR C 1120 -24.23 -70.21 -20.79
N PHE C 1121 -25.13 -69.26 -20.54
CA PHE C 1121 -26.30 -69.47 -19.72
C PHE C 1121 -27.56 -69.22 -20.56
N VAL C 1122 -28.62 -69.95 -20.23
CA VAL C 1122 -29.85 -69.96 -21.01
C VAL C 1122 -30.84 -68.96 -20.40
N SER C 1123 -31.73 -68.45 -21.25
CA SER C 1123 -32.75 -67.51 -20.80
C SER C 1123 -33.89 -67.51 -21.80
N GLY C 1124 -35.06 -67.98 -21.36
CA GLY C 1124 -36.26 -67.98 -22.18
C GLY C 1124 -36.06 -68.57 -23.56
N ASN C 1125 -36.92 -68.20 -24.50
CA ASN C 1125 -36.83 -68.63 -25.89
C ASN C 1125 -36.25 -67.50 -26.74
N CYS C 1126 -35.74 -67.87 -27.90
CA CYS C 1126 -35.00 -66.94 -28.75
C CYS C 1126 -35.84 -66.40 -29.90
N ASP C 1127 -37.14 -66.19 -29.68
CA ASP C 1127 -37.96 -65.40 -30.59
C ASP C 1127 -38.13 -63.97 -30.09
N VAL C 1128 -37.41 -63.60 -29.04
CA VAL C 1128 -37.49 -62.27 -28.46
C VAL C 1128 -36.23 -61.45 -28.72
N VAL C 1129 -35.06 -62.08 -28.65
CA VAL C 1129 -33.81 -61.37 -28.91
C VAL C 1129 -33.74 -60.97 -30.37
N ILE C 1130 -33.08 -59.84 -30.63
CA ILE C 1130 -32.93 -59.29 -31.97
C ILE C 1130 -31.53 -59.61 -32.45
N GLY C 1131 -31.43 -60.26 -33.61
CA GLY C 1131 -30.15 -60.60 -34.20
C GLY C 1131 -29.58 -61.94 -33.79
N ILE C 1132 -30.35 -62.77 -33.08
CA ILE C 1132 -29.84 -64.07 -32.66
C ILE C 1132 -29.59 -64.95 -33.88
N VAL C 1133 -28.67 -65.90 -33.73
CA VAL C 1133 -28.22 -66.76 -34.82
C VAL C 1133 -28.30 -68.21 -34.37
N ASN C 1134 -28.79 -69.07 -35.25
CA ASN C 1134 -28.91 -70.49 -34.94
C ASN C 1134 -27.52 -71.14 -34.89
N ASN C 1135 -27.33 -72.05 -33.94
CA ASN C 1135 -26.09 -72.79 -33.83
C ASN C 1135 -26.25 -73.86 -32.75
N THR C 1136 -25.35 -74.84 -32.79
CA THR C 1136 -25.34 -75.90 -31.79
C THR C 1136 -24.57 -75.47 -30.55
N VAL C 1137 -25.07 -75.87 -29.39
CA VAL C 1137 -24.41 -75.64 -28.11
C VAL C 1137 -23.93 -76.99 -27.61
N TYR C 1138 -22.61 -77.15 -27.51
CA TYR C 1138 -22.04 -78.44 -27.17
C TYR C 1138 -22.27 -78.77 -25.69
N ASP C 1139 -22.49 -80.05 -25.40
CA ASP C 1139 -22.75 -80.51 -24.04
C ASP C 1139 -21.55 -81.29 -23.53
N PRO C 1140 -20.81 -80.80 -22.53
CA PRO C 1140 -19.67 -81.57 -22.02
C PRO C 1140 -20.04 -82.91 -21.43
N LEU C 1141 -21.30 -83.09 -20.99
CA LEU C 1141 -21.68 -84.34 -20.33
C LEU C 1141 -21.83 -85.48 -21.33
N GLN C 1142 -22.17 -85.17 -22.58
CA GLN C 1142 -22.47 -86.23 -23.55
C GLN C 1142 -21.29 -87.18 -23.75
N PRO C 1143 -20.08 -86.73 -24.06
CA PRO C 1143 -18.99 -87.70 -24.30
C PRO C 1143 -18.70 -88.60 -23.10
N GLU C 1144 -18.78 -88.07 -21.88
CA GLU C 1144 -18.51 -88.88 -20.71
C GLU C 1144 -19.67 -89.81 -20.38
N LEU C 1145 -20.90 -89.41 -20.72
CA LEU C 1145 -22.04 -90.30 -20.50
C LEU C 1145 -21.97 -91.52 -21.41
N ASP C 1146 -21.35 -91.39 -22.58
CA ASP C 1146 -21.23 -92.53 -23.48
C ASP C 1146 -20.41 -93.64 -22.85
N SER C 1147 -19.31 -93.29 -22.19
CA SER C 1147 -18.45 -94.29 -21.55
C SER C 1147 -19.08 -94.79 -20.26
N HIS D 1 30.50 28.30 -11.62
CA HIS D 1 30.51 29.72 -11.18
C HIS D 1 30.40 29.82 -9.66
N VAL D 2 31.47 30.28 -9.02
CA VAL D 2 31.49 30.42 -7.57
C VAL D 2 30.83 31.74 -7.19
N GLN D 3 29.87 31.68 -6.28
CA GLN D 3 29.11 32.85 -5.85
C GLN D 3 29.12 32.94 -4.33
N LEU D 4 29.21 34.17 -3.81
CA LEU D 4 29.19 34.44 -2.39
C LEU D 4 28.06 35.41 -2.08
N VAL D 5 27.31 35.11 -1.01
CA VAL D 5 26.17 35.92 -0.60
C VAL D 5 26.34 36.26 0.88
N GLU D 6 26.21 37.55 1.20
CA GLU D 6 26.34 38.04 2.57
C GLU D 6 24.96 38.21 3.21
N SER D 7 24.97 38.38 4.53
CA SER D 7 23.75 38.61 5.29
C SER D 7 24.13 38.96 6.72
N GLY D 8 23.16 39.51 7.45
CA GLY D 8 23.34 39.85 8.84
C GLY D 8 23.68 41.30 9.12
N GLY D 9 23.70 42.16 8.11
CA GLY D 9 24.01 43.56 8.31
C GLY D 9 22.83 44.34 8.86
N GLY D 10 23.10 45.60 9.16
CA GLY D 10 22.09 46.49 9.69
C GLY D 10 22.73 47.60 10.50
N LEU D 11 21.91 48.23 11.33
CA LEU D 11 22.34 49.34 12.19
C LEU D 11 22.45 48.85 13.62
N VAL D 12 23.59 49.10 14.25
CA VAL D 12 23.85 48.70 15.63
C VAL D 12 24.56 49.85 16.33
N GLN D 13 23.96 50.38 17.38
CA GLN D 13 24.56 51.50 18.10
C GLN D 13 25.79 51.02 18.86
N PRO D 14 26.68 51.94 19.25
CA PRO D 14 27.92 51.53 19.92
C PRO D 14 27.62 50.72 21.18
N GLY D 15 28.46 49.71 21.42
CA GLY D 15 28.29 48.82 22.55
C GLY D 15 27.50 47.57 22.26
N GLY D 16 26.88 47.47 21.08
CA GLY D 16 26.11 46.29 20.72
C GLY D 16 26.99 45.22 20.06
N SER D 17 26.32 44.14 19.64
CA SER D 17 26.98 43.03 18.99
C SER D 17 26.13 42.57 17.81
N LEU D 18 26.80 41.97 16.81
CA LEU D 18 26.13 41.48 15.62
C LEU D 18 26.80 40.20 15.14
N ARG D 19 26.11 39.50 14.26
CA ARG D 19 26.61 38.28 13.63
C ARG D 19 26.44 38.41 12.12
N LEU D 20 27.56 38.52 11.41
CA LEU D 20 27.55 38.56 9.95
C LEU D 20 27.86 37.16 9.40
N SER D 21 27.15 36.79 8.34
CA SER D 21 27.30 35.48 7.74
C SER D 21 27.42 35.61 6.24
N CYS D 22 28.21 34.70 5.65
CA CYS D 22 28.35 34.61 4.20
C CYS D 22 28.35 33.14 3.81
N ALA D 23 27.61 32.82 2.75
CA ALA D 23 27.51 31.46 2.23
C ALA D 23 28.21 31.38 0.88
N ALA D 24 29.05 30.37 0.71
CA ALA D 24 29.81 30.18 -0.52
C ALA D 24 29.34 28.90 -1.21
N SER D 25 29.18 28.99 -2.53
CA SER D 25 28.73 27.87 -3.33
C SER D 25 29.46 27.87 -4.66
N GLY D 26 29.53 26.70 -5.29
CA GLY D 26 30.17 26.55 -6.58
C GLY D 26 31.16 25.40 -6.62
N ARG D 27 31.89 25.19 -5.53
CA ARG D 27 32.87 24.12 -5.46
C ARG D 27 33.27 23.94 -4.00
N SER D 28 33.99 22.85 -3.73
CA SER D 28 34.45 22.57 -2.39
C SER D 28 35.48 23.62 -1.96
N PHE D 29 35.45 23.96 -0.67
CA PHE D 29 36.32 24.98 -0.11
C PHE D 29 37.21 24.40 1.00
N ASN D 30 37.52 23.11 0.92
CA ASN D 30 38.39 22.51 1.94
C ASN D 30 39.77 23.12 1.92
N SER D 31 40.32 23.37 0.73
CA SER D 31 41.64 23.96 0.57
C SER D 31 41.60 25.46 0.34
N TYR D 32 40.52 26.12 0.77
CA TYR D 32 40.35 27.55 0.61
C TYR D 32 40.36 28.24 1.96
N LEU D 33 40.91 29.45 1.99
CA LEU D 33 40.86 30.30 3.18
C LEU D 33 39.71 31.29 3.03
N MET D 34 38.87 31.38 4.06
CA MET D 34 37.67 32.20 4.04
C MET D 34 37.83 33.33 5.05
N GLY D 35 37.58 34.56 4.59
CA GLY D 35 37.76 35.72 5.43
C GLY D 35 36.79 36.83 5.07
N TRP D 36 36.93 37.95 5.78
CA TRP D 36 36.07 39.11 5.61
C TRP D 36 36.92 40.36 5.39
N PHE D 37 36.37 41.29 4.61
CA PHE D 37 36.97 42.60 4.38
C PHE D 37 35.90 43.67 4.55
N ARG D 38 36.32 44.87 4.96
CA ARG D 38 35.40 45.98 5.12
C ARG D 38 35.98 47.23 4.46
N GLN D 39 35.08 48.13 4.05
CA GLN D 39 35.47 49.39 3.42
C GLN D 39 34.48 50.46 3.85
N ALA D 40 34.94 51.42 4.66
CA ALA D 40 34.07 52.51 5.09
C ALA D 40 33.90 53.52 3.96
N PRO D 41 32.78 54.24 3.92
CA PRO D 41 32.62 55.28 2.90
C PRO D 41 33.75 56.31 2.97
N GLY D 42 34.27 56.67 1.80
CA GLY D 42 35.36 57.62 1.72
C GLY D 42 36.71 57.08 2.13
N LYS D 43 36.82 55.78 2.36
CA LYS D 43 38.07 55.16 2.79
C LYS D 43 38.31 53.89 1.98
N GLU D 44 39.60 53.53 1.87
CA GLU D 44 39.97 52.35 1.11
C GLU D 44 39.58 51.07 1.87
N ARG D 45 39.38 50.00 1.11
CA ARG D 45 39.02 48.72 1.70
C ARG D 45 40.18 48.20 2.56
N GLU D 46 39.83 47.56 3.67
CA GLU D 46 40.82 47.06 4.62
C GLU D 46 40.48 45.61 4.99
N PHE D 47 41.54 44.84 5.22
CA PHE D 47 41.37 43.44 5.61
C PHE D 47 40.92 43.33 7.06
N VAL D 48 39.91 42.49 7.31
CA VAL D 48 39.36 42.32 8.64
C VAL D 48 39.93 41.07 9.30
N ALA D 49 39.67 39.91 8.69
CA ALA D 49 40.10 38.64 9.27
C ALA D 49 39.94 37.55 8.23
N TRP D 50 40.66 36.44 8.45
CA TRP D 50 40.50 35.24 7.63
C TRP D 50 40.75 34.02 8.51
N ILE D 51 40.16 32.90 8.11
CA ILE D 51 40.32 31.64 8.83
C ILE D 51 40.41 30.52 7.81
N SER D 52 41.12 29.45 8.19
CA SER D 52 41.34 28.31 7.32
C SER D 52 40.33 27.21 7.61
N GLY D 53 39.94 26.49 6.56
CA GLY D 53 39.03 25.37 6.66
C GLY D 53 39.68 24.05 6.95
N SER D 54 40.99 24.03 7.21
CA SER D 54 41.69 22.80 7.50
C SER D 54 41.30 22.29 8.88
N PRO D 55 41.58 21.01 9.19
CA PRO D 55 41.26 20.49 10.52
C PRO D 55 41.85 21.32 11.64
N HIS D 56 43.06 21.84 11.46
CA HIS D 56 43.65 22.81 12.38
C HIS D 56 43.27 24.21 11.91
N ASP D 57 42.50 24.93 12.72
CA ASP D 57 41.94 26.22 12.34
C ASP D 57 43.00 27.29 12.55
N ILE D 58 43.54 27.81 11.46
CA ILE D 58 44.46 28.94 11.50
C ILE D 58 43.66 30.22 11.31
N ILE D 59 43.79 31.15 12.26
CA ILE D 59 42.91 32.31 12.36
C ILE D 59 43.75 33.57 12.51
N ARG D 60 43.29 34.66 11.90
CA ARG D 60 43.98 35.94 11.92
C ARG D 60 42.99 37.10 12.01
N TYR D 61 43.49 38.24 12.48
CA TYR D 61 42.71 39.45 12.63
C TYR D 61 43.62 40.64 12.36
N ARG D 62 43.02 41.75 11.95
CA ARG D 62 43.77 42.99 11.81
C ARG D 62 44.06 43.58 13.20
N ASP D 63 45.09 44.42 13.25
CA ASP D 63 45.54 44.96 14.54
C ASP D 63 44.42 45.67 15.26
N SER D 64 43.61 46.46 14.54
CA SER D 64 42.54 47.21 15.19
C SER D 64 41.42 46.29 15.69
N VAL D 65 41.20 45.17 15.01
CA VAL D 65 40.08 44.29 15.34
C VAL D 65 40.54 43.11 16.20
N LYS D 66 41.67 43.22 16.87
CA LYS D 66 42.11 42.17 17.78
C LYS D 66 41.26 42.20 19.06
N ASP D 67 40.83 41.02 19.49
CA ASP D 67 40.10 40.79 20.74
C ASP D 67 38.68 41.35 20.74
N ARG D 68 38.24 41.99 19.66
CA ARG D 68 36.88 42.50 19.58
C ARG D 68 36.06 41.89 18.45
N PHE D 69 36.68 41.46 17.36
CA PHE D 69 36.01 40.77 16.27
C PHE D 69 36.47 39.32 16.22
N THR D 70 35.52 38.42 16.02
CA THR D 70 35.81 36.99 15.94
C THR D 70 35.25 36.43 14.63
N ILE D 71 36.00 35.51 14.03
CA ILE D 71 35.65 34.91 12.75
C ILE D 71 35.72 33.40 12.90
N SER D 72 34.72 32.71 12.34
CA SER D 72 34.67 31.25 12.35
C SER D 72 34.02 30.78 11.06
N ARG D 73 34.17 29.49 10.77
CA ARG D 73 33.66 28.93 9.53
C ARG D 73 33.15 27.52 9.79
N ASP D 74 32.27 27.06 8.90
CA ASP D 74 31.75 25.69 8.92
C ASP D 74 31.95 25.09 7.55
N ASN D 75 32.80 24.07 7.47
CA ASN D 75 33.10 23.45 6.18
C ASN D 75 31.93 22.62 5.66
N ALA D 76 31.08 22.10 6.55
CA ALA D 76 29.93 21.33 6.10
C ALA D 76 28.99 22.18 5.27
N LYS D 77 28.73 23.41 5.69
CA LYS D 77 27.86 24.32 4.97
C LYS D 77 28.63 25.32 4.11
N ASN D 78 29.96 25.28 4.14
CA ASN D 78 30.78 26.26 3.42
C ASN D 78 30.37 27.68 3.78
N THR D 79 30.13 27.90 5.07
CA THR D 79 29.66 29.18 5.58
C THR D 79 30.66 29.74 6.58
N VAL D 80 30.77 31.06 6.62
CA VAL D 80 31.66 31.76 7.54
C VAL D 80 30.82 32.68 8.41
N TYR D 81 31.05 32.62 9.71
CA TYR D 81 30.34 33.43 10.69
C TYR D 81 31.31 34.40 11.35
N LEU D 82 30.91 35.66 11.43
CA LEU D 82 31.77 36.73 11.95
C LEU D 82 31.03 37.42 13.09
N GLN D 83 31.67 37.49 14.25
CA GLN D 83 31.04 38.06 15.44
C GLN D 83 31.59 39.46 15.69
N MET D 84 30.70 40.44 15.79
CA MET D 84 31.04 41.80 16.17
C MET D 84 30.74 41.97 17.66
N ASN D 85 31.75 42.38 18.43
CA ASN D 85 31.60 42.63 19.85
C ASN D 85 32.22 43.99 20.19
N SER D 86 31.54 44.74 21.06
CA SER D 86 31.99 46.06 21.47
C SER D 86 32.22 46.96 20.25
N LEU D 87 31.20 47.06 19.41
CA LEU D 87 31.29 47.86 18.21
C LEU D 87 31.34 49.35 18.55
N LYS D 88 32.17 50.08 17.80
CA LYS D 88 32.29 51.53 17.90
C LYS D 88 31.87 52.18 16.59
N PRO D 89 31.61 53.49 16.60
CA PRO D 89 31.22 54.16 15.35
C PRO D 89 32.23 53.99 14.24
N VAL D 90 33.51 53.81 14.57
CA VAL D 90 34.54 53.63 13.55
C VAL D 90 34.29 52.37 12.72
N ASP D 91 33.48 51.45 13.21
CA ASP D 91 33.21 50.20 12.51
C ASP D 91 32.19 50.34 11.40
N THR D 92 31.56 51.51 11.25
CA THR D 92 30.59 51.71 10.18
C THR D 92 31.28 51.57 8.83
N ALA D 93 30.83 50.59 8.04
CA ALA D 93 31.44 50.30 6.75
C ALA D 93 30.64 49.20 6.06
N VAL D 94 30.96 48.97 4.80
CA VAL D 94 30.39 47.86 4.03
C VAL D 94 31.33 46.68 4.16
N TYR D 95 30.82 45.54 4.62
CA TYR D 95 31.62 44.35 4.88
C TYR D 95 31.38 43.32 3.78
N TYR D 96 32.47 42.77 3.26
CA TYR D 96 32.42 41.77 2.20
C TYR D 96 33.10 40.49 2.68
N CYS D 97 32.68 39.37 2.07
CA CYS D 97 33.22 38.06 2.36
C CYS D 97 33.99 37.56 1.14
N ALA D 98 35.16 36.98 1.38
CA ALA D 98 36.08 36.61 0.32
C ALA D 98 36.50 35.15 0.46
N VAL D 99 36.58 34.46 -0.67
CA VAL D 99 37.14 33.12 -0.77
C VAL D 99 38.46 33.23 -1.52
N GLY D 100 39.52 32.70 -0.92
CA GLY D 100 40.85 32.84 -1.49
C GLY D 100 41.73 31.63 -1.19
N SER D 101 42.93 31.66 -1.75
CA SER D 101 43.92 30.61 -1.57
C SER D 101 45.08 31.11 -0.73
N LEU D 102 45.89 30.17 -0.25
CA LEU D 102 47.04 30.47 0.59
C LEU D 102 48.29 30.45 -0.31
N ARG D 103 48.66 31.63 -0.81
CA ARG D 103 49.81 31.78 -1.68
C ARG D 103 50.96 32.43 -0.91
N VAL D 104 52.09 31.73 -0.85
CA VAL D 104 53.28 32.24 -0.17
C VAL D 104 52.94 32.54 1.28
N GLY D 105 51.98 31.80 1.82
CA GLY D 105 51.59 31.99 3.21
C GLY D 105 50.72 33.20 3.47
N SER D 106 50.23 33.86 2.43
CA SER D 106 49.39 35.04 2.57
C SER D 106 48.02 34.77 1.97
N PHE D 107 46.97 35.20 2.66
CA PHE D 107 45.61 35.00 2.20
C PHE D 107 45.38 35.84 0.95
N SER D 108 45.13 35.17 -0.18
CA SER D 108 44.91 35.83 -1.47
C SER D 108 43.48 35.63 -1.91
N PRO D 109 42.60 36.62 -1.77
CA PRO D 109 41.21 36.44 -2.19
C PRO D 109 41.09 36.07 -3.65
N ASP D 110 40.13 35.19 -3.95
CA ASP D 110 39.84 34.77 -5.31
C ASP D 110 38.42 35.07 -5.75
N TYR D 111 37.43 34.87 -4.87
CA TYR D 111 36.03 35.14 -5.15
C TYR D 111 35.48 36.11 -4.12
N TRP D 112 34.64 37.03 -4.59
CA TRP D 112 34.05 38.06 -3.74
C TRP D 112 32.54 38.06 -3.92
N GLY D 113 31.85 38.53 -2.89
CA GLY D 113 30.41 38.66 -2.89
C GLY D 113 29.96 40.07 -3.23
N GLN D 114 28.78 40.44 -2.74
CA GLN D 114 28.22 41.77 -2.98
C GLN D 114 28.40 42.70 -1.79
N GLY D 115 28.46 42.18 -0.58
CA GLY D 115 28.67 42.98 0.61
C GLY D 115 27.37 43.40 1.27
N THR D 116 27.47 43.69 2.57
CA THR D 116 26.34 44.16 3.36
C THR D 116 26.77 45.34 4.21
N GLN D 117 25.86 46.28 4.40
CA GLN D 117 26.14 47.48 5.16
C GLN D 117 25.99 47.21 6.66
N VAL D 118 26.99 47.62 7.43
CA VAL D 118 26.97 47.54 8.88
C VAL D 118 27.24 48.94 9.40
N THR D 119 26.18 49.62 9.86
CA THR D 119 26.29 50.98 10.35
C THR D 119 26.32 50.98 11.87
N VAL D 120 27.18 51.83 12.44
CA VAL D 120 27.32 51.95 13.89
C VAL D 120 27.10 53.42 14.24
N SER D 121 25.94 53.74 14.79
CA SER D 121 25.61 55.09 15.22
C SER D 121 24.39 55.02 16.12
N SER D 122 24.26 56.00 17.00
CA SER D 122 23.14 56.06 17.94
C SER D 122 21.82 56.11 17.19
N HIS E 1 12.76 19.32 25.77
CA HIS E 1 13.28 20.71 25.74
C HIS E 1 12.28 21.65 25.06
N VAL E 2 12.45 22.95 25.31
CA VAL E 2 11.56 23.97 24.79
C VAL E 2 12.37 24.96 23.97
N GLN E 3 11.87 25.28 22.77
CA GLN E 3 12.55 26.19 21.86
C GLN E 3 11.58 27.25 21.36
N LEU E 4 12.11 28.45 21.14
CA LEU E 4 11.36 29.57 20.58
C LEU E 4 12.02 30.01 19.29
N VAL E 5 11.23 30.11 18.22
CA VAL E 5 11.73 30.46 16.90
C VAL E 5 10.96 31.70 16.42
N GLU E 6 11.69 32.73 16.00
CA GLU E 6 11.09 33.96 15.52
C GLU E 6 10.95 33.93 14.00
N SER E 7 10.18 34.89 13.48
CA SER E 7 9.97 35.01 12.04
C SER E 7 9.23 36.30 11.77
N GLY E 8 9.46 36.85 10.57
CA GLY E 8 8.81 38.07 10.15
C GLY E 8 9.63 39.33 10.27
N GLY E 9 10.92 39.23 10.58
CA GLY E 9 11.76 40.40 10.74
C GLY E 9 12.05 41.09 9.43
N GLY E 10 12.63 42.27 9.54
CA GLY E 10 12.97 43.08 8.40
C GLY E 10 13.05 44.54 8.79
N LEU E 11 12.71 45.42 7.85
CA LEU E 11 12.73 46.86 8.07
C LEU E 11 11.49 47.47 7.48
N VAL E 12 10.86 48.39 8.23
CA VAL E 12 9.61 49.02 7.82
C VAL E 12 9.77 50.53 7.98
N GLN E 13 8.99 51.27 7.19
CA GLN E 13 9.05 52.73 7.23
C GLN E 13 8.41 53.26 8.51
N PRO E 14 8.70 54.49 8.88
CA PRO E 14 7.90 55.16 9.92
C PRO E 14 6.46 55.29 9.47
N GLY E 15 5.54 54.76 10.27
CA GLY E 15 4.14 54.76 9.93
C GLY E 15 3.66 53.53 9.19
N GLY E 16 4.56 52.65 8.77
CA GLY E 16 4.19 51.40 8.11
C GLY E 16 4.16 50.25 9.10
N SER E 17 3.13 49.42 8.99
CA SER E 17 2.89 48.36 9.95
C SER E 17 3.70 47.10 9.59
N LEU E 18 3.75 46.17 10.54
CA LEU E 18 4.51 44.94 10.40
C LEU E 18 3.96 43.93 11.39
N ARG E 19 4.44 42.69 11.30
CA ARG E 19 4.06 41.64 12.23
C ARG E 19 5.22 40.68 12.44
N LEU E 20 5.56 40.44 13.72
CA LEU E 20 6.55 39.45 14.11
C LEU E 20 5.87 38.37 14.93
N SER E 21 6.12 37.11 14.58
CA SER E 21 5.53 35.96 15.26
C SER E 21 6.63 35.00 15.68
N CYS E 22 6.51 34.46 16.89
CA CYS E 22 7.47 33.50 17.42
C CYS E 22 6.71 32.28 17.94
N ALA E 23 6.98 31.12 17.37
CA ALA E 23 6.32 29.89 17.77
C ALA E 23 7.10 29.21 18.89
N ALA E 24 6.38 28.66 19.85
CA ALA E 24 6.95 27.96 20.99
C ALA E 24 6.56 26.49 20.92
N SER E 25 7.56 25.61 21.04
CA SER E 25 7.34 24.17 20.93
C SER E 25 7.88 23.49 22.18
N GLY E 26 7.88 22.16 22.16
CA GLY E 26 8.39 21.38 23.26
C GLY E 26 7.33 21.01 24.28
N ARG E 27 6.77 22.01 24.95
CA ARG E 27 5.74 21.78 25.96
C ARG E 27 4.53 22.66 25.70
N SER E 28 3.57 22.63 26.62
CA SER E 28 2.39 23.49 26.55
C SER E 28 2.61 24.74 27.39
N PHE E 29 1.94 25.82 27.00
CA PHE E 29 2.13 27.13 27.64
C PHE E 29 0.78 27.79 27.91
N ASN E 30 -0.21 26.97 28.31
CA ASN E 30 -1.50 27.52 28.69
C ASN E 30 -1.47 28.19 30.06
N SER E 31 -0.57 27.76 30.94
CA SER E 31 -0.36 28.41 32.23
C SER E 31 0.73 29.49 32.16
N TYR E 32 1.26 29.75 30.97
CA TYR E 32 2.33 30.72 30.77
C TYR E 32 1.75 32.03 30.25
N LEU E 33 2.64 32.98 29.97
CA LEU E 33 2.29 34.21 29.29
C LEU E 33 3.19 34.38 28.08
N MET E 34 2.58 34.54 26.90
CA MET E 34 3.32 34.76 25.67
C MET E 34 3.66 36.25 25.56
N GLY E 35 4.93 36.55 25.29
CA GLY E 35 5.36 37.93 25.30
C GLY E 35 6.54 38.20 24.39
N TRP E 36 6.84 39.49 24.25
CA TRP E 36 7.90 40.00 23.39
C TRP E 36 8.71 41.04 24.15
N PHE E 37 10.01 41.09 23.85
CA PHE E 37 10.91 42.14 24.32
C PHE E 37 11.71 42.66 23.14
N ARG E 38 12.09 43.93 23.22
CA ARG E 38 12.89 44.56 22.17
C ARG E 38 14.12 45.18 22.79
N GLN E 39 15.24 45.09 22.08
CA GLN E 39 16.52 45.66 22.52
C GLN E 39 17.05 46.55 21.41
N ALA E 40 16.88 47.86 21.59
CA ALA E 40 17.48 48.81 20.67
C ALA E 40 18.99 48.65 20.74
N PRO E 41 19.69 48.42 19.63
CA PRO E 41 21.14 48.20 19.69
C PRO E 41 21.86 49.21 20.57
N GLY E 42 22.86 48.74 21.33
CA GLY E 42 23.60 49.60 22.23
C GLY E 42 22.88 49.94 23.52
N LYS E 43 21.72 49.34 23.78
CA LYS E 43 20.95 49.63 24.97
C LYS E 43 20.53 48.35 25.67
N GLU E 44 19.68 48.46 26.69
CA GLU E 44 19.22 47.31 27.46
C GLU E 44 17.85 46.88 26.94
N ARG E 45 17.69 45.58 26.74
CA ARG E 45 16.44 45.04 26.20
C ARG E 45 15.25 45.53 27.00
N GLU E 46 14.32 46.20 26.30
CA GLU E 46 13.13 46.76 26.93
C GLU E 46 11.92 45.89 26.62
N PHE E 47 11.03 45.80 27.60
CA PHE E 47 9.75 45.11 27.41
C PHE E 47 9.01 45.67 26.19
N VAL E 48 8.17 44.82 25.60
CA VAL E 48 7.30 45.24 24.49
C VAL E 48 5.85 44.95 24.86
N ALA E 49 5.52 43.68 25.08
CA ALA E 49 4.15 43.29 25.39
C ALA E 49 4.13 41.81 25.74
N TRP E 50 3.15 41.42 26.55
CA TRP E 50 2.92 40.01 26.86
C TRP E 50 1.42 39.77 26.95
N ILE E 51 1.03 38.52 26.66
CA ILE E 51 -0.37 38.10 26.68
C ILE E 51 -0.44 36.72 27.32
N SER E 52 -1.47 36.51 28.15
CA SER E 52 -1.67 35.23 28.80
C SER E 52 -2.57 34.33 27.97
N GLY E 53 -2.38 33.02 28.14
CA GLY E 53 -3.21 32.02 27.48
C GLY E 53 -4.36 31.55 28.36
N SER E 54 -5.28 32.44 28.69
CA SER E 54 -6.37 32.15 29.60
C SER E 54 -7.71 32.57 28.99
N PRO E 55 -8.83 32.08 29.53
CA PRO E 55 -10.13 32.54 29.03
C PRO E 55 -10.33 34.04 29.17
N HIS E 56 -9.57 34.70 30.06
CA HIS E 56 -9.69 36.12 30.29
C HIS E 56 -8.37 36.82 29.99
N ASP E 57 -7.78 36.50 28.84
CA ASP E 57 -6.44 36.93 28.46
C ASP E 57 -6.10 38.30 29.02
N ILE E 58 -4.98 38.38 29.74
CA ILE E 58 -4.45 39.63 30.27
C ILE E 58 -3.29 40.06 29.38
N ILE E 59 -3.26 41.36 29.06
CA ILE E 59 -2.27 41.89 28.13
C ILE E 59 -1.57 43.08 28.78
N ARG E 60 -0.25 43.09 28.72
CA ARG E 60 0.57 44.23 29.11
C ARG E 60 1.35 44.73 27.90
N TYR E 61 1.64 46.02 27.90
CA TYR E 61 2.44 46.65 26.86
C TYR E 61 3.54 47.48 27.52
N ARG E 62 4.44 48.01 26.70
CA ARG E 62 5.53 48.87 27.16
C ARG E 62 5.17 50.32 26.87
N ASP E 63 5.48 51.19 27.84
CA ASP E 63 5.10 52.60 27.77
C ASP E 63 5.31 53.19 26.39
N SER E 64 6.52 53.10 25.86
CA SER E 64 6.83 53.73 24.58
C SER E 64 6.01 53.13 23.44
N VAL E 65 5.50 51.91 23.62
CA VAL E 65 4.85 51.18 22.54
C VAL E 65 3.41 50.83 22.85
N LYS E 66 2.87 51.29 23.97
CA LYS E 66 1.51 50.90 24.37
C LYS E 66 0.51 51.30 23.29
N ASP E 67 -0.39 50.36 22.97
CA ASP E 67 -1.47 50.51 21.99
C ASP E 67 -0.96 50.59 20.57
N ARG E 68 0.35 50.51 20.33
CA ARG E 68 0.90 50.52 18.98
C ARG E 68 1.37 49.14 18.52
N PHE E 69 2.14 48.43 19.35
CA PHE E 69 2.58 47.09 18.99
C PHE E 69 1.65 46.06 19.64
N THR E 70 0.51 45.85 18.98
CA THR E 70 -0.48 44.92 19.49
C THR E 70 0.08 43.52 19.58
N ILE E 71 -0.30 42.79 20.64
CA ILE E 71 0.20 41.46 20.90
C ILE E 71 -0.98 40.50 21.06
N SER E 72 -0.86 39.32 20.47
CA SER E 72 -1.81 38.23 20.66
C SER E 72 -1.05 36.92 20.66
N ARG E 73 -1.76 35.81 20.85
CA ARG E 73 -1.10 34.51 20.95
C ARG E 73 -2.08 33.42 20.52
N ASP E 74 -1.55 32.20 20.45
CA ASP E 74 -2.33 31.01 20.13
C ASP E 74 -1.97 29.91 21.12
N ASN E 75 -2.99 29.23 21.64
CA ASN E 75 -2.78 28.15 22.61
C ASN E 75 -2.57 26.81 21.94
N ALA E 76 -3.30 26.51 20.87
CA ALA E 76 -3.12 25.24 20.17
C ALA E 76 -1.75 25.18 19.50
N LYS E 77 -1.37 26.24 18.78
CA LYS E 77 -0.06 26.29 18.14
C LYS E 77 1.04 26.71 19.09
N ASN E 78 0.70 27.29 20.25
CA ASN E 78 1.69 27.76 21.21
C ASN E 78 2.65 28.77 20.55
N THR E 79 2.07 29.86 20.08
CA THR E 79 2.82 30.88 19.36
C THR E 79 2.40 32.26 19.86
N VAL E 80 3.32 33.22 19.77
CA VAL E 80 3.07 34.59 20.16
C VAL E 80 3.10 35.47 18.90
N TYR E 81 2.15 36.38 18.80
CA TYR E 81 2.03 37.31 17.68
C TYR E 81 2.21 38.74 18.18
N LEU E 82 2.94 39.54 17.41
CA LEU E 82 3.17 40.95 17.71
C LEU E 82 2.89 41.75 16.44
N GLN E 83 1.78 42.47 16.43
CA GLN E 83 1.39 43.29 15.28
C GLN E 83 1.87 44.71 15.53
N MET E 84 2.94 45.12 14.85
CA MET E 84 3.45 46.47 15.02
C MET E 84 2.73 47.41 14.06
N ASN E 85 2.33 48.57 14.58
CA ASN E 85 1.47 49.50 13.84
C ASN E 85 2.05 50.91 13.90
N SER E 86 2.07 51.57 12.74
CA SER E 86 2.41 52.99 12.64
C SER E 86 3.70 53.31 13.40
N LEU E 87 4.79 52.73 12.90
CA LEU E 87 6.06 52.80 13.59
C LEU E 87 6.75 54.14 13.37
N LYS E 88 7.76 54.40 14.19
CA LYS E 88 8.64 55.54 14.09
C LYS E 88 10.08 55.05 14.12
N PRO E 89 11.04 55.89 13.70
CA PRO E 89 12.44 55.43 13.70
C PRO E 89 12.92 54.97 15.07
N VAL E 90 12.36 55.53 16.14
CA VAL E 90 12.76 55.15 17.49
C VAL E 90 12.44 53.69 17.81
N ASP E 91 11.63 53.04 16.99
CA ASP E 91 11.21 51.66 17.23
C ASP E 91 12.23 50.64 16.76
N THR E 92 13.32 51.07 16.12
CA THR E 92 14.33 50.13 15.65
C THR E 92 14.91 49.37 16.83
N ALA E 93 14.96 48.05 16.72
CA ALA E 93 15.48 47.21 17.80
C ALA E 93 15.49 45.74 17.39
N VAL E 94 16.08 44.89 18.23
CA VAL E 94 16.04 43.44 18.07
C VAL E 94 14.95 42.91 18.98
N TYR E 95 13.92 42.33 18.40
CA TYR E 95 12.76 41.86 19.15
C TYR E 95 12.90 40.39 19.51
N TYR E 96 12.75 40.09 20.79
CA TYR E 96 12.84 38.74 21.32
C TYR E 96 11.47 38.28 21.81
N CYS E 97 11.21 36.99 21.65
CA CYS E 97 9.97 36.38 22.12
C CYS E 97 10.25 35.66 23.43
N ALA E 98 9.43 35.94 24.44
CA ALA E 98 9.64 35.44 25.79
C ALA E 98 8.47 34.57 26.21
N VAL E 99 8.77 33.44 26.85
CA VAL E 99 7.78 32.53 27.40
C VAL E 99 8.04 32.43 28.89
N GLY E 100 7.03 32.78 29.69
CA GLY E 100 7.20 32.84 31.13
C GLY E 100 5.95 32.52 31.91
N SER E 101 6.02 32.67 33.23
CA SER E 101 4.92 32.36 34.13
C SER E 101 4.57 33.59 34.96
N LEU E 102 3.33 33.63 35.44
CA LEU E 102 2.83 34.76 36.22
C LEU E 102 3.20 34.54 37.68
N ARG E 103 4.25 35.21 38.14
CA ARG E 103 4.71 35.12 39.51
C ARG E 103 4.47 36.45 40.21
N VAL E 104 3.68 36.42 41.28
CA VAL E 104 3.40 37.62 42.07
C VAL E 104 2.75 38.67 41.18
N GLY E 105 2.01 38.23 40.17
CA GLY E 105 1.32 39.14 39.29
C GLY E 105 2.19 39.86 38.29
N SER E 106 3.45 39.48 38.16
CA SER E 106 4.38 40.07 37.21
C SER E 106 4.83 39.02 36.21
N PHE E 107 4.78 39.37 34.92
CA PHE E 107 5.24 38.47 33.88
C PHE E 107 6.71 38.13 34.10
N SER E 108 6.99 36.86 34.39
CA SER E 108 8.35 36.40 34.68
C SER E 108 8.83 35.50 33.54
N PRO E 109 9.59 36.02 32.58
CA PRO E 109 10.06 35.16 31.48
C PRO E 109 10.88 33.99 32.00
N ASP E 110 10.68 32.83 31.38
CA ASP E 110 11.44 31.63 31.68
C ASP E 110 12.27 31.14 30.51
N TYR E 111 11.76 31.20 29.28
CA TYR E 111 12.44 30.70 28.10
C TYR E 111 12.50 31.81 27.06
N TRP E 112 13.65 31.92 26.39
CA TRP E 112 13.88 33.00 25.44
C TRP E 112 14.34 32.43 24.10
N GLY E 113 14.05 33.17 23.03
CA GLY E 113 14.47 32.80 21.69
C GLY E 113 15.76 33.47 21.29
N GLN E 114 16.01 33.47 19.98
CA GLN E 114 17.22 34.07 19.42
C GLN E 114 17.02 35.51 18.97
N GLY E 115 15.78 35.95 18.78
CA GLY E 115 15.50 37.31 18.40
C GLY E 115 15.49 37.52 16.90
N THR E 116 15.14 38.75 16.52
CA THR E 116 15.08 39.15 15.11
C THR E 116 15.18 40.66 15.04
N GLN E 117 15.82 41.15 13.98
CA GLN E 117 16.05 42.58 13.83
C GLN E 117 14.86 43.22 13.11
N VAL E 118 14.18 44.11 13.81
CA VAL E 118 13.11 44.92 13.22
C VAL E 118 13.59 46.36 13.24
N THR E 119 13.78 46.94 12.05
CA THR E 119 14.35 48.27 11.90
C THR E 119 13.32 49.24 11.34
N VAL E 120 13.40 50.48 11.79
CA VAL E 120 12.58 51.57 11.27
C VAL E 120 13.51 52.72 10.92
N SER E 121 13.51 53.10 9.64
CA SER E 121 14.40 54.16 9.17
C SER E 121 13.69 54.93 8.06
N SER E 122 14.05 56.20 7.93
CA SER E 122 13.46 57.06 6.90
C SER E 122 14.17 56.85 5.56
N HIS F 1 -12.46 35.83 -1.64
CA HIS F 1 -11.79 37.04 -1.06
C HIS F 1 -10.43 37.27 -1.71
N VAL F 2 -10.33 38.29 -2.55
CA VAL F 2 -9.08 38.61 -3.22
C VAL F 2 -8.09 39.13 -2.19
N GLN F 3 -6.88 38.57 -2.20
CA GLN F 3 -5.83 38.94 -1.25
C GLN F 3 -4.57 39.33 -1.99
N LEU F 4 -3.92 40.40 -1.53
CA LEU F 4 -2.67 40.89 -2.09
C LEU F 4 -1.62 40.89 -1.00
N VAL F 5 -0.48 40.24 -1.27
CA VAL F 5 0.62 40.13 -0.31
C VAL F 5 1.86 40.71 -0.95
N GLU F 6 2.49 41.67 -0.27
CA GLU F 6 3.69 42.32 -0.76
C GLU F 6 4.93 41.69 -0.13
N SER F 7 6.08 41.99 -0.72
CA SER F 7 7.37 41.48 -0.24
C SER F 7 8.46 42.15 -1.07
N GLY F 8 9.71 41.80 -0.74
CA GLY F 8 10.85 42.33 -1.46
C GLY F 8 11.36 43.67 -0.98
N GLY F 9 10.79 44.22 0.10
CA GLY F 9 11.26 45.48 0.62
C GLY F 9 12.53 45.33 1.44
N GLY F 10 13.14 46.48 1.74
CA GLY F 10 14.36 46.49 2.53
C GLY F 10 15.09 47.81 2.37
N LEU F 11 16.32 47.82 2.86
CA LEU F 11 17.18 48.99 2.82
C LEU F 11 18.19 48.88 1.69
N VAL F 12 18.50 50.02 1.07
CA VAL F 12 19.49 50.09 0.02
C VAL F 12 20.22 51.42 0.14
N GLN F 13 21.53 51.40 -0.13
CA GLN F 13 22.33 52.61 -0.06
C GLN F 13 21.94 53.55 -1.20
N PRO F 14 22.23 54.84 -1.05
CA PRO F 14 21.89 55.79 -2.12
C PRO F 14 22.54 55.38 -3.44
N GLY F 15 21.79 55.54 -4.53
CA GLY F 15 22.24 55.13 -5.83
C GLY F 15 22.10 53.65 -6.13
N GLY F 16 21.51 52.87 -5.23
CA GLY F 16 21.36 51.45 -5.42
C GLY F 16 20.07 51.09 -6.12
N SER F 17 19.67 49.83 -5.99
CA SER F 17 18.48 49.31 -6.64
C SER F 17 17.80 48.32 -5.71
N LEU F 18 16.50 48.13 -5.93
CA LEU F 18 15.69 47.21 -5.16
C LEU F 18 14.61 46.63 -6.05
N ARG F 19 13.82 45.70 -5.51
CA ARG F 19 12.78 45.03 -6.27
C ARG F 19 11.67 44.61 -5.29
N LEU F 20 10.49 45.19 -5.46
CA LEU F 20 9.33 44.79 -4.68
C LEU F 20 8.52 43.75 -5.42
N SER F 21 7.76 42.96 -4.67
CA SER F 21 6.96 41.89 -5.23
C SER F 21 5.59 41.87 -4.57
N CYS F 22 4.55 41.67 -5.38
CA CYS F 22 3.19 41.49 -4.89
C CYS F 22 2.53 40.34 -5.62
N ALA F 23 1.96 39.41 -4.87
CA ALA F 23 1.24 38.26 -5.41
C ALA F 23 -0.25 38.43 -5.16
N ALA F 24 -1.05 38.27 -6.21
CA ALA F 24 -2.49 38.43 -6.14
C ALA F 24 -3.17 37.07 -6.30
N SER F 25 -4.12 36.79 -5.41
CA SER F 25 -4.85 35.52 -5.43
C SER F 25 -6.32 35.80 -5.15
N GLY F 26 -7.16 34.87 -5.61
CA GLY F 26 -8.59 34.97 -5.39
C GLY F 26 -9.42 34.79 -6.64
N ARG F 27 -8.92 35.28 -7.77
CA ARG F 27 -9.64 35.16 -9.04
C ARG F 27 -8.68 35.53 -10.16
N SER F 28 -9.15 35.32 -11.40
CA SER F 28 -8.35 35.67 -12.56
C SER F 28 -8.13 37.17 -12.63
N PHE F 29 -6.95 37.56 -13.09
CA PHE F 29 -6.57 38.97 -13.19
C PHE F 29 -6.14 39.33 -14.61
N ASN F 30 -6.65 38.60 -15.60
CA ASN F 30 -6.36 38.95 -16.99
C ASN F 30 -6.95 40.31 -17.36
N SER F 31 -8.15 40.60 -16.84
CA SER F 31 -8.82 41.87 -17.08
C SER F 31 -8.57 42.88 -15.95
N TYR F 32 -7.51 42.69 -15.18
CA TYR F 32 -7.18 43.57 -14.07
C TYR F 32 -5.84 44.24 -14.33
N LEU F 33 -5.69 45.46 -13.81
CA LEU F 33 -4.43 46.21 -13.88
C LEU F 33 -3.79 46.21 -12.50
N MET F 34 -2.53 45.81 -12.44
CA MET F 34 -1.78 45.80 -11.19
C MET F 34 -0.78 46.96 -11.20
N GLY F 35 -0.76 47.73 -10.12
CA GLY F 35 0.13 48.87 -10.00
C GLY F 35 0.61 49.04 -8.56
N TRP F 36 1.46 50.04 -8.37
CA TRP F 36 2.05 50.32 -7.08
C TRP F 36 1.80 51.76 -6.69
N PHE F 37 1.56 51.99 -5.40
CA PHE F 37 1.41 53.33 -4.84
C PHE F 37 2.29 53.43 -3.59
N ARG F 38 2.86 54.61 -3.38
CA ARG F 38 3.83 54.82 -2.32
C ARG F 38 3.41 56.00 -1.46
N GLN F 39 3.67 55.88 -0.15
CA GLN F 39 3.42 56.95 0.81
C GLN F 39 4.66 57.16 1.66
N ALA F 40 5.15 58.39 1.68
CA ALA F 40 6.22 58.77 2.60
C ALA F 40 5.63 59.33 3.88
N PRO F 41 6.37 59.30 4.98
CA PRO F 41 5.82 59.81 6.25
C PRO F 41 5.35 61.25 6.10
N GLY F 42 4.15 61.52 6.60
CA GLY F 42 3.59 62.85 6.55
C GLY F 42 3.16 63.33 5.18
N LYS F 43 2.95 62.42 4.23
CA LYS F 43 2.53 62.77 2.88
C LYS F 43 1.41 61.85 2.42
N GLU F 44 0.64 62.34 1.46
CA GLU F 44 -0.54 61.63 0.97
C GLU F 44 -0.16 60.56 -0.04
N ARG F 45 -1.16 59.79 -0.47
CA ARG F 45 -0.95 58.75 -1.45
C ARG F 45 -0.74 59.34 -2.84
N GLU F 46 0.38 58.97 -3.46
CA GLU F 46 0.73 59.43 -4.81
C GLU F 46 0.94 58.22 -5.71
N PHE F 47 0.32 58.25 -6.88
CA PHE F 47 0.45 57.15 -7.83
C PHE F 47 1.89 57.01 -8.29
N VAL F 48 2.33 55.75 -8.46
CA VAL F 48 3.69 55.47 -8.88
C VAL F 48 3.69 54.87 -10.28
N ALA F 49 3.05 53.72 -10.46
CA ALA F 49 3.03 53.06 -11.75
C ALA F 49 1.95 51.99 -11.77
N TRP F 50 1.55 51.62 -12.98
CA TRP F 50 0.63 50.50 -13.18
C TRP F 50 0.93 49.86 -14.54
N ILE F 51 0.53 48.60 -14.68
CA ILE F 51 0.74 47.85 -15.91
C ILE F 51 -0.49 47.00 -16.18
N SER F 52 -0.78 46.77 -17.46
CA SER F 52 -1.94 46.02 -17.90
C SER F 52 -1.57 44.59 -18.24
N GLY F 53 -2.51 43.68 -17.98
CA GLY F 53 -2.32 42.27 -18.25
C GLY F 53 -2.69 41.84 -19.65
N SER F 54 -3.13 42.76 -20.50
CA SER F 54 -3.45 42.42 -21.87
C SER F 54 -2.18 42.08 -22.64
N PRO F 55 -2.32 41.40 -23.78
CA PRO F 55 -1.11 41.06 -24.57
C PRO F 55 -0.26 42.28 -24.89
N HIS F 56 -0.89 43.43 -25.15
CA HIS F 56 -0.18 44.68 -25.33
C HIS F 56 -0.05 45.35 -23.97
N ASP F 57 1.11 45.19 -23.34
CA ASP F 57 1.31 45.67 -21.98
C ASP F 57 1.41 47.20 -21.93
N ILE F 58 0.30 47.86 -21.64
CA ILE F 58 0.29 49.31 -21.46
C ILE F 58 0.82 49.61 -20.07
N ILE F 59 1.84 50.45 -20.00
CA ILE F 59 2.51 50.79 -18.74
C ILE F 59 2.51 52.29 -18.58
N ARG F 60 2.13 52.76 -17.39
CA ARG F 60 2.10 54.17 -17.05
C ARG F 60 3.00 54.42 -15.84
N TYR F 61 3.78 55.49 -15.89
CA TYR F 61 4.67 55.86 -14.81
C TYR F 61 4.41 57.29 -14.36
N ARG F 62 4.54 57.51 -13.06
CA ARG F 62 4.51 58.86 -12.51
C ARG F 62 5.80 59.58 -12.90
N ASP F 63 5.67 60.82 -13.38
CA ASP F 63 6.83 61.55 -13.85
C ASP F 63 7.94 61.61 -12.81
N SER F 64 7.57 61.69 -11.53
CA SER F 64 8.58 61.71 -10.47
C SER F 64 9.41 60.44 -10.44
N VAL F 65 8.90 59.34 -10.99
CA VAL F 65 9.62 58.07 -11.02
C VAL F 65 9.86 57.59 -12.45
N LYS F 66 9.54 58.41 -13.45
CA LYS F 66 9.74 58.00 -14.83
C LYS F 66 11.22 57.82 -15.13
N ASP F 67 11.53 56.79 -15.92
CA ASP F 67 12.89 56.44 -16.33
C ASP F 67 13.74 55.95 -15.18
N ARG F 68 13.15 55.70 -14.01
CA ARG F 68 13.88 55.19 -12.85
C ARG F 68 13.24 53.93 -12.28
N PHE F 69 11.92 53.84 -12.27
CA PHE F 69 11.20 52.67 -11.78
C PHE F 69 10.59 51.93 -12.96
N THR F 70 10.77 50.62 -12.99
CA THR F 70 10.20 49.76 -14.02
C THR F 70 9.23 48.79 -13.37
N ILE F 71 8.02 48.70 -13.94
CA ILE F 71 6.95 47.86 -13.40
C ILE F 71 6.61 46.81 -14.45
N SER F 72 6.58 45.55 -14.02
CA SER F 72 6.24 44.44 -14.88
C SER F 72 5.34 43.47 -14.12
N ARG F 73 4.56 42.69 -14.87
CA ARG F 73 3.65 41.72 -14.28
C ARG F 73 3.73 40.41 -15.05
N ASP F 74 3.42 39.32 -14.35
CA ASP F 74 3.40 37.98 -14.93
C ASP F 74 2.01 37.38 -14.71
N ASN F 75 1.27 37.17 -15.80
CA ASN F 75 -0.07 36.61 -15.67
C ASN F 75 -0.03 35.14 -15.28
N ALA F 76 1.08 34.45 -15.55
CA ALA F 76 1.19 33.05 -15.16
C ALA F 76 1.10 32.91 -13.65
N LYS F 77 1.78 33.78 -12.91
CA LYS F 77 1.73 33.77 -11.45
C LYS F 77 0.87 34.90 -10.88
N ASN F 78 0.32 35.77 -11.72
CA ASN F 78 -0.46 36.91 -11.26
C ASN F 78 0.33 37.72 -10.24
N THR F 79 1.61 37.91 -10.52
CA THR F 79 2.53 38.64 -9.64
C THR F 79 3.10 39.83 -10.39
N VAL F 80 3.10 40.99 -9.74
CA VAL F 80 3.61 42.23 -10.32
C VAL F 80 4.93 42.56 -9.63
N TYR F 81 5.94 42.87 -10.45
CA TYR F 81 7.27 43.19 -9.96
C TYR F 81 7.59 44.64 -10.29
N LEU F 82 8.25 45.32 -9.35
CA LEU F 82 8.63 46.72 -9.52
C LEU F 82 10.12 46.85 -9.21
N GLN F 83 10.92 47.11 -10.25
CA GLN F 83 12.36 47.28 -10.12
C GLN F 83 12.70 48.76 -10.01
N MET F 84 13.52 49.11 -9.02
CA MET F 84 13.90 50.49 -8.77
C MET F 84 15.37 50.65 -9.10
N ASN F 85 15.71 51.69 -9.86
CA ASN F 85 17.08 51.98 -10.24
C ASN F 85 17.40 53.44 -9.93
N SER F 86 18.65 53.69 -9.57
CA SER F 86 19.11 55.02 -9.17
C SER F 86 18.24 55.56 -8.04
N LEU F 87 18.00 54.73 -7.04
CA LEU F 87 17.15 55.10 -5.92
C LEU F 87 17.75 56.27 -5.14
N LYS F 88 16.88 57.12 -4.62
CA LYS F 88 17.26 58.29 -3.85
C LYS F 88 16.39 58.39 -2.60
N PRO F 89 16.81 59.17 -1.60
CA PRO F 89 16.00 59.28 -0.38
C PRO F 89 14.58 59.73 -0.63
N VAL F 90 14.34 60.51 -1.69
CA VAL F 90 12.98 60.96 -1.99
C VAL F 90 12.08 59.76 -2.27
N ASP F 91 12.64 58.65 -2.73
CA ASP F 91 11.86 57.46 -3.04
C ASP F 91 11.44 56.68 -1.80
N THR F 92 11.94 57.04 -0.62
CA THR F 92 11.57 56.32 0.59
C THR F 92 10.08 56.44 0.84
N ALA F 93 9.41 55.30 0.98
CA ALA F 93 7.96 55.28 1.18
C ALA F 93 7.51 53.83 1.35
N VAL F 94 6.30 53.67 1.87
CA VAL F 94 5.65 52.36 1.94
C VAL F 94 4.90 52.14 0.65
N TYR F 95 5.26 51.07 -0.06
CA TYR F 95 4.71 50.78 -1.38
C TYR F 95 3.61 49.73 -1.24
N TYR F 96 2.40 50.09 -1.63
CA TYR F 96 1.25 49.19 -1.62
C TYR F 96 0.88 48.81 -3.04
N CYS F 97 0.85 47.50 -3.33
CA CYS F 97 0.39 47.02 -4.61
C CYS F 97 -1.12 47.09 -4.68
N ALA F 98 -1.64 47.50 -5.83
CA ALA F 98 -3.07 47.64 -6.04
C ALA F 98 -3.48 46.90 -7.30
N VAL F 99 -4.61 46.21 -7.22
CA VAL F 99 -5.19 45.47 -8.35
C VAL F 99 -6.57 46.06 -8.61
N GLY F 100 -6.77 46.54 -9.83
CA GLY F 100 -8.02 47.20 -10.18
C GLY F 100 -8.45 46.97 -11.62
N SER F 101 -9.45 47.74 -12.05
CA SER F 101 -10.02 47.63 -13.39
C SER F 101 -9.87 48.94 -14.13
N LEU F 102 -9.85 48.86 -15.46
CA LEU F 102 -9.71 50.04 -16.31
C LEU F 102 -11.10 50.63 -16.56
N ARG F 103 -11.37 51.77 -15.93
CA ARG F 103 -12.65 52.46 -16.06
C ARG F 103 -12.41 53.84 -16.66
N VAL F 104 -13.07 54.14 -17.77
CA VAL F 104 -12.98 55.43 -18.43
C VAL F 104 -11.52 55.67 -18.82
N GLY F 105 -10.78 54.59 -19.03
CA GLY F 105 -9.39 54.70 -19.42
C GLY F 105 -8.44 55.06 -18.30
N SER F 106 -8.92 55.09 -17.05
CA SER F 106 -8.10 55.41 -15.90
C SER F 106 -8.04 54.21 -14.96
N PHE F 107 -6.85 53.90 -14.47
CA PHE F 107 -6.67 52.77 -13.56
C PHE F 107 -7.42 53.04 -12.27
N SER F 108 -8.39 52.17 -11.96
CA SER F 108 -9.21 52.31 -10.76
C SER F 108 -8.92 51.16 -9.81
N PRO F 109 -8.14 51.39 -8.74
CA PRO F 109 -7.85 50.29 -7.82
C PRO F 109 -9.11 49.69 -7.21
N ASP F 110 -9.08 48.38 -7.02
CA ASP F 110 -10.19 47.64 -6.43
C ASP F 110 -9.79 46.84 -5.20
N TYR F 111 -8.57 46.27 -5.20
CA TYR F 111 -8.07 45.51 -4.07
C TYR F 111 -6.70 46.05 -3.67
N TRP F 112 -6.46 46.11 -2.35
CA TRP F 112 -5.22 46.62 -1.81
C TRP F 112 -4.67 45.64 -0.79
N GLY F 113 -3.35 45.61 -0.67
CA GLY F 113 -2.65 44.76 0.27
C GLY F 113 -2.27 45.49 1.54
N GLN F 114 -1.20 45.02 2.19
CA GLN F 114 -0.72 45.61 3.42
C GLN F 114 0.52 46.49 3.24
N GLY F 115 1.18 46.40 2.11
CA GLY F 115 2.28 47.29 1.79
C GLY F 115 3.63 46.69 2.16
N THR F 116 4.67 47.14 1.46
CA THR F 116 6.05 46.77 1.73
C THR F 116 6.87 48.05 1.97
N GLN F 117 8.19 47.87 2.09
CA GLN F 117 9.08 48.93 2.53
C GLN F 117 10.17 49.19 1.48
N VAL F 118 10.56 50.46 1.40
CA VAL F 118 11.68 50.90 0.56
C VAL F 118 12.33 52.10 1.25
N THR F 119 13.62 52.00 1.54
CA THR F 119 14.37 53.07 2.16
C THR F 119 15.66 53.30 1.39
N VAL F 120 16.07 54.57 1.28
CA VAL F 120 17.29 54.95 0.58
C VAL F 120 18.02 55.92 1.51
N SER F 121 18.96 55.41 2.29
CA SER F 121 19.70 56.23 3.24
C SER F 121 21.03 55.56 3.55
N SER F 122 21.95 56.34 4.11
CA SER F 122 23.27 55.84 4.47
C SER F 122 23.25 55.26 5.89
#